data_6UVN
#
_entry.id   6UVN
#
loop_
_entity.id
_entity.type
_entity.pdbx_description
1 polymer Cas6
2 polymer Cas8/5
3 polymer Cas7
4 polymer TniQ
5 polymer crRNA
6 polymer Cas8_HelicalBundle
7 non-polymer 'ZINC ION'
#
loop_
_entity_poly.entity_id
_entity_poly.type
_entity_poly.pdbx_seq_one_letter_code
_entity_poly.pdbx_strand_id
1 'polypeptide(L)'
;MGSSHHHHHHSQDPNSSMVKWYYKTITFLPELCNNESLAAKCLRVLHGFNYQYETRNIGVSFPLWCDATVGKKISFVSKN
KIELDLLLKQHYFVQMEQLQYFHISNTVLVPEDCTYVSFRRCQSIDKLTAAGLARKIRRLEKRALSRGEQFDPSSFAQKE
HTAIAHYHSLGESSKQTNRNFRLNIRMLSEQPREGNSIFSSYGLSNSENSFQPVPLI
;
A
2 'polypeptide(L)'
;MQTLKELIASNPDDLTTELKRAFRPLTPHIAIDGNELDALTILVNLTDKTDDQKDLLDRAKCKQKLRDEKWWASCINCVN
YRQSHNPKFPDIRSEGVIRTQALGELPSFLLSSSKIPPYHWSYSHDSKYVNKSAFLTNEFCWDGEISCLGELLKDADHPL
WNTLKKLGCSQKTCKAMAKQLADITLTTINVTLAPNYLTQISLPDSDTSYISLSPVASLSMQSHFHQRLQDENRHSAITR
FSRTTNMGVTAMTCGGAFRMLKSGAKFSSPPHHRLNSKRSWLTSEHVQSLKQYQRLNKSLIPENSRIALRRKYKIELQNM
VRSWFAMQDHTLDSNILIQHLNHDLSYLGATKRFAYDPAMTKLFTELLKRELSNSINNGEQHTNGSFLVLPNIRVCGATA
LSSPVTVGIPSLTAFFGFVHAFERNINRTTSSFRVESFAICVHQLHVEKRGLTAEFVEKGDGTISAPATRDDWQCDVVFS
LILNTNFAQHIDQDTLVTSLPKRLARGSAKIAIDDFKHINSFSTLETAIESLPIEAGRWLSLYAQSNNNLSDLLAAMTED
HQLMASCVGYHLLEEPKDKPNSLRGYKHAIAECIIGLINSITFSSETDPNTIFWSLKNYQNYLVVQPRSINDETTDKSSL
;
B
3 'polypeptide(L)'
;MADLKLPTNLAYERSIDPSDVCFFVVWPDDRKTPLTYNSRTLLGQMEAASLAYDVSGQPIKSATAEALAQGNPHQVDFCH
VPYGASHIECSFSVSFSSELRQPYKCNSSKVKQTLVQLVELYETKIGWTELATRYLMNICNGKWLWKNTRKAYCWNIVLT
PWPWNGEKVGFEDIRTNYTSRQDFKNNKNWSAIVEMIKTAFSSTDGLAIFEVRATLHLPTNAMVRPSQVFTEKESGSKSK
SKTQNSRVFQSTTIDGERSPILGAFKTGAAIATIDDWYPEATEPLRVGRFGVHREDVTCYRHPSTGKDFFSILQQAEHYI
EVLSANKTPAQETINDMHFLMANLIKGGMFQHKGD
;
G,F,E,H,D,C
4 'polypeptide(L)'
;MFLQRPKPYSDESLESFFIRVANKNGYGDVHRFLEATKRFLQDIDHNGYQTFPTDITRINPYSAKNSSSARTASFLKLAQ
LTFNEPPELLGLAINRTNMKYSPSTSAVVRGAEVFPRSLLRTHSIPCCPLCLRENGYASYLWHFQGYEYCHSHNVPLITT
CSCGKEFDYRVSGLKGICCKCKEPITLTSRENGHEAACTVSNWLAGHESKPLPNLPKSYRWGLVHWWMGIKDSEFDHFSF
VQFFSNWPRSFHSIIEDEVEFNLEHAVVSTSELRLKDLLGRLFFGSIRLPERNLQHNIILGELLCYLENRLWQDKGLIAN
LKMNALEATVMLNCSLDQIASMVEQRILKPNRKSKPNSPLDVTDYLFHFGDIFCLWLAEFQSDEFNRSFYVSRW
;
I,J
5 'polydeoxyribonucleotide/polyribonucleotide hybrid' CUAAGAAAUUCACGGCGGGCUUGAUGUCCGCGUCUACCUGGUUCACUGCCGUGUAGGCA(DG)C M
6 'polypeptide(L)'
;(UNK)(UNK)(UNK)(UNK)(UNK)(UNK)(UNK)(UNK)(UNK)(UNK)(UNK)(UNK)(UNK)(UNK)(UNK)(UNK)
(UNK)(UNK)(UNK)(UNK)(UNK)(UNK)(UNK)(UNK)(UNK)(UNK)(UNK)(UNK)(UNK)(UNK)(UNK)(UNK)
(UNK)(UNK)(UNK)(UNK)(UNK)(UNK)(UNK)(UNK)(UNK)(UNK)(UNK)(UNK)(UNK)(UNK)(UNK)(UNK)
(UNK)(UNK)(UNK)(UNK)(UNK)(UNK)(UNK)(UNK)(UNK)(UNK)(UNK)(UNK)(UNK)(UNK)(UNK)(UNK)
(UNK)(UNK)(UNK)(UNK)(UNK)(UNK)(UNK)(UNK)(UNK)(UNK)(UNK)(UNK)(UNK)(UNK)(UNK)(UNK)
(UNK)(UNK)(UNK)(UNK)(UNK)(UNK)(UNK)(UNK)(UNK)(UNK)(UNK)(UNK)(UNK)(UNK)(UNK)(UNK)
(UNK)(UNK)
;
N
#
loop_
_chem_comp.id
_chem_comp.type
_chem_comp.name
_chem_comp.formula
A RNA linking ADENOSINE-5'-MONOPHOSPHATE 'C10 H14 N5 O7 P'
C RNA linking CYTIDINE-5'-MONOPHOSPHATE 'C9 H14 N3 O8 P'
DG DNA linking 2'-DEOXYGUANOSINE-5'-MONOPHOSPHATE 'C10 H14 N5 O7 P'
G RNA linking GUANOSINE-5'-MONOPHOSPHATE 'C10 H14 N5 O8 P'
U RNA linking URIDINE-5'-MONOPHOSPHATE 'C9 H13 N2 O9 P'
ZN non-polymer 'ZINC ION' 'Zn 2'
#
# COMPACT_ATOMS: atom_id res chain seq x y z
N LYS A 20 -39.07 35.23 31.97
CA LYS A 20 -38.30 35.94 32.98
C LYS A 20 -37.18 35.07 33.51
N TRP A 21 -36.34 34.59 32.61
CA TRP A 21 -35.19 33.76 32.97
C TRP A 21 -33.95 34.63 33.06
N TYR A 22 -33.54 34.93 34.29
CA TYR A 22 -32.20 35.43 34.51
C TYR A 22 -31.23 34.26 34.52
N TYR A 23 -30.01 34.50 34.07
CA TYR A 23 -28.97 33.48 34.14
C TYR A 23 -27.63 34.17 34.36
N LYS A 24 -26.75 33.48 35.07
CA LYS A 24 -25.39 33.95 35.28
C LYS A 24 -24.47 32.77 35.05
N THR A 25 -23.63 32.84 34.04
CA THR A 25 -22.74 31.74 33.75
C THR A 25 -21.45 31.88 34.53
N ILE A 26 -20.71 30.78 34.61
CA ILE A 26 -19.39 30.73 35.20
C ILE A 26 -18.55 29.85 34.29
N THR A 27 -17.44 30.39 33.81
CA THR A 27 -16.53 29.59 33.02
C THR A 27 -15.24 29.39 33.81
N PHE A 28 -14.70 28.17 33.70
CA PHE A 28 -13.50 27.80 34.42
C PHE A 28 -12.29 28.18 33.60
N LEU A 29 -11.41 29.01 34.17
CA LEU A 29 -10.26 29.49 33.41
C LEU A 29 -9.16 28.45 33.30
N PRO A 30 -8.65 27.87 34.40
CA PRO A 30 -7.39 27.13 34.32
C PRO A 30 -7.39 26.06 33.23
N GLU A 31 -6.44 26.19 32.30
CA GLU A 31 -6.39 25.30 31.14
C GLU A 31 -6.17 23.86 31.53
N LEU A 32 -5.77 23.59 32.76
CA LEU A 32 -5.68 22.25 33.29
C LEU A 32 -6.61 22.17 34.51
N CYS A 33 -7.81 21.64 34.29
CA CYS A 33 -8.76 21.52 35.39
C CYS A 33 -9.76 20.43 35.06
N ASN A 34 -10.10 19.64 36.06
CA ASN A 34 -11.11 18.60 35.93
C ASN A 34 -12.47 19.25 36.15
N ASN A 35 -13.19 19.44 35.06
CA ASN A 35 -14.44 20.20 35.12
C ASN A 35 -15.46 19.53 36.03
N GLU A 36 -15.51 18.20 36.05
CA GLU A 36 -16.49 17.53 36.88
C GLU A 36 -16.30 17.89 38.34
N SER A 37 -15.06 17.95 38.82
CA SER A 37 -14.83 18.30 40.20
C SER A 37 -15.29 19.72 40.50
N LEU A 38 -14.95 20.66 39.62
CA LEU A 38 -15.34 22.04 39.86
C LEU A 38 -16.86 22.20 39.83
N ALA A 39 -17.51 21.54 38.88
CA ALA A 39 -18.95 21.58 38.83
C ALA A 39 -19.56 20.96 40.08
N ALA A 40 -18.96 19.88 40.57
CA ALA A 40 -19.46 19.25 41.78
C ALA A 40 -19.31 20.18 42.98
N LYS A 41 -18.24 20.96 43.03
CA LYS A 41 -18.09 21.89 44.13
C LYS A 41 -19.07 23.04 44.00
N CYS A 42 -19.32 23.49 42.77
CA CYS A 42 -20.34 24.51 42.56
C CYS A 42 -21.69 24.02 43.04
N LEU A 43 -22.01 22.76 42.76
CA LEU A 43 -23.27 22.22 43.22
C LEU A 43 -23.27 22.02 44.72
N ARG A 44 -22.12 21.69 45.30
CA ARG A 44 -22.02 21.60 46.75
C ARG A 44 -22.41 22.92 47.39
N VAL A 45 -21.82 24.01 46.90
CA VAL A 45 -22.07 25.31 47.51
C VAL A 45 -23.48 25.77 47.17
N LEU A 46 -23.99 25.44 45.99
CA LEU A 46 -25.37 25.73 45.68
C LEU A 46 -26.31 25.01 46.63
N HIS A 47 -25.99 23.77 46.96
CA HIS A 47 -26.81 23.02 47.89
C HIS A 47 -26.78 23.63 49.27
N GLY A 48 -25.57 23.98 49.72
CA GLY A 48 -25.45 24.67 50.99
C GLY A 48 -26.25 25.95 51.03
N PHE A 49 -26.30 26.65 49.89
CA PHE A 49 -27.14 27.84 49.81
C PHE A 49 -28.61 27.48 49.93
N ASN A 50 -29.08 26.58 49.07
CA ASN A 50 -30.48 26.19 49.07
C ASN A 50 -30.93 25.67 50.42
N TYR A 51 -30.01 25.21 51.25
CA TYR A 51 -30.38 24.86 52.60
C TYR A 51 -30.14 25.98 53.60
N GLN A 52 -29.34 26.98 53.23
CA GLN A 52 -29.18 28.15 54.08
C GLN A 52 -30.47 28.96 54.11
N TYR A 53 -30.88 29.45 52.94
CA TYR A 53 -32.20 30.01 52.72
C TYR A 53 -33.00 28.92 52.04
N GLU A 54 -34.23 28.70 52.48
CA GLU A 54 -34.95 27.54 51.98
C GLU A 54 -35.44 27.70 50.56
N THR A 55 -34.93 28.70 49.86
CA THR A 55 -35.13 28.86 48.43
C THR A 55 -34.72 27.59 47.68
N ARG A 56 -35.47 27.28 46.61
CA ARG A 56 -35.12 26.19 45.72
C ARG A 56 -35.21 26.59 44.25
N ASN A 57 -35.29 27.88 43.96
CA ASN A 57 -35.61 28.29 42.61
C ASN A 57 -34.38 28.64 41.77
N ILE A 58 -33.23 28.07 42.07
CA ILE A 58 -32.05 28.26 41.23
C ILE A 58 -31.69 26.92 40.62
N GLY A 59 -31.85 26.80 39.31
CA GLY A 59 -31.46 25.62 38.57
C GLY A 59 -30.09 25.83 37.96
N VAL A 60 -29.53 24.74 37.46
CA VAL A 60 -28.22 24.80 36.84
C VAL A 60 -28.34 24.36 35.40
N SER A 61 -27.35 24.76 34.62
CA SER A 61 -27.25 24.35 33.23
C SER A 61 -25.79 24.24 32.86
N PHE A 62 -25.49 23.42 31.86
CA PHE A 62 -24.12 23.18 31.43
C PHE A 62 -24.03 23.50 29.95
N PRO A 63 -23.90 24.78 29.59
CA PRO A 63 -23.98 25.19 28.19
C PRO A 63 -23.02 24.48 27.25
N LEU A 64 -22.03 23.75 27.75
CA LEU A 64 -21.23 22.88 26.89
C LEU A 64 -21.26 21.49 27.51
N TRP A 65 -22.37 20.79 27.31
CA TRP A 65 -22.50 19.43 27.83
C TRP A 65 -21.96 18.53 26.73
N CYS A 66 -20.65 18.56 26.55
CA CYS A 66 -20.01 17.79 25.51
C CYS A 66 -20.23 16.30 25.75
N ASP A 67 -19.76 15.49 24.80
CA ASP A 67 -19.79 14.05 25.04
C ASP A 67 -18.80 13.67 26.12
N ALA A 68 -17.55 14.07 25.96
CA ALA A 68 -16.49 13.62 26.85
C ALA A 68 -16.69 14.15 28.26
N THR A 69 -16.89 15.45 28.39
CA THR A 69 -16.94 16.08 29.70
C THR A 69 -18.11 17.04 29.75
N VAL A 70 -18.43 17.48 30.96
CA VAL A 70 -19.12 18.75 31.11
C VAL A 70 -18.14 19.83 30.67
N GLY A 71 -18.65 20.89 30.06
CA GLY A 71 -17.79 21.89 29.47
C GLY A 71 -17.18 22.83 30.48
N LYS A 72 -16.60 23.91 29.96
CA LYS A 72 -15.98 24.91 30.79
C LYS A 72 -16.99 25.71 31.62
N LYS A 73 -18.28 25.60 31.34
CA LYS A 73 -19.26 26.51 31.90
C LYS A 73 -20.28 25.79 32.75
N ILE A 74 -20.69 26.46 33.83
CA ILE A 74 -21.88 26.10 34.60
C ILE A 74 -22.66 27.39 34.79
N SER A 75 -23.93 27.39 34.41
CA SER A 75 -24.75 28.57 34.46
C SER A 75 -25.84 28.38 35.51
N PHE A 76 -26.15 29.44 36.23
CA PHE A 76 -27.20 29.42 37.23
C PHE A 76 -28.39 30.18 36.70
N VAL A 77 -29.53 29.52 36.63
CA VAL A 77 -30.73 30.06 36.02
C VAL A 77 -31.80 30.22 37.08
N SER A 78 -32.55 31.31 36.99
CA SER A 78 -33.59 31.53 37.98
C SER A 78 -34.61 32.52 37.44
N LYS A 79 -35.85 32.35 37.89
CA LYS A 79 -36.85 33.39 37.73
C LYS A 79 -36.66 34.51 38.73
N ASN A 80 -36.11 34.22 39.89
CA ASN A 80 -35.79 35.25 40.86
C ASN A 80 -34.48 35.91 40.48
N LYS A 81 -34.43 37.23 40.66
CA LYS A 81 -33.26 38.02 40.29
C LYS A 81 -32.33 38.24 41.47
N ILE A 82 -32.89 38.48 42.65
CA ILE A 82 -32.05 38.69 43.84
C ILE A 82 -31.39 37.42 44.31
N GLU A 83 -32.03 36.27 44.15
CA GLU A 83 -31.40 35.05 44.64
C GLU A 83 -30.24 34.62 43.75
N LEU A 84 -30.32 34.90 42.45
CA LEU A 84 -29.24 34.48 41.57
C LEU A 84 -27.93 35.13 41.98
N ASP A 85 -27.91 36.47 42.05
CA ASP A 85 -26.68 37.14 42.42
C ASP A 85 -26.41 37.08 43.92
N LEU A 86 -27.41 36.78 44.73
CA LEU A 86 -27.12 36.50 46.13
C LEU A 86 -26.30 35.23 46.26
N LEU A 87 -26.69 34.19 45.53
CA LEU A 87 -25.90 32.96 45.52
C LEU A 87 -24.54 33.20 44.92
N LEU A 88 -24.49 33.77 43.73
CA LEU A 88 -23.23 33.87 43.01
C LEU A 88 -22.19 34.73 43.71
N LYS A 89 -22.54 35.44 44.76
CA LYS A 89 -21.55 36.13 45.58
C LYS A 89 -21.31 35.40 46.89
N GLN A 90 -21.52 34.09 46.92
CA GLN A 90 -21.19 33.32 48.10
C GLN A 90 -19.68 33.29 48.31
N HIS A 91 -19.28 32.77 49.46
CA HIS A 91 -17.88 32.86 49.84
C HIS A 91 -16.98 32.11 48.88
N TYR A 92 -17.35 30.88 48.54
CA TYR A 92 -16.48 30.07 47.69
C TYR A 92 -16.32 30.70 46.32
N PHE A 93 -17.38 31.29 45.79
CA PHE A 93 -17.30 31.88 44.46
C PHE A 93 -16.44 33.12 44.43
N VAL A 94 -16.64 34.04 45.38
CA VAL A 94 -15.77 35.21 45.42
C VAL A 94 -14.34 34.79 45.63
N GLN A 95 -14.11 33.73 46.42
CA GLN A 95 -12.76 33.26 46.66
C GLN A 95 -12.11 32.74 45.39
N MET A 96 -12.74 31.83 44.67
CA MET A 96 -12.12 31.40 43.42
C MET A 96 -12.26 32.43 42.33
N GLU A 97 -12.92 33.56 42.61
CA GLU A 97 -12.87 34.67 41.68
C GLU A 97 -11.61 35.49 41.85
N GLN A 98 -11.27 35.86 43.09
CA GLN A 98 -10.07 36.67 43.26
C GLN A 98 -8.83 35.90 42.83
N LEU A 99 -8.85 34.58 42.93
CA LEU A 99 -7.80 33.75 42.37
C LEU A 99 -8.00 33.49 40.88
N GLN A 100 -8.93 34.20 40.25
CA GLN A 100 -9.17 34.16 38.80
C GLN A 100 -9.21 32.74 38.25
N TYR A 101 -9.64 31.77 39.06
CA TYR A 101 -9.99 30.48 38.49
C TYR A 101 -11.31 30.58 37.73
N PHE A 102 -12.29 31.22 38.34
CA PHE A 102 -13.61 31.37 37.79
C PHE A 102 -13.72 32.66 36.99
N HIS A 103 -14.71 32.71 36.13
CA HIS A 103 -15.15 33.96 35.55
C HIS A 103 -16.65 34.09 35.79
N ILE A 104 -17.04 35.13 36.50
CA ILE A 104 -18.44 35.42 36.79
C ILE A 104 -18.96 36.37 35.73
N SER A 105 -20.17 36.10 35.25
CA SER A 105 -20.84 37.01 34.33
C SER A 105 -21.87 37.83 35.09
N ASN A 106 -22.68 38.58 34.37
CA ASN A 106 -23.69 39.41 34.99
C ASN A 106 -25.06 38.76 34.83
N THR A 107 -26.02 39.25 35.59
CA THR A 107 -27.35 38.65 35.63
C THR A 107 -28.11 39.06 34.37
N VAL A 108 -28.09 38.20 33.37
CA VAL A 108 -28.68 38.50 32.06
C VAL A 108 -29.94 37.67 31.87
N LEU A 109 -30.82 38.17 31.02
CA LEU A 109 -31.99 37.42 30.56
C LEU A 109 -31.70 36.83 29.19
N VAL A 110 -32.54 35.91 28.75
CA VAL A 110 -32.32 35.29 27.45
C VAL A 110 -33.61 34.67 26.91
N PRO A 111 -34.31 35.34 25.98
CA PRO A 111 -35.54 34.76 25.43
C PRO A 111 -35.37 34.05 24.10
N GLU A 112 -34.21 34.19 23.47
CA GLU A 112 -33.98 33.62 22.15
C GLU A 112 -33.40 32.22 22.18
N ASP A 113 -32.67 31.86 23.23
CA ASP A 113 -32.10 30.52 23.37
C ASP A 113 -33.22 29.58 23.83
N CYS A 114 -34.16 29.36 22.93
CA CYS A 114 -35.25 28.42 23.22
C CYS A 114 -34.75 26.99 23.24
N THR A 115 -33.47 26.76 23.00
CA THR A 115 -32.92 25.41 22.96
C THR A 115 -32.89 24.87 24.39
N TYR A 116 -34.09 24.66 24.92
CA TYR A 116 -34.24 24.21 26.28
C TYR A 116 -33.81 22.78 26.42
N VAL A 117 -33.22 22.44 27.57
CA VAL A 117 -32.89 21.09 27.93
C VAL A 117 -33.29 20.88 29.38
N SER A 118 -33.15 19.64 29.85
CA SER A 118 -33.40 19.31 31.24
C SER A 118 -32.22 18.49 31.73
N PHE A 119 -31.43 19.09 32.61
CA PHE A 119 -30.38 18.37 33.32
C PHE A 119 -31.03 17.70 34.50
N ARG A 120 -31.18 16.38 34.45
CA ARG A 120 -31.85 15.66 35.51
C ARG A 120 -30.90 14.70 36.19
N ARG A 121 -31.09 14.55 37.49
CA ARG A 121 -30.32 13.61 38.28
C ARG A 121 -30.87 12.22 38.00
N CYS A 122 -30.25 11.51 37.07
CA CYS A 122 -30.74 10.20 36.68
C CYS A 122 -30.43 9.23 37.80
N GLN A 123 -31.29 9.18 38.80
CA GLN A 123 -31.07 8.34 39.96
C GLN A 123 -31.04 6.87 39.63
N SER A 124 -31.74 6.44 38.57
CA SER A 124 -31.80 5.04 38.25
C SER A 124 -30.45 4.47 37.82
N ILE A 125 -29.41 5.29 37.79
CA ILE A 125 -28.10 4.76 37.45
C ILE A 125 -27.43 4.14 38.66
N ASP A 126 -27.75 4.64 39.85
CA ASP A 126 -27.19 4.07 41.07
C ASP A 126 -27.80 2.73 41.44
N LYS A 127 -28.94 2.39 40.88
CA LYS A 127 -29.51 1.06 41.07
C LYS A 127 -28.91 0.05 40.13
N LEU A 128 -27.80 0.37 39.49
CA LEU A 128 -27.15 -0.54 38.56
C LEU A 128 -25.79 -1.01 39.02
N THR A 129 -25.13 -0.27 39.90
CA THR A 129 -23.89 -0.78 40.47
C THR A 129 -24.20 -1.88 41.47
N ALA A 130 -23.28 -2.83 41.57
CA ALA A 130 -23.50 -3.99 42.43
C ALA A 130 -23.85 -3.59 43.85
N ALA A 131 -23.14 -2.62 44.42
CA ALA A 131 -23.48 -2.16 45.76
C ALA A 131 -24.80 -1.43 45.81
N GLY A 132 -25.44 -1.21 44.67
CA GLY A 132 -26.77 -0.64 44.67
C GLY A 132 -27.80 -1.73 44.55
N LEU A 133 -27.51 -2.72 43.70
CA LEU A 133 -28.38 -3.88 43.63
C LEU A 133 -28.46 -4.58 44.97
N ALA A 134 -27.38 -4.54 45.75
CA ALA A 134 -27.44 -5.09 47.09
C ALA A 134 -28.43 -4.33 47.95
N ARG A 135 -28.39 -3.00 47.89
CA ARG A 135 -29.35 -2.21 48.64
C ARG A 135 -30.77 -2.55 48.23
N LYS A 136 -31.00 -2.65 46.92
CA LYS A 136 -32.33 -2.91 46.43
C LYS A 136 -32.85 -4.24 46.95
N ILE A 137 -32.04 -5.28 46.85
CA ILE A 137 -32.49 -6.60 47.28
C ILE A 137 -32.70 -6.64 48.78
N ARG A 138 -31.82 -5.99 49.53
CA ARG A 138 -32.00 -5.97 50.97
C ARG A 138 -33.31 -5.30 51.34
N ARG A 139 -33.61 -4.18 50.70
CA ARG A 139 -34.88 -3.51 50.96
C ARG A 139 -36.05 -4.40 50.58
N LEU A 140 -35.96 -5.04 49.40
CA LEU A 140 -37.05 -5.89 48.96
C LEU A 140 -37.35 -6.99 49.96
N GLU A 141 -36.33 -7.67 50.46
CA GLU A 141 -36.61 -8.77 51.36
C GLU A 141 -37.04 -8.24 52.73
N LYS A 142 -36.49 -7.11 53.15
CA LYS A 142 -36.97 -6.51 54.38
C LYS A 142 -38.44 -6.17 54.29
N ARG A 143 -38.90 -5.83 53.09
CA ARG A 143 -40.33 -5.60 52.90
C ARG A 143 -41.09 -6.90 52.88
N ALA A 144 -40.66 -7.85 52.05
CA ALA A 144 -41.41 -9.07 51.82
C ALA A 144 -41.54 -9.90 53.08
N LEU A 145 -40.51 -9.97 53.92
CA LEU A 145 -40.66 -10.70 55.17
C LEU A 145 -41.61 -10.00 56.11
N SER A 146 -41.67 -8.67 56.07
CA SER A 146 -42.72 -7.97 56.81
C SER A 146 -44.10 -8.31 56.24
N ARG A 147 -44.21 -8.46 54.93
CA ARG A 147 -45.44 -8.92 54.32
C ARG A 147 -45.66 -10.41 54.51
N GLY A 148 -44.80 -11.09 55.28
CA GLY A 148 -44.93 -12.51 55.47
C GLY A 148 -44.68 -13.35 54.23
N GLU A 149 -44.35 -12.73 53.11
CA GLU A 149 -44.11 -13.45 51.88
C GLU A 149 -42.79 -14.19 51.96
N GLN A 150 -42.61 -15.17 51.07
CA GLN A 150 -41.36 -15.91 50.98
C GLN A 150 -40.44 -15.25 49.98
N PHE A 151 -39.27 -14.84 50.45
CA PHE A 151 -38.28 -14.16 49.61
C PHE A 151 -37.06 -15.04 49.45
N ASP A 152 -36.68 -15.29 48.21
CA ASP A 152 -35.44 -16.00 47.94
C ASP A 152 -34.46 -15.05 47.26
N PRO A 153 -33.40 -14.64 47.94
CA PRO A 153 -32.39 -13.78 47.32
C PRO A 153 -31.51 -14.49 46.32
N SER A 154 -31.78 -15.76 46.00
CA SER A 154 -30.99 -16.48 45.03
C SER A 154 -31.52 -16.37 43.62
N SER A 155 -32.66 -15.73 43.43
CA SER A 155 -33.22 -15.60 42.10
C SER A 155 -32.87 -14.27 41.45
N PHE A 156 -32.75 -13.21 42.25
CA PHE A 156 -32.57 -11.86 41.73
C PHE A 156 -31.17 -11.71 41.15
N ALA A 157 -30.93 -12.44 40.07
CA ALA A 157 -29.61 -12.44 39.46
C ALA A 157 -29.34 -11.12 38.75
N GLN A 158 -28.07 -10.73 38.76
CA GLN A 158 -27.66 -9.49 38.09
C GLN A 158 -27.85 -9.61 36.59
N LYS A 159 -28.32 -8.53 35.98
CA LYS A 159 -28.45 -8.52 34.54
C LYS A 159 -27.09 -8.68 33.89
N GLU A 160 -27.05 -9.46 32.81
CA GLU A 160 -25.77 -9.81 32.22
C GLU A 160 -25.20 -8.66 31.40
N HIS A 161 -26.05 -7.89 30.73
CA HIS A 161 -25.60 -6.77 29.91
C HIS A 161 -26.51 -5.58 30.21
N THR A 162 -25.96 -4.56 30.84
CA THR A 162 -26.70 -3.34 31.14
C THR A 162 -25.97 -2.18 30.48
N ALA A 163 -26.28 -1.94 29.22
CA ALA A 163 -25.77 -0.75 28.54
C ALA A 163 -26.58 0.45 29.00
N ILE A 164 -25.90 1.50 29.42
CA ILE A 164 -26.59 2.67 29.94
C ILE A 164 -26.28 3.87 29.06
N ALA A 165 -27.23 4.80 29.03
CA ALA A 165 -27.10 5.99 28.21
C ALA A 165 -25.95 6.85 28.73
N HIS A 166 -25.44 7.69 27.84
CA HIS A 166 -24.36 8.58 28.22
C HIS A 166 -24.82 9.53 29.31
N TYR A 167 -23.92 9.85 30.21
CA TYR A 167 -24.22 10.74 31.33
C TYR A 167 -22.90 11.15 31.96
N HIS A 168 -22.98 12.06 32.91
CA HIS A 168 -21.81 12.50 33.64
C HIS A 168 -22.09 12.34 35.12
N SER A 169 -21.04 12.22 35.91
CA SER A 169 -21.21 11.98 37.32
C SER A 169 -20.42 13.02 38.10
N LEU A 170 -21.08 13.62 39.08
CA LEU A 170 -20.46 14.60 39.95
C LEU A 170 -20.49 14.05 41.36
N GLY A 171 -19.32 13.73 41.90
CA GLY A 171 -19.25 13.20 43.24
C GLY A 171 -19.71 14.22 44.27
N GLU A 172 -20.39 13.75 45.30
CA GLU A 172 -20.95 14.59 46.33
C GLU A 172 -20.91 13.85 47.65
N SER A 173 -21.05 14.61 48.73
CA SER A 173 -21.03 14.04 50.11
C SER A 173 -22.08 14.75 50.96
N SER A 174 -22.48 14.12 52.07
CA SER A 174 -23.48 14.73 52.97
C SER A 174 -22.80 15.12 54.29
N LYS A 175 -22.98 16.37 54.74
CA LYS A 175 -22.35 16.82 56.01
C LYS A 175 -22.91 16.05 57.21
N GLN A 176 -24.23 15.84 57.28
CA GLN A 176 -24.83 15.17 58.47
C GLN A 176 -24.32 13.74 58.62
N THR A 177 -24.31 12.96 57.53
CA THR A 177 -23.81 11.55 57.60
C THR A 177 -22.75 11.40 56.52
N ASN A 178 -21.52 11.08 56.89
CA ASN A 178 -20.46 11.06 55.84
C ASN A 178 -20.67 9.86 54.90
N ARG A 179 -20.81 10.17 53.62
CA ARG A 179 -20.90 9.20 52.55
C ARG A 179 -20.64 9.90 51.22
N ASN A 180 -20.18 9.13 50.25
CA ASN A 180 -19.82 9.66 48.94
C ASN A 180 -20.77 9.11 47.91
N PHE A 181 -21.78 9.88 47.56
CA PHE A 181 -22.66 9.49 46.48
C PHE A 181 -22.31 10.30 45.27
N ARG A 182 -23.09 10.16 44.21
CA ARG A 182 -22.77 10.86 42.97
C ARG A 182 -24.06 11.32 42.31
N LEU A 183 -24.13 12.59 42.00
CA LEU A 183 -25.17 13.09 41.11
C LEU A 183 -24.83 12.59 39.72
N ASN A 184 -25.51 11.53 39.30
CA ASN A 184 -25.37 11.06 37.93
C ASN A 184 -26.29 11.93 37.08
N ILE A 185 -25.76 13.04 36.69
CA ILE A 185 -26.51 14.05 35.97
C ILE A 185 -26.51 13.68 34.50
N ARG A 186 -27.67 13.83 33.86
CA ARG A 186 -27.84 13.49 32.45
C ARG A 186 -28.71 14.53 31.79
N MET A 187 -28.35 14.92 30.58
CA MET A 187 -29.01 16.01 29.86
C MET A 187 -29.97 15.44 28.82
N LEU A 188 -31.26 15.73 28.99
CA LEU A 188 -32.27 15.25 28.06
C LEU A 188 -32.98 16.44 27.44
N SER A 189 -33.08 16.44 26.11
CA SER A 189 -33.71 17.54 25.40
C SER A 189 -35.19 17.62 25.74
N GLU A 190 -35.74 18.82 25.63
CA GLU A 190 -37.10 19.06 26.06
C GLU A 190 -37.57 20.37 25.43
N GLN A 191 -38.81 20.75 25.73
CA GLN A 191 -39.43 21.98 25.28
C GLN A 191 -39.94 22.79 26.46
N PRO A 192 -39.82 24.11 26.43
CA PRO A 192 -40.07 24.91 27.63
C PRO A 192 -41.53 24.94 28.01
N ARG A 193 -42.05 23.79 28.45
CA ARG A 193 -43.49 23.66 28.55
C ARG A 193 -44.09 24.63 29.55
N GLU A 194 -43.42 24.89 30.67
CA GLU A 194 -43.96 25.80 31.65
C GLU A 194 -42.89 26.13 32.68
N GLY A 195 -42.88 27.38 33.12
CA GLY A 195 -42.01 27.77 34.20
C GLY A 195 -42.66 27.55 35.55
N ASN A 196 -42.33 26.44 36.20
CA ASN A 196 -42.81 26.17 37.54
C ASN A 196 -41.87 26.71 38.61
N SER A 197 -40.59 26.89 38.28
CA SER A 197 -39.63 27.57 39.15
C SER A 197 -39.35 26.75 40.42
N ILE A 198 -39.01 25.49 40.23
CA ILE A 198 -38.65 24.59 41.33
C ILE A 198 -37.59 23.64 40.82
N PHE A 199 -36.48 23.55 41.52
CA PHE A 199 -35.42 22.61 41.22
C PHE A 199 -35.06 21.81 42.46
N SER A 200 -34.42 20.67 42.23
CA SER A 200 -33.86 19.92 43.33
C SER A 200 -32.80 20.75 44.04
N SER A 201 -32.57 20.42 45.30
CA SER A 201 -31.60 21.17 46.09
C SER A 201 -30.27 21.30 45.37
N TYR A 202 -29.86 20.30 44.60
CA TYR A 202 -28.66 20.41 43.80
C TYR A 202 -28.92 21.11 42.48
N GLY A 203 -30.01 21.87 42.39
CA GLY A 203 -30.25 22.66 41.20
C GLY A 203 -30.53 21.83 39.96
N LEU A 204 -30.93 20.59 40.13
CA LEU A 204 -31.27 19.75 38.99
C LEU A 204 -32.78 19.56 38.95
N SER A 205 -33.27 19.21 37.78
CA SER A 205 -34.67 18.91 37.61
C SER A 205 -34.93 17.45 37.87
N ASN A 206 -35.88 17.16 38.75
CA ASN A 206 -36.18 15.80 39.14
C ASN A 206 -37.64 15.53 38.91
N SER A 207 -37.97 14.27 38.57
CA SER A 207 -39.32 13.97 38.11
C SER A 207 -40.36 14.05 39.23
N GLU A 208 -40.00 13.66 40.45
CA GLU A 208 -40.98 13.68 41.52
C GLU A 208 -41.37 15.09 41.91
N ASN A 209 -40.41 15.97 42.14
CA ASN A 209 -40.71 17.39 42.23
C ASN A 209 -41.21 17.84 40.87
N SER A 210 -41.61 19.10 40.78
CA SER A 210 -42.04 19.62 39.50
C SER A 210 -40.88 19.50 38.51
N PHE A 211 -41.04 18.63 37.53
CA PHE A 211 -40.08 18.57 36.44
C PHE A 211 -39.95 19.96 35.81
N GLN A 212 -38.75 20.30 35.36
CA GLN A 212 -38.54 21.63 34.88
C GLN A 212 -37.37 21.72 33.92
N PRO A 213 -37.57 22.21 32.70
CA PRO A 213 -36.44 22.42 31.80
C PRO A 213 -35.75 23.73 32.09
N VAL A 214 -34.60 23.91 31.46
CA VAL A 214 -33.74 25.06 31.71
C VAL A 214 -33.12 25.51 30.40
N PRO A 215 -32.95 26.80 30.17
CA PRO A 215 -32.33 27.25 28.92
C PRO A 215 -30.85 26.93 28.83
N LEU A 216 -30.49 25.98 27.99
CA LEU A 216 -29.09 25.70 27.72
C LEU A 216 -28.51 26.84 26.90
N ILE A 217 -27.80 27.75 27.56
CA ILE A 217 -27.29 28.92 26.86
C ILE A 217 -26.26 28.50 25.82
N MET B 1 36.17 0.27 -49.70
CA MET B 1 35.11 -0.71 -49.91
C MET B 1 34.27 -0.27 -51.10
N GLN B 2 34.27 -1.09 -52.15
CA GLN B 2 33.58 -0.71 -53.39
C GLN B 2 33.03 -1.96 -54.06
N THR B 3 31.71 -2.06 -54.15
CA THR B 3 31.07 -2.95 -55.12
C THR B 3 30.69 -2.10 -56.33
N LEU B 4 31.50 -2.19 -57.38
CA LEU B 4 31.64 -1.08 -58.32
C LEU B 4 30.38 -0.84 -59.14
N LYS B 5 29.76 -1.91 -59.65
CA LYS B 5 28.63 -1.82 -60.56
C LYS B 5 29.02 -1.08 -61.84
N GLU B 6 29.92 -1.72 -62.58
CA GLU B 6 30.29 -1.24 -63.90
C GLU B 6 29.08 -1.27 -64.81
N LEU B 7 29.17 -0.52 -65.92
CA LEU B 7 28.05 -0.57 -66.85
C LEU B 7 27.93 -1.89 -67.58
N ILE B 8 29.00 -2.66 -67.68
CA ILE B 8 28.90 -4.01 -68.23
C ILE B 8 27.83 -4.79 -67.48
N ALA B 9 27.60 -4.45 -66.21
CA ALA B 9 26.50 -5.00 -65.44
C ALA B 9 25.23 -4.18 -65.59
N SER B 10 25.24 -3.12 -66.40
CA SER B 10 24.05 -2.31 -66.63
C SER B 10 23.74 -2.05 -68.09
N ASN B 11 24.70 -2.24 -69.01
CA ASN B 11 24.39 -2.13 -70.42
C ASN B 11 23.31 -3.10 -70.88
N PRO B 12 23.36 -4.40 -70.55
CA PRO B 12 22.46 -5.36 -71.20
C PRO B 12 21.02 -5.30 -70.74
N ASP B 13 20.70 -4.63 -69.63
CA ASP B 13 19.41 -4.88 -69.02
C ASP B 13 18.29 -4.10 -69.68
N ASP B 14 18.23 -2.79 -69.44
CA ASP B 14 17.19 -1.96 -70.05
C ASP B 14 17.72 -0.56 -70.32
N LEU B 15 18.88 -0.46 -70.98
CA LEU B 15 19.70 0.75 -71.07
C LEU B 15 18.92 2.04 -71.29
N THR B 16 17.70 1.94 -71.80
CA THR B 16 16.90 3.11 -72.11
C THR B 16 16.74 4.00 -70.87
N THR B 17 17.51 5.09 -70.83
CA THR B 17 17.39 6.14 -69.82
C THR B 17 17.43 5.58 -68.39
N GLU B 18 18.02 4.41 -68.21
CA GLU B 18 18.51 3.98 -66.92
C GLU B 18 19.99 4.27 -66.77
N LEU B 19 20.59 4.80 -67.82
CA LEU B 19 21.95 5.33 -67.87
C LEU B 19 22.00 6.75 -67.29
N LYS B 20 21.05 7.58 -67.71
CA LYS B 20 20.92 8.92 -67.14
C LYS B 20 20.72 8.84 -65.63
N ARG B 21 19.92 7.89 -65.17
CA ARG B 21 19.80 7.69 -63.73
C ARG B 21 21.13 7.28 -63.12
N ALA B 22 21.92 6.49 -63.84
CA ALA B 22 23.15 5.99 -63.26
C ALA B 22 24.18 7.09 -63.09
N PHE B 23 24.26 8.01 -64.05
CA PHE B 23 25.29 9.05 -64.00
C PHE B 23 24.86 10.29 -63.24
N ARG B 24 23.59 10.41 -62.89
CA ARG B 24 23.11 11.54 -62.12
C ARG B 24 23.38 11.30 -60.63
N PRO B 25 23.64 12.36 -59.87
CA PRO B 25 23.81 12.22 -58.42
C PRO B 25 22.55 11.70 -57.75
N LEU B 26 22.69 11.40 -56.47
CA LEU B 26 21.72 10.71 -55.62
C LEU B 26 21.55 9.26 -56.02
N THR B 27 22.20 8.81 -57.09
CA THR B 27 22.19 7.42 -57.51
C THR B 27 23.65 6.99 -57.57
N PRO B 28 24.00 5.86 -56.96
CA PRO B 28 25.41 5.57 -56.69
C PRO B 28 26.25 5.59 -57.95
N HIS B 29 27.55 5.57 -57.74
CA HIS B 29 28.48 5.73 -58.83
C HIS B 29 28.48 4.51 -59.74
N ILE B 30 29.14 4.68 -60.89
CA ILE B 30 29.26 3.65 -61.91
C ILE B 30 30.71 3.58 -62.31
N ALA B 31 31.22 2.37 -62.49
CA ALA B 31 32.64 2.15 -62.73
C ALA B 31 32.93 2.13 -64.22
N ILE B 32 33.93 2.90 -64.64
CA ILE B 32 34.43 2.94 -66.01
C ILE B 32 35.92 2.65 -65.94
N ASP B 33 36.29 1.72 -65.05
CA ASP B 33 37.68 1.53 -64.67
C ASP B 33 38.61 1.48 -65.88
N GLY B 34 38.56 0.39 -66.63
CA GLY B 34 39.33 0.21 -67.84
C GLY B 34 38.46 -0.50 -68.84
N ASN B 35 37.17 -0.61 -68.49
CA ASN B 35 36.28 -1.57 -69.10
C ASN B 35 35.72 -1.08 -70.45
N GLU B 36 34.96 0.01 -70.43
CA GLU B 36 34.30 0.49 -71.64
C GLU B 36 34.41 2.00 -71.75
N LEU B 37 35.59 2.53 -71.43
CA LEU B 37 35.79 3.98 -71.47
C LEU B 37 35.22 4.59 -72.73
N ASP B 38 35.64 4.08 -73.88
CA ASP B 38 35.18 4.63 -75.15
C ASP B 38 33.67 4.61 -75.26
N ALA B 39 33.05 3.48 -74.93
CA ALA B 39 31.60 3.39 -75.10
C ALA B 39 30.85 4.09 -73.98
N LEU B 40 31.46 4.24 -72.81
CA LEU B 40 30.81 4.87 -71.67
C LEU B 40 31.04 6.36 -71.58
N THR B 41 31.91 6.92 -72.43
CA THR B 41 31.92 8.36 -72.62
C THR B 41 31.07 8.78 -73.80
N ILE B 42 30.77 7.86 -74.72
CA ILE B 42 29.78 8.13 -75.75
C ILE B 42 28.46 8.53 -75.10
N LEU B 43 28.09 7.83 -74.04
CA LEU B 43 26.83 8.14 -73.38
C LEU B 43 26.92 9.44 -72.58
N VAL B 44 28.08 9.70 -71.99
CA VAL B 44 28.28 10.98 -71.31
C VAL B 44 28.14 12.12 -72.31
N ASN B 45 28.54 11.89 -73.56
CA ASN B 45 28.37 12.89 -74.60
C ASN B 45 26.94 13.02 -75.05
N LEU B 46 26.26 11.91 -75.25
CA LEU B 46 24.90 11.94 -75.78
C LEU B 46 23.86 12.32 -74.74
N THR B 47 24.24 12.39 -73.47
CA THR B 47 23.36 12.97 -72.46
C THR B 47 23.36 14.49 -72.49
N ASP B 48 23.93 15.10 -73.53
CA ASP B 48 23.96 16.55 -73.59
C ASP B 48 22.67 17.12 -74.14
N LYS B 49 22.02 16.40 -75.05
CA LYS B 49 20.71 16.78 -75.56
C LYS B 49 19.61 15.96 -74.89
N THR B 50 19.40 16.23 -73.59
CA THR B 50 18.46 15.45 -72.81
C THR B 50 17.02 15.87 -73.11
N ASP B 51 16.54 15.50 -74.28
CA ASP B 51 15.14 15.62 -74.64
C ASP B 51 14.80 14.44 -75.54
N ASP B 52 13.60 14.47 -76.15
CA ASP B 52 13.03 13.28 -76.76
C ASP B 52 13.89 12.69 -77.89
N GLN B 53 14.96 13.39 -78.28
CA GLN B 53 15.90 12.90 -79.28
C GLN B 53 17.00 12.04 -78.67
N LYS B 54 16.71 11.37 -77.56
CA LYS B 54 17.76 10.76 -76.74
C LYS B 54 17.66 9.25 -76.85
N ASP B 55 18.64 8.64 -77.53
CA ASP B 55 18.79 7.18 -77.61
C ASP B 55 20.27 6.88 -77.79
N LEU B 56 20.94 6.55 -76.69
CA LEU B 56 22.38 6.71 -76.56
C LEU B 56 23.14 5.56 -77.20
N LEU B 57 24.43 5.50 -76.89
CA LEU B 57 25.35 4.52 -77.47
C LEU B 57 25.36 4.62 -79.00
N ASP B 58 25.75 5.79 -79.48
CA ASP B 58 25.76 6.11 -80.91
C ASP B 58 27.03 6.89 -81.19
N ARG B 59 28.03 6.25 -81.79
CA ARG B 59 29.28 6.94 -82.08
C ARG B 59 29.09 8.05 -83.10
N ALA B 60 28.15 7.89 -84.04
CA ALA B 60 27.90 8.95 -85.00
C ALA B 60 27.30 10.18 -84.33
N LYS B 61 26.24 10.00 -83.55
CA LYS B 61 25.59 11.14 -82.91
C LYS B 61 26.51 11.84 -81.92
N CYS B 62 27.46 11.11 -81.33
CA CYS B 62 28.36 11.72 -80.37
C CYS B 62 29.51 12.45 -81.06
N LYS B 63 30.13 11.82 -82.07
CA LYS B 63 31.18 12.54 -82.79
C LYS B 63 30.59 13.66 -83.63
N GLN B 64 29.27 13.67 -83.81
CA GLN B 64 28.60 14.87 -84.28
C GLN B 64 28.89 16.07 -83.40
N LYS B 65 28.83 15.88 -82.07
CA LYS B 65 28.96 16.98 -81.14
C LYS B 65 30.40 17.22 -80.74
N LEU B 66 31.20 16.16 -80.56
CA LEU B 66 32.58 16.36 -80.13
C LEU B 66 33.40 17.16 -81.12
N ARG B 67 32.95 17.27 -82.36
CA ARG B 67 33.59 18.13 -83.34
C ARG B 67 33.15 19.58 -83.22
N ASP B 68 32.01 19.84 -82.58
CA ASP B 68 31.49 21.20 -82.45
C ASP B 68 32.20 21.90 -81.29
N GLU B 69 32.90 22.98 -81.61
CA GLU B 69 33.53 23.76 -80.55
C GLU B 69 32.55 24.71 -79.87
N LYS B 70 31.42 25.01 -80.53
CA LYS B 70 30.40 25.80 -79.85
C LYS B 70 29.76 25.00 -78.72
N TRP B 71 29.40 23.75 -78.99
CA TRP B 71 28.92 22.87 -77.92
C TRP B 71 30.02 22.63 -76.89
N TRP B 72 31.26 22.49 -77.35
CA TRP B 72 32.37 22.33 -76.42
C TRP B 72 32.45 23.50 -75.45
N ALA B 73 32.38 24.72 -75.95
CA ALA B 73 32.47 25.87 -75.08
C ALA B 73 31.23 25.99 -74.19
N SER B 74 30.05 25.76 -74.75
CA SER B 74 28.84 25.82 -73.97
C SER B 74 28.82 24.79 -72.86
N CYS B 75 29.55 23.68 -73.02
CA CYS B 75 29.63 22.67 -71.98
C CYS B 75 30.74 22.92 -70.99
N ILE B 76 31.88 23.44 -71.45
CA ILE B 76 33.00 23.71 -70.55
C ILE B 76 32.77 24.94 -69.70
N ASN B 77 31.84 25.80 -70.09
CA ASN B 77 31.43 26.88 -69.21
C ASN B 77 30.59 26.34 -68.06
N CYS B 78 29.99 25.16 -68.24
CA CYS B 78 29.16 24.58 -67.18
C CYS B 78 30.00 24.06 -66.04
N VAL B 79 31.20 23.56 -66.32
CA VAL B 79 32.04 23.03 -65.25
C VAL B 79 32.45 24.12 -64.29
N ASN B 80 32.27 25.38 -64.68
CA ASN B 80 32.54 26.48 -63.77
C ASN B 80 31.53 26.58 -62.66
N TYR B 81 30.46 25.78 -62.70
CA TYR B 81 29.34 25.99 -61.79
C TYR B 81 29.02 24.77 -60.94
N ARG B 82 29.88 23.76 -60.93
CA ARG B 82 29.49 22.54 -60.23
C ARG B 82 29.57 22.79 -58.74
N GLN B 83 28.54 23.43 -58.21
CA GLN B 83 28.55 23.83 -56.81
C GLN B 83 28.68 22.61 -55.93
N SER B 84 29.51 22.75 -54.90
CA SER B 84 29.68 21.69 -53.87
C SER B 84 28.59 21.86 -52.83
N HIS B 85 28.08 23.08 -52.71
CA HIS B 85 26.99 23.44 -51.77
C HIS B 85 25.92 24.20 -52.52
N ASN B 86 24.64 23.89 -52.30
CA ASN B 86 23.55 24.63 -52.98
C ASN B 86 22.89 25.53 -51.94
N PRO B 87 22.78 26.86 -52.17
CA PRO B 87 22.20 27.77 -51.17
C PRO B 87 20.83 27.36 -50.67
N LYS B 88 20.18 26.36 -51.26
CA LYS B 88 18.93 25.85 -50.73
C LYS B 88 18.70 24.40 -51.12
N GLY B 96 24.96 32.29 -57.33
CA GLY B 96 26.36 32.19 -56.96
C GLY B 96 26.92 30.81 -57.22
N VAL B 97 28.23 30.66 -57.05
CA VAL B 97 28.94 29.40 -57.27
C VAL B 97 29.80 29.14 -56.05
N ILE B 98 29.50 28.08 -55.33
CA ILE B 98 30.20 27.76 -54.09
C ILE B 98 30.54 26.28 -54.11
N ARG B 99 31.78 25.96 -54.42
CA ARG B 99 32.30 24.61 -54.26
C ARG B 99 33.59 24.68 -53.46
N THR B 100 33.58 24.12 -52.25
CA THR B 100 34.73 24.12 -51.37
C THR B 100 34.73 22.82 -50.59
N GLN B 101 35.70 22.71 -49.68
CA GLN B 101 35.93 21.48 -48.94
C GLN B 101 35.60 21.62 -47.47
N ALA B 102 34.93 22.70 -47.07
CA ALA B 102 34.54 22.90 -45.67
C ALA B 102 35.76 22.92 -44.76
N LEU B 103 36.55 23.98 -44.92
CA LEU B 103 37.82 24.12 -44.22
C LEU B 103 37.68 23.77 -42.74
N GLY B 104 38.70 23.11 -42.22
CA GLY B 104 38.71 22.69 -40.85
C GLY B 104 38.66 21.18 -40.71
N GLU B 105 38.30 20.75 -39.50
CA GLU B 105 38.16 19.34 -39.21
C GLU B 105 37.41 19.21 -37.89
N LEU B 106 36.29 18.52 -37.93
CA LEU B 106 35.46 18.40 -36.75
C LEU B 106 35.99 17.29 -35.86
N PRO B 107 35.49 17.19 -34.65
CA PRO B 107 35.84 16.04 -33.81
C PRO B 107 35.17 14.78 -34.30
N SER B 108 35.23 13.72 -33.50
CA SER B 108 34.59 12.47 -33.90
C SER B 108 33.08 12.57 -33.85
N PHE B 109 32.54 13.10 -32.76
CA PHE B 109 31.10 13.01 -32.52
C PHE B 109 30.29 13.93 -33.41
N LEU B 110 30.91 14.89 -34.07
CA LEU B 110 30.20 15.78 -34.97
C LEU B 110 30.42 15.34 -36.40
N LEU B 111 29.49 15.71 -37.27
CA LEU B 111 29.46 15.19 -38.63
C LEU B 111 29.08 16.31 -39.59
N SER B 112 29.95 16.59 -40.54
CA SER B 112 29.64 17.53 -41.59
C SER B 112 30.20 16.96 -42.88
N SER B 113 30.22 17.76 -43.95
CA SER B 113 30.71 17.24 -45.20
C SER B 113 32.20 16.93 -45.16
N SER B 114 32.91 17.44 -44.16
CA SER B 114 34.34 17.18 -44.08
C SER B 114 34.64 15.74 -43.72
N LYS B 115 33.66 15.02 -43.17
CA LYS B 115 33.83 13.59 -42.94
C LYS B 115 33.53 12.79 -44.20
N ILE B 116 32.43 13.12 -44.86
CA ILE B 116 32.02 12.43 -46.09
C ILE B 116 33.00 12.75 -47.20
N PRO B 117 33.41 11.78 -48.02
CA PRO B 117 34.31 12.09 -49.12
C PRO B 117 33.66 13.09 -50.06
N PRO B 118 34.45 13.88 -50.74
CA PRO B 118 33.92 14.96 -51.57
C PRO B 118 33.58 14.56 -53.00
N TYR B 119 32.45 13.88 -53.16
CA TYR B 119 31.87 13.67 -54.48
C TYR B 119 30.36 13.81 -54.36
N HIS B 120 29.68 13.65 -55.50
CA HIS B 120 28.29 14.08 -55.70
C HIS B 120 28.18 15.60 -55.70
N TRP B 121 28.98 16.24 -56.54
CA TRP B 121 28.90 17.68 -56.74
C TRP B 121 28.22 17.96 -58.07
N SER B 122 26.95 18.34 -58.01
CA SER B 122 26.15 18.52 -59.21
C SER B 122 26.10 19.97 -59.65
N TYR B 123 26.27 20.17 -60.95
CA TYR B 123 26.05 21.47 -61.58
C TYR B 123 24.73 22.05 -61.12
N SER B 124 24.73 23.35 -60.86
CA SER B 124 23.53 24.01 -60.35
C SER B 124 23.54 25.45 -60.84
N HIS B 125 22.77 25.71 -61.88
CA HIS B 125 22.74 27.00 -62.57
C HIS B 125 21.42 27.06 -63.34
N ASP B 126 21.34 27.98 -64.29
CA ASP B 126 20.16 28.07 -65.14
C ASP B 126 19.86 26.72 -65.77
N SER B 127 18.56 26.44 -65.95
CA SER B 127 18.10 25.17 -66.46
C SER B 127 18.17 25.07 -67.98
N LYS B 128 18.92 25.96 -68.62
CA LYS B 128 19.12 25.91 -70.06
C LYS B 128 20.21 24.93 -70.46
N TYR B 129 21.21 24.72 -69.61
CA TYR B 129 22.32 23.82 -69.90
C TYR B 129 22.40 22.67 -68.92
N VAL B 130 21.32 22.37 -68.20
CA VAL B 130 21.36 21.25 -67.26
C VAL B 130 21.64 19.96 -68.00
N ASN B 131 21.22 19.87 -69.26
CA ASN B 131 21.54 18.70 -70.06
C ASN B 131 22.95 18.78 -70.61
N LYS B 132 23.36 19.96 -71.07
CA LYS B 132 24.75 20.14 -71.49
C LYS B 132 25.73 19.99 -70.35
N SER B 133 25.27 20.16 -69.11
CA SER B 133 26.09 19.90 -67.95
C SER B 133 26.50 18.45 -67.82
N ALA B 134 25.83 17.54 -68.51
CA ALA B 134 26.02 16.12 -68.26
C ALA B 134 27.37 15.62 -68.72
N PHE B 135 28.06 16.34 -69.60
CA PHE B 135 29.30 15.80 -70.12
C PHE B 135 30.44 15.97 -69.13
N LEU B 136 30.63 17.17 -68.61
CA LEU B 136 31.76 17.45 -67.74
C LEU B 136 31.42 17.37 -66.26
N THR B 137 30.19 17.70 -65.87
CA THR B 137 29.83 17.71 -64.47
C THR B 137 29.13 16.44 -64.03
N ASN B 138 29.44 15.30 -64.65
CA ASN B 138 28.98 14.00 -64.17
C ASN B 138 30.16 13.26 -63.57
N GLU B 139 29.93 12.68 -62.40
CA GLU B 139 30.97 11.97 -61.66
C GLU B 139 30.84 10.48 -61.91
N PHE B 140 31.96 9.78 -61.74
CA PHE B 140 32.00 8.33 -61.85
C PHE B 140 33.32 7.86 -61.28
N CYS B 141 33.38 6.58 -60.95
CA CYS B 141 34.55 5.98 -60.35
C CYS B 141 35.31 5.20 -61.40
N TRP B 142 36.64 5.32 -61.37
CA TRP B 142 37.52 4.55 -62.22
C TRP B 142 38.91 4.65 -61.61
N ASP B 143 39.69 3.58 -61.73
CA ASP B 143 40.96 3.46 -61.02
C ASP B 143 40.74 3.56 -59.52
N GLY B 144 39.50 3.38 -59.08
CA GLY B 144 39.10 3.68 -57.72
C GLY B 144 38.87 5.14 -57.43
N GLU B 145 39.51 6.04 -58.18
CA GLU B 145 39.29 7.47 -58.00
C GLU B 145 37.92 7.83 -58.54
N ILE B 146 37.13 8.52 -57.74
CA ILE B 146 35.78 8.93 -58.13
C ILE B 146 35.87 10.40 -58.50
N SER B 147 35.85 10.69 -59.80
CA SER B 147 36.04 12.04 -60.27
C SER B 147 35.07 12.32 -61.40
N CYS B 148 35.08 13.56 -61.87
CA CYS B 148 34.29 13.99 -63.01
C CYS B 148 35.24 14.47 -64.10
N LEU B 149 34.72 14.53 -65.32
CA LEU B 149 35.54 14.91 -66.45
C LEU B 149 36.01 16.35 -66.39
N GLY B 150 35.58 17.12 -65.39
CA GLY B 150 36.14 18.44 -65.19
C GLY B 150 37.48 18.40 -64.49
N GLU B 151 37.64 17.50 -63.54
CA GLU B 151 38.92 17.32 -62.87
C GLU B 151 39.91 16.51 -63.70
N LEU B 152 39.46 15.38 -64.24
CA LEU B 152 40.36 14.47 -64.92
C LEU B 152 40.99 15.13 -66.14
N LEU B 153 40.18 15.70 -67.03
CA LEU B 153 40.65 16.16 -68.31
C LEU B 153 41.44 17.47 -68.22
N LYS B 154 41.82 17.87 -67.01
CA LYS B 154 42.68 19.04 -66.83
C LYS B 154 44.12 18.73 -67.21
N ASP B 155 44.67 17.65 -66.69
CA ASP B 155 46.09 17.36 -66.85
C ASP B 155 46.48 17.02 -68.28
N ALA B 156 45.51 16.94 -69.19
CA ALA B 156 45.70 16.85 -70.63
C ALA B 156 46.35 15.54 -71.08
N ASP B 157 46.76 14.68 -70.14
CA ASP B 157 47.44 13.44 -70.49
C ASP B 157 46.79 12.23 -69.82
N HIS B 158 45.47 12.25 -69.66
CA HIS B 158 44.77 11.11 -69.11
C HIS B 158 44.40 10.13 -70.22
N PRO B 159 44.29 8.84 -69.88
CA PRO B 159 43.64 7.91 -70.80
C PRO B 159 42.22 8.32 -71.14
N LEU B 160 41.55 9.08 -70.27
CA LEU B 160 40.26 9.63 -70.66
C LEU B 160 40.41 10.56 -71.86
N TRP B 161 41.48 11.34 -71.89
CA TRP B 161 41.71 12.21 -73.04
C TRP B 161 41.94 11.39 -74.30
N ASN B 162 42.82 10.39 -74.26
CA ASN B 162 43.15 9.70 -75.49
C ASN B 162 42.00 8.80 -75.94
N THR B 163 41.13 8.38 -75.02
CA THR B 163 39.95 7.67 -75.47
C THR B 163 38.91 8.61 -76.05
N LEU B 164 38.81 9.84 -75.54
CA LEU B 164 37.98 10.81 -76.24
C LEU B 164 38.57 11.10 -77.62
N LYS B 165 39.90 11.01 -77.75
CA LYS B 165 40.51 11.10 -79.07
C LYS B 165 40.09 9.92 -79.94
N LYS B 166 40.12 8.71 -79.37
CA LYS B 166 39.56 7.54 -80.05
C LYS B 166 38.15 7.84 -80.55
N LEU B 167 37.41 8.69 -79.85
CA LEU B 167 36.01 8.85 -80.15
C LEU B 167 35.72 9.96 -81.16
N GLY B 168 36.54 11.00 -81.20
CA GLY B 168 36.31 12.10 -82.13
C GLY B 168 36.60 13.47 -81.57
N CYS B 169 37.40 14.23 -82.30
CA CYS B 169 37.96 15.49 -81.83
C CYS B 169 38.70 16.15 -82.98
N SER B 170 39.52 17.15 -82.66
CA SER B 170 40.42 17.76 -83.64
C SER B 170 41.89 17.59 -83.28
N GLN B 171 42.18 16.88 -82.18
CA GLN B 171 43.54 16.63 -81.70
C GLN B 171 44.14 17.94 -81.20
N LYS B 172 43.41 19.04 -81.39
CA LYS B 172 43.73 20.33 -80.82
C LYS B 172 42.90 20.66 -79.59
N THR B 173 41.64 20.20 -79.55
CA THR B 173 40.83 20.40 -78.36
C THR B 173 41.39 19.65 -77.17
N CYS B 174 42.17 18.59 -77.42
CA CYS B 174 42.80 17.86 -76.32
C CYS B 174 43.61 18.78 -75.43
N LYS B 175 44.22 19.82 -76.00
CA LYS B 175 44.98 20.79 -75.22
C LYS B 175 44.25 22.11 -75.05
N ALA B 176 43.48 22.54 -76.04
CA ALA B 176 42.70 23.75 -75.89
C ALA B 176 41.72 23.62 -74.73
N MET B 177 40.83 22.64 -74.81
CA MET B 177 39.87 22.42 -73.73
C MET B 177 40.58 22.04 -72.44
N ALA B 178 41.76 21.44 -72.53
CA ALA B 178 42.49 21.10 -71.30
C ALA B 178 42.94 22.35 -70.57
N LYS B 179 43.57 23.29 -71.28
CA LYS B 179 43.98 24.52 -70.64
C LYS B 179 42.77 25.34 -70.22
N GLN B 180 41.65 25.20 -70.92
CA GLN B 180 40.44 25.89 -70.49
C GLN B 180 39.89 25.29 -69.21
N LEU B 181 39.94 23.97 -69.07
CA LEU B 181 39.56 23.32 -67.82
C LEU B 181 40.52 23.65 -66.69
N ALA B 182 41.78 23.95 -67.01
CA ALA B 182 42.71 24.38 -65.98
C ALA B 182 42.29 25.68 -65.32
N ASP B 183 41.39 26.44 -65.95
CA ASP B 183 41.02 27.77 -65.47
C ASP B 183 39.73 27.78 -64.67
N ILE B 184 39.27 26.63 -64.18
CA ILE B 184 37.95 26.62 -63.58
C ILE B 184 38.01 26.80 -62.07
N THR B 185 39.20 27.01 -61.51
CA THR B 185 39.36 27.42 -60.11
C THR B 185 38.71 26.40 -59.17
N LEU B 186 39.34 25.23 -59.11
CA LEU B 186 38.80 24.04 -58.47
C LEU B 186 38.11 24.30 -57.13
N THR B 187 38.55 25.33 -56.40
CA THR B 187 37.90 25.73 -55.16
C THR B 187 37.43 27.17 -55.31
N THR B 188 36.15 27.41 -55.05
CA THR B 188 35.56 28.71 -55.33
C THR B 188 34.44 28.98 -54.36
N ILE B 189 34.37 30.22 -53.86
CA ILE B 189 33.19 30.74 -53.20
C ILE B 189 32.96 32.13 -53.76
N ASN B 190 31.99 32.26 -54.65
CA ASN B 190 31.68 33.53 -55.28
C ASN B 190 30.16 33.61 -55.32
N VAL B 191 29.59 34.17 -54.26
CA VAL B 191 28.15 34.40 -54.21
C VAL B 191 27.91 35.72 -53.51
N THR B 192 27.51 36.73 -54.27
CA THR B 192 27.13 38.00 -53.69
C THR B 192 25.73 37.87 -53.11
N LEU B 193 25.51 38.55 -52.00
CA LEU B 193 24.32 38.30 -51.20
C LEU B 193 23.59 39.58 -50.81
N ALA B 194 23.83 40.68 -51.52
CA ALA B 194 22.97 41.85 -51.39
C ALA B 194 21.51 41.59 -51.75
N PRO B 195 21.15 40.67 -52.67
CA PRO B 195 19.73 40.45 -52.94
C PRO B 195 19.03 39.64 -51.86
N ASN B 196 19.65 39.53 -50.68
CA ASN B 196 19.07 38.81 -49.53
C ASN B 196 18.56 37.42 -49.92
N TYR B 197 19.41 36.65 -50.59
CA TYR B 197 19.04 35.33 -51.07
C TYR B 197 19.59 34.21 -50.20
N LEU B 198 20.52 34.49 -49.28
CA LEU B 198 21.29 33.45 -48.62
C LEU B 198 21.00 33.29 -47.12
N THR B 199 19.75 33.52 -46.70
CA THR B 199 19.29 33.21 -45.35
C THR B 199 20.32 33.42 -44.25
N GLN B 200 20.81 34.64 -44.13
CA GLN B 200 21.83 34.96 -43.13
C GLN B 200 21.29 34.81 -41.72
N ILE B 201 22.13 34.27 -40.84
CA ILE B 201 21.92 34.36 -39.40
C ILE B 201 23.19 34.98 -38.84
N SER B 202 23.14 35.35 -37.57
CA SER B 202 24.33 35.88 -36.89
C SER B 202 24.48 35.16 -35.57
N LEU B 203 25.67 34.64 -35.32
CA LEU B 203 25.93 33.93 -34.09
C LEU B 203 27.08 34.60 -33.37
N PRO B 204 27.05 34.69 -32.04
CA PRO B 204 28.14 35.32 -31.33
C PRO B 204 29.40 34.50 -31.45
N ASP B 205 30.54 35.19 -31.45
CA ASP B 205 31.83 34.54 -31.49
C ASP B 205 32.82 35.36 -30.67
N SER B 206 33.57 34.69 -29.80
CA SER B 206 34.58 35.32 -28.96
C SER B 206 33.98 36.31 -27.97
N ASP B 207 32.66 36.21 -27.75
CA ASP B 207 32.01 36.85 -26.61
C ASP B 207 32.00 38.37 -26.75
N THR B 208 32.69 38.90 -27.74
CA THR B 208 32.75 40.33 -27.96
C THR B 208 32.26 40.74 -29.33
N SER B 209 32.07 39.81 -30.26
CA SER B 209 31.62 40.13 -31.59
C SER B 209 30.66 39.05 -32.06
N TYR B 210 30.15 39.24 -33.27
CA TYR B 210 29.28 38.27 -33.91
C TYR B 210 29.83 37.96 -35.29
N ILE B 211 29.59 36.75 -35.75
CA ILE B 211 29.86 36.36 -37.12
C ILE B 211 28.54 36.01 -37.77
N SER B 212 28.25 36.66 -38.90
CA SER B 212 27.06 36.34 -39.66
C SER B 212 27.34 35.18 -40.59
N LEU B 213 26.68 34.06 -40.33
CA LEU B 213 26.75 32.90 -41.20
C LEU B 213 25.64 32.98 -42.22
N SER B 214 25.77 32.20 -43.29
CA SER B 214 24.69 32.01 -44.26
C SER B 214 24.70 30.54 -44.63
N PRO B 215 24.02 29.69 -43.86
CA PRO B 215 24.18 28.26 -44.03
C PRO B 215 23.75 27.80 -45.41
N VAL B 216 24.49 26.83 -45.96
CA VAL B 216 24.19 26.24 -47.23
C VAL B 216 24.04 24.73 -47.03
N ALA B 217 23.41 24.08 -48.01
CA ALA B 217 23.15 22.66 -47.94
C ALA B 217 24.29 21.90 -48.59
N SER B 218 24.93 21.04 -47.82
CA SER B 218 26.04 20.25 -48.34
C SER B 218 25.53 19.30 -49.41
N LEU B 219 26.08 19.42 -50.61
CA LEU B 219 25.66 18.53 -51.69
C LEU B 219 26.22 17.15 -51.49
N SER B 220 27.46 17.03 -51.04
CA SER B 220 28.04 15.71 -50.82
C SER B 220 27.38 15.00 -49.66
N MET B 221 26.61 15.71 -48.85
CA MET B 221 26.00 15.13 -47.67
C MET B 221 24.50 14.97 -47.79
N GLN B 222 23.88 15.66 -48.75
CA GLN B 222 22.50 15.39 -49.07
C GLN B 222 22.38 14.24 -50.06
N SER B 223 23.46 13.93 -50.78
CA SER B 223 23.51 12.73 -51.60
C SER B 223 23.92 11.53 -50.77
N HIS B 224 24.67 11.76 -49.70
CA HIS B 224 25.12 10.66 -48.86
C HIS B 224 24.06 10.24 -47.86
N PHE B 225 23.27 11.17 -47.34
CA PHE B 225 22.13 10.77 -46.54
C PHE B 225 20.96 10.30 -47.38
N HIS B 226 21.01 10.45 -48.69
CA HIS B 226 19.86 10.06 -49.49
C HIS B 226 19.96 8.63 -49.96
N GLN B 227 21.16 8.17 -50.31
CA GLN B 227 21.32 6.79 -50.73
C GLN B 227 21.39 5.84 -49.56
N ARG B 228 22.05 6.25 -48.47
CA ARG B 228 22.16 5.36 -47.32
C ARG B 228 20.82 5.16 -46.65
N LEU B 229 19.90 6.13 -46.78
CA LEU B 229 18.59 6.03 -46.14
C LEU B 229 17.53 5.42 -47.04
N GLN B 230 17.93 4.56 -47.98
CA GLN B 230 16.96 3.88 -48.83
C GLN B 230 16.27 2.74 -48.08
N ASP B 231 17.05 1.77 -47.62
CA ASP B 231 16.48 0.61 -46.95
C ASP B 231 16.03 0.91 -45.53
N GLU B 232 16.41 2.05 -44.97
CA GLU B 232 15.98 2.45 -43.64
C GLU B 232 14.75 3.33 -43.77
N ASN B 233 13.60 2.81 -43.37
CA ASN B 233 12.36 3.54 -43.53
C ASN B 233 11.70 3.96 -42.23
N ARG B 234 12.18 3.48 -41.09
CA ARG B 234 11.84 4.16 -39.84
C ARG B 234 12.53 5.51 -39.79
N HIS B 235 13.80 5.56 -40.18
CA HIS B 235 14.57 6.81 -40.20
C HIS B 235 14.65 7.37 -41.62
N SER B 236 13.52 7.78 -42.15
CA SER B 236 13.52 8.50 -43.41
C SER B 236 12.23 9.28 -43.50
N ALA B 237 12.34 10.52 -43.97
CA ALA B 237 11.20 11.43 -44.01
C ALA B 237 11.31 12.19 -45.32
N ILE B 238 10.64 11.68 -46.34
CA ILE B 238 10.81 12.17 -47.69
C ILE B 238 10.21 13.56 -47.81
N THR B 239 11.03 14.54 -48.18
CA THR B 239 10.56 15.88 -48.50
C THR B 239 10.44 16.03 -50.01
N ARG B 240 9.27 16.51 -50.46
CA ARG B 240 8.97 16.49 -51.88
C ARG B 240 9.92 17.39 -52.66
N PHE B 241 10.09 18.63 -52.21
CA PHE B 241 10.99 19.59 -52.84
C PHE B 241 10.64 19.78 -54.32
N SER B 242 9.39 20.12 -54.56
CA SER B 242 8.92 20.33 -55.93
C SER B 242 9.00 21.81 -56.28
N GLY B 256 12.09 15.46 -57.16
CA GLY B 256 13.24 15.76 -56.34
C GLY B 256 12.98 15.48 -54.88
N ALA B 257 12.56 14.26 -54.58
CA ALA B 257 12.14 13.88 -53.25
C ALA B 257 13.35 13.39 -52.45
N PHE B 258 14.06 14.33 -51.83
CA PHE B 258 15.20 13.99 -51.00
C PHE B 258 14.73 13.27 -49.75
N ARG B 259 15.66 12.57 -49.10
CA ARG B 259 15.36 11.87 -47.88
C ARG B 259 16.23 12.41 -46.77
N MET B 260 15.85 12.14 -45.54
CA MET B 260 16.54 12.71 -44.41
C MET B 260 16.21 11.91 -43.16
N LEU B 261 17.14 11.96 -42.21
CA LEU B 261 17.02 11.21 -40.98
C LEU B 261 15.76 11.57 -40.23
N LYS B 262 15.49 10.80 -39.19
CA LYS B 262 14.39 11.04 -38.28
C LYS B 262 14.81 10.57 -36.91
N SER B 263 13.90 10.60 -35.96
CA SER B 263 14.11 9.88 -34.73
C SER B 263 13.81 8.42 -34.98
N GLY B 264 14.12 7.57 -34.01
CA GLY B 264 13.78 6.17 -34.15
C GLY B 264 12.27 5.96 -34.18
N ALA B 265 11.58 6.46 -33.18
CA ALA B 265 10.13 6.44 -33.14
C ALA B 265 9.69 7.67 -32.35
N LYS B 266 8.42 7.69 -31.96
CA LYS B 266 7.89 8.87 -31.30
C LYS B 266 8.67 9.18 -30.03
N PHE B 267 8.71 10.46 -29.70
CA PHE B 267 9.44 10.93 -28.53
C PHE B 267 8.64 10.58 -27.30
N SER B 268 9.11 9.60 -26.53
CA SER B 268 8.49 9.31 -25.26
C SER B 268 9.10 10.16 -24.17
N SER B 269 8.31 10.41 -23.12
CA SER B 269 8.69 11.31 -22.04
C SER B 269 8.82 10.54 -20.74
N PRO B 270 10.01 10.06 -20.41
CA PRO B 270 10.25 9.52 -19.07
C PRO B 270 10.51 10.66 -18.10
N PRO B 271 10.49 10.41 -16.80
CA PRO B 271 10.79 11.48 -15.85
C PRO B 271 12.25 11.86 -15.93
N HIS B 272 12.54 13.13 -15.65
CA HIS B 272 13.90 13.65 -15.74
C HIS B 272 14.57 13.80 -14.38
N HIS B 273 14.26 12.95 -13.41
CA HIS B 273 14.93 12.96 -12.12
C HIS B 273 15.65 11.62 -11.87
N SER B 386 23.92 31.61 -10.82
CA SER B 386 22.47 31.59 -10.72
C SER B 386 21.87 30.66 -11.76
N PHE B 387 20.59 30.31 -11.59
CA PHE B 387 19.92 29.39 -12.50
C PHE B 387 18.53 29.92 -12.78
N LEU B 388 18.35 30.52 -13.96
CA LEU B 388 17.09 31.11 -14.37
C LEU B 388 16.27 30.06 -15.10
N VAL B 389 15.14 29.67 -14.51
CA VAL B 389 14.34 28.57 -15.04
C VAL B 389 13.22 29.15 -15.88
N LEU B 390 13.17 28.76 -17.16
CA LEU B 390 11.99 29.10 -18.00
C LEU B 390 11.12 27.85 -17.89
N PRO B 391 9.96 27.89 -17.21
CA PRO B 391 9.20 26.66 -16.90
C PRO B 391 8.63 25.76 -17.99
N ASN B 392 7.95 26.31 -18.99
CA ASN B 392 7.36 25.45 -20.04
C ASN B 392 7.24 26.21 -21.35
N ILE B 393 8.36 26.56 -21.98
CA ILE B 393 8.23 27.28 -23.28
C ILE B 393 7.55 26.29 -24.22
N ARG B 394 6.47 26.71 -24.87
CA ARG B 394 5.77 25.80 -25.80
C ARG B 394 5.86 26.39 -27.21
N VAL B 395 6.43 25.64 -28.14
CA VAL B 395 6.58 26.12 -29.51
C VAL B 395 5.52 25.44 -30.35
N CYS B 396 5.02 26.16 -31.36
CA CYS B 396 3.85 25.73 -32.09
C CYS B 396 4.18 25.23 -33.48
N GLY B 397 5.02 25.94 -34.23
CA GLY B 397 5.32 25.51 -35.57
C GLY B 397 6.78 25.56 -35.94
N ALA B 398 7.66 25.25 -34.99
CA ALA B 398 9.08 25.31 -35.29
C ALA B 398 9.43 24.34 -36.40
N THR B 399 10.41 24.71 -37.20
CA THR B 399 10.81 23.87 -38.33
C THR B 399 11.53 22.64 -37.80
N ALA B 400 10.92 21.48 -37.98
CA ALA B 400 11.60 20.26 -37.58
C ALA B 400 12.81 20.00 -38.43
N LEU B 401 12.82 20.47 -39.65
CA LEU B 401 13.90 20.15 -40.57
C LEU B 401 15.15 20.90 -40.10
N SER B 402 15.90 20.28 -39.19
CA SER B 402 17.03 20.96 -38.58
C SER B 402 18.09 21.31 -39.62
N SER B 403 18.74 20.31 -40.15
CA SER B 403 19.68 20.46 -41.25
C SER B 403 18.96 20.12 -42.54
N PRO B 404 19.56 20.40 -43.68
CA PRO B 404 18.96 19.94 -44.95
C PRO B 404 18.91 18.44 -45.08
N VAL B 405 19.45 17.69 -44.13
CA VAL B 405 19.50 16.23 -44.19
C VAL B 405 19.01 15.63 -42.89
N THR B 406 18.23 16.40 -42.12
CA THR B 406 17.82 15.96 -40.80
C THR B 406 16.44 16.48 -40.50
N VAL B 407 15.59 15.64 -39.91
CA VAL B 407 14.29 16.06 -39.42
C VAL B 407 14.14 15.54 -38.01
N GLY B 408 14.31 16.42 -37.04
CA GLY B 408 14.20 16.07 -35.64
C GLY B 408 13.82 17.30 -34.85
N ILE B 409 14.42 17.50 -33.68
CA ILE B 409 14.20 18.73 -32.93
C ILE B 409 14.84 19.85 -33.74
N PRO B 410 14.46 21.11 -33.51
CA PRO B 410 15.14 22.20 -34.18
C PRO B 410 16.61 22.22 -33.83
N SER B 411 17.39 22.88 -34.67
CA SER B 411 18.86 22.88 -34.47
C SER B 411 19.14 23.47 -33.10
N LEU B 412 20.18 22.98 -32.41
CA LEU B 412 20.59 23.55 -31.09
C LEU B 412 21.03 25.00 -31.28
N THR B 413 21.67 25.32 -32.41
CA THR B 413 21.99 26.74 -32.68
C THR B 413 20.64 27.47 -32.65
N ALA B 414 19.54 26.81 -33.05
CA ALA B 414 18.27 27.51 -32.92
C ALA B 414 17.89 27.70 -31.46
N PHE B 415 18.07 26.67 -30.63
CA PHE B 415 17.87 26.85 -29.20
C PHE B 415 18.83 27.89 -28.66
N PHE B 416 20.06 27.90 -29.16
CA PHE B 416 21.01 28.88 -28.66
C PHE B 416 20.68 30.27 -29.17
N GLY B 417 20.19 30.38 -30.39
CA GLY B 417 19.72 31.67 -30.83
C GLY B 417 18.58 32.15 -29.97
N PHE B 418 17.74 31.23 -29.51
CA PHE B 418 16.65 31.59 -28.62
C PHE B 418 17.17 32.13 -27.30
N VAL B 419 18.08 31.39 -26.66
CA VAL B 419 18.56 31.82 -25.35
C VAL B 419 19.46 33.01 -25.44
N HIS B 420 20.14 33.22 -26.56
CA HIS B 420 20.95 34.40 -26.66
C HIS B 420 20.16 35.60 -27.14
N ALA B 421 19.04 35.38 -27.82
CA ALA B 421 18.10 36.47 -28.03
C ALA B 421 17.45 36.87 -26.72
N PHE B 422 17.22 35.90 -25.84
CA PHE B 422 16.76 36.21 -24.49
C PHE B 422 17.78 37.05 -23.74
N GLU B 423 19.05 36.62 -23.78
CA GLU B 423 20.10 37.37 -23.12
C GLU B 423 20.21 38.78 -23.68
N ARG B 424 20.20 38.93 -24.99
CA ARG B 424 20.28 40.25 -25.60
C ARG B 424 19.05 41.09 -25.31
N ASN B 425 17.90 40.46 -25.14
CA ASN B 425 16.71 41.21 -24.78
C ASN B 425 16.85 41.79 -23.39
N ILE B 426 17.33 40.99 -22.44
CA ILE B 426 17.49 41.51 -21.09
C ILE B 426 18.62 42.53 -21.05
N ASN B 427 19.61 42.40 -21.91
CA ASN B 427 20.72 43.34 -21.93
C ASN B 427 20.29 44.78 -22.20
N ARG B 428 19.03 45.01 -22.56
CA ARG B 428 18.55 46.37 -22.72
C ARG B 428 18.30 47.05 -21.39
N THR B 429 18.11 46.29 -20.32
CA THR B 429 17.88 46.84 -18.99
C THR B 429 19.02 46.54 -18.02
N THR B 430 19.48 45.30 -18.00
CA THR B 430 20.63 44.89 -17.19
C THR B 430 21.72 44.43 -18.14
N SER B 431 22.74 45.26 -18.30
CA SER B 431 23.74 45.09 -19.34
C SER B 431 24.85 44.13 -18.96
N SER B 432 24.62 43.24 -18.00
CA SER B 432 25.62 42.25 -17.63
C SER B 432 24.95 40.90 -17.37
N PHE B 433 24.04 40.49 -18.25
CA PHE B 433 23.33 39.23 -18.04
C PHE B 433 24.20 38.04 -18.41
N ARG B 434 24.58 37.91 -19.68
CA ARG B 434 25.64 37.01 -20.13
C ARG B 434 25.37 35.56 -19.71
N VAL B 435 24.32 34.99 -20.30
CA VAL B 435 24.11 33.56 -20.13
C VAL B 435 25.26 32.80 -20.75
N GLU B 436 25.92 31.94 -19.96
CA GLU B 436 27.06 31.21 -20.51
C GLU B 436 26.71 29.78 -20.87
N SER B 437 25.58 29.27 -20.40
CA SER B 437 25.15 27.92 -20.78
C SER B 437 23.67 27.78 -20.49
N PHE B 438 23.07 26.72 -21.04
CA PHE B 438 21.65 26.47 -20.87
C PHE B 438 21.40 24.97 -20.92
N ALA B 439 20.33 24.54 -20.28
CA ALA B 439 19.99 23.13 -20.19
C ALA B 439 18.58 22.94 -20.70
N ILE B 440 18.44 22.26 -21.82
CA ILE B 440 17.16 22.10 -22.50
C ILE B 440 16.53 20.81 -22.02
N CYS B 441 15.25 20.86 -21.68
CA CYS B 441 14.50 19.70 -21.25
C CYS B 441 13.29 19.58 -22.16
N VAL B 442 13.39 18.74 -23.19
CA VAL B 442 12.32 18.60 -24.17
C VAL B 442 11.23 17.73 -23.55
N HIS B 443 10.13 18.35 -23.13
CA HIS B 443 9.01 17.59 -22.61
C HIS B 443 8.30 16.84 -23.71
N GLN B 444 7.85 17.55 -24.74
CA GLN B 444 7.13 16.96 -25.85
C GLN B 444 7.75 17.39 -27.16
N LEU B 445 7.76 16.48 -28.13
CA LEU B 445 8.33 16.77 -29.44
C LEU B 445 7.54 16.00 -30.48
N HIS B 446 6.90 16.71 -31.39
CA HIS B 446 6.02 16.09 -32.37
C HIS B 446 6.41 16.59 -33.74
N VAL B 447 7.02 15.72 -34.53
CA VAL B 447 7.45 16.05 -35.88
C VAL B 447 6.34 15.66 -36.84
N GLU B 448 6.02 16.56 -37.77
CA GLU B 448 4.91 16.34 -38.67
C GLU B 448 5.15 17.08 -39.97
N LYS B 449 4.57 16.59 -41.04
CA LYS B 449 4.78 17.16 -42.38
C LYS B 449 3.61 18.06 -42.77
N ARG B 450 3.61 19.28 -42.28
CA ARG B 450 2.52 20.18 -42.59
C ARG B 450 2.80 20.91 -43.89
N GLY B 451 1.85 21.74 -44.30
CA GLY B 451 1.87 22.29 -45.64
C GLY B 451 2.78 23.49 -45.83
N LEU B 452 2.57 24.54 -45.04
CA LEU B 452 3.26 25.82 -45.20
C LEU B 452 3.03 26.38 -46.60
N THR B 453 1.77 26.75 -46.81
CA THR B 453 1.32 27.34 -48.07
C THR B 453 2.22 28.51 -48.48
N ALA B 454 2.57 28.54 -49.77
CA ALA B 454 3.42 29.60 -50.29
C ALA B 454 2.69 30.94 -50.27
N GLU B 455 3.43 32.00 -50.60
CA GLU B 455 2.86 33.33 -50.64
C GLU B 455 2.16 33.59 -51.97
N PHE B 456 0.97 34.18 -51.90
CA PHE B 456 0.19 34.46 -53.10
C PHE B 456 0.80 35.56 -53.95
N VAL B 457 1.84 36.23 -53.46
CA VAL B 457 2.38 37.41 -54.14
C VAL B 457 3.21 36.96 -55.33
N GLU B 458 2.76 37.34 -56.53
CA GLU B 458 3.51 37.11 -57.77
C GLU B 458 3.51 38.43 -58.54
N LYS B 459 4.46 39.29 -58.25
CA LYS B 459 4.59 40.56 -58.95
C LYS B 459 5.17 40.29 -60.33
N GLY B 460 4.35 39.69 -61.18
CA GLY B 460 4.71 39.49 -62.57
C GLY B 460 3.97 40.46 -63.46
N ASP B 461 4.05 40.26 -64.77
CA ASP B 461 3.31 41.11 -65.70
C ASP B 461 1.86 40.72 -65.82
N GLY B 462 1.56 39.43 -65.76
CA GLY B 462 0.20 38.94 -65.81
C GLY B 462 -0.46 38.99 -64.44
N THR B 463 -1.39 38.07 -64.22
CA THR B 463 -2.08 38.00 -62.94
C THR B 463 -1.19 37.36 -61.88
N ILE B 464 -1.72 37.31 -60.67
CA ILE B 464 -1.03 36.71 -59.53
C ILE B 464 -1.69 35.39 -59.18
N SER B 465 -0.90 34.52 -58.57
CA SER B 465 -1.35 33.17 -58.21
C SER B 465 -0.49 32.68 -57.05
N ALA B 466 -0.64 31.42 -56.70
CA ALA B 466 0.11 30.86 -55.59
C ALA B 466 0.95 29.68 -56.07
N PRO B 467 2.22 29.63 -55.72
CA PRO B 467 3.05 28.48 -56.08
C PRO B 467 2.65 27.26 -55.25
N ALA B 468 3.27 26.13 -55.58
CA ALA B 468 3.01 24.90 -54.86
C ALA B 468 3.47 25.03 -53.41
N THR B 469 3.07 24.06 -52.60
CA THR B 469 3.44 24.02 -51.19
C THR B 469 4.75 23.24 -51.02
N ARG B 470 5.71 23.90 -50.36
CA ARG B 470 7.06 23.36 -50.26
C ARG B 470 7.10 22.04 -49.50
N ASP B 471 6.05 21.70 -48.76
CA ASP B 471 5.99 20.45 -47.98
C ASP B 471 7.08 20.45 -46.91
N ASP B 472 6.94 21.38 -45.97
CA ASP B 472 7.93 21.62 -44.93
C ASP B 472 7.54 20.93 -43.64
N TRP B 473 8.49 20.21 -43.05
CA TRP B 473 8.27 19.52 -41.79
C TRP B 473 8.23 20.54 -40.66
N GLN B 474 7.41 20.28 -39.65
CA GLN B 474 7.29 21.17 -38.51
C GLN B 474 7.18 20.38 -37.22
N CYS B 475 7.85 20.86 -36.19
CA CYS B 475 7.82 20.24 -34.88
C CYS B 475 7.14 21.16 -33.89
N ASP B 476 6.40 20.57 -32.96
CA ASP B 476 5.69 21.30 -31.92
C ASP B 476 6.32 20.86 -30.61
N VAL B 477 7.40 21.55 -30.23
CA VAL B 477 8.24 21.09 -29.13
C VAL B 477 7.94 21.93 -27.89
N VAL B 478 7.36 21.28 -26.87
CA VAL B 478 7.24 21.88 -25.55
C VAL B 478 8.49 21.52 -24.79
N PHE B 479 9.28 22.53 -24.42
CA PHE B 479 10.57 22.30 -23.80
C PHE B 479 10.76 23.33 -22.70
N SER B 480 11.72 23.04 -21.83
CA SER B 480 12.05 23.92 -20.72
C SER B 480 13.51 24.32 -20.82
N LEU B 481 13.86 25.39 -20.13
CA LEU B 481 15.22 25.90 -20.17
C LEU B 481 15.68 26.19 -18.77
N ILE B 482 16.96 25.96 -18.50
CA ILE B 482 17.54 26.31 -17.23
C ILE B 482 18.83 27.05 -17.55
N LEU B 483 18.76 28.36 -17.65
CA LEU B 483 19.87 29.18 -18.09
C LEU B 483 20.83 29.39 -16.94
N ASN B 484 22.08 29.00 -17.14
CA ASN B 484 23.13 29.21 -16.15
C ASN B 484 23.63 30.64 -16.31
N THR B 485 22.87 31.58 -15.74
CA THR B 485 23.18 33.00 -15.86
C THR B 485 24.15 33.40 -14.77
N ASN B 486 25.02 34.36 -15.10
CA ASN B 486 25.88 34.96 -14.08
C ASN B 486 25.25 36.23 -13.50
N PHE B 487 24.02 36.10 -13.02
CA PHE B 487 23.24 37.25 -12.56
C PHE B 487 22.34 36.77 -11.42
N ALA B 488 22.80 36.95 -10.19
CA ALA B 488 22.03 36.58 -9.00
C ALA B 488 21.36 37.83 -8.45
N GLN B 489 20.26 38.21 -9.09
CA GLN B 489 19.55 39.42 -8.72
C GLN B 489 18.12 39.32 -9.21
N HIS B 490 17.23 40.09 -8.56
CA HIS B 490 15.82 40.09 -8.92
C HIS B 490 15.65 40.59 -10.35
N ILE B 491 15.04 39.76 -11.18
CA ILE B 491 14.93 39.97 -12.62
C ILE B 491 13.45 39.94 -12.99
N ASP B 492 12.63 40.53 -12.13
CA ASP B 492 11.19 40.25 -11.96
C ASP B 492 10.37 40.02 -13.22
N GLN B 493 9.31 39.22 -13.08
CA GLN B 493 8.52 38.67 -14.18
C GLN B 493 8.31 39.61 -15.35
N ASP B 494 7.87 40.84 -15.08
CA ASP B 494 7.43 41.71 -16.16
C ASP B 494 8.52 42.00 -17.18
N THR B 495 9.79 41.93 -16.79
CA THR B 495 10.89 42.07 -17.72
C THR B 495 11.42 40.72 -18.15
N LEU B 496 10.93 39.64 -17.56
CA LEU B 496 11.33 38.30 -17.96
C LEU B 496 10.43 37.76 -19.05
N VAL B 497 9.13 38.00 -18.95
CA VAL B 497 8.17 37.48 -19.90
C VAL B 497 8.16 38.36 -21.14
N THR B 498 8.30 39.66 -20.94
CA THR B 498 8.80 40.50 -22.02
C THR B 498 10.29 40.24 -22.12
N SER B 499 10.90 40.68 -23.21
CA SER B 499 12.31 40.43 -23.44
C SER B 499 12.60 38.93 -23.42
N LEU B 500 11.60 38.16 -23.87
CA LEU B 500 11.68 36.74 -24.05
C LEU B 500 11.31 36.44 -25.50
N PRO B 501 12.23 35.91 -26.31
CA PRO B 501 11.99 35.86 -27.74
C PRO B 501 10.73 35.08 -28.08
N LYS B 502 10.03 35.52 -29.13
CA LYS B 502 8.74 34.97 -29.50
C LYS B 502 8.84 34.01 -30.68
N ARG B 503 9.98 33.35 -30.85
CA ARG B 503 10.10 32.36 -31.91
C ARG B 503 11.34 31.51 -31.67
N LEU B 504 11.20 30.20 -31.83
CA LEU B 504 12.30 29.28 -31.60
C LEU B 504 13.00 28.91 -32.90
N ALA B 505 12.27 28.42 -33.88
CA ALA B 505 12.81 28.34 -35.23
C ALA B 505 11.62 28.54 -36.15
N ARG B 506 11.36 29.79 -36.49
CA ARG B 506 10.17 30.18 -37.23
C ARG B 506 8.89 29.72 -36.52
N GLY B 507 8.98 29.46 -35.22
CA GLY B 507 7.83 28.98 -34.48
C GLY B 507 7.23 30.10 -33.68
N SER B 508 6.41 29.77 -32.69
CA SER B 508 5.82 30.76 -31.80
C SER B 508 6.07 30.27 -30.38
N ALA B 509 7.23 30.61 -29.83
CA ALA B 509 7.60 30.20 -28.49
C ALA B 509 6.83 31.04 -27.49
N LYS B 510 6.03 30.38 -26.65
CA LYS B 510 5.20 31.09 -25.69
C LYS B 510 5.18 30.34 -24.38
N ILE B 511 5.46 31.05 -23.32
CA ILE B 511 5.28 30.52 -21.98
C ILE B 511 3.85 30.82 -21.56
N ALA B 512 3.16 29.82 -21.03
CA ALA B 512 1.79 30.02 -20.59
C ALA B 512 1.74 31.11 -19.54
N ILE B 513 0.57 31.77 -19.45
CA ILE B 513 0.44 32.91 -18.55
C ILE B 513 0.53 32.47 -17.11
N ASP B 514 -0.06 31.31 -16.78
CA ASP B 514 0.06 30.82 -15.42
C ASP B 514 1.41 30.16 -15.15
N ASP B 515 2.18 29.86 -16.18
CA ASP B 515 3.55 29.40 -16.01
C ASP B 515 4.52 30.55 -15.84
N PHE B 516 4.01 31.77 -15.76
CA PHE B 516 4.87 32.91 -15.45
C PHE B 516 5.30 32.90 -14.00
N LYS B 517 4.54 32.25 -13.12
CA LYS B 517 4.91 32.17 -11.73
C LYS B 517 6.12 31.29 -11.51
N HIS B 518 6.42 30.39 -12.45
CA HIS B 518 7.54 29.47 -12.32
C HIS B 518 8.83 29.99 -12.96
N ILE B 519 8.85 31.23 -13.45
CA ILE B 519 10.08 31.79 -13.96
C ILE B 519 10.84 32.34 -12.76
N ASN B 520 11.63 31.49 -12.11
CA ASN B 520 12.34 31.86 -10.90
C ASN B 520 13.81 31.55 -11.07
N SER B 521 14.64 32.41 -10.50
CA SER B 521 16.08 32.24 -10.54
C SER B 521 16.54 31.62 -9.23
N PHE B 522 17.10 30.43 -9.31
CA PHE B 522 17.62 29.71 -8.15
C PHE B 522 19.13 29.82 -8.11
N SER B 523 19.70 29.37 -7.00
CA SER B 523 21.14 29.37 -6.82
C SER B 523 21.75 28.04 -7.23
N THR B 524 21.18 26.93 -6.75
CA THR B 524 21.70 25.60 -7.05
C THR B 524 20.91 24.96 -8.16
N LEU B 525 21.55 24.01 -8.84
CA LEU B 525 20.93 23.35 -9.98
C LEU B 525 19.91 22.32 -9.55
N GLU B 526 20.14 21.67 -8.42
CA GLU B 526 19.26 20.57 -8.03
C GLU B 526 17.85 21.06 -7.79
N THR B 527 17.68 22.13 -7.04
CA THR B 527 16.33 22.64 -6.81
C THR B 527 15.75 23.29 -8.05
N ALA B 528 16.58 23.76 -8.98
CA ALA B 528 16.07 24.31 -10.23
C ALA B 528 15.45 23.23 -11.08
N ILE B 529 16.13 22.09 -11.24
CA ILE B 529 15.52 20.98 -11.94
C ILE B 529 14.36 20.40 -11.15
N GLU B 530 14.43 20.47 -9.81
CA GLU B 530 13.28 20.09 -9.00
C GLU B 530 12.08 20.97 -9.27
N SER B 531 12.31 22.23 -9.62
CA SER B 531 11.26 23.23 -9.71
C SER B 531 10.54 23.25 -11.05
N LEU B 532 11.03 22.54 -12.05
CA LEU B 532 10.37 22.52 -13.35
C LEU B 532 8.97 21.94 -13.20
N PRO B 533 7.96 22.53 -13.84
CA PRO B 533 6.58 22.12 -13.54
C PRO B 533 6.26 20.71 -13.99
N ILE B 534 6.61 20.35 -15.21
CA ILE B 534 6.29 19.06 -15.77
C ILE B 534 7.47 18.12 -15.56
N GLU B 535 7.17 16.86 -15.23
CA GLU B 535 8.23 15.94 -14.86
C GLU B 535 8.68 15.09 -16.04
N ALA B 536 7.76 14.66 -16.88
CA ALA B 536 8.09 13.77 -17.99
C ALA B 536 8.82 14.56 -19.07
N GLY B 537 10.13 14.38 -19.15
CA GLY B 537 10.93 15.09 -20.13
C GLY B 537 12.28 14.43 -20.29
N ARG B 538 13.10 15.01 -21.15
CA ARG B 538 14.44 14.50 -21.40
C ARG B 538 15.41 15.66 -21.50
N TRP B 539 16.60 15.49 -20.97
CA TRP B 539 17.65 16.48 -21.10
C TRP B 539 18.52 16.17 -22.31
N LEU B 540 18.98 17.21 -22.98
CA LEU B 540 19.66 17.07 -24.26
C LEU B 540 21.16 17.19 -24.06
N SER B 541 21.91 16.27 -24.66
CA SER B 541 23.36 16.26 -24.57
C SER B 541 23.92 15.54 -25.76
N LEU B 542 25.09 15.95 -26.20
CA LEU B 542 25.68 15.32 -27.36
C LEU B 542 25.97 13.85 -27.07
N TYR B 543 26.23 13.12 -28.14
CA TYR B 543 26.58 11.71 -28.08
C TYR B 543 28.02 11.62 -28.56
N ALA B 544 28.91 11.30 -27.63
CA ALA B 544 30.35 11.48 -27.84
C ALA B 544 30.99 10.40 -28.68
N GLN B 545 30.26 9.34 -29.01
CA GLN B 545 30.85 8.28 -29.82
C GLN B 545 31.05 8.77 -31.25
N SER B 546 31.70 7.96 -32.06
CA SER B 546 32.06 8.38 -33.40
C SER B 546 30.83 8.59 -34.27
N ASN B 547 30.89 9.62 -35.11
CA ASN B 547 29.83 9.94 -36.06
C ASN B 547 30.44 10.25 -37.42
N ASN B 548 31.35 9.40 -37.88
CA ASN B 548 32.07 9.70 -39.11
C ASN B 548 31.14 9.72 -40.32
N ASN B 549 30.36 8.67 -40.53
CA ASN B 549 29.44 8.62 -41.65
C ASN B 549 28.03 8.44 -41.12
N LEU B 550 27.06 8.41 -42.02
CA LEU B 550 25.71 8.09 -41.57
C LEU B 550 25.62 6.67 -41.06
N SER B 551 26.35 5.75 -41.69
CA SER B 551 26.35 4.37 -41.24
C SER B 551 26.74 4.27 -39.78
N ASP B 552 27.70 5.09 -39.34
CA ASP B 552 28.05 5.18 -37.94
C ASP B 552 26.98 5.87 -37.13
N LEU B 553 26.13 6.66 -37.77
CA LEU B 553 25.12 7.41 -37.05
C LEU B 553 23.81 6.63 -36.96
N LEU B 554 23.51 5.83 -37.97
CA LEU B 554 22.31 4.99 -37.91
C LEU B 554 22.52 3.82 -36.97
N ALA B 555 23.64 3.11 -37.10
CA ALA B 555 23.97 2.02 -36.20
C ALA B 555 24.13 2.46 -34.76
N ALA B 556 24.09 3.76 -34.50
CA ALA B 556 23.97 4.27 -33.15
C ALA B 556 22.55 4.68 -32.81
N MET B 557 21.68 4.82 -33.82
CA MET B 557 20.30 5.19 -33.63
C MET B 557 19.33 4.03 -33.73
N THR B 558 19.77 2.88 -34.26
CA THR B 558 18.95 1.68 -34.21
C THR B 558 19.13 0.92 -32.91
N GLU B 559 20.18 1.23 -32.17
CA GLU B 559 20.35 0.71 -30.82
C GLU B 559 19.77 1.66 -29.78
N ASP B 560 20.02 2.95 -29.93
CA ASP B 560 19.42 3.96 -29.08
C ASP B 560 18.18 4.50 -29.77
N HIS B 561 17.01 4.28 -29.16
CA HIS B 561 15.76 4.48 -29.87
C HIS B 561 15.54 5.95 -30.20
N GLN B 562 15.48 6.79 -29.17
CA GLN B 562 15.11 8.20 -29.33
C GLN B 562 16.32 9.11 -29.38
N LEU B 563 17.51 8.56 -29.47
CA LEU B 563 18.67 9.34 -29.85
C LEU B 563 18.33 10.06 -31.14
N MET B 564 18.34 11.39 -31.13
CA MET B 564 17.83 12.15 -32.26
C MET B 564 18.95 13.00 -32.85
N ALA B 565 19.04 12.99 -34.16
CA ALA B 565 20.09 13.75 -34.81
C ALA B 565 19.63 15.19 -34.98
N SER B 566 20.56 16.13 -34.85
CA SER B 566 20.14 17.51 -34.98
C SER B 566 21.30 18.38 -35.43
N CYS B 567 20.96 19.48 -36.08
CA CYS B 567 21.95 20.48 -36.44
C CYS B 567 22.48 21.11 -35.19
N VAL B 568 23.74 20.84 -34.87
CA VAL B 568 24.39 21.33 -33.68
C VAL B 568 25.66 22.00 -34.14
N GLY B 569 25.58 23.26 -34.49
CA GLY B 569 26.78 23.98 -34.90
C GLY B 569 26.79 24.33 -36.36
N TYR B 570 27.92 24.89 -36.79
CA TYR B 570 28.06 25.38 -38.14
C TYR B 570 29.52 25.30 -38.57
N HIS B 571 29.79 24.45 -39.53
CA HIS B 571 31.14 24.27 -40.07
C HIS B 571 31.37 25.32 -41.14
N LEU B 572 32.32 26.21 -40.90
CA LEU B 572 32.54 27.30 -41.84
C LEU B 572 33.18 26.80 -43.12
N LEU B 573 32.95 27.53 -44.20
CA LEU B 573 33.61 27.30 -45.47
C LEU B 573 34.56 28.42 -45.84
N GLU B 574 34.36 29.62 -45.31
CA GLU B 574 35.24 30.74 -45.55
C GLU B 574 35.96 31.12 -44.26
N GLU B 575 37.04 31.84 -44.41
CA GLU B 575 37.50 32.66 -43.31
C GLU B 575 36.56 33.86 -43.22
N PRO B 576 35.96 34.12 -42.08
CA PRO B 576 34.89 35.13 -42.04
C PRO B 576 35.41 36.50 -42.41
N LYS B 577 34.99 37.00 -43.57
CA LYS B 577 35.41 38.30 -44.04
C LYS B 577 34.20 39.20 -44.17
N ASP B 578 34.46 40.50 -44.24
CA ASP B 578 33.39 41.49 -44.27
C ASP B 578 32.85 41.60 -45.68
N LYS B 579 31.64 41.12 -45.89
CA LYS B 579 31.04 41.13 -47.20
C LYS B 579 30.22 42.40 -47.40
N PRO B 580 29.95 42.78 -48.65
CA PRO B 580 29.18 44.00 -48.91
C PRO B 580 27.89 44.08 -48.13
N ASN B 581 27.01 43.12 -48.31
CA ASN B 581 25.77 43.07 -47.55
C ASN B 581 25.82 41.88 -46.59
N SER B 582 25.57 42.15 -45.32
CA SER B 582 25.61 41.12 -44.30
C SER B 582 24.54 41.44 -43.28
N LEU B 583 24.11 40.41 -42.56
CA LEU B 583 23.11 40.61 -41.54
C LEU B 583 23.71 41.40 -40.38
N ARG B 584 23.20 42.60 -40.17
CA ARG B 584 23.62 43.44 -39.06
C ARG B 584 25.09 43.82 -39.15
N GLY B 585 25.64 43.80 -40.36
CA GLY B 585 26.94 44.38 -40.60
C GLY B 585 28.12 43.64 -40.03
N TYR B 586 27.94 42.52 -39.36
CA TYR B 586 29.07 41.75 -38.87
C TYR B 586 29.83 41.14 -40.05
N LYS B 587 30.91 40.42 -39.75
CA LYS B 587 31.61 39.68 -40.80
C LYS B 587 30.74 38.53 -41.27
N HIS B 588 31.01 38.07 -42.49
CA HIS B 588 30.19 37.02 -43.10
C HIS B 588 31.02 35.77 -43.31
N ALA B 589 30.38 34.62 -43.11
CA ALA B 589 31.05 33.34 -43.27
C ALA B 589 30.02 32.31 -43.70
N ILE B 590 30.08 31.87 -44.95
CA ILE B 590 29.16 30.86 -45.44
C ILE B 590 29.52 29.53 -44.81
N ALA B 591 28.58 28.94 -44.11
CA ALA B 591 28.83 27.73 -43.36
C ALA B 591 27.87 26.65 -43.80
N GLU B 592 28.02 25.48 -43.21
CA GLU B 592 27.13 24.36 -43.47
C GLU B 592 26.80 23.68 -42.15
N CYS B 593 25.70 22.96 -42.13
CA CYS B 593 25.22 22.41 -40.88
C CYS B 593 26.12 21.29 -40.40
N ILE B 594 26.36 21.28 -39.09
CA ILE B 594 27.07 20.20 -38.41
C ILE B 594 26.03 19.38 -37.68
N ILE B 595 25.86 18.13 -38.09
CA ILE B 595 24.86 17.25 -37.50
C ILE B 595 25.51 16.45 -36.39
N GLY B 596 24.95 16.50 -35.22
CA GLY B 596 25.43 15.70 -34.11
C GLY B 596 24.29 14.91 -33.52
N LEU B 597 24.61 13.74 -32.99
CA LEU B 597 23.61 12.95 -32.30
C LEU B 597 23.32 13.60 -30.98
N ILE B 598 22.08 13.49 -30.51
CA ILE B 598 21.64 14.16 -29.31
C ILE B 598 20.92 13.17 -28.43
N ASN B 599 21.39 13.05 -27.20
CA ASN B 599 20.98 12.00 -26.27
C ASN B 599 19.77 12.40 -25.47
N SER B 600 19.47 11.57 -24.50
CA SER B 600 18.58 11.88 -23.39
C SER B 600 19.30 11.51 -22.11
N ILE B 601 19.25 12.40 -21.12
CA ILE B 601 19.87 12.13 -19.84
C ILE B 601 18.85 12.42 -18.76
N THR B 602 18.44 11.37 -18.06
CA THR B 602 17.66 11.56 -16.84
C THR B 602 18.60 12.08 -15.76
N PHE B 603 18.20 13.18 -15.15
CA PHE B 603 19.06 13.88 -14.21
C PHE B 603 18.99 13.19 -12.86
N SER B 604 19.91 12.24 -12.64
CA SER B 604 20.12 11.67 -11.32
C SER B 604 21.14 12.51 -10.56
N SER B 605 21.23 12.27 -9.25
CA SER B 605 22.16 13.04 -8.44
C SER B 605 23.61 12.83 -8.90
N GLU B 606 23.91 11.66 -9.43
CA GLU B 606 25.24 11.36 -9.96
C GLU B 606 25.31 11.68 -11.44
N THR B 607 24.94 12.91 -11.79
CA THR B 607 24.97 13.37 -13.17
C THR B 607 25.90 14.56 -13.29
N ASP B 608 26.65 14.60 -14.38
CA ASP B 608 27.54 15.72 -14.65
C ASP B 608 26.73 16.86 -15.24
N PRO B 609 26.57 17.98 -14.54
CA PRO B 609 25.85 19.10 -15.15
C PRO B 609 26.55 19.67 -16.36
N ASN B 610 27.85 19.44 -16.51
CA ASN B 610 28.53 19.94 -17.68
C ASN B 610 28.09 19.21 -18.95
N THR B 611 27.43 18.07 -18.82
CA THR B 611 26.89 17.39 -19.98
C THR B 611 25.51 17.92 -20.36
N ILE B 612 24.72 18.31 -19.36
CA ILE B 612 23.38 18.82 -19.64
C ILE B 612 23.45 20.25 -20.16
N PHE B 613 24.44 21.03 -19.72
CA PHE B 613 24.47 22.45 -20.02
C PHE B 613 25.24 22.69 -21.30
N TRP B 614 24.52 23.12 -22.33
CA TRP B 614 25.10 23.41 -23.61
C TRP B 614 25.74 24.77 -23.60
N SER B 615 26.63 25.02 -24.54
CA SER B 615 27.18 26.34 -24.72
C SER B 615 27.76 26.44 -26.11
N LEU B 616 27.74 27.65 -26.64
CA LEU B 616 28.29 27.87 -27.96
C LEU B 616 29.77 28.15 -27.85
N LYS B 617 30.57 27.29 -28.46
CA LYS B 617 32.01 27.44 -28.48
C LYS B 617 32.45 27.66 -29.91
N ASN B 618 33.30 28.66 -30.10
CA ASN B 618 33.71 29.09 -31.43
C ASN B 618 35.15 28.65 -31.67
N TYR B 619 35.30 27.49 -32.29
CA TYR B 619 36.62 27.16 -32.80
C TYR B 619 36.85 27.91 -34.09
N GLN B 620 38.11 28.03 -34.49
CA GLN B 620 38.45 28.91 -35.58
C GLN B 620 37.71 28.58 -36.86
N ASN B 621 37.54 27.29 -37.14
CA ASN B 621 36.99 26.81 -38.39
C ASN B 621 35.54 26.37 -38.31
N TYR B 622 35.10 25.86 -37.17
CA TYR B 622 33.71 25.53 -37.02
C TYR B 622 33.21 26.06 -35.70
N LEU B 623 31.91 26.21 -35.60
CA LEU B 623 31.31 27.00 -34.54
C LEU B 623 30.13 26.20 -33.99
N VAL B 624 30.31 25.57 -32.83
CA VAL B 624 29.40 24.52 -32.42
C VAL B 624 28.67 24.94 -31.16
N VAL B 625 27.55 24.27 -30.88
CA VAL B 625 26.86 24.41 -29.62
C VAL B 625 26.92 23.07 -28.92
N GLN B 626 27.95 22.87 -28.11
CA GLN B 626 28.19 21.57 -27.52
C GLN B 626 28.10 21.68 -26.01
N PRO B 627 27.84 20.58 -25.32
CA PRO B 627 27.72 20.67 -23.88
C PRO B 627 29.00 21.16 -23.26
N ARG B 628 28.85 21.77 -22.08
CA ARG B 628 30.00 22.25 -21.35
C ARG B 628 31.04 21.15 -21.16
N SER B 629 30.59 19.91 -21.01
CA SER B 629 31.52 18.79 -20.81
C SER B 629 32.28 18.46 -22.08
N ILE B 630 31.58 17.98 -23.09
CA ILE B 630 32.21 17.47 -24.28
C ILE B 630 32.91 18.58 -25.02
N LEU C 4 -23.66 27.38 -69.70
CA LEU C 4 -22.88 27.42 -68.47
C LEU C 4 -21.72 26.45 -68.52
N LYS C 5 -20.54 26.95 -68.81
CA LYS C 5 -19.35 26.11 -68.79
C LYS C 5 -18.84 25.98 -67.36
N LEU C 6 -18.33 24.80 -67.03
CA LEU C 6 -17.94 24.50 -65.66
C LEU C 6 -16.61 25.15 -65.32
N PRO C 7 -16.52 25.95 -64.28
CA PRO C 7 -15.25 26.57 -63.92
C PRO C 7 -14.32 25.58 -63.23
N THR C 8 -13.02 25.83 -63.39
CA THR C 8 -12.03 24.90 -62.88
C THR C 8 -12.01 24.84 -61.37
N ASN C 9 -12.71 25.74 -60.68
CA ASN C 9 -12.86 25.69 -59.24
C ASN C 9 -14.31 26.03 -58.92
N LEU C 10 -15.08 25.03 -58.50
CA LEU C 10 -16.46 25.25 -58.09
C LEU C 10 -16.81 24.16 -57.10
N ALA C 11 -16.96 24.53 -55.84
CA ALA C 11 -17.25 23.58 -54.79
C ALA C 11 -18.45 24.07 -54.00
N TYR C 12 -19.20 23.12 -53.45
CA TYR C 12 -20.25 23.42 -52.51
C TYR C 12 -20.01 22.66 -51.23
N GLU C 13 -20.08 23.36 -50.11
CA GLU C 13 -20.04 22.69 -48.83
C GLU C 13 -21.42 22.10 -48.54
N ARG C 14 -21.43 20.95 -47.88
CA ARG C 14 -22.69 20.25 -47.65
C ARG C 14 -23.51 21.01 -46.62
N SER C 15 -24.82 21.03 -46.83
CA SER C 15 -25.67 21.75 -45.90
C SER C 15 -26.21 20.86 -44.81
N ILE C 16 -26.42 19.58 -45.10
CA ILE C 16 -26.94 18.64 -44.13
C ILE C 16 -25.78 17.84 -43.57
N ASP C 17 -25.35 18.17 -42.36
CA ASP C 17 -24.25 17.49 -41.68
C ASP C 17 -24.79 16.52 -40.65
N PRO C 18 -24.77 15.22 -40.90
CA PRO C 18 -25.21 14.27 -39.89
C PRO C 18 -24.03 13.73 -39.11
N SER C 19 -24.33 13.16 -37.96
CA SER C 19 -23.31 12.59 -37.11
C SER C 19 -23.45 11.08 -37.05
N ASP C 20 -22.46 10.43 -36.46
CA ASP C 20 -22.52 8.98 -36.31
C ASP C 20 -23.71 8.61 -35.46
N VAL C 21 -24.31 7.47 -35.75
CA VAL C 21 -25.45 6.99 -34.98
C VAL C 21 -24.90 6.09 -33.87
N CYS C 22 -24.73 6.66 -32.68
CA CYS C 22 -24.27 5.87 -31.55
C CYS C 22 -25.37 4.94 -31.11
N PHE C 23 -25.02 3.70 -30.80
CA PHE C 23 -25.95 2.69 -30.36
C PHE C 23 -25.84 2.51 -28.85
N PHE C 24 -26.96 2.20 -28.22
CA PHE C 24 -27.01 1.92 -26.80
C PHE C 24 -28.06 0.87 -26.57
N VAL C 25 -27.89 0.08 -25.52
CA VAL C 25 -28.86 -0.92 -25.11
C VAL C 25 -29.52 -0.40 -23.86
N VAL C 26 -30.83 -0.19 -23.94
CA VAL C 26 -31.62 0.25 -22.81
C VAL C 26 -32.16 -0.98 -22.13
N TRP C 27 -31.77 -1.17 -20.88
CA TRP C 27 -32.10 -2.28 -20.01
C TRP C 27 -33.45 -2.03 -19.34
N PRO C 28 -34.13 -3.08 -18.89
CA PRO C 28 -35.45 -2.91 -18.28
C PRO C 28 -35.43 -2.02 -17.05
N ASP C 29 -34.28 -1.78 -16.44
CA ASP C 29 -34.18 -0.80 -15.37
C ASP C 29 -33.82 0.58 -15.90
N ASP C 30 -34.04 0.84 -17.18
CA ASP C 30 -33.84 2.14 -17.79
C ASP C 30 -32.39 2.62 -17.66
N ARG C 31 -31.44 1.70 -17.71
CA ARG C 31 -30.03 2.08 -17.78
C ARG C 31 -29.49 1.74 -19.16
N LYS C 32 -28.66 2.63 -19.68
CA LYS C 32 -28.19 2.55 -21.06
C LYS C 32 -26.73 2.15 -21.06
N THR C 33 -26.44 1.00 -21.62
CA THR C 33 -25.06 0.58 -21.81
C THR C 33 -24.78 0.46 -23.29
N PRO C 34 -23.74 1.09 -23.81
CA PRO C 34 -23.51 1.05 -25.26
C PRO C 34 -23.35 -0.38 -25.76
N LEU C 35 -23.91 -0.63 -26.95
CA LEU C 35 -23.76 -1.93 -27.58
C LEU C 35 -22.29 -2.25 -27.80
N THR C 36 -22.02 -3.52 -28.04
CA THR C 36 -20.65 -3.99 -28.27
C THR C 36 -20.73 -5.24 -29.11
N TYR C 37 -19.78 -5.39 -30.02
CA TYR C 37 -19.72 -6.57 -30.86
C TYR C 37 -18.51 -7.41 -30.52
N ASN C 38 -18.43 -8.59 -31.12
CA ASN C 38 -17.28 -9.47 -30.95
C ASN C 38 -17.04 -10.23 -32.23
N SER C 39 -15.78 -10.52 -32.54
CA SER C 39 -15.46 -11.21 -33.77
C SER C 39 -15.65 -12.71 -33.57
N ARG C 40 -16.77 -13.24 -34.03
CA ARG C 40 -16.98 -14.67 -34.08
C ARG C 40 -16.24 -15.26 -35.27
N THR C 41 -16.13 -16.58 -35.29
CA THR C 41 -15.55 -17.30 -36.41
C THR C 41 -16.54 -18.38 -36.85
N LEU C 42 -16.88 -18.36 -38.13
CA LEU C 42 -17.91 -19.22 -38.68
C LEU C 42 -17.28 -20.35 -39.48
N LEU C 43 -18.02 -21.43 -39.62
CA LEU C 43 -17.65 -22.52 -40.50
C LEU C 43 -18.67 -22.52 -41.64
N GLY C 44 -18.38 -21.74 -42.67
CA GLY C 44 -19.22 -21.74 -43.85
C GLY C 44 -18.91 -22.95 -44.71
N GLN C 45 -19.64 -23.05 -45.82
CA GLN C 45 -19.38 -24.08 -46.81
C GLN C 45 -18.64 -23.46 -47.99
N MET C 46 -18.16 -24.34 -48.87
CA MET C 46 -17.62 -23.86 -50.14
C MET C 46 -18.78 -23.43 -51.02
N GLU C 47 -19.11 -22.15 -50.98
CA GLU C 47 -20.34 -21.64 -51.56
C GLU C 47 -20.13 -20.94 -52.89
N ALA C 48 -19.02 -20.25 -53.07
CA ALA C 48 -18.83 -19.42 -54.24
C ALA C 48 -18.81 -20.27 -55.51
N ALA C 49 -19.37 -19.72 -56.58
CA ALA C 49 -19.32 -20.42 -57.86
C ALA C 49 -17.90 -20.54 -58.38
N SER C 50 -17.02 -19.66 -57.95
CA SER C 50 -15.64 -19.70 -58.40
C SER C 50 -14.91 -20.93 -57.92
N LEU C 51 -15.39 -21.56 -56.84
CA LEU C 51 -14.69 -22.72 -56.30
C LEU C 51 -14.94 -23.96 -57.14
N ALA C 52 -16.20 -24.23 -57.46
CA ALA C 52 -16.54 -25.42 -58.22
C ALA C 52 -16.54 -25.19 -59.73
N TYR C 53 -16.88 -24.00 -60.17
CA TYR C 53 -17.03 -23.71 -61.58
C TYR C 53 -15.89 -22.84 -62.08
N ASP C 54 -15.39 -23.16 -63.26
CA ASP C 54 -14.45 -22.30 -63.97
C ASP C 54 -15.24 -21.28 -64.78
N VAL C 55 -14.54 -20.34 -65.40
CA VAL C 55 -15.20 -19.38 -66.28
C VAL C 55 -15.93 -20.12 -67.40
N SER C 56 -16.96 -19.46 -67.93
CA SER C 56 -17.85 -20.03 -68.94
C SER C 56 -18.63 -21.22 -68.40
N GLY C 57 -18.72 -21.33 -67.08
CA GLY C 57 -19.52 -22.36 -66.45
C GLY C 57 -19.07 -23.78 -66.74
N GLN C 58 -17.83 -24.10 -66.37
CA GLN C 58 -17.30 -25.44 -66.55
C GLN C 58 -16.82 -25.96 -65.21
N PRO C 59 -17.38 -27.06 -64.70
CA PRO C 59 -16.97 -27.55 -63.38
C PRO C 59 -15.50 -27.90 -63.35
N ILE C 60 -14.82 -27.42 -62.31
CA ILE C 60 -13.40 -27.66 -62.16
C ILE C 60 -13.18 -29.12 -61.77
N LYS C 61 -12.17 -29.74 -62.39
CA LYS C 61 -11.94 -31.16 -62.15
C LYS C 61 -11.30 -31.41 -60.79
N SER C 62 -10.64 -30.41 -60.21
CA SER C 62 -10.07 -30.56 -58.88
C SER C 62 -11.12 -30.36 -57.80
N ALA C 63 -12.09 -29.48 -58.03
CA ALA C 63 -13.15 -29.23 -57.05
C ALA C 63 -14.11 -30.42 -57.08
N THR C 64 -13.72 -31.47 -56.37
CA THR C 64 -14.49 -32.69 -56.32
C THR C 64 -15.52 -32.59 -55.19
N ALA C 65 -16.29 -33.66 -54.99
CA ALA C 65 -17.26 -33.68 -53.91
C ALA C 65 -16.60 -33.61 -52.54
N GLU C 66 -15.33 -33.96 -52.45
CA GLU C 66 -14.60 -33.84 -51.20
C GLU C 66 -13.96 -32.48 -51.02
N ALA C 67 -13.72 -31.75 -52.10
CA ALA C 67 -13.14 -30.42 -51.99
C ALA C 67 -14.18 -29.38 -51.59
N LEU C 68 -15.33 -29.37 -52.25
CA LEU C 68 -16.44 -28.54 -51.82
C LEU C 68 -17.00 -28.98 -50.49
N ALA C 69 -16.61 -30.15 -50.01
CA ALA C 69 -17.10 -30.66 -48.73
C ALA C 69 -16.50 -29.87 -47.57
N GLN C 70 -15.23 -29.51 -47.67
CA GLN C 70 -14.53 -28.87 -46.57
C GLN C 70 -15.12 -27.50 -46.29
N GLY C 71 -15.60 -27.30 -45.07
CA GLY C 71 -16.05 -25.98 -44.68
C GLY C 71 -14.89 -25.03 -44.52
N ASN C 72 -15.18 -23.76 -44.70
CA ASN C 72 -14.11 -22.81 -44.55
C ASN C 72 -14.37 -21.88 -43.37
N PRO C 73 -13.34 -21.52 -42.62
CA PRO C 73 -13.51 -20.58 -41.52
C PRO C 73 -13.60 -19.17 -42.04
N HIS C 74 -14.38 -18.35 -41.34
CA HIS C 74 -14.59 -16.96 -41.75
C HIS C 74 -14.85 -16.12 -40.51
N GLN C 75 -13.95 -15.20 -40.22
CA GLN C 75 -14.12 -14.35 -39.05
C GLN C 75 -15.03 -13.19 -39.39
N VAL C 76 -16.05 -12.98 -38.57
CA VAL C 76 -17.02 -11.92 -38.79
C VAL C 76 -17.31 -11.23 -37.47
N ASP C 77 -17.36 -9.91 -37.50
CA ASP C 77 -17.83 -9.17 -36.34
C ASP C 77 -19.32 -9.42 -36.19
N PHE C 78 -19.75 -9.73 -34.98
CA PHE C 78 -21.13 -10.03 -34.69
C PHE C 78 -21.59 -9.08 -33.60
N CYS C 79 -22.63 -8.30 -33.89
CA CYS C 79 -23.29 -7.45 -32.92
C CYS C 79 -24.73 -7.91 -32.83
N HIS C 80 -25.29 -7.89 -31.63
CA HIS C 80 -26.67 -8.28 -31.41
C HIS C 80 -27.14 -7.71 -30.10
N VAL C 81 -28.45 -7.55 -29.98
CA VAL C 81 -29.02 -7.01 -28.75
C VAL C 81 -28.85 -8.04 -27.64
N PRO C 82 -28.24 -7.69 -26.52
CA PRO C 82 -28.11 -8.64 -25.41
C PRO C 82 -29.47 -9.18 -24.98
N TYR C 83 -29.42 -10.22 -24.14
CA TYR C 83 -30.62 -10.98 -23.87
C TYR C 83 -31.65 -10.16 -23.13
N GLY C 84 -31.33 -9.73 -21.91
CA GLY C 84 -32.33 -9.09 -21.10
C GLY C 84 -32.67 -7.67 -21.47
N ALA C 85 -32.22 -7.21 -22.64
CA ALA C 85 -32.35 -5.80 -22.99
C ALA C 85 -33.81 -5.44 -23.24
N SER C 86 -34.21 -4.27 -22.75
CA SER C 86 -35.55 -3.76 -23.04
C SER C 86 -35.65 -3.37 -24.51
N HIS C 87 -34.75 -2.51 -24.97
CA HIS C 87 -34.71 -2.15 -26.38
C HIS C 87 -33.33 -1.57 -26.68
N ILE C 88 -33.19 -0.99 -27.88
CA ILE C 88 -31.93 -0.41 -28.29
C ILE C 88 -32.19 1.02 -28.75
N GLU C 89 -31.48 1.96 -28.16
CA GLU C 89 -31.58 3.37 -28.48
C GLU C 89 -30.48 3.76 -29.45
N CYS C 90 -30.78 4.70 -30.34
CA CYS C 90 -29.88 5.08 -31.41
C CYS C 90 -29.89 6.60 -31.50
N SER C 91 -28.79 7.23 -31.13
CA SER C 91 -28.73 8.68 -30.99
C SER C 91 -27.82 9.27 -32.03
N PHE C 92 -28.27 10.37 -32.66
CA PHE C 92 -27.36 11.14 -33.49
C PHE C 92 -27.91 12.54 -33.63
N SER C 93 -27.16 13.41 -34.30
CA SER C 93 -27.53 14.80 -34.44
C SER C 93 -27.23 15.24 -35.85
N VAL C 94 -28.25 15.75 -36.53
CA VAL C 94 -28.14 16.16 -37.92
C VAL C 94 -28.46 17.63 -38.01
N SER C 95 -27.56 18.39 -38.60
CA SER C 95 -27.69 19.84 -38.64
C SER C 95 -27.86 20.30 -40.06
N PHE C 96 -29.01 20.87 -40.35
CA PHE C 96 -29.21 21.56 -41.61
C PHE C 96 -28.61 22.95 -41.47
N SER C 97 -27.99 23.44 -42.52
CA SER C 97 -27.50 24.80 -42.55
C SER C 97 -27.66 25.34 -43.96
N SER C 98 -27.50 26.65 -44.10
CA SER C 98 -27.67 27.28 -45.40
C SER C 98 -26.31 27.54 -46.03
N GLU C 99 -25.58 26.45 -46.25
CA GLU C 99 -24.29 26.51 -46.93
C GLU C 99 -24.43 26.26 -48.41
N LEU C 100 -25.65 26.32 -48.93
CA LEU C 100 -25.91 26.13 -50.35
C LEU C 100 -26.21 27.43 -51.07
N ARG C 101 -26.37 28.54 -50.35
CA ARG C 101 -26.64 29.82 -50.99
C ARG C 101 -25.51 30.20 -51.93
N GLN C 102 -24.36 30.43 -51.41
CA GLN C 102 -23.25 30.76 -52.29
C GLN C 102 -22.22 29.63 -52.27
N PRO C 103 -21.63 29.33 -53.41
CA PRO C 103 -20.66 28.24 -53.46
C PRO C 103 -19.51 28.47 -52.50
N TYR C 104 -19.04 27.37 -51.92
CA TYR C 104 -17.90 27.47 -51.02
C TYR C 104 -16.64 27.89 -51.76
N LYS C 105 -16.55 27.58 -53.04
CA LYS C 105 -15.46 28.05 -53.86
C LYS C 105 -15.97 28.18 -55.28
N CYS C 106 -15.68 29.30 -55.92
CA CYS C 106 -16.12 29.48 -57.30
C CYS C 106 -15.29 30.57 -57.93
N ASN C 107 -14.36 30.19 -58.81
CA ASN C 107 -13.39 31.17 -59.25
C ASN C 107 -14.01 32.23 -60.14
N SER C 108 -14.94 31.84 -61.01
CA SER C 108 -15.52 32.77 -61.97
C SER C 108 -16.87 33.27 -61.45
N SER C 109 -16.99 34.59 -61.34
CA SER C 109 -18.17 35.19 -60.72
C SER C 109 -19.43 35.04 -61.55
N LYS C 110 -19.31 34.79 -62.86
CA LYS C 110 -20.49 34.59 -63.68
C LYS C 110 -21.26 33.37 -63.22
N VAL C 111 -20.58 32.23 -63.11
CA VAL C 111 -21.25 31.02 -62.65
C VAL C 111 -21.55 31.05 -61.17
N LYS C 112 -20.86 31.90 -60.40
CA LYS C 112 -21.25 32.06 -59.01
C LYS C 112 -22.57 32.80 -58.89
N GLN C 113 -22.72 33.88 -59.64
CA GLN C 113 -23.95 34.66 -59.53
C GLN C 113 -25.11 33.96 -60.19
N THR C 114 -24.88 33.24 -61.29
CA THR C 114 -25.96 32.51 -61.94
C THR C 114 -26.41 31.30 -61.13
N LEU C 115 -25.70 30.95 -60.07
CA LEU C 115 -26.10 29.88 -59.17
C LEU C 115 -26.70 30.41 -57.88
N VAL C 116 -26.13 31.48 -57.32
CA VAL C 116 -26.75 32.08 -56.15
C VAL C 116 -28.06 32.75 -56.53
N GLN C 117 -28.24 33.10 -57.81
CA GLN C 117 -29.53 33.56 -58.29
C GLN C 117 -30.46 32.40 -58.58
N LEU C 118 -29.90 31.30 -59.09
CA LEU C 118 -30.68 30.09 -59.31
C LEU C 118 -31.34 29.62 -58.02
N VAL C 119 -30.58 29.61 -56.92
CA VAL C 119 -31.11 29.06 -55.68
C VAL C 119 -32.19 29.98 -55.11
N GLU C 120 -32.03 31.29 -55.25
CA GLU C 120 -33.04 32.18 -54.68
C GLU C 120 -34.30 32.22 -55.53
N LEU C 121 -34.14 32.15 -56.85
CA LEU C 121 -35.33 32.00 -57.70
C LEU C 121 -36.04 30.68 -57.43
N TYR C 122 -35.29 29.61 -57.18
CA TYR C 122 -35.91 28.37 -56.73
C TYR C 122 -36.74 28.61 -55.49
N GLU C 123 -36.09 29.07 -54.42
CA GLU C 123 -36.79 29.34 -53.17
C GLU C 123 -38.05 30.18 -53.37
N THR C 124 -37.99 31.19 -54.22
CA THR C 124 -39.16 32.06 -54.40
C THR C 124 -40.28 31.37 -55.16
N LYS C 125 -40.00 30.82 -56.34
CA LYS C 125 -41.09 30.24 -57.11
C LYS C 125 -41.49 28.87 -56.58
N ILE C 126 -40.53 28.00 -56.33
CA ILE C 126 -40.80 26.64 -55.84
C ILE C 126 -40.22 26.51 -54.45
N GLY C 127 -41.08 26.60 -53.43
CA GLY C 127 -40.61 26.69 -52.07
C GLY C 127 -39.81 25.48 -51.64
N TRP C 128 -39.09 25.66 -50.53
CA TRP C 128 -38.24 24.60 -50.01
C TRP C 128 -39.03 23.46 -49.36
N THR C 129 -40.34 23.59 -49.25
CA THR C 129 -41.17 22.57 -48.61
C THR C 129 -41.23 21.27 -49.38
N GLU C 130 -40.54 21.16 -50.51
CA GLU C 130 -40.48 19.88 -51.22
C GLU C 130 -39.21 19.13 -50.88
N LEU C 131 -38.07 19.83 -50.88
CA LEU C 131 -36.84 19.19 -50.46
C LEU C 131 -36.76 19.06 -48.95
N ALA C 132 -37.23 20.07 -48.22
CA ALA C 132 -37.21 19.98 -46.76
C ALA C 132 -38.10 18.84 -46.28
N THR C 133 -39.26 18.66 -46.90
CA THR C 133 -40.15 17.59 -46.47
C THR C 133 -39.56 16.23 -46.74
N ARG C 134 -38.94 16.04 -47.91
CA ARG C 134 -38.35 14.75 -48.20
C ARG C 134 -37.13 14.48 -47.32
N TYR C 135 -36.33 15.50 -47.05
CA TYR C 135 -35.18 15.31 -46.17
C TYR C 135 -35.62 14.99 -44.76
N LEU C 136 -36.75 15.55 -44.32
CA LEU C 136 -37.21 15.33 -42.97
C LEU C 136 -37.99 14.03 -42.84
N MET C 137 -38.57 13.53 -43.92
CA MET C 137 -39.27 12.26 -43.85
C MET C 137 -38.29 11.12 -43.60
N ASN C 138 -37.09 11.20 -44.16
CA ASN C 138 -36.07 10.19 -43.88
C ASN C 138 -35.53 10.31 -42.47
N ILE C 139 -35.57 11.50 -41.88
CA ILE C 139 -35.21 11.64 -40.48
C ILE C 139 -36.28 11.03 -39.59
N CYS C 140 -37.54 11.34 -39.88
CA CYS C 140 -38.65 11.00 -39.02
C CYS C 140 -39.11 9.57 -39.14
N ASN C 141 -39.01 8.95 -40.32
CA ASN C 141 -39.15 7.52 -40.43
C ASN C 141 -37.77 6.91 -40.52
N GLY C 142 -37.57 5.85 -39.73
CA GLY C 142 -36.22 5.33 -39.62
C GLY C 142 -35.69 4.90 -40.96
N LYS C 143 -34.83 5.73 -41.51
CA LYS C 143 -34.10 5.44 -42.74
C LYS C 143 -32.61 5.42 -42.52
N TRP C 144 -32.12 6.22 -41.57
CA TRP C 144 -30.76 6.08 -41.10
C TRP C 144 -30.57 4.78 -40.33
N LEU C 145 -31.63 4.25 -39.76
CA LEU C 145 -31.64 2.87 -39.26
C LEU C 145 -31.85 1.96 -40.45
N TRP C 146 -30.76 1.60 -41.13
CA TRP C 146 -30.89 1.07 -42.49
C TRP C 146 -31.61 -0.27 -42.53
N LYS C 147 -30.98 -1.31 -41.98
CA LYS C 147 -31.55 -2.64 -41.98
C LYS C 147 -32.07 -3.04 -40.62
N ASN C 148 -31.76 -2.26 -39.59
CA ASN C 148 -32.20 -2.60 -38.25
C ASN C 148 -33.70 -2.51 -38.12
N THR C 149 -34.32 -1.57 -38.81
CA THR C 149 -35.76 -1.42 -38.78
C THR C 149 -36.49 -2.46 -39.61
N ARG C 150 -35.76 -3.31 -40.34
CA ARG C 150 -36.41 -4.28 -41.21
C ARG C 150 -37.09 -5.37 -40.39
N LYS C 151 -36.37 -5.96 -39.44
CA LYS C 151 -36.92 -7.00 -38.58
C LYS C 151 -36.97 -6.45 -37.17
N ALA C 152 -38.03 -5.72 -36.87
CA ALA C 152 -38.15 -5.05 -35.59
C ALA C 152 -39.62 -4.84 -35.28
N TYR C 153 -39.96 -4.99 -34.01
CA TYR C 153 -41.35 -4.85 -33.60
C TYR C 153 -41.83 -3.42 -33.80
N CYS C 154 -40.99 -2.45 -33.49
CA CYS C 154 -41.38 -1.05 -33.46
C CYS C 154 -40.13 -0.20 -33.43
N TRP C 155 -40.26 1.05 -33.88
CA TRP C 155 -39.21 2.02 -33.68
C TRP C 155 -39.79 3.41 -33.63
N ASN C 156 -39.39 4.16 -32.61
CA ASN C 156 -39.89 5.51 -32.38
C ASN C 156 -38.76 6.50 -32.58
N ILE C 157 -39.07 7.60 -33.26
CA ILE C 157 -38.12 8.67 -33.52
C ILE C 157 -38.51 9.85 -32.64
N VAL C 158 -37.78 10.08 -31.58
CA VAL C 158 -37.88 11.31 -30.83
C VAL C 158 -36.93 12.30 -31.46
N LEU C 159 -37.32 13.56 -31.49
CA LEU C 159 -36.64 14.55 -32.29
C LEU C 159 -36.66 15.87 -31.55
N THR C 160 -35.48 16.39 -31.23
CA THR C 160 -35.32 17.61 -30.44
C THR C 160 -34.68 18.66 -31.32
N PRO C 161 -35.45 19.58 -31.88
CA PRO C 161 -34.85 20.65 -32.68
C PRO C 161 -34.07 21.60 -31.81
N TRP C 162 -33.03 22.17 -32.38
CA TRP C 162 -32.29 23.10 -31.53
C TRP C 162 -32.97 24.45 -31.45
N PRO C 163 -33.16 25.19 -32.53
CA PRO C 163 -33.77 26.51 -32.32
C PRO C 163 -35.26 26.31 -32.05
N TRP C 164 -35.54 25.69 -30.91
CA TRP C 164 -36.86 25.17 -30.62
C TRP C 164 -37.35 25.75 -29.31
N ASN C 165 -38.67 25.79 -29.18
CA ASN C 165 -39.33 26.49 -28.11
C ASN C 165 -40.21 25.62 -27.23
N GLY C 166 -41.05 24.77 -27.83
CA GLY C 166 -42.00 23.99 -27.08
C GLY C 166 -41.49 22.60 -26.75
N GLU C 167 -42.40 21.63 -26.92
CA GLU C 167 -42.16 20.25 -26.56
C GLU C 167 -41.26 19.57 -27.58
N LYS C 168 -40.99 18.29 -27.37
CA LYS C 168 -40.20 17.51 -28.32
C LYS C 168 -41.13 16.76 -29.26
N VAL C 169 -40.59 16.35 -30.40
CA VAL C 169 -41.40 15.83 -31.50
C VAL C 169 -41.18 14.33 -31.59
N GLY C 170 -42.20 13.56 -31.26
CA GLY C 170 -42.10 12.11 -31.24
C GLY C 170 -42.92 11.47 -32.34
N PHE C 171 -42.36 10.44 -32.95
CA PHE C 171 -43.04 9.62 -33.95
C PHE C 171 -43.03 8.20 -33.46
N GLU C 172 -44.20 7.67 -33.11
CA GLU C 172 -44.31 6.36 -32.48
C GLU C 172 -44.74 5.31 -33.51
N ASP C 173 -44.06 4.16 -33.48
CA ASP C 173 -44.41 2.99 -34.28
C ASP C 173 -44.58 3.37 -35.75
N ILE C 174 -43.46 3.82 -36.32
CA ILE C 174 -43.46 4.26 -37.71
C ILE C 174 -43.76 3.15 -38.69
N ARG C 175 -43.64 1.90 -38.26
CA ARG C 175 -44.01 0.79 -39.13
C ARG C 175 -45.49 0.85 -39.49
N THR C 176 -46.31 1.31 -38.55
CA THR C 176 -47.76 1.32 -38.72
C THR C 176 -48.35 2.71 -38.84
N ASN C 177 -48.00 3.63 -37.94
CA ASN C 177 -48.62 4.95 -37.97
C ASN C 177 -48.08 5.80 -39.12
N TYR C 178 -46.78 6.08 -39.11
CA TYR C 178 -46.20 7.02 -40.05
C TYR C 178 -45.62 6.26 -41.25
N THR C 179 -46.52 5.90 -42.16
CA THR C 179 -46.14 5.19 -43.37
C THR C 179 -46.40 5.98 -44.63
N SER C 180 -46.72 7.27 -44.50
CA SER C 180 -47.00 8.12 -45.65
C SER C 180 -46.52 9.52 -45.36
N ARG C 181 -46.46 10.34 -46.42
CA ARG C 181 -46.15 11.75 -46.21
C ARG C 181 -47.29 12.44 -45.47
N GLN C 182 -48.53 12.11 -45.82
CA GLN C 182 -49.67 12.69 -45.13
C GLN C 182 -49.71 12.26 -43.68
N ASP C 183 -49.33 11.01 -43.40
CA ASP C 183 -49.25 10.56 -42.00
C ASP C 183 -48.24 11.38 -41.21
N PHE C 184 -47.21 11.89 -41.88
CA PHE C 184 -46.30 12.80 -41.21
C PHE C 184 -46.92 14.17 -41.04
N LYS C 185 -47.52 14.71 -42.11
CA LYS C 185 -48.16 16.02 -42.05
C LYS C 185 -49.29 16.07 -41.04
N ASN C 186 -49.90 14.92 -40.73
CA ASN C 186 -50.93 14.89 -39.69
C ASN C 186 -50.36 15.17 -38.31
N ASN C 187 -49.05 15.10 -38.12
CA ASN C 187 -48.46 15.38 -36.83
C ASN C 187 -48.66 16.86 -36.47
N LYS C 188 -48.86 17.11 -35.19
CA LYS C 188 -49.11 18.47 -34.71
C LYS C 188 -47.89 19.36 -34.84
N ASN C 189 -46.69 18.78 -34.94
CA ASN C 189 -45.46 19.54 -34.99
C ASN C 189 -44.74 19.41 -36.32
N TRP C 190 -45.33 18.70 -37.29
CA TRP C 190 -44.59 18.44 -38.52
C TRP C 190 -44.36 19.71 -39.33
N SER C 191 -45.39 20.53 -39.48
CA SER C 191 -45.25 21.76 -40.24
C SER C 191 -44.33 22.74 -39.54
N ALA C 192 -44.39 22.77 -38.20
CA ALA C 192 -43.49 23.61 -37.43
C ALA C 192 -42.03 23.20 -37.58
N ILE C 193 -41.78 21.96 -38.02
CA ILE C 193 -40.41 21.52 -38.26
C ILE C 193 -40.02 21.74 -39.71
N VAL C 194 -40.93 21.51 -40.65
CA VAL C 194 -40.63 21.78 -42.04
C VAL C 194 -40.34 23.26 -42.25
N GLU C 195 -41.06 24.12 -41.54
CA GLU C 195 -40.78 25.55 -41.65
C GLU C 195 -39.43 25.90 -41.04
N MET C 196 -39.05 25.22 -39.96
CA MET C 196 -37.72 25.43 -39.38
C MET C 196 -36.63 25.02 -40.35
N ILE C 197 -36.83 23.92 -41.07
CA ILE C 197 -35.83 23.47 -42.02
C ILE C 197 -35.75 24.45 -43.19
N LYS C 198 -36.89 24.87 -43.73
CA LYS C 198 -36.86 25.78 -44.86
C LYS C 198 -36.42 27.18 -44.45
N THR C 199 -36.45 27.51 -43.17
CA THR C 199 -35.81 28.73 -42.70
C THR C 199 -34.31 28.52 -42.56
N ALA C 200 -33.89 27.33 -42.13
CA ALA C 200 -32.48 27.01 -42.11
C ALA C 200 -31.87 27.02 -43.49
N PHE C 201 -32.66 26.71 -44.52
CA PHE C 201 -32.16 26.77 -45.90
C PHE C 201 -32.23 28.17 -46.49
N SER C 202 -33.11 29.02 -45.98
CA SER C 202 -33.35 30.34 -46.55
C SER C 202 -32.44 31.41 -45.96
N SER C 203 -32.38 31.48 -44.63
CA SER C 203 -31.60 32.51 -43.97
C SER C 203 -30.12 32.34 -44.31
N THR C 204 -29.47 33.46 -44.61
CA THR C 204 -28.10 33.44 -45.13
C THR C 204 -27.08 32.94 -44.13
N ASP C 205 -27.46 32.75 -42.87
CA ASP C 205 -26.54 32.25 -41.86
C ASP C 205 -27.15 31.19 -40.98
N GLY C 206 -28.47 31.10 -40.95
CA GLY C 206 -29.15 30.30 -39.96
C GLY C 206 -28.91 28.81 -40.16
N LEU C 207 -29.25 28.05 -39.13
CA LEU C 207 -29.16 26.60 -39.19
C LEU C 207 -30.23 26.03 -38.30
N ALA C 208 -30.47 24.74 -38.46
CA ALA C 208 -31.42 24.01 -37.65
C ALA C 208 -30.78 22.68 -37.28
N ILE C 209 -30.33 22.55 -36.04
CA ILE C 209 -29.77 21.31 -35.57
C ILE C 209 -30.90 20.49 -35.00
N PHE C 210 -30.99 19.25 -35.40
CA PHE C 210 -31.90 18.30 -34.79
C PHE C 210 -31.07 17.28 -34.06
N GLU C 211 -31.54 16.86 -32.89
CA GLU C 211 -30.98 15.71 -32.22
C GLU C 211 -32.02 14.60 -32.26
N VAL C 212 -31.71 13.55 -33.00
CA VAL C 212 -32.63 12.46 -33.23
C VAL C 212 -32.25 11.33 -32.29
N ARG C 213 -33.27 10.60 -31.83
CA ARG C 213 -33.07 9.50 -30.90
C ARG C 213 -34.15 8.46 -31.16
N ALA C 214 -33.73 7.26 -31.56
CA ALA C 214 -34.68 6.22 -31.95
C ALA C 214 -34.66 5.11 -30.92
N THR C 215 -35.82 4.79 -30.38
CA THR C 215 -35.97 3.61 -29.54
C THR C 215 -36.50 2.50 -30.44
N LEU C 216 -35.67 1.50 -30.65
CA LEU C 216 -35.92 0.41 -31.59
C LEU C 216 -36.10 -0.87 -30.80
N HIS C 217 -37.23 -1.52 -30.97
CA HIS C 217 -37.58 -2.74 -30.23
C HIS C 217 -37.34 -3.92 -31.16
N LEU C 218 -36.19 -4.49 -31.06
CA LEU C 218 -35.87 -5.68 -31.83
C LEU C 218 -36.31 -6.92 -31.08
N PRO C 219 -36.42 -8.06 -31.75
CA PRO C 219 -36.73 -9.30 -31.03
C PRO C 219 -35.58 -9.80 -30.20
N THR C 220 -35.73 -10.98 -29.60
CA THR C 220 -34.75 -11.52 -28.67
C THR C 220 -33.43 -11.80 -29.40
N ASN C 221 -32.33 -11.33 -28.82
CA ASN C 221 -30.99 -11.54 -29.37
C ASN C 221 -30.87 -11.06 -30.81
N ALA C 222 -31.72 -10.14 -31.22
CA ALA C 222 -31.80 -9.78 -32.62
C ALA C 222 -30.51 -9.14 -33.09
N MET C 223 -30.09 -9.49 -34.29
CA MET C 223 -28.83 -9.02 -34.83
C MET C 223 -28.96 -7.55 -35.21
N VAL C 224 -28.02 -6.76 -34.76
CA VAL C 224 -27.94 -5.36 -35.18
C VAL C 224 -26.90 -5.26 -36.28
N ARG C 225 -27.23 -4.49 -37.33
CA ARG C 225 -26.35 -4.35 -38.49
C ARG C 225 -25.75 -2.95 -38.50
N PRO C 226 -24.66 -2.73 -37.81
CA PRO C 226 -24.00 -1.43 -37.92
C PRO C 226 -23.17 -1.37 -39.18
N SER C 227 -22.69 -0.18 -39.53
CA SER C 227 -21.94 -0.02 -40.75
C SER C 227 -20.64 -0.81 -40.70
N GLN C 228 -20.24 -1.37 -41.84
CA GLN C 228 -18.97 -2.06 -41.95
C GLN C 228 -17.91 -1.11 -42.48
N VAL C 229 -16.65 -1.53 -42.33
CA VAL C 229 -15.54 -0.71 -42.72
C VAL C 229 -15.10 -1.10 -44.13
N PHE C 230 -14.32 -0.25 -44.76
CA PHE C 230 -13.75 -0.54 -46.05
C PHE C 230 -12.38 -1.19 -45.88
N THR C 231 -12.06 -2.12 -46.77
CA THR C 231 -10.75 -2.76 -46.77
C THR C 231 -9.69 -1.87 -47.42
N ASN C 245 -11.04 -9.71 -40.89
CA ASN C 245 -12.31 -10.42 -40.79
C ASN C 245 -13.07 -10.30 -42.10
N SER C 246 -14.14 -11.08 -42.22
CA SER C 246 -15.01 -10.98 -43.38
C SER C 246 -16.02 -9.85 -43.24
N ARG C 247 -16.22 -9.34 -42.02
CA ARG C 247 -17.18 -8.28 -41.78
C ARG C 247 -16.71 -7.53 -40.55
N VAL C 248 -16.11 -6.37 -40.76
CA VAL C 248 -15.52 -5.58 -39.70
C VAL C 248 -16.45 -4.39 -39.44
N PHE C 249 -16.99 -4.30 -38.23
CA PHE C 249 -17.94 -3.26 -37.94
C PHE C 249 -17.25 -1.95 -37.62
N GLN C 250 -17.81 -0.89 -38.16
CA GLN C 250 -17.32 0.47 -37.92
C GLN C 250 -17.79 0.89 -36.55
N SER C 251 -16.86 1.36 -35.71
CA SER C 251 -17.18 1.55 -34.31
C SER C 251 -16.46 2.76 -33.74
N THR C 252 -17.04 3.31 -32.67
CA THR C 252 -16.46 4.38 -31.89
C THR C 252 -16.24 3.87 -30.47
N THR C 253 -15.90 4.77 -29.56
CA THR C 253 -15.59 4.42 -28.19
C THR C 253 -16.53 5.19 -27.25
N ILE C 254 -17.55 4.51 -26.75
CA ILE C 254 -18.50 5.11 -25.82
C ILE C 254 -18.19 4.56 -24.44
N ASP C 255 -18.06 5.45 -23.46
CA ASP C 255 -17.75 5.08 -22.09
C ASP C 255 -16.51 4.20 -22.00
N GLY C 256 -15.56 4.41 -22.91
CA GLY C 256 -14.34 3.65 -22.90
C GLY C 256 -14.43 2.26 -23.47
N GLU C 257 -15.56 1.88 -24.06
CA GLU C 257 -15.70 0.59 -24.70
C GLU C 257 -16.17 0.78 -26.13
N ARG C 258 -15.69 -0.06 -27.03
CA ARG C 258 -16.02 0.12 -28.43
C ARG C 258 -17.46 -0.27 -28.68
N SER C 259 -18.18 0.63 -29.36
CA SER C 259 -19.57 0.47 -29.66
C SER C 259 -19.73 0.59 -31.16
N PRO C 260 -20.42 -0.34 -31.80
CA PRO C 260 -20.61 -0.26 -33.25
C PRO C 260 -21.54 0.88 -33.60
N ILE C 261 -21.25 1.53 -34.72
CA ILE C 261 -21.97 2.72 -35.13
C ILE C 261 -22.36 2.59 -36.58
N LEU C 262 -23.41 3.33 -36.95
CA LEU C 262 -23.67 3.64 -38.34
C LEU C 262 -22.96 4.94 -38.66
N GLY C 263 -22.03 4.89 -39.60
CA GLY C 263 -21.14 6.00 -39.83
C GLY C 263 -21.88 7.28 -40.17
N ALA C 264 -21.13 8.38 -40.16
CA ALA C 264 -21.73 9.66 -40.47
C ALA C 264 -22.20 9.72 -41.91
N PHE C 265 -21.42 9.17 -42.83
CA PHE C 265 -21.77 9.24 -44.23
C PHE C 265 -22.83 8.24 -44.61
N LYS C 266 -22.90 7.10 -43.92
CA LYS C 266 -24.03 6.21 -44.10
C LYS C 266 -25.33 6.90 -43.70
N THR C 267 -25.33 7.60 -42.57
CA THR C 267 -26.51 8.33 -42.14
C THR C 267 -26.84 9.46 -43.10
N GLY C 268 -25.83 10.15 -43.61
CA GLY C 268 -26.09 11.17 -44.61
C GLY C 268 -26.70 10.61 -45.88
N ALA C 269 -26.18 9.49 -46.36
CA ALA C 269 -26.78 8.83 -47.50
C ALA C 269 -28.21 8.43 -47.21
N ALA C 270 -28.50 8.09 -45.97
CA ALA C 270 -29.86 7.71 -45.60
C ALA C 270 -30.80 8.89 -45.65
N ILE C 271 -30.41 10.02 -45.06
CA ILE C 271 -31.30 11.18 -45.06
C ILE C 271 -31.45 11.76 -46.46
N ALA C 272 -30.48 11.53 -47.33
CA ALA C 272 -30.53 12.07 -48.68
C ALA C 272 -30.93 11.04 -49.72
N THR C 273 -31.73 10.04 -49.34
CA THR C 273 -32.31 9.12 -50.31
C THR C 273 -33.69 9.61 -50.73
N ILE C 274 -33.69 10.78 -51.39
CA ILE C 274 -34.92 11.41 -51.81
C ILE C 274 -35.03 11.53 -53.32
N ASP C 275 -33.99 11.18 -54.07
CA ASP C 275 -33.96 11.42 -55.51
C ASP C 275 -34.85 10.41 -56.21
N ASP C 276 -36.16 10.67 -56.14
CA ASP C 276 -37.15 9.79 -56.81
C ASP C 276 -37.49 10.38 -58.19
N TRP C 277 -37.02 11.59 -58.49
CA TRP C 277 -37.32 12.20 -59.82
C TRP C 277 -36.18 11.89 -60.79
N TYR C 278 -36.35 10.86 -61.61
CA TYR C 278 -35.35 10.49 -62.64
C TYR C 278 -36.03 9.57 -63.65
N PRO C 279 -35.51 9.40 -64.88
CA PRO C 279 -36.13 8.47 -65.84
C PRO C 279 -36.38 7.12 -65.21
N GLU C 280 -37.42 6.45 -65.69
CA GLU C 280 -37.91 5.17 -65.15
C GLU C 280 -37.95 5.20 -63.62
N ALA C 281 -38.53 6.26 -63.07
CA ALA C 281 -38.57 6.45 -61.62
C ALA C 281 -39.36 5.36 -60.91
N THR C 282 -38.70 4.57 -60.08
CA THR C 282 -39.36 3.56 -59.26
C THR C 282 -39.24 3.86 -57.77
N GLU C 283 -38.03 4.01 -57.25
CA GLU C 283 -37.80 4.18 -55.83
C GLU C 283 -36.81 5.30 -55.60
N PRO C 284 -36.85 5.95 -54.43
CA PRO C 284 -35.94 7.07 -54.18
C PRO C 284 -34.49 6.61 -54.13
N LEU C 285 -33.65 7.33 -54.86
CA LEU C 285 -32.22 7.08 -54.89
C LEU C 285 -31.50 8.10 -54.04
N ARG C 286 -30.25 7.80 -53.71
CA ARG C 286 -29.40 8.78 -53.06
C ARG C 286 -29.01 9.85 -54.07
N VAL C 287 -29.14 11.12 -53.66
CA VAL C 287 -28.84 12.22 -54.56
C VAL C 287 -27.37 12.16 -54.94
N GLY C 288 -27.09 12.32 -56.21
CA GLY C 288 -25.73 12.22 -56.70
C GLY C 288 -25.65 12.73 -58.11
N ARG C 289 -24.42 12.99 -58.55
CA ARG C 289 -24.22 13.57 -59.87
C ARG C 289 -24.85 12.70 -60.95
N PHE C 290 -24.56 11.42 -60.92
CA PHE C 290 -25.09 10.45 -61.87
C PHE C 290 -25.82 9.45 -60.99
N GLY C 291 -27.15 9.52 -60.97
CA GLY C 291 -27.89 8.82 -59.93
C GLY C 291 -27.60 7.34 -59.91
N VAL C 292 -26.76 6.91 -58.97
CA VAL C 292 -26.35 5.53 -58.91
C VAL C 292 -27.33 4.75 -58.04
N HIS C 293 -27.57 3.51 -58.43
CA HIS C 293 -28.37 2.58 -57.65
C HIS C 293 -27.47 1.46 -57.20
N ARG C 294 -27.21 1.38 -55.90
CA ARG C 294 -26.41 0.29 -55.38
C ARG C 294 -27.11 -1.06 -55.52
N GLU C 295 -28.44 -1.07 -55.58
CA GLU C 295 -29.16 -2.32 -55.81
C GLU C 295 -28.76 -2.95 -57.13
N ASP C 296 -29.06 -2.28 -58.24
CA ASP C 296 -28.59 -2.69 -59.56
C ASP C 296 -27.59 -1.66 -60.02
N VAL C 297 -26.30 -2.04 -60.03
CA VAL C 297 -25.23 -1.07 -59.98
C VAL C 297 -25.35 0.04 -61.02
N THR C 298 -25.75 -0.30 -62.25
CA THR C 298 -25.79 0.67 -63.34
C THR C 298 -26.56 1.91 -62.91
N CYS C 299 -25.98 3.09 -63.16
CA CYS C 299 -26.51 4.34 -62.67
C CYS C 299 -27.50 4.93 -63.66
N TYR C 300 -28.69 5.28 -63.17
CA TYR C 300 -29.54 6.17 -63.91
C TYR C 300 -28.96 7.58 -63.84
N ARG C 301 -29.54 8.49 -64.60
CA ARG C 301 -28.95 9.81 -64.80
C ARG C 301 -27.52 9.68 -65.31
N HIS C 302 -27.30 8.70 -66.17
CA HIS C 302 -26.04 8.58 -66.85
C HIS C 302 -25.82 9.81 -67.72
N PRO C 303 -24.57 10.20 -67.94
CA PRO C 303 -24.31 11.34 -68.84
C PRO C 303 -24.91 11.16 -70.23
N SER C 304 -25.33 9.94 -70.59
CA SER C 304 -26.03 9.76 -71.86
C SER C 304 -27.38 10.46 -71.83
N THR C 305 -28.24 10.09 -70.89
CA THR C 305 -29.46 10.85 -70.71
C THR C 305 -29.14 12.22 -70.13
N GLY C 306 -30.01 13.18 -70.39
CA GLY C 306 -29.76 14.55 -70.00
C GLY C 306 -30.20 14.86 -68.59
N LYS C 307 -30.28 13.81 -67.77
CA LYS C 307 -30.71 13.92 -66.35
C LYS C 307 -29.46 13.98 -65.46
N ASP C 308 -28.27 13.94 -66.06
CA ASP C 308 -26.99 14.02 -65.30
C ASP C 308 -26.95 15.40 -64.65
N PHE C 309 -26.41 15.48 -63.43
CA PHE C 309 -26.39 16.79 -62.72
C PHE C 309 -25.60 17.80 -63.56
N PHE C 310 -24.49 17.39 -64.15
CA PHE C 310 -23.72 18.33 -64.95
C PHE C 310 -24.46 18.74 -66.22
N SER C 311 -25.34 17.87 -66.72
CA SER C 311 -26.12 18.23 -67.91
C SER C 311 -27.27 19.16 -67.56
N ILE C 312 -27.84 19.03 -66.36
CA ILE C 312 -28.86 19.98 -65.92
C ILE C 312 -28.26 21.18 -65.24
N LEU C 313 -26.95 21.18 -65.00
CA LEU C 313 -26.25 22.38 -64.53
C LEU C 313 -25.74 23.21 -65.70
N GLN C 314 -25.29 22.56 -66.77
CA GLN C 314 -24.96 23.28 -67.99
C GLN C 314 -26.16 24.08 -68.49
N GLN C 315 -27.38 23.67 -68.12
CA GLN C 315 -28.60 24.35 -68.51
C GLN C 315 -29.16 25.22 -67.39
N ALA C 316 -28.29 25.84 -66.60
CA ALA C 316 -28.78 26.58 -65.44
C ALA C 316 -29.36 27.94 -65.83
N GLU C 317 -28.78 28.60 -66.84
CA GLU C 317 -29.36 29.86 -67.31
C GLU C 317 -30.74 29.64 -67.90
N HIS C 318 -30.91 28.53 -68.62
CA HIS C 318 -32.24 28.16 -69.11
C HIS C 318 -33.22 28.04 -67.95
N TYR C 319 -32.86 27.30 -66.91
CA TYR C 319 -33.76 27.17 -65.76
C TYR C 319 -34.05 28.51 -65.11
N ILE C 320 -33.04 29.38 -65.02
CA ILE C 320 -33.25 30.71 -64.46
C ILE C 320 -34.32 31.45 -65.24
N GLU C 321 -34.14 31.56 -66.54
CA GLU C 321 -35.08 32.36 -67.32
C GLU C 321 -36.44 31.68 -67.43
N VAL C 322 -36.49 30.36 -67.25
CA VAL C 322 -37.76 29.65 -67.31
C VAL C 322 -38.57 29.82 -66.04
N LEU C 323 -37.99 29.57 -64.87
CA LEU C 323 -38.73 29.80 -63.64
C LEU C 323 -38.58 31.21 -63.10
N SER C 324 -38.10 32.14 -63.91
CA SER C 324 -38.28 33.55 -63.60
C SER C 324 -39.58 34.10 -64.18
N ALA C 325 -40.16 33.39 -65.14
CA ALA C 325 -41.40 33.83 -65.76
C ALA C 325 -42.58 33.70 -64.79
N ASN C 326 -43.72 34.21 -65.23
CA ASN C 326 -44.91 34.19 -64.39
C ASN C 326 -45.59 32.84 -64.39
N LYS C 327 -45.51 32.12 -65.51
CA LYS C 327 -46.20 30.83 -65.64
C LYS C 327 -45.74 29.86 -64.55
N THR C 328 -46.66 28.97 -64.18
CA THR C 328 -46.28 27.87 -63.31
C THR C 328 -45.40 26.91 -64.09
N PRO C 329 -44.24 26.54 -63.58
CA PRO C 329 -43.31 25.72 -64.35
C PRO C 329 -43.86 24.31 -64.55
N ALA C 330 -43.31 23.62 -65.55
CA ALA C 330 -43.70 22.25 -65.81
C ALA C 330 -43.27 21.35 -64.67
N GLN C 331 -43.77 20.12 -64.69
CA GLN C 331 -43.33 19.15 -63.68
C GLN C 331 -41.97 18.57 -64.04
N GLU C 332 -41.67 18.42 -65.33
CA GLU C 332 -40.36 17.95 -65.73
C GLU C 332 -39.28 18.96 -65.36
N THR C 333 -39.51 20.23 -65.67
CA THR C 333 -38.57 21.28 -65.30
C THR C 333 -38.42 21.37 -63.79
N ILE C 334 -39.52 21.24 -63.06
CA ILE C 334 -39.42 21.39 -61.62
C ILE C 334 -38.75 20.17 -61.00
N ASN C 335 -38.86 18.99 -61.63
CA ASN C 335 -38.12 17.84 -61.13
C ASN C 335 -36.63 17.99 -61.38
N ASP C 336 -36.26 18.48 -62.56
CA ASP C 336 -34.85 18.75 -62.82
C ASP C 336 -34.30 19.78 -61.85
N MET C 337 -35.07 20.82 -61.56
CA MET C 337 -34.69 21.81 -60.57
C MET C 337 -34.58 21.25 -59.16
N HIS C 338 -35.51 20.36 -58.78
CA HIS C 338 -35.43 19.71 -57.48
C HIS C 338 -34.14 18.91 -57.35
N PHE C 339 -33.82 18.12 -58.37
CA PHE C 339 -32.59 17.33 -58.32
C PHE C 339 -31.38 18.23 -58.29
N LEU C 340 -31.41 19.35 -59.03
CA LEU C 340 -30.32 20.30 -59.01
C LEU C 340 -30.09 20.84 -57.61
N MET C 341 -31.15 21.33 -56.97
CA MET C 341 -30.98 21.91 -55.64
C MET C 341 -30.62 20.86 -54.61
N ALA C 342 -31.11 19.63 -54.77
CA ALA C 342 -30.72 18.58 -53.83
C ALA C 342 -29.27 18.22 -54.00
N ASN C 343 -28.76 18.30 -55.23
CA ASN C 343 -27.36 17.98 -55.44
C ASN C 343 -26.45 19.11 -55.01
N LEU C 344 -26.96 20.34 -54.99
CA LEU C 344 -26.25 21.42 -54.33
C LEU C 344 -26.26 21.27 -52.82
N ILE C 345 -27.37 20.78 -52.26
CA ILE C 345 -27.42 20.50 -50.83
C ILE C 345 -26.40 19.45 -50.45
N LYS C 346 -26.28 18.40 -51.26
CA LYS C 346 -25.26 17.40 -51.01
C LYS C 346 -23.86 18.00 -51.00
N GLY C 347 -23.63 19.00 -51.86
CA GLY C 347 -22.35 19.64 -51.96
C GLY C 347 -21.37 18.81 -52.74
N GLY C 348 -20.20 19.39 -52.98
CA GLY C 348 -19.13 18.68 -53.66
C GLY C 348 -18.45 19.50 -54.73
N MET C 349 -17.53 18.88 -55.46
CA MET C 349 -16.77 19.61 -56.47
C MET C 349 -17.46 19.49 -57.82
N PHE C 350 -18.09 20.57 -58.24
CA PHE C 350 -18.67 20.66 -59.58
C PHE C 350 -17.69 21.33 -60.53
N GLN C 351 -16.59 20.66 -60.82
CA GLN C 351 -15.50 21.25 -61.58
C GLN C 351 -14.95 20.23 -62.54
N HIS C 352 -14.12 20.72 -63.47
CA HIS C 352 -13.41 19.86 -64.42
C HIS C 352 -12.12 20.56 -64.78
N LYS C 353 -10.99 19.89 -64.54
CA LYS C 353 -9.68 20.48 -64.80
C LYS C 353 -9.19 20.16 -66.19
N LEU D 4 -29.02 -18.51 -68.88
CA LEU D 4 -28.75 -17.51 -67.86
C LEU D 4 -27.31 -17.57 -67.42
N LYS D 5 -26.47 -16.70 -67.97
CA LYS D 5 -25.08 -16.67 -67.53
C LYS D 5 -24.96 -15.84 -66.26
N LEU D 6 -24.18 -16.35 -65.33
CA LEU D 6 -24.14 -15.79 -63.99
C LEU D 6 -23.51 -14.39 -64.02
N PRO D 7 -24.19 -13.37 -63.52
CA PRO D 7 -23.64 -12.01 -63.57
C PRO D 7 -22.44 -11.86 -62.64
N THR D 8 -21.78 -10.72 -62.79
CA THR D 8 -20.62 -10.43 -61.94
C THR D 8 -21.04 -10.01 -60.54
N ASN D 9 -22.24 -9.47 -60.38
CA ASN D 9 -22.78 -9.11 -59.07
C ASN D 9 -24.19 -9.66 -58.99
N LEU D 10 -24.39 -10.64 -58.10
CA LEU D 10 -25.74 -11.13 -57.79
C LEU D 10 -25.70 -11.65 -56.37
N ALA D 11 -26.23 -10.87 -55.45
CA ALA D 11 -26.31 -11.27 -54.06
C ALA D 11 -27.75 -11.23 -53.61
N TYR D 12 -28.09 -12.14 -52.71
CA TYR D 12 -29.37 -12.11 -52.02
C TYR D 12 -29.13 -11.95 -50.53
N GLU D 13 -29.97 -11.15 -49.89
CA GLU D 13 -29.99 -11.13 -48.45
C GLU D 13 -30.90 -12.25 -47.97
N ARG D 14 -30.54 -12.84 -46.84
CA ARG D 14 -31.28 -13.99 -46.35
C ARG D 14 -32.68 -13.58 -45.91
N SER D 15 -33.56 -14.57 -45.81
CA SER D 15 -34.91 -14.32 -45.32
C SER D 15 -35.12 -14.83 -43.91
N ILE D 16 -34.52 -15.96 -43.56
CA ILE D 16 -34.65 -16.55 -42.23
C ILE D 16 -33.52 -16.01 -41.39
N ASP D 17 -33.82 -15.08 -40.49
CA ASP D 17 -32.80 -14.51 -39.61
C ASP D 17 -33.01 -15.01 -38.19
N PRO D 18 -32.29 -16.04 -37.75
CA PRO D 18 -32.42 -16.52 -36.39
C PRO D 18 -31.36 -15.90 -35.49
N SER D 19 -31.60 -16.01 -34.20
CA SER D 19 -30.73 -15.44 -33.20
C SER D 19 -30.04 -16.55 -32.42
N ASP D 20 -29.09 -16.15 -31.58
CA ASP D 20 -28.39 -17.09 -30.72
C ASP D 20 -29.37 -17.70 -29.75
N VAL D 21 -29.20 -18.98 -29.45
CA VAL D 21 -30.10 -19.69 -28.55
C VAL D 21 -29.56 -19.52 -27.14
N CYS D 22 -30.13 -18.61 -26.37
CA CYS D 22 -29.73 -18.42 -24.98
C CYS D 22 -30.21 -19.60 -24.16
N PHE D 23 -29.35 -20.07 -23.26
CA PHE D 23 -29.64 -21.18 -22.36
C PHE D 23 -29.90 -20.66 -20.97
N PHE D 24 -30.94 -21.20 -20.34
CA PHE D 24 -31.32 -20.82 -18.99
C PHE D 24 -31.61 -22.08 -18.22
N VAL D 25 -31.49 -22.00 -16.91
CA VAL D 25 -31.76 -23.09 -16.00
C VAL D 25 -32.91 -22.65 -15.13
N VAL D 26 -34.05 -23.33 -15.26
CA VAL D 26 -35.24 -22.99 -14.52
C VAL D 26 -35.30 -23.91 -13.32
N TRP D 27 -35.33 -23.32 -12.14
CA TRP D 27 -35.33 -24.03 -10.87
C TRP D 27 -36.75 -24.34 -10.45
N PRO D 28 -36.94 -25.34 -9.60
CA PRO D 28 -38.30 -25.75 -9.21
C PRO D 28 -39.08 -24.66 -8.51
N ASP D 29 -38.43 -23.60 -8.01
CA ASP D 29 -39.14 -22.44 -7.52
C ASP D 29 -39.53 -21.49 -8.64
N ASP D 30 -39.26 -21.88 -9.88
CA ASP D 30 -39.64 -21.11 -11.06
C ASP D 30 -38.89 -19.79 -11.17
N ARG D 31 -37.59 -19.82 -10.89
CA ARG D 31 -36.70 -18.72 -11.22
C ARG D 31 -35.64 -19.22 -12.18
N LYS D 32 -35.21 -18.33 -13.08
CA LYS D 32 -34.30 -18.69 -14.15
C LYS D 32 -32.93 -18.09 -13.89
N THR D 33 -31.89 -18.89 -14.14
CA THR D 33 -30.52 -18.42 -14.09
C THR D 33 -29.76 -18.99 -15.28
N PRO D 34 -29.01 -18.19 -16.02
CA PRO D 34 -28.36 -18.71 -17.21
C PRO D 34 -27.36 -19.82 -16.89
N LEU D 35 -27.20 -20.76 -17.81
CA LEU D 35 -26.18 -21.77 -17.67
C LEU D 35 -24.79 -21.17 -17.62
N THR D 36 -23.84 -21.99 -17.19
CA THR D 36 -22.45 -21.60 -17.10
C THR D 36 -21.59 -22.83 -17.24
N TYR D 37 -20.56 -22.72 -18.05
CA TYR D 37 -19.64 -23.82 -18.31
C TYR D 37 -18.30 -23.50 -17.71
N ASN D 38 -17.56 -24.54 -17.33
CA ASN D 38 -16.25 -24.38 -16.73
C ASN D 38 -15.27 -25.31 -17.43
N SER D 39 -14.04 -24.85 -17.60
CA SER D 39 -13.06 -25.64 -18.33
C SER D 39 -12.46 -26.68 -17.40
N ARG D 40 -12.90 -27.92 -17.55
CA ARG D 40 -12.30 -29.06 -16.89
C ARG D 40 -11.03 -29.45 -17.61
N THR D 41 -10.23 -30.28 -16.97
CA THR D 41 -9.04 -30.86 -17.56
C THR D 41 -9.10 -32.36 -17.35
N LEU D 42 -9.30 -33.10 -18.42
CA LEU D 42 -9.46 -34.54 -18.39
C LEU D 42 -8.10 -35.19 -18.58
N LEU D 43 -8.01 -36.43 -18.15
CA LEU D 43 -6.85 -37.26 -18.41
C LEU D 43 -7.32 -38.38 -19.33
N GLY D 44 -7.26 -38.15 -20.61
CA GLY D 44 -7.59 -39.20 -21.53
C GLY D 44 -6.48 -40.22 -21.61
N GLN D 45 -6.74 -41.30 -22.32
CA GLN D 45 -5.69 -42.25 -22.63
C GLN D 45 -4.99 -41.83 -23.90
N MET D 46 -3.96 -42.58 -24.26
CA MET D 46 -3.37 -42.42 -25.59
C MET D 46 -4.25 -43.15 -26.59
N GLU D 47 -5.25 -42.45 -27.13
CA GLU D 47 -6.29 -43.09 -27.92
C GLU D 47 -6.14 -42.88 -29.41
N ALA D 48 -5.32 -41.93 -29.86
CA ALA D 48 -5.23 -41.62 -31.27
C ALA D 48 -4.52 -42.73 -32.02
N ALA D 49 -4.95 -42.96 -33.26
CA ALA D 49 -4.31 -43.97 -34.10
C ALA D 49 -2.93 -43.52 -34.53
N SER D 50 -2.72 -42.22 -34.66
CA SER D 50 -1.41 -41.69 -35.06
C SER D 50 -0.38 -41.84 -33.96
N LEU D 51 -0.79 -42.06 -32.72
CA LEU D 51 0.16 -42.14 -31.62
C LEU D 51 0.88 -43.48 -31.57
N ALA D 52 0.22 -44.56 -32.01
CA ALA D 52 0.85 -45.87 -32.03
C ALA D 52 1.14 -46.37 -33.44
N TYR D 53 0.40 -45.90 -34.44
CA TYR D 53 0.60 -46.32 -35.81
C TYR D 53 1.09 -45.14 -36.64
N ASP D 54 1.98 -45.43 -37.57
CA ASP D 54 2.30 -44.52 -38.65
C ASP D 54 1.37 -44.80 -39.81
N VAL D 55 1.38 -43.89 -40.80
CA VAL D 55 0.59 -44.10 -41.99
C VAL D 55 1.01 -45.39 -42.67
N SER D 56 0.08 -46.01 -43.39
CA SER D 56 0.29 -47.29 -44.07
C SER D 56 0.46 -48.43 -43.07
N GLY D 57 -0.15 -48.28 -41.90
CA GLY D 57 -0.19 -49.31 -40.89
C GLY D 57 1.17 -49.81 -40.44
N GLN D 58 2.01 -48.91 -39.93
CA GLN D 58 3.32 -49.27 -39.44
C GLN D 58 3.39 -48.86 -37.98
N PRO D 59 3.46 -49.82 -37.04
CA PRO D 59 3.43 -49.45 -35.62
C PRO D 59 4.68 -48.68 -35.23
N ILE D 60 4.47 -47.52 -34.60
CA ILE D 60 5.59 -46.72 -34.11
C ILE D 60 6.36 -47.52 -33.09
N LYS D 61 7.69 -47.51 -33.20
CA LYS D 61 8.51 -48.24 -32.25
C LYS D 61 8.61 -47.52 -30.91
N SER D 62 8.66 -46.19 -30.92
CA SER D 62 8.66 -45.44 -29.68
C SER D 62 7.32 -45.47 -28.98
N ALA D 63 6.29 -46.03 -29.62
CA ALA D 63 4.98 -46.20 -28.99
C ALA D 63 4.94 -47.56 -28.30
N THR D 64 5.78 -47.69 -27.27
CA THR D 64 5.85 -48.90 -26.49
C THR D 64 4.63 -49.01 -25.58
N ALA D 65 4.50 -50.15 -24.91
CA ALA D 65 3.38 -50.36 -24.00
C ALA D 65 3.32 -49.31 -22.92
N GLU D 66 4.46 -48.91 -22.38
CA GLU D 66 4.50 -47.85 -21.38
C GLU D 66 4.36 -46.48 -22.00
N ALA D 67 4.58 -46.36 -23.31
CA ALA D 67 4.42 -45.07 -23.97
C ALA D 67 2.96 -44.72 -24.21
N LEU D 68 2.13 -45.72 -24.54
CA LEU D 68 0.71 -45.50 -24.68
C LEU D 68 -0.02 -45.46 -23.36
N ALA D 69 0.65 -45.85 -22.27
CA ALA D 69 0.01 -45.81 -20.96
C ALA D 69 -0.14 -44.39 -20.47
N GLN D 70 0.85 -43.55 -20.77
CA GLN D 70 0.81 -42.18 -20.22
C GLN D 70 -0.51 -41.53 -20.60
N GLY D 71 -1.21 -40.99 -19.60
CA GLY D 71 -2.50 -40.31 -19.85
C GLY D 71 -2.19 -38.92 -20.39
N ASN D 72 -2.83 -38.53 -21.48
CA ASN D 72 -2.55 -37.18 -22.02
C ASN D 72 -3.65 -36.23 -21.57
N PRO D 73 -3.31 -35.09 -20.94
CA PRO D 73 -4.30 -34.11 -20.49
C PRO D 73 -5.00 -33.47 -21.67
N HIS D 74 -6.27 -33.14 -21.47
CA HIS D 74 -7.08 -32.45 -22.47
C HIS D 74 -8.02 -31.51 -21.75
N GLN D 75 -7.85 -30.22 -21.94
CA GLN D 75 -8.74 -29.25 -21.34
C GLN D 75 -9.98 -29.11 -22.21
N VAL D 76 -11.14 -29.35 -21.61
CA VAL D 76 -12.41 -29.26 -22.33
C VAL D 76 -13.37 -28.41 -21.53
N ASP D 77 -14.17 -27.61 -22.20
CA ASP D 77 -15.21 -26.87 -21.52
C ASP D 77 -16.38 -27.79 -21.26
N PHE D 78 -16.78 -27.89 -20.00
CA PHE D 78 -17.88 -28.75 -19.59
C PHE D 78 -19.05 -27.87 -19.18
N CYS D 79 -20.21 -28.15 -19.77
CA CYS D 79 -21.47 -27.52 -19.38
C CYS D 79 -22.45 -28.62 -19.09
N HIS D 80 -23.25 -28.45 -18.03
CA HIS D 80 -24.24 -29.45 -17.67
C HIS D 80 -25.34 -28.79 -16.85
N VAL D 81 -26.51 -29.39 -16.90
CA VAL D 81 -27.62 -28.91 -16.07
C VAL D 81 -27.23 -29.05 -14.61
N PRO D 82 -27.40 -28.02 -13.79
CA PRO D 82 -27.12 -28.16 -12.36
C PRO D 82 -27.99 -29.23 -11.74
N TYR D 83 -27.70 -29.52 -10.47
CA TYR D 83 -28.33 -30.67 -9.85
C TYR D 83 -29.83 -30.46 -9.69
N GLY D 84 -30.22 -29.46 -8.93
CA GLY D 84 -31.63 -29.33 -8.58
C GLY D 84 -32.46 -28.56 -9.58
N ALA D 85 -32.02 -28.48 -10.82
CA ALA D 85 -32.73 -27.70 -11.82
C ALA D 85 -34.00 -28.40 -12.24
N SER D 86 -35.11 -27.66 -12.23
CA SER D 86 -36.36 -28.20 -12.75
C SER D 86 -36.20 -28.59 -14.21
N HIS D 87 -35.71 -27.67 -15.03
CA HIS D 87 -35.41 -27.97 -16.43
C HIS D 87 -34.48 -26.89 -16.96
N ILE D 88 -34.29 -26.91 -18.28
CA ILE D 88 -33.44 -25.93 -18.96
C ILE D 88 -34.23 -25.31 -20.10
N GLU D 89 -34.37 -24.01 -20.08
CA GLU D 89 -35.05 -23.28 -21.14
C GLU D 89 -34.06 -22.86 -22.20
N CYS D 90 -34.53 -22.77 -23.43
CA CYS D 90 -33.69 -22.43 -24.58
C CYS D 90 -34.48 -21.45 -25.43
N SER D 91 -34.06 -20.20 -25.45
CA SER D 91 -34.87 -19.16 -26.06
C SER D 91 -34.13 -18.52 -27.23
N PHE D 92 -34.88 -18.25 -28.30
CA PHE D 92 -34.32 -17.46 -29.38
C PHE D 92 -35.47 -16.84 -30.16
N SER D 93 -35.12 -16.10 -31.21
CA SER D 93 -36.10 -15.43 -32.05
C SER D 93 -35.67 -15.51 -33.49
N VAL D 94 -36.60 -15.87 -34.37
CA VAL D 94 -36.32 -16.05 -35.78
C VAL D 94 -37.31 -15.21 -36.59
N SER D 95 -36.80 -14.42 -37.51
CA SER D 95 -37.63 -13.53 -38.30
C SER D 95 -37.62 -13.98 -39.75
N PHE D 96 -38.81 -14.20 -40.31
CA PHE D 96 -38.97 -14.49 -41.72
C PHE D 96 -39.27 -13.18 -42.44
N SER D 97 -38.64 -12.97 -43.58
CA SER D 97 -38.84 -11.74 -44.33
C SER D 97 -38.90 -12.07 -45.81
N SER D 98 -39.41 -11.11 -46.58
CA SER D 98 -39.45 -11.27 -48.03
C SER D 98 -38.23 -10.63 -48.67
N GLU D 99 -37.06 -11.03 -48.17
CA GLU D 99 -35.79 -10.57 -48.73
C GLU D 99 -35.32 -11.48 -49.85
N LEU D 100 -36.19 -12.37 -50.31
CA LEU D 100 -35.90 -13.23 -51.45
C LEU D 100 -36.63 -12.79 -52.70
N ARG D 101 -37.57 -11.86 -52.59
CA ARG D 101 -38.33 -11.43 -53.75
C ARG D 101 -37.43 -10.78 -54.79
N GLN D 102 -36.82 -9.67 -54.44
CA GLN D 102 -35.88 -9.04 -55.34
C GLN D 102 -34.45 -9.36 -54.89
N PRO D 103 -33.52 -9.53 -55.83
CA PRO D 103 -32.13 -9.70 -55.44
C PRO D 103 -31.62 -8.48 -54.72
N TYR D 104 -30.78 -8.70 -53.74
CA TYR D 104 -30.20 -7.61 -52.97
C TYR D 104 -29.27 -6.76 -53.83
N LYS D 105 -28.55 -7.39 -54.75
CA LYS D 105 -27.72 -6.70 -55.71
C LYS D 105 -27.69 -7.52 -56.99
N CYS D 106 -27.82 -6.86 -58.13
CA CYS D 106 -27.75 -7.56 -59.41
C CYS D 106 -27.39 -6.55 -60.48
N ASN D 107 -26.15 -6.61 -60.98
CA ASN D 107 -25.69 -5.67 -61.98
C ASN D 107 -26.33 -5.88 -63.34
N SER D 108 -27.03 -7.00 -63.54
CA SER D 108 -27.69 -7.31 -64.81
C SER D 108 -29.19 -7.18 -64.64
N SER D 109 -29.79 -6.23 -65.34
CA SER D 109 -31.23 -6.00 -65.22
C SER D 109 -32.04 -7.16 -65.78
N LYS D 110 -31.45 -7.97 -66.66
CA LYS D 110 -32.15 -9.13 -67.18
C LYS D 110 -32.16 -10.28 -66.17
N VAL D 111 -31.01 -10.58 -65.58
CA VAL D 111 -30.93 -11.65 -64.59
C VAL D 111 -31.78 -11.30 -63.38
N LYS D 112 -31.89 -10.02 -63.04
CA LYS D 112 -32.70 -9.62 -61.90
C LYS D 112 -34.17 -9.87 -62.17
N GLN D 113 -34.66 -9.41 -63.33
CA GLN D 113 -36.08 -9.56 -63.62
C GLN D 113 -36.45 -11.01 -63.87
N THR D 114 -35.55 -11.80 -64.45
CA THR D 114 -35.86 -13.21 -64.70
C THR D 114 -35.83 -14.04 -63.43
N LEU D 115 -35.33 -13.50 -62.32
CA LEU D 115 -35.43 -14.13 -61.02
C LEU D 115 -36.60 -13.60 -60.21
N VAL D 116 -36.91 -12.32 -60.33
CA VAL D 116 -38.10 -11.80 -59.67
C VAL D 116 -39.34 -12.45 -60.27
N GLN D 117 -39.40 -12.55 -61.60
CA GLN D 117 -40.48 -13.28 -62.25
C GLN D 117 -40.49 -14.74 -61.84
N LEU D 118 -39.31 -15.33 -61.65
CA LEU D 118 -39.25 -16.72 -61.19
C LEU D 118 -39.89 -16.88 -59.83
N VAL D 119 -39.57 -15.98 -58.91
CA VAL D 119 -40.15 -16.06 -57.57
C VAL D 119 -41.66 -15.84 -57.63
N GLU D 120 -42.12 -14.92 -58.49
CA GLU D 120 -43.55 -14.68 -58.57
C GLU D 120 -44.28 -15.89 -59.16
N LEU D 121 -43.72 -16.51 -60.21
CA LEU D 121 -44.33 -17.70 -60.77
C LEU D 121 -44.33 -18.85 -59.79
N TYR D 122 -43.27 -18.96 -58.99
CA TYR D 122 -43.24 -19.96 -57.93
C TYR D 122 -44.37 -19.73 -56.94
N GLU D 123 -44.46 -18.51 -56.43
CA GLU D 123 -45.50 -18.19 -55.45
C GLU D 123 -46.89 -18.49 -55.99
N THR D 124 -47.16 -18.11 -57.25
CA THR D 124 -48.51 -18.29 -57.77
C THR D 124 -48.80 -19.74 -58.13
N LYS D 125 -47.81 -20.44 -58.68
CA LYS D 125 -48.00 -21.82 -59.14
C LYS D 125 -47.89 -22.82 -58.00
N ILE D 126 -46.73 -22.90 -57.36
CA ILE D 126 -46.47 -23.82 -56.27
C ILE D 126 -46.26 -22.99 -55.02
N GLY D 127 -47.34 -22.78 -54.26
CA GLY D 127 -47.35 -21.81 -53.20
C GLY D 127 -46.24 -22.04 -52.18
N TRP D 128 -46.03 -21.02 -51.36
CA TRP D 128 -44.99 -21.07 -50.35
C TRP D 128 -45.27 -22.07 -49.26
N THR D 129 -46.44 -22.68 -49.24
CA THR D 129 -46.82 -23.58 -48.15
C THR D 129 -46.01 -24.87 -48.11
N GLU D 130 -45.02 -25.03 -48.97
CA GLU D 130 -44.19 -26.22 -48.93
C GLU D 130 -42.86 -25.93 -48.23
N LEU D 131 -42.18 -24.87 -48.64
CA LEU D 131 -41.00 -24.43 -47.92
C LEU D 131 -41.34 -23.82 -46.59
N ALA D 132 -42.50 -23.17 -46.48
CA ALA D 132 -42.90 -22.59 -45.22
C ALA D 132 -43.12 -23.66 -44.16
N THR D 133 -43.83 -24.73 -44.51
CA THR D 133 -44.09 -25.77 -43.52
C THR D 133 -42.82 -26.53 -43.16
N ARG D 134 -41.92 -26.73 -44.10
CA ARG D 134 -40.68 -27.43 -43.77
C ARG D 134 -39.75 -26.55 -42.94
N TYR D 135 -39.68 -25.26 -43.25
CA TYR D 135 -38.90 -24.34 -42.43
C TYR D 135 -39.46 -24.22 -41.04
N LEU D 136 -40.79 -24.32 -40.92
CA LEU D 136 -41.45 -24.16 -39.64
C LEU D 136 -41.43 -25.43 -38.80
N MET D 137 -41.34 -26.59 -39.46
CA MET D 137 -41.24 -27.83 -38.71
C MET D 137 -39.94 -27.89 -37.92
N ASN D 138 -38.83 -27.47 -38.53
CA ASN D 138 -37.56 -27.43 -37.82
C ASN D 138 -37.62 -26.49 -36.63
N ILE D 139 -38.43 -25.44 -36.70
CA ILE D 139 -38.60 -24.56 -35.56
C ILE D 139 -39.44 -25.23 -34.49
N CYS D 140 -40.55 -25.83 -34.90
CA CYS D 140 -41.56 -26.31 -33.96
C CYS D 140 -41.20 -27.63 -33.31
N ASN D 141 -40.43 -28.47 -33.97
CA ASN D 141 -39.79 -29.59 -33.30
C ASN D 141 -38.35 -29.21 -33.04
N GLY D 142 -37.89 -29.44 -31.83
CA GLY D 142 -36.57 -28.98 -31.48
C GLY D 142 -35.53 -29.57 -32.40
N LYS D 143 -35.08 -28.75 -33.33
CA LYS D 143 -34.02 -29.09 -34.26
C LYS D 143 -32.85 -28.15 -34.15
N TRP D 144 -33.12 -26.90 -33.75
CA TRP D 144 -32.09 -25.98 -33.34
C TRP D 144 -31.47 -26.36 -32.00
N LEU D 145 -32.18 -27.14 -31.18
CA LEU D 145 -31.57 -27.87 -30.07
C LEU D 145 -30.89 -29.10 -30.65
N TRP D 146 -29.68 -28.94 -31.15
CA TRP D 146 -29.11 -29.93 -32.05
C TRP D 146 -28.98 -31.29 -31.39
N LYS D 147 -28.09 -31.41 -30.42
CA LYS D 147 -27.84 -32.67 -29.74
C LYS D 147 -28.49 -32.72 -28.37
N ASN D 148 -29.08 -31.62 -27.93
CA ASN D 148 -29.63 -31.55 -26.59
C ASN D 148 -30.90 -32.38 -26.43
N THR D 149 -31.71 -32.47 -27.47
CA THR D 149 -32.92 -33.27 -27.45
C THR D 149 -32.66 -34.73 -27.74
N ARG D 150 -31.40 -35.12 -27.92
CA ARG D 150 -31.09 -36.53 -28.19
C ARG D 150 -31.39 -37.39 -26.99
N LYS D 151 -30.85 -37.01 -25.83
CA LYS D 151 -31.07 -37.74 -24.58
C LYS D 151 -31.80 -36.80 -23.63
N ALA D 152 -33.11 -36.73 -23.78
CA ALA D 152 -33.91 -35.79 -23.03
C ALA D 152 -35.27 -36.40 -22.74
N TYR D 153 -35.77 -36.12 -21.55
CA TYR D 153 -37.06 -36.68 -21.17
C TYR D 153 -38.15 -36.14 -22.07
N CYS D 154 -38.07 -34.86 -22.43
CA CYS D 154 -39.13 -34.17 -23.14
C CYS D 154 -38.64 -32.78 -23.51
N TRP D 155 -39.23 -32.21 -24.54
CA TRP D 155 -39.03 -30.80 -24.82
C TRP D 155 -40.27 -30.18 -25.43
N ASN D 156 -40.59 -28.99 -24.97
CA ASN D 156 -41.79 -28.26 -25.40
C ASN D 156 -41.38 -26.95 -26.02
N ILE D 157 -41.87 -26.69 -27.22
CA ILE D 157 -41.56 -25.49 -27.98
C ILE D 157 -42.76 -24.56 -27.89
N VAL D 158 -42.69 -23.52 -27.08
CA VAL D 158 -43.72 -22.50 -27.07
C VAL D 158 -43.28 -21.38 -27.99
N LEU D 159 -44.19 -20.96 -28.86
CA LEU D 159 -43.86 -20.14 -30.01
C LEU D 159 -44.83 -18.98 -30.08
N THR D 160 -44.30 -17.77 -29.97
CA THR D 160 -45.13 -16.56 -30.03
C THR D 160 -44.83 -15.82 -31.32
N PRO D 161 -45.75 -15.83 -32.27
CA PRO D 161 -45.55 -15.04 -33.49
C PRO D 161 -45.77 -13.56 -33.22
N TRP D 162 -45.08 -12.73 -34.00
CA TRP D 162 -45.24 -11.32 -33.69
C TRP D 162 -46.53 -10.74 -34.26
N PRO D 163 -46.76 -10.80 -35.58
CA PRO D 163 -48.06 -10.26 -36.04
C PRO D 163 -49.18 -11.25 -35.74
N TRP D 164 -49.43 -11.44 -34.45
CA TRP D 164 -50.31 -12.49 -33.98
C TRP D 164 -51.40 -11.88 -33.13
N ASN D 165 -52.53 -12.60 -33.04
CA ASN D 165 -53.71 -12.10 -32.35
C ASN D 165 -54.22 -13.02 -31.26
N GLY D 166 -54.01 -14.33 -31.38
CA GLY D 166 -54.50 -15.28 -30.40
C GLY D 166 -53.51 -15.53 -29.28
N GLU D 167 -53.62 -16.71 -28.68
CA GLU D 167 -52.74 -17.11 -27.60
C GLU D 167 -51.50 -17.80 -28.16
N LYS D 168 -50.48 -17.95 -27.32
CA LYS D 168 -49.19 -18.46 -27.77
C LYS D 168 -49.30 -19.94 -28.14
N VAL D 169 -48.46 -20.37 -29.07
CA VAL D 169 -48.62 -21.67 -29.70
C VAL D 169 -47.67 -22.68 -29.07
N GLY D 170 -48.23 -23.65 -28.37
CA GLY D 170 -47.44 -24.68 -27.71
C GLY D 170 -47.24 -25.88 -28.61
N PHE D 171 -46.08 -26.53 -28.46
CA PHE D 171 -45.80 -27.82 -29.05
C PHE D 171 -45.20 -28.67 -27.94
N GLU D 172 -46.05 -29.39 -27.22
CA GLU D 172 -45.62 -30.16 -26.07
C GLU D 172 -45.01 -31.48 -26.50
N ASP D 173 -44.19 -32.04 -25.61
CA ASP D 173 -43.63 -33.39 -25.67
C ASP D 173 -43.37 -33.87 -27.09
N ILE D 174 -42.54 -33.13 -27.82
CA ILE D 174 -42.34 -33.37 -29.24
C ILE D 174 -41.78 -34.75 -29.53
N ARG D 175 -41.04 -35.34 -28.60
CA ARG D 175 -40.53 -36.68 -28.82
C ARG D 175 -41.66 -37.67 -29.07
N THR D 176 -42.84 -37.42 -28.50
CA THR D 176 -43.96 -38.34 -28.60
C THR D 176 -45.09 -37.84 -29.49
N ASN D 177 -45.53 -36.60 -29.30
CA ASN D 177 -46.71 -36.13 -30.01
C ASN D 177 -46.39 -35.70 -31.43
N TYR D 178 -45.54 -34.69 -31.59
CA TYR D 178 -45.28 -34.07 -32.88
C TYR D 178 -44.07 -34.74 -33.52
N THR D 179 -44.30 -35.91 -34.11
CA THR D 179 -43.25 -36.70 -34.71
C THR D 179 -43.30 -36.73 -36.22
N SER D 180 -44.26 -36.05 -36.84
CA SER D 180 -44.37 -36.05 -38.29
C SER D 180 -45.02 -34.75 -38.73
N ARG D 181 -45.19 -34.62 -40.05
CA ARG D 181 -45.80 -33.42 -40.60
C ARG D 181 -47.28 -33.34 -40.25
N GLN D 182 -47.99 -34.46 -40.34
CA GLN D 182 -49.40 -34.45 -39.99
C GLN D 182 -49.61 -34.22 -38.51
N ASP D 183 -48.69 -34.71 -37.68
CA ASP D 183 -48.78 -34.46 -36.25
C ASP D 183 -48.68 -32.97 -35.95
N PHE D 184 -47.92 -32.24 -36.77
CA PHE D 184 -47.88 -30.78 -36.64
C PHE D 184 -49.15 -30.15 -37.18
N LYS D 185 -49.62 -30.62 -38.34
CA LYS D 185 -50.83 -30.06 -38.93
C LYS D 185 -52.03 -30.17 -38.02
N ASN D 186 -52.08 -31.19 -37.16
CA ASN D 186 -53.19 -31.33 -36.25
C ASN D 186 -53.22 -30.25 -35.19
N ASN D 187 -52.17 -29.45 -35.07
CA ASN D 187 -52.20 -28.33 -34.15
C ASN D 187 -53.24 -27.32 -34.60
N LYS D 188 -53.97 -26.76 -33.63
CA LYS D 188 -55.03 -25.81 -33.95
C LYS D 188 -54.48 -24.53 -34.56
N ASN D 189 -53.23 -24.18 -34.24
CA ASN D 189 -52.63 -22.94 -34.73
C ASN D 189 -51.60 -23.18 -35.82
N TRP D 190 -51.47 -24.41 -36.30
CA TRP D 190 -50.41 -24.70 -37.26
C TRP D 190 -50.66 -24.00 -38.59
N SER D 191 -51.89 -24.08 -39.09
CA SER D 191 -52.23 -23.41 -40.33
C SER D 191 -52.05 -21.90 -40.21
N ALA D 192 -52.50 -21.33 -39.09
CA ALA D 192 -52.40 -19.89 -38.88
C ALA D 192 -50.96 -19.42 -38.79
N ILE D 193 -50.01 -20.33 -38.64
CA ILE D 193 -48.60 -19.98 -38.57
C ILE D 193 -47.89 -20.22 -39.88
N VAL D 194 -48.18 -21.35 -40.54
CA VAL D 194 -47.58 -21.57 -41.85
C VAL D 194 -48.11 -20.53 -42.84
N GLU D 195 -49.37 -20.10 -42.70
CA GLU D 195 -49.87 -19.01 -43.53
C GLU D 195 -49.20 -17.70 -43.18
N MET D 196 -48.84 -17.49 -41.92
CA MET D 196 -48.12 -16.28 -41.54
C MET D 196 -46.75 -16.26 -42.18
N ILE D 197 -46.07 -17.40 -42.21
CA ILE D 197 -44.78 -17.48 -42.86
C ILE D 197 -44.91 -17.23 -44.35
N LYS D 198 -45.90 -17.87 -44.99
CA LYS D 198 -46.05 -17.71 -46.43
C LYS D 198 -46.60 -16.35 -46.81
N THR D 199 -47.15 -15.62 -45.85
CA THR D 199 -47.47 -14.20 -46.05
C THR D 199 -46.25 -13.31 -45.88
N ALA D 200 -45.36 -13.64 -44.95
CA ALA D 200 -44.10 -12.92 -44.86
C ALA D 200 -43.26 -13.10 -46.11
N PHE D 201 -43.36 -14.25 -46.78
CA PHE D 201 -42.62 -14.49 -48.01
C PHE D 201 -43.30 -13.90 -49.23
N SER D 202 -44.62 -13.69 -49.17
CA SER D 202 -45.37 -13.19 -50.32
C SER D 202 -45.43 -11.67 -50.32
N SER D 203 -45.91 -11.08 -49.23
CA SER D 203 -46.00 -9.64 -49.13
C SER D 203 -44.64 -9.00 -49.30
N THR D 204 -44.58 -7.88 -50.00
CA THR D 204 -43.31 -7.33 -50.43
C THR D 204 -42.44 -6.87 -49.28
N ASP D 205 -43.00 -6.24 -48.24
CA ASP D 205 -42.19 -5.78 -47.13
C ASP D 205 -42.76 -6.25 -45.80
N GLY D 206 -43.52 -7.34 -45.82
CA GLY D 206 -44.00 -7.93 -44.59
C GLY D 206 -42.97 -8.85 -43.99
N LEU D 207 -43.23 -9.25 -42.75
CA LEU D 207 -42.30 -10.12 -42.03
C LEU D 207 -43.08 -10.83 -40.93
N ALA D 208 -42.50 -11.94 -40.48
CA ALA D 208 -43.11 -12.80 -39.48
C ALA D 208 -42.05 -13.11 -38.44
N ILE D 209 -42.11 -12.44 -37.30
CA ILE D 209 -41.14 -12.64 -36.24
C ILE D 209 -41.72 -13.64 -35.26
N PHE D 210 -40.99 -14.73 -35.04
CA PHE D 210 -41.36 -15.76 -34.09
C PHE D 210 -40.39 -15.71 -32.93
N GLU D 211 -40.90 -15.85 -31.72
CA GLU D 211 -40.06 -15.98 -30.55
C GLU D 211 -40.30 -17.36 -29.95
N VAL D 212 -39.25 -18.18 -29.97
CA VAL D 212 -39.35 -19.58 -29.60
C VAL D 212 -38.71 -19.75 -28.23
N ARG D 213 -39.31 -20.60 -27.41
CA ARG D 213 -38.79 -20.93 -26.10
C ARG D 213 -39.04 -22.41 -25.84
N ALA D 214 -37.97 -23.18 -25.74
CA ALA D 214 -38.08 -24.62 -25.59
C ALA D 214 -37.69 -24.99 -24.17
N THR D 215 -38.64 -25.52 -23.41
CA THR D 215 -38.36 -26.08 -22.10
C THR D 215 -37.94 -27.52 -22.32
N LEU D 216 -36.72 -27.83 -21.91
CA LEU D 216 -36.08 -29.10 -22.17
C LEU D 216 -35.82 -29.78 -20.84
N HIS D 217 -36.34 -31.00 -20.68
CA HIS D 217 -36.25 -31.76 -19.44
C HIS D 217 -35.18 -32.82 -19.61
N LEU D 218 -33.99 -32.49 -19.18
CA LEU D 218 -32.88 -33.42 -19.24
C LEU D 218 -32.82 -34.26 -17.98
N PRO D 219 -32.06 -35.34 -17.99
CA PRO D 219 -31.83 -36.07 -16.73
C PRO D 219 -30.95 -35.29 -15.77
N THR D 220 -30.62 -35.87 -14.62
CA THR D 220 -29.86 -35.14 -13.61
C THR D 220 -28.43 -34.93 -14.07
N ASN D 221 -27.90 -33.74 -13.82
CA ASN D 221 -26.53 -33.39 -14.19
C ASN D 221 -26.27 -33.59 -15.67
N ALA D 222 -27.33 -33.61 -16.47
CA ALA D 222 -27.18 -33.98 -17.87
C ALA D 222 -26.35 -32.96 -18.61
N MET D 223 -25.40 -33.45 -19.39
CA MET D 223 -24.50 -32.58 -20.11
C MET D 223 -25.25 -31.85 -21.22
N VAL D 224 -25.04 -30.56 -21.30
CA VAL D 224 -25.61 -29.73 -22.34
C VAL D 224 -24.56 -29.55 -23.42
N ARG D 225 -24.99 -29.61 -24.68
CA ARG D 225 -24.07 -29.50 -25.83
C ARG D 225 -24.33 -28.23 -26.60
N PRO D 226 -23.71 -27.12 -26.23
CA PRO D 226 -23.81 -25.91 -27.04
C PRO D 226 -22.76 -25.86 -28.12
N SER D 227 -22.71 -24.76 -28.86
CA SER D 227 -21.80 -24.65 -29.99
C SER D 227 -20.36 -24.50 -29.53
N GLN D 228 -19.46 -25.20 -30.20
CA GLN D 228 -18.04 -24.99 -30.01
C GLN D 228 -17.60 -23.76 -30.78
N VAL D 229 -16.36 -23.34 -30.55
CA VAL D 229 -15.78 -22.25 -31.31
C VAL D 229 -14.77 -22.82 -32.29
N PHE D 230 -14.43 -22.01 -33.27
CA PHE D 230 -13.46 -22.42 -34.26
C PHE D 230 -12.04 -22.16 -33.76
N THR D 231 -11.25 -23.22 -33.68
CA THR D 231 -9.85 -23.12 -33.28
C THR D 231 -9.01 -22.55 -34.41
N ASN D 245 -7.34 -25.34 -25.27
CA ASN D 245 -8.26 -26.41 -24.96
C ASN D 245 -8.30 -27.46 -26.05
N SER D 246 -9.29 -28.34 -25.95
CA SER D 246 -9.71 -29.21 -27.03
C SER D 246 -11.17 -29.01 -27.39
N ARG D 247 -11.93 -28.33 -26.54
CA ARG D 247 -13.34 -28.07 -26.80
C ARG D 247 -13.68 -26.76 -26.11
N VAL D 248 -13.77 -25.69 -26.88
CA VAL D 248 -14.04 -24.35 -26.38
C VAL D 248 -15.47 -24.03 -26.73
N PHE D 249 -16.27 -23.67 -25.74
CA PHE D 249 -17.66 -23.38 -26.03
C PHE D 249 -17.83 -21.97 -26.55
N GLN D 250 -18.85 -21.79 -27.35
CA GLN D 250 -19.24 -20.51 -27.89
C GLN D 250 -20.31 -19.95 -26.96
N SER D 251 -20.06 -18.75 -26.42
CA SER D 251 -20.84 -18.26 -25.30
C SER D 251 -21.12 -16.77 -25.45
N THR D 252 -22.14 -16.33 -24.72
CA THR D 252 -22.48 -14.93 -24.56
C THR D 252 -22.39 -14.59 -23.08
N THR D 253 -22.88 -13.42 -22.72
CA THR D 253 -22.90 -13.00 -21.31
C THR D 253 -24.30 -12.55 -20.92
N ILE D 254 -25.03 -13.43 -20.25
CA ILE D 254 -26.37 -13.15 -19.74
C ILE D 254 -26.24 -12.78 -18.28
N ASP D 255 -26.91 -11.69 -17.89
CA ASP D 255 -26.91 -11.24 -16.50
C ASP D 255 -25.49 -11.02 -15.97
N GLY D 256 -24.58 -10.67 -16.88
CA GLY D 256 -23.18 -10.43 -16.49
C GLY D 256 -22.43 -11.73 -16.26
N GLU D 257 -23.03 -12.87 -16.61
CA GLU D 257 -22.40 -14.21 -16.42
C GLU D 257 -22.23 -14.90 -17.77
N ARG D 258 -21.04 -15.43 -18.07
CA ARG D 258 -20.83 -16.13 -19.37
C ARG D 258 -21.76 -17.34 -19.39
N SER D 259 -22.39 -17.59 -20.54
CA SER D 259 -23.39 -18.61 -20.69
C SER D 259 -23.24 -19.20 -22.09
N PRO D 260 -23.21 -20.53 -22.19
CA PRO D 260 -23.05 -21.14 -23.51
C PRO D 260 -24.28 -20.93 -24.36
N ILE D 261 -24.06 -20.83 -25.66
CA ILE D 261 -25.14 -20.60 -26.62
C ILE D 261 -24.91 -21.43 -27.86
N LEU D 262 -26.00 -21.65 -28.60
CA LEU D 262 -25.94 -22.13 -29.96
C LEU D 262 -25.94 -20.93 -30.89
N GLY D 263 -24.89 -20.80 -31.68
CA GLY D 263 -24.72 -19.60 -32.48
C GLY D 263 -25.90 -19.33 -33.39
N ALA D 264 -25.94 -18.10 -33.92
CA ALA D 264 -27.02 -17.75 -34.83
C ALA D 264 -26.93 -18.54 -36.12
N PHE D 265 -25.72 -18.87 -36.56
CA PHE D 265 -25.55 -19.60 -37.80
C PHE D 265 -25.76 -21.09 -37.60
N LYS D 266 -25.46 -21.60 -36.41
CA LYS D 266 -25.85 -22.97 -36.08
C LYS D 266 -27.36 -23.11 -36.08
N THR D 267 -28.06 -22.16 -35.47
CA THR D 267 -29.52 -22.19 -35.46
C THR D 267 -30.09 -22.00 -36.85
N GLY D 268 -29.45 -21.17 -37.66
CA GLY D 268 -29.90 -21.01 -39.04
C GLY D 268 -29.71 -22.27 -39.84
N ALA D 269 -28.57 -22.94 -39.69
CA ALA D 269 -28.37 -24.22 -40.32
C ALA D 269 -29.36 -25.25 -39.84
N ALA D 270 -29.82 -25.11 -38.60
CA ALA D 270 -30.82 -26.04 -38.08
C ALA D 270 -32.18 -25.82 -38.71
N ILE D 271 -32.64 -24.57 -38.76
CA ILE D 271 -33.95 -24.30 -39.35
C ILE D 271 -33.95 -24.62 -40.83
N ALA D 272 -32.82 -24.47 -41.50
CA ALA D 272 -32.74 -24.68 -42.94
C ALA D 272 -32.11 -26.01 -43.32
N THR D 273 -32.27 -27.05 -42.50
CA THR D 273 -31.96 -28.41 -42.91
C THR D 273 -33.23 -29.05 -43.46
N ILE D 274 -33.65 -28.54 -44.62
CA ILE D 274 -34.87 -29.00 -45.26
C ILE D 274 -34.61 -29.67 -46.60
N ASP D 275 -33.37 -29.71 -47.07
CA ASP D 275 -33.07 -30.13 -48.44
C ASP D 275 -33.05 -31.65 -48.50
N ASP D 276 -34.23 -32.25 -48.51
CA ASP D 276 -34.33 -33.68 -48.78
C ASP D 276 -34.48 -33.97 -50.26
N TRP D 277 -34.23 -32.99 -51.13
CA TRP D 277 -34.37 -33.18 -52.56
C TRP D 277 -32.98 -33.18 -53.17
N TYR D 278 -32.49 -34.36 -53.52
CA TYR D 278 -31.22 -34.49 -54.21
C TYR D 278 -31.09 -35.94 -54.66
N PRO D 279 -30.17 -36.23 -55.57
CA PRO D 279 -29.96 -37.62 -55.97
C PRO D 279 -29.73 -38.50 -54.75
N GLU D 280 -30.27 -39.72 -54.83
CA GLU D 280 -30.31 -40.67 -53.71
C GLU D 280 -30.68 -39.96 -52.40
N ALA D 281 -31.83 -39.30 -52.44
CA ALA D 281 -32.31 -38.52 -51.30
C ALA D 281 -32.54 -39.43 -50.11
N THR D 282 -31.82 -39.18 -49.02
CA THR D 282 -31.91 -40.01 -47.82
C THR D 282 -32.52 -39.27 -46.64
N GLU D 283 -31.87 -38.19 -46.18
CA GLU D 283 -32.35 -37.40 -45.06
C GLU D 283 -31.99 -35.93 -45.29
N PRO D 284 -32.75 -35.00 -44.71
CA PRO D 284 -32.63 -33.60 -45.11
C PRO D 284 -31.25 -33.03 -44.84
N LEU D 285 -30.78 -32.25 -45.81
CA LEU D 285 -29.49 -31.58 -45.75
C LEU D 285 -29.71 -30.08 -45.56
N ARG D 286 -28.65 -29.39 -45.18
CA ARG D 286 -28.69 -27.94 -45.11
C ARG D 286 -28.70 -27.39 -46.53
N VAL D 287 -29.66 -26.52 -46.82
CA VAL D 287 -29.79 -25.99 -48.17
C VAL D 287 -28.53 -25.21 -48.51
N GLY D 288 -27.76 -25.73 -49.47
CA GLY D 288 -26.53 -25.08 -49.87
C GLY D 288 -26.40 -25.17 -51.38
N ARG D 289 -25.45 -24.40 -51.90
CA ARG D 289 -25.23 -24.37 -53.34
C ARG D 289 -24.99 -25.77 -53.87
N PHE D 290 -23.99 -26.45 -53.33
CA PHE D 290 -23.70 -27.83 -53.64
C PHE D 290 -23.91 -28.60 -52.35
N GLY D 291 -25.06 -29.25 -52.22
CA GLY D 291 -25.50 -29.66 -50.91
C GLY D 291 -24.52 -30.57 -50.22
N VAL D 292 -23.78 -30.01 -49.26
CA VAL D 292 -22.72 -30.74 -48.58
C VAL D 292 -23.33 -31.41 -47.36
N HIS D 293 -22.87 -32.61 -47.07
CA HIS D 293 -23.19 -33.31 -45.84
C HIS D 293 -21.95 -33.28 -44.96
N ARG D 294 -22.13 -32.97 -43.69
CA ARG D 294 -21.01 -32.95 -42.77
C ARG D 294 -20.75 -34.29 -42.11
N GLU D 295 -21.76 -35.17 -42.04
CA GLU D 295 -21.54 -36.49 -41.46
C GLU D 295 -20.69 -37.32 -42.40
N ASP D 296 -21.20 -37.64 -43.58
CA ASP D 296 -20.38 -38.22 -44.63
C ASP D 296 -19.95 -37.05 -45.51
N VAL D 297 -18.70 -36.62 -45.33
CA VAL D 297 -18.29 -35.27 -45.71
C VAL D 297 -18.63 -34.98 -47.16
N THR D 298 -18.66 -36.01 -48.01
CA THR D 298 -18.84 -35.82 -49.44
C THR D 298 -20.06 -34.96 -49.75
N CYS D 299 -19.99 -34.27 -50.88
CA CYS D 299 -20.95 -33.23 -51.23
C CYS D 299 -21.94 -33.72 -52.27
N TYR D 300 -23.19 -33.89 -51.87
CA TYR D 300 -24.25 -34.15 -52.83
C TYR D 300 -24.51 -32.88 -53.61
N ARG D 301 -25.25 -33.01 -54.71
CA ARG D 301 -25.50 -31.90 -55.61
C ARG D 301 -24.18 -31.28 -56.08
N HIS D 302 -23.21 -32.14 -56.34
CA HIS D 302 -21.97 -31.72 -56.96
C HIS D 302 -22.27 -31.14 -58.33
N PRO D 303 -21.45 -30.23 -58.83
CA PRO D 303 -21.68 -29.71 -60.20
C PRO D 303 -21.66 -30.79 -61.27
N SER D 304 -21.11 -31.97 -60.96
CA SER D 304 -21.10 -33.05 -61.95
C SER D 304 -22.49 -33.62 -62.16
N THR D 305 -23.35 -33.54 -61.15
CA THR D 305 -24.76 -33.77 -61.35
C THR D 305 -25.47 -32.45 -61.57
N GLY D 306 -26.58 -32.50 -62.29
CA GLY D 306 -27.29 -31.28 -62.63
C GLY D 306 -28.17 -30.79 -61.51
N LYS D 307 -27.68 -30.92 -60.27
CA LYS D 307 -28.48 -30.57 -59.11
C LYS D 307 -27.87 -29.45 -58.27
N ASP D 308 -26.64 -29.04 -58.56
CA ASP D 308 -26.10 -27.90 -57.83
C ASP D 308 -26.91 -26.65 -58.15
N PHE D 309 -26.73 -25.63 -57.32
CA PHE D 309 -27.57 -24.45 -57.43
C PHE D 309 -27.28 -23.67 -58.70
N PHE D 310 -26.02 -23.59 -59.12
CA PHE D 310 -25.69 -22.80 -60.30
C PHE D 310 -26.05 -23.52 -61.58
N SER D 311 -26.25 -24.84 -61.52
CA SER D 311 -26.71 -25.56 -62.70
C SER D 311 -28.21 -25.52 -62.86
N ILE D 312 -28.96 -25.37 -61.77
CA ILE D 312 -30.41 -25.21 -61.86
C ILE D 312 -30.82 -23.75 -61.87
N LEU D 313 -29.88 -22.83 -61.62
CA LEU D 313 -30.15 -21.42 -61.81
C LEU D 313 -29.85 -20.99 -63.25
N GLN D 314 -28.83 -21.60 -63.85
CA GLN D 314 -28.60 -21.39 -65.28
C GLN D 314 -29.84 -21.72 -66.09
N GLN D 315 -30.66 -22.65 -65.59
CA GLN D 315 -31.90 -23.04 -66.26
C GLN D 315 -33.11 -22.33 -65.67
N ALA D 316 -32.95 -21.07 -65.27
CA ALA D 316 -34.05 -20.34 -64.67
C ALA D 316 -35.16 -20.07 -65.68
N GLU D 317 -34.79 -19.77 -66.92
CA GLU D 317 -35.78 -19.55 -67.97
C GLU D 317 -36.57 -20.82 -68.27
N HIS D 318 -35.92 -21.98 -68.21
CA HIS D 318 -36.65 -23.22 -68.39
C HIS D 318 -37.72 -23.39 -67.32
N TYR D 319 -37.38 -23.09 -66.07
CA TYR D 319 -38.40 -23.17 -65.03
C TYR D 319 -39.46 -22.09 -65.18
N ILE D 320 -39.09 -20.93 -65.73
CA ILE D 320 -40.10 -19.91 -66.03
C ILE D 320 -41.12 -20.46 -67.02
N GLU D 321 -40.64 -21.03 -68.12
CA GLU D 321 -41.57 -21.53 -69.13
C GLU D 321 -42.30 -22.79 -68.67
N VAL D 322 -41.74 -23.55 -67.72
CA VAL D 322 -42.46 -24.69 -67.17
C VAL D 322 -43.59 -24.23 -66.25
N LEU D 323 -43.27 -23.35 -65.31
CA LEU D 323 -44.30 -22.85 -64.40
C LEU D 323 -45.26 -21.88 -65.08
N SER D 324 -44.92 -21.36 -66.26
CA SER D 324 -45.86 -20.53 -67.00
C SER D 324 -46.90 -21.37 -67.72
N ALA D 325 -46.62 -22.64 -67.99
CA ALA D 325 -47.60 -23.52 -68.60
C ALA D 325 -48.76 -23.76 -67.65
N ASN D 326 -49.83 -24.36 -68.18
CA ASN D 326 -51.03 -24.57 -67.39
C ASN D 326 -51.00 -25.90 -66.64
N LYS D 327 -50.29 -26.89 -67.17
CA LYS D 327 -50.26 -28.20 -66.55
C LYS D 327 -49.42 -28.17 -65.27
N THR D 328 -49.74 -29.05 -64.35
CA THR D 328 -48.94 -29.20 -63.13
C THR D 328 -47.56 -29.73 -63.50
N PRO D 329 -46.49 -29.09 -63.06
CA PRO D 329 -45.14 -29.53 -63.43
C PRO D 329 -44.82 -30.88 -62.82
N ALA D 330 -43.76 -31.50 -63.33
CA ALA D 330 -43.30 -32.75 -62.79
C ALA D 330 -42.86 -32.58 -61.35
N GLN D 331 -42.77 -33.70 -60.63
CA GLN D 331 -42.27 -33.62 -59.26
C GLN D 331 -40.78 -33.34 -59.23
N GLU D 332 -40.05 -33.76 -60.27
CA GLU D 332 -38.62 -33.54 -60.28
C GLU D 332 -38.30 -32.07 -60.53
N THR D 333 -38.97 -31.46 -61.49
CA THR D 333 -38.76 -30.03 -61.73
C THR D 333 -39.30 -29.20 -60.58
N ILE D 334 -40.34 -29.68 -59.89
CA ILE D 334 -40.83 -28.90 -58.77
C ILE D 334 -39.90 -29.06 -57.58
N ASN D 335 -39.17 -30.17 -57.48
CA ASN D 335 -38.15 -30.29 -56.43
C ASN D 335 -36.95 -29.40 -56.74
N ASP D 336 -36.56 -29.32 -58.02
CA ASP D 336 -35.54 -28.37 -58.40
C ASP D 336 -35.96 -26.94 -58.08
N MET D 337 -37.22 -26.62 -58.35
CA MET D 337 -37.75 -25.30 -58.03
C MET D 337 -37.74 -25.05 -56.53
N HIS D 338 -38.10 -26.05 -55.74
CA HIS D 338 -38.04 -25.94 -54.28
C HIS D 338 -36.64 -25.65 -53.81
N PHE D 339 -35.66 -26.41 -54.31
CA PHE D 339 -34.29 -26.20 -53.89
C PHE D 339 -33.79 -24.83 -54.31
N LEU D 340 -34.17 -24.38 -55.49
CA LEU D 340 -33.79 -23.05 -55.96
C LEU D 340 -34.33 -21.97 -55.03
N MET D 341 -35.63 -22.05 -54.70
CA MET D 341 -36.20 -21.01 -53.85
C MET D 341 -35.66 -21.10 -52.43
N ALA D 342 -35.36 -22.30 -51.93
CA ALA D 342 -34.78 -22.42 -50.61
C ALA D 342 -33.38 -21.82 -50.58
N ASN D 343 -32.62 -22.01 -51.66
CA ASN D 343 -31.29 -21.45 -51.73
C ASN D 343 -31.31 -19.95 -51.97
N LEU D 344 -32.40 -19.43 -52.54
CA LEU D 344 -32.59 -17.99 -52.59
C LEU D 344 -32.97 -17.43 -51.23
N ILE D 345 -33.73 -18.20 -50.45
CA ILE D 345 -34.07 -17.78 -49.09
C ILE D 345 -32.82 -17.74 -48.22
N LYS D 346 -31.93 -18.72 -48.39
CA LYS D 346 -30.67 -18.69 -47.65
C LYS D 346 -29.87 -17.45 -47.98
N GLY D 347 -30.02 -16.92 -49.18
CA GLY D 347 -29.28 -15.75 -49.59
C GLY D 347 -27.85 -16.10 -49.93
N GLY D 348 -27.09 -15.06 -50.27
CA GLY D 348 -25.68 -15.21 -50.55
C GLY D 348 -25.31 -14.58 -51.86
N MET D 349 -24.03 -14.73 -52.20
CA MET D 349 -23.49 -14.17 -53.43
C MET D 349 -23.46 -15.25 -54.51
N PHE D 350 -24.36 -15.15 -55.47
CA PHE D 350 -24.37 -16.04 -56.63
C PHE D 350 -23.67 -15.40 -57.82
N GLN D 351 -22.39 -15.11 -57.71
CA GLN D 351 -21.70 -14.41 -58.76
C GLN D 351 -20.44 -15.17 -59.16
N HIS D 352 -19.85 -14.75 -60.27
CA HIS D 352 -18.65 -15.40 -60.79
C HIS D 352 -17.84 -14.34 -61.51
N LYS D 353 -16.68 -14.01 -60.95
CA LYS D 353 -15.77 -13.03 -61.55
C LYS D 353 -14.90 -13.69 -62.62
N LEU E 4 -9.14 -53.42 -44.46
CA LEU E 4 -9.83 -52.15 -44.35
C LEU E 4 -8.84 -51.00 -44.22
N LYS E 5 -9.08 -49.92 -44.97
CA LYS E 5 -8.25 -48.73 -44.86
C LYS E 5 -8.82 -47.79 -43.81
N LEU E 6 -7.94 -47.14 -43.05
CA LEU E 6 -8.40 -46.20 -42.04
C LEU E 6 -8.66 -44.85 -42.70
N PRO E 7 -9.90 -44.42 -42.80
CA PRO E 7 -10.20 -43.16 -43.48
C PRO E 7 -9.76 -41.95 -42.67
N THR E 8 -9.44 -40.88 -43.39
CA THR E 8 -8.94 -39.66 -42.77
C THR E 8 -9.98 -38.95 -41.91
N ASN E 9 -11.25 -39.33 -42.00
CA ASN E 9 -12.29 -38.76 -41.15
C ASN E 9 -13.23 -39.89 -40.77
N LEU E 10 -13.07 -40.42 -39.56
CA LEU E 10 -13.98 -41.43 -39.05
C LEU E 10 -14.14 -41.19 -37.56
N ALA E 11 -15.26 -40.62 -37.17
CA ALA E 11 -15.53 -40.35 -35.78
C ALA E 11 -16.79 -41.10 -35.37
N TYR E 12 -16.84 -41.49 -34.12
CA TYR E 12 -18.02 -42.06 -33.53
C TYR E 12 -18.42 -41.23 -32.32
N GLU E 13 -19.71 -41.16 -32.08
CA GLU E 13 -20.20 -40.46 -30.91
C GLU E 13 -20.56 -41.48 -29.84
N ARG E 14 -20.27 -41.14 -28.59
CA ARG E 14 -20.40 -42.11 -27.51
C ARG E 14 -21.85 -42.48 -27.30
N SER E 15 -22.09 -43.75 -26.95
CA SER E 15 -23.45 -44.19 -26.72
C SER E 15 -23.87 -44.08 -25.27
N ILE E 16 -23.03 -44.48 -24.33
CA ILE E 16 -23.26 -44.25 -22.91
C ILE E 16 -22.87 -42.82 -22.58
N ASP E 17 -23.82 -42.04 -22.08
CA ASP E 17 -23.52 -40.70 -21.57
C ASP E 17 -23.84 -40.68 -20.09
N PRO E 18 -22.84 -40.76 -19.22
CA PRO E 18 -23.08 -40.65 -17.79
C PRO E 18 -22.88 -39.22 -17.30
N SER E 19 -23.56 -38.90 -16.21
CA SER E 19 -23.47 -37.58 -15.64
C SER E 19 -22.64 -37.62 -14.36
N ASP E 20 -22.24 -36.44 -13.90
CA ASP E 20 -21.44 -36.33 -12.70
C ASP E 20 -22.19 -36.93 -11.52
N VAL E 21 -21.44 -37.55 -10.60
CA VAL E 21 -22.03 -38.19 -9.44
C VAL E 21 -22.09 -37.15 -8.33
N CYS E 22 -23.27 -36.58 -8.08
CA CYS E 22 -23.43 -35.66 -6.99
C CYS E 22 -23.48 -36.41 -5.67
N PHE E 23 -22.72 -35.92 -4.71
CA PHE E 23 -22.62 -36.49 -3.37
C PHE E 23 -23.49 -35.71 -2.41
N PHE E 24 -24.28 -36.42 -1.61
CA PHE E 24 -25.18 -35.82 -0.65
C PHE E 24 -25.03 -36.56 0.64
N VAL E 25 -25.39 -35.91 1.74
CA VAL E 25 -25.30 -36.49 3.07
C VAL E 25 -26.71 -36.53 3.62
N VAL E 26 -27.14 -37.72 4.03
CA VAL E 26 -28.49 -37.94 4.54
C VAL E 26 -28.38 -38.16 6.04
N TRP E 27 -29.07 -37.31 6.79
CA TRP E 27 -29.04 -37.27 8.24
C TRP E 27 -30.13 -38.18 8.79
N PRO E 28 -30.17 -38.38 10.11
CA PRO E 28 -31.23 -39.22 10.69
C PRO E 28 -32.63 -38.70 10.45
N ASP E 29 -32.83 -37.38 10.37
CA ASP E 29 -34.12 -36.84 9.99
C ASP E 29 -34.36 -36.95 8.49
N ASP E 30 -33.47 -37.64 7.78
CA ASP E 30 -33.60 -37.92 6.35
C ASP E 30 -33.64 -36.66 5.50
N ARG E 31 -33.19 -35.55 6.04
CA ARG E 31 -32.89 -34.41 5.20
C ARG E 31 -31.52 -34.58 4.57
N LYS E 32 -31.32 -33.96 3.42
CA LYS E 32 -30.11 -34.14 2.65
C LYS E 32 -29.38 -32.81 2.53
N THR E 33 -28.05 -32.89 2.46
CA THR E 33 -27.26 -31.70 2.35
C THR E 33 -26.00 -32.08 1.58
N PRO E 34 -25.62 -31.33 0.56
CA PRO E 34 -24.47 -31.73 -0.25
C PRO E 34 -23.20 -31.82 0.57
N LEU E 35 -22.37 -32.80 0.25
CA LEU E 35 -21.07 -32.92 0.87
C LEU E 35 -20.26 -31.66 0.66
N THR E 36 -19.24 -31.48 1.49
CA THR E 36 -18.35 -30.34 1.40
C THR E 36 -16.95 -30.77 1.81
N TYR E 37 -15.98 -30.47 0.98
CA TYR E 37 -14.59 -30.78 1.29
C TYR E 37 -13.89 -29.50 1.69
N ASN E 38 -12.85 -29.64 2.51
CA ASN E 38 -12.08 -28.50 2.98
C ASN E 38 -10.61 -28.79 2.80
N SER E 39 -9.83 -27.75 2.55
CA SER E 39 -8.40 -27.92 2.34
C SER E 39 -7.72 -28.02 3.70
N ARG E 40 -6.95 -29.08 3.90
CA ARG E 40 -6.13 -29.26 5.09
C ARG E 40 -4.66 -29.16 4.71
N THR E 41 -3.84 -28.92 5.71
CA THR E 41 -2.39 -28.94 5.54
C THR E 41 -1.82 -30.01 6.46
N LEU E 42 -0.91 -30.80 5.93
CA LEU E 42 -0.37 -31.98 6.57
C LEU E 42 1.12 -31.79 6.76
N LEU E 43 1.63 -32.29 7.88
CA LEU E 43 3.05 -32.25 8.15
C LEU E 43 3.59 -33.65 7.91
N GLY E 44 3.87 -33.97 6.66
CA GLY E 44 4.38 -35.28 6.35
C GLY E 44 5.87 -35.39 6.58
N GLN E 45 6.34 -36.62 6.67
CA GLN E 45 7.76 -36.84 6.84
C GLN E 45 8.47 -36.71 5.50
N MET E 46 9.79 -36.59 5.57
CA MET E 46 10.59 -36.61 4.36
C MET E 46 10.73 -38.03 3.85
N GLU E 47 9.67 -38.55 3.23
CA GLU E 47 9.65 -39.95 2.81
C GLU E 47 10.04 -40.15 1.37
N ALA E 48 10.17 -39.09 0.58
CA ALA E 48 10.49 -39.22 -0.83
C ALA E 48 11.87 -39.83 -1.01
N ALA E 49 11.98 -40.76 -1.95
CA ALA E 49 13.26 -41.41 -2.20
C ALA E 49 14.27 -40.46 -2.82
N SER E 50 13.81 -39.47 -3.57
CA SER E 50 14.75 -38.54 -4.21
C SER E 50 15.40 -37.61 -3.21
N LEU E 51 14.82 -37.44 -2.02
CA LEU E 51 15.41 -36.55 -1.04
C LEU E 51 16.70 -37.12 -0.48
N ALA E 52 16.64 -38.28 0.17
CA ALA E 52 17.80 -38.85 0.79
C ALA E 52 18.69 -39.61 -0.17
N TYR E 53 18.15 -40.08 -1.28
CA TYR E 53 18.91 -40.88 -2.23
C TYR E 53 19.08 -40.14 -3.54
N ASP E 54 20.21 -40.38 -4.18
CA ASP E 54 20.43 -40.01 -5.58
C ASP E 54 20.11 -41.21 -6.46
N VAL E 55 20.14 -40.98 -7.77
CA VAL E 55 19.91 -42.08 -8.68
C VAL E 55 21.11 -43.03 -8.63
N SER E 56 20.93 -44.22 -9.21
CA SER E 56 21.94 -45.27 -9.17
C SER E 56 22.22 -45.73 -7.74
N GLY E 57 21.28 -45.47 -6.84
CA GLY E 57 21.42 -45.87 -5.44
C GLY E 57 22.57 -45.20 -4.72
N GLN E 58 22.57 -43.88 -4.65
CA GLN E 58 23.61 -43.15 -3.95
C GLN E 58 22.97 -42.28 -2.87
N PRO E 59 23.40 -42.37 -1.62
CA PRO E 59 22.82 -41.53 -0.58
C PRO E 59 23.28 -40.09 -0.70
N ILE E 60 22.31 -39.18 -0.68
CA ILE E 60 22.63 -37.75 -0.68
C ILE E 60 23.33 -37.42 0.63
N LYS E 61 24.47 -36.71 0.54
CA LYS E 61 25.25 -36.43 1.73
C LYS E 61 24.71 -35.24 2.52
N SER E 62 24.12 -34.26 1.86
CA SER E 62 23.52 -33.16 2.61
C SER E 62 22.25 -33.60 3.33
N ALA E 63 21.56 -34.61 2.78
CA ALA E 63 20.37 -35.16 3.41
C ALA E 63 20.80 -36.05 4.57
N THR E 64 21.26 -35.41 5.62
CA THR E 64 21.78 -36.10 6.80
C THR E 64 20.62 -36.46 7.73
N ALA E 65 20.95 -37.14 8.84
CA ALA E 65 19.92 -37.44 9.83
C ALA E 65 19.31 -36.19 10.41
N GLU E 66 19.95 -35.04 10.21
CA GLU E 66 19.31 -33.80 10.60
C GLU E 66 18.38 -33.26 9.52
N ALA E 67 18.68 -33.52 8.26
CA ALA E 67 17.85 -33.00 7.18
C ALA E 67 16.53 -33.76 7.04
N LEU E 68 16.56 -35.08 7.07
CA LEU E 68 15.35 -35.88 6.94
C LEU E 68 14.46 -35.78 8.18
N ALA E 69 14.85 -35.00 9.18
CA ALA E 69 14.00 -34.77 10.33
C ALA E 69 12.96 -33.71 10.03
N GLN E 70 13.39 -32.62 9.41
CA GLN E 70 12.51 -31.48 9.18
C GLN E 70 11.39 -31.88 8.23
N GLY E 71 10.21 -32.16 8.77
CA GLY E 71 9.11 -32.60 7.95
C GLY E 71 8.66 -31.54 6.95
N ASN E 72 7.98 -32.00 5.92
CA ASN E 72 7.51 -31.08 4.90
C ASN E 72 6.01 -30.97 4.90
N PRO E 73 5.47 -29.76 4.67
CA PRO E 73 4.03 -29.58 4.65
C PRO E 73 3.47 -29.80 3.24
N HIS E 74 2.34 -30.48 3.17
CA HIS E 74 1.63 -30.70 1.93
C HIS E 74 0.19 -30.31 2.13
N GLN E 75 -0.36 -29.49 1.25
CA GLN E 75 -1.76 -29.15 1.33
C GLN E 75 -2.55 -30.14 0.50
N VAL E 76 -3.61 -30.69 1.09
CA VAL E 76 -4.46 -31.63 0.39
C VAL E 76 -5.91 -31.28 0.68
N ASP E 77 -6.78 -31.48 -0.29
CA ASP E 77 -8.20 -31.42 -0.03
C ASP E 77 -8.61 -32.64 0.78
N PHE E 78 -9.59 -32.47 1.65
CA PHE E 78 -10.04 -33.54 2.52
C PHE E 78 -11.54 -33.50 2.60
N CYS E 79 -12.18 -34.62 2.31
CA CYS E 79 -13.62 -34.76 2.41
C CYS E 79 -13.90 -35.99 3.26
N HIS E 80 -14.97 -35.94 4.04
CA HIS E 80 -15.33 -37.06 4.89
C HIS E 80 -16.78 -36.92 5.29
N VAL E 81 -17.41 -38.05 5.56
CA VAL E 81 -18.80 -38.05 6.01
C VAL E 81 -18.88 -37.31 7.33
N PRO E 82 -19.76 -36.33 7.49
CA PRO E 82 -19.93 -35.68 8.78
C PRO E 82 -20.28 -36.68 9.86
N TYR E 83 -20.27 -36.20 11.11
CA TYR E 83 -20.43 -37.12 12.23
C TYR E 83 -21.83 -37.69 12.27
N GLY E 84 -22.83 -36.85 12.46
CA GLY E 84 -24.19 -37.33 12.63
C GLY E 84 -24.88 -37.83 11.39
N ALA E 85 -24.15 -37.97 10.28
CA ALA E 85 -24.76 -38.39 9.03
C ALA E 85 -25.17 -39.86 9.11
N SER E 86 -26.41 -40.13 8.72
CA SER E 86 -26.87 -41.51 8.67
C SER E 86 -26.21 -42.26 7.52
N HIS E 87 -26.27 -41.70 6.32
CA HIS E 87 -25.56 -42.29 5.21
C HIS E 87 -25.25 -41.20 4.20
N ILE E 88 -24.72 -41.60 3.05
CA ILE E 88 -24.33 -40.66 2.02
C ILE E 88 -24.89 -41.14 0.69
N GLU E 89 -25.68 -40.28 0.04
CA GLU E 89 -26.28 -40.61 -1.23
C GLU E 89 -25.40 -40.14 -2.36
N CYS E 90 -25.53 -40.80 -3.51
CA CYS E 90 -24.66 -40.60 -4.65
C CYS E 90 -25.52 -40.74 -5.89
N SER E 91 -25.87 -39.63 -6.51
CA SER E 91 -26.87 -39.66 -7.57
C SER E 91 -26.28 -39.20 -8.89
N PHE E 92 -26.60 -39.92 -9.96
CA PHE E 92 -26.24 -39.47 -11.28
C PHE E 92 -27.22 -40.08 -12.27
N SER E 93 -27.06 -39.72 -13.54
CA SER E 93 -27.90 -40.26 -14.59
C SER E 93 -27.01 -40.72 -15.73
N VAL E 94 -27.47 -41.75 -16.43
CA VAL E 94 -26.71 -42.36 -17.51
C VAL E 94 -27.66 -42.78 -18.61
N SER E 95 -27.42 -42.28 -19.81
CA SER E 95 -28.31 -42.52 -20.94
C SER E 95 -27.61 -43.39 -21.97
N PHE E 96 -28.25 -44.46 -22.37
CA PHE E 96 -27.78 -45.34 -23.43
C PHE E 96 -28.53 -44.99 -24.70
N SER E 97 -27.81 -44.60 -25.75
CA SER E 97 -28.43 -44.30 -27.03
C SER E 97 -27.79 -45.13 -28.11
N SER E 98 -28.41 -45.13 -29.29
CA SER E 98 -27.93 -45.92 -30.41
C SER E 98 -27.12 -45.03 -31.34
N GLU E 99 -26.02 -44.51 -30.80
CA GLU E 99 -25.11 -43.67 -31.57
C GLU E 99 -23.92 -44.44 -32.08
N LEU E 100 -23.93 -45.77 -31.94
CA LEU E 100 -22.91 -46.62 -32.53
C LEU E 100 -23.38 -47.26 -33.82
N ARG E 101 -24.66 -47.16 -34.15
CA ARG E 101 -25.15 -47.71 -35.42
C ARG E 101 -24.46 -47.03 -36.59
N GLN E 102 -24.55 -45.71 -36.67
CA GLN E 102 -23.96 -44.93 -37.74
C GLN E 102 -22.80 -44.10 -37.23
N PRO E 103 -21.69 -44.05 -37.94
CA PRO E 103 -20.58 -43.20 -37.51
C PRO E 103 -20.94 -41.73 -37.58
N TYR E 104 -20.45 -40.98 -36.59
CA TYR E 104 -20.68 -39.55 -36.56
C TYR E 104 -20.10 -38.87 -37.79
N LYS E 105 -18.97 -39.34 -38.28
CA LYS E 105 -18.34 -38.82 -39.47
C LYS E 105 -17.72 -39.96 -40.24
N CYS E 106 -17.76 -39.86 -41.57
CA CYS E 106 -17.10 -40.85 -42.42
C CYS E 106 -16.84 -40.22 -43.77
N ASN E 107 -15.58 -39.87 -44.04
CA ASN E 107 -15.28 -39.26 -45.33
C ASN E 107 -15.33 -40.28 -46.45
N SER E 108 -15.23 -41.56 -46.11
CA SER E 108 -15.33 -42.65 -47.07
C SER E 108 -16.61 -43.43 -46.80
N SER E 109 -17.48 -43.52 -47.79
CA SER E 109 -18.72 -44.26 -47.59
C SER E 109 -18.49 -45.76 -47.63
N LYS E 110 -17.46 -46.22 -48.33
CA LYS E 110 -17.16 -47.65 -48.37
C LYS E 110 -16.86 -48.19 -46.99
N VAL E 111 -16.04 -47.49 -46.21
CA VAL E 111 -15.81 -47.87 -44.83
C VAL E 111 -17.02 -47.60 -43.96
N LYS E 112 -18.00 -46.85 -44.46
CA LYS E 112 -19.22 -46.64 -43.68
C LYS E 112 -20.16 -47.83 -43.80
N GLN E 113 -20.22 -48.47 -44.97
CA GLN E 113 -21.10 -49.63 -45.09
C GLN E 113 -20.56 -50.82 -44.33
N THR E 114 -19.24 -50.98 -44.24
CA THR E 114 -18.67 -52.09 -43.50
C THR E 114 -18.79 -51.91 -41.99
N LEU E 115 -19.22 -50.75 -41.53
CA LEU E 115 -19.45 -50.51 -40.11
C LEU E 115 -20.92 -50.43 -39.77
N VAL E 116 -21.72 -49.71 -40.56
CA VAL E 116 -23.16 -49.69 -40.36
C VAL E 116 -23.78 -51.03 -40.73
N GLN E 117 -22.98 -51.98 -41.18
CA GLN E 117 -23.41 -53.36 -41.33
C GLN E 117 -22.78 -54.26 -40.28
N LEU E 118 -21.54 -53.97 -39.89
CA LEU E 118 -20.88 -54.72 -38.83
C LEU E 118 -21.71 -54.71 -37.56
N VAL E 119 -22.25 -53.55 -37.20
CA VAL E 119 -23.09 -53.46 -36.01
C VAL E 119 -24.34 -54.29 -36.17
N GLU E 120 -24.92 -54.29 -37.36
CA GLU E 120 -26.17 -55.01 -37.58
C GLU E 120 -25.96 -56.52 -37.55
N LEU E 121 -24.96 -57.01 -38.28
CA LEU E 121 -24.68 -58.44 -38.24
C LEU E 121 -24.20 -58.88 -36.87
N TYR E 122 -23.55 -57.98 -36.12
CA TYR E 122 -23.24 -58.24 -34.72
C TYR E 122 -24.52 -58.50 -33.95
N GLU E 123 -25.40 -57.50 -33.90
CA GLU E 123 -26.62 -57.64 -33.12
C GLU E 123 -27.46 -58.83 -33.55
N THR E 124 -27.42 -59.19 -34.84
CA THR E 124 -28.20 -60.33 -35.28
C THR E 124 -27.58 -61.64 -34.80
N LYS E 125 -26.26 -61.80 -34.98
CA LYS E 125 -25.65 -63.07 -34.61
C LYS E 125 -25.35 -63.14 -33.12
N ILE E 126 -24.64 -62.15 -32.59
CA ILE E 126 -24.27 -62.11 -31.18
C ILE E 126 -24.95 -60.87 -30.59
N GLY E 127 -26.09 -61.08 -29.96
CA GLY E 127 -26.93 -59.97 -29.56
C GLY E 127 -26.27 -59.02 -28.57
N TRP E 128 -26.97 -57.91 -28.34
CA TRP E 128 -26.46 -56.88 -27.44
C TRP E 128 -26.46 -57.31 -25.99
N THR E 129 -27.01 -58.47 -25.66
CA THR E 129 -27.17 -58.85 -24.26
C THR E 129 -25.86 -58.94 -23.50
N GLU E 130 -24.76 -59.30 -24.15
CA GLU E 130 -23.49 -59.44 -23.45
C GLU E 130 -22.96 -58.08 -23.01
N LEU E 131 -22.74 -57.17 -23.96
CA LEU E 131 -22.27 -55.85 -23.61
C LEU E 131 -23.28 -55.09 -22.77
N ALA E 132 -24.57 -55.25 -23.05
CA ALA E 132 -25.56 -54.57 -22.24
C ALA E 132 -25.50 -55.03 -20.80
N THR E 133 -25.40 -56.34 -20.57
CA THR E 133 -25.31 -56.84 -19.21
C THR E 133 -24.03 -56.38 -18.53
N ARG E 134 -22.91 -56.38 -19.25
CA ARG E 134 -21.67 -55.93 -18.66
C ARG E 134 -21.72 -54.46 -18.27
N TYR E 135 -22.22 -53.61 -19.17
CA TYR E 135 -22.37 -52.20 -18.87
C TYR E 135 -23.33 -51.97 -17.71
N LEU E 136 -24.37 -52.77 -17.61
CA LEU E 136 -25.38 -52.55 -16.59
C LEU E 136 -24.96 -53.06 -15.23
N MET E 137 -24.11 -54.09 -15.18
CA MET E 137 -23.61 -54.54 -13.89
C MET E 137 -22.83 -53.45 -13.19
N ASN E 138 -21.95 -52.75 -13.93
CA ASN E 138 -21.24 -51.61 -13.35
C ASN E 138 -22.17 -50.52 -12.89
N ILE E 139 -23.32 -50.35 -13.54
CA ILE E 139 -24.31 -49.40 -13.06
C ILE E 139 -24.89 -49.88 -11.73
N CYS E 140 -25.25 -51.16 -11.67
CA CYS E 140 -26.02 -51.69 -10.55
C CYS E 140 -25.16 -52.16 -9.39
N ASN E 141 -23.95 -52.64 -9.63
CA ASN E 141 -23.00 -52.78 -8.54
C ASN E 141 -22.14 -51.54 -8.51
N GLY E 142 -21.93 -50.99 -7.32
CA GLY E 142 -21.20 -49.75 -7.25
C GLY E 142 -19.82 -49.89 -7.83
N LYS E 143 -19.64 -49.35 -9.02
CA LYS E 143 -18.36 -49.26 -9.67
C LYS E 143 -18.02 -47.84 -10.07
N TRP E 144 -19.04 -47.04 -10.38
CA TRP E 144 -18.87 -45.60 -10.45
C TRP E 144 -18.55 -45.01 -9.08
N LEU E 145 -19.01 -45.64 -8.01
CA LEU E 145 -18.48 -45.35 -6.68
C LEU E 145 -17.14 -46.05 -6.56
N TRP E 146 -16.07 -45.40 -7.01
CA TRP E 146 -14.84 -46.12 -7.27
C TRP E 146 -14.27 -46.76 -6.02
N LYS E 147 -13.83 -45.95 -5.08
CA LYS E 147 -13.20 -46.46 -3.88
C LYS E 147 -14.05 -46.28 -2.65
N ASN E 148 -15.13 -45.51 -2.75
CA ASN E 148 -16.00 -45.33 -1.60
C ASN E 148 -16.65 -46.64 -1.17
N THR E 149 -16.83 -47.57 -2.10
CA THR E 149 -17.35 -48.88 -1.79
C THR E 149 -16.29 -49.83 -1.27
N ARG E 150 -15.02 -49.42 -1.24
CA ARG E 150 -13.96 -50.30 -0.76
C ARG E 150 -14.06 -50.53 0.73
N LYS E 151 -14.13 -49.44 1.51
CA LYS E 151 -14.23 -49.50 2.95
C LYS E 151 -15.58 -48.92 3.34
N ALA E 152 -16.61 -49.76 3.28
CA ALA E 152 -17.96 -49.31 3.57
C ALA E 152 -18.75 -50.48 4.12
N TYR E 153 -19.88 -50.16 4.75
CA TYR E 153 -20.72 -51.22 5.28
C TYR E 153 -21.54 -51.87 4.17
N CYS E 154 -22.36 -51.07 3.51
CA CYS E 154 -23.20 -51.55 2.43
C CYS E 154 -23.63 -50.37 1.57
N TRP E 155 -23.72 -50.60 0.27
CA TRP E 155 -24.21 -49.59 -0.65
C TRP E 155 -25.33 -50.17 -1.47
N ASN E 156 -26.39 -49.38 -1.65
CA ASN E 156 -27.59 -49.80 -2.33
C ASN E 156 -27.81 -48.91 -3.56
N ILE E 157 -28.01 -49.55 -4.70
CA ILE E 157 -28.25 -48.86 -5.97
C ILE E 157 -29.73 -48.89 -6.27
N VAL E 158 -30.42 -47.78 -6.05
CA VAL E 158 -31.79 -47.63 -6.51
C VAL E 158 -31.74 -47.01 -7.89
N LEU E 159 -32.39 -47.66 -8.85
CA LEU E 159 -32.26 -47.33 -10.25
C LEU E 159 -33.64 -47.04 -10.80
N THR E 160 -33.73 -46.02 -11.64
CA THR E 160 -35.00 -45.61 -12.23
C THR E 160 -34.83 -45.47 -13.73
N PRO E 161 -35.32 -46.41 -14.52
CA PRO E 161 -35.23 -46.28 -15.98
C PRO E 161 -36.26 -45.30 -16.51
N TRP E 162 -35.92 -44.66 -17.62
CA TRP E 162 -36.85 -43.62 -18.05
C TRP E 162 -38.03 -44.19 -18.83
N PRO E 163 -37.83 -44.90 -19.95
CA PRO E 163 -39.03 -45.45 -20.58
C PRO E 163 -39.43 -46.71 -19.82
N TRP E 164 -39.97 -46.49 -18.62
CA TRP E 164 -40.20 -47.57 -17.68
C TRP E 164 -41.58 -47.40 -17.07
N ASN E 165 -42.20 -48.52 -16.71
CA ASN E 165 -43.56 -48.54 -16.20
C ASN E 165 -43.67 -48.94 -14.74
N GLY E 166 -42.89 -49.91 -14.28
CA GLY E 166 -43.01 -50.40 -12.93
C GLY E 166 -42.36 -49.50 -11.91
N GLU E 167 -42.27 -49.99 -10.68
CA GLU E 167 -41.66 -49.23 -9.61
C GLU E 167 -40.14 -49.37 -9.67
N LYS E 168 -39.46 -48.51 -8.90
CA LYS E 168 -38.01 -48.40 -8.97
C LYS E 168 -37.36 -49.75 -8.77
N VAL E 169 -36.24 -49.97 -9.44
CA VAL E 169 -35.54 -51.24 -9.37
C VAL E 169 -34.35 -51.09 -8.44
N GLY E 170 -34.37 -51.84 -7.34
CA GLY E 170 -33.38 -51.69 -6.28
C GLY E 170 -32.35 -52.80 -6.31
N PHE E 171 -31.16 -52.50 -5.80
CA PHE E 171 -30.10 -53.48 -5.60
C PHE E 171 -29.53 -53.22 -4.20
N GLU E 172 -29.95 -54.01 -3.23
CA GLU E 172 -29.62 -53.76 -1.84
C GLU E 172 -28.40 -54.57 -1.42
N ASP E 173 -27.58 -53.98 -0.54
CA ASP E 173 -26.35 -54.57 0.00
C ASP E 173 -25.55 -55.33 -1.05
N ILE E 174 -25.06 -54.61 -2.05
CA ILE E 174 -24.34 -55.22 -3.16
C ILE E 174 -23.11 -55.98 -2.69
N ARG E 175 -22.55 -55.62 -1.55
CA ARG E 175 -21.40 -56.36 -1.03
C ARG E 175 -21.74 -57.81 -0.77
N THR E 176 -22.99 -58.09 -0.40
CA THR E 176 -23.40 -59.42 0.04
C THR E 176 -24.17 -60.19 -1.03
N ASN E 177 -25.20 -59.60 -1.61
CA ASN E 177 -26.03 -60.33 -2.56
C ASN E 177 -25.42 -60.34 -3.95
N TYR E 178 -25.31 -59.17 -4.57
CA TYR E 178 -25.01 -59.05 -5.99
C TYR E 178 -23.50 -59.09 -6.19
N THR E 179 -22.95 -60.27 -5.94
CA THR E 179 -21.52 -60.49 -6.07
C THR E 179 -21.12 -61.14 -7.38
N SER E 180 -22.06 -61.35 -8.29
CA SER E 180 -21.75 -62.00 -9.56
C SER E 180 -22.79 -61.60 -10.60
N ARG E 181 -22.59 -62.10 -11.82
CA ARG E 181 -23.54 -61.85 -12.90
C ARG E 181 -24.87 -62.54 -12.65
N GLN E 182 -24.81 -63.78 -12.16
CA GLN E 182 -26.04 -64.53 -11.92
C GLN E 182 -26.87 -63.92 -10.81
N ASP E 183 -26.22 -63.42 -9.76
CA ASP E 183 -26.96 -62.78 -8.68
C ASP E 183 -27.68 -61.55 -9.18
N PHE E 184 -27.12 -60.87 -10.17
CA PHE E 184 -27.83 -59.76 -10.82
C PHE E 184 -29.01 -60.28 -11.63
N LYS E 185 -28.77 -61.30 -12.46
CA LYS E 185 -29.85 -61.87 -13.25
C LYS E 185 -31.02 -62.34 -12.40
N ASN E 186 -30.76 -62.83 -11.20
CA ASN E 186 -31.83 -63.31 -10.33
C ASN E 186 -32.74 -62.19 -9.87
N ASN E 187 -32.43 -60.95 -10.16
CA ASN E 187 -33.31 -59.85 -9.82
C ASN E 187 -34.56 -59.90 -10.71
N LYS E 188 -35.71 -59.61 -10.09
CA LYS E 188 -36.97 -59.66 -10.81
C LYS E 188 -36.99 -58.69 -11.99
N ASN E 189 -36.28 -57.57 -11.87
CA ASN E 189 -36.30 -56.53 -12.89
C ASN E 189 -35.01 -56.46 -13.69
N TRP E 190 -34.13 -57.44 -13.54
CA TRP E 190 -32.87 -57.36 -14.27
C TRP E 190 -33.09 -57.50 -15.76
N SER E 191 -33.80 -58.54 -16.17
CA SER E 191 -34.02 -58.76 -17.60
C SER E 191 -34.78 -57.60 -18.21
N ALA E 192 -35.75 -57.05 -17.48
CA ALA E 192 -36.53 -55.92 -17.95
C ALA E 192 -35.69 -54.67 -18.14
N ILE E 193 -34.41 -54.70 -17.76
CA ILE E 193 -33.52 -53.56 -17.92
C ILE E 193 -32.44 -53.83 -18.96
N VAL E 194 -31.88 -55.03 -18.96
CA VAL E 194 -30.95 -55.37 -20.02
C VAL E 194 -31.67 -55.38 -21.36
N GLU E 195 -32.96 -55.76 -21.36
CA GLU E 195 -33.75 -55.65 -22.57
C GLU E 195 -33.87 -54.20 -23.02
N MET E 196 -34.03 -53.27 -22.08
CA MET E 196 -34.17 -51.88 -22.45
C MET E 196 -32.86 -51.32 -22.99
N ILE E 197 -31.75 -51.73 -22.41
CA ILE E 197 -30.45 -51.26 -22.90
C ILE E 197 -30.19 -51.80 -24.29
N LYS E 198 -30.45 -53.09 -24.51
CA LYS E 198 -30.22 -53.65 -25.83
C LYS E 198 -31.23 -53.15 -26.85
N THR E 199 -32.39 -52.67 -26.40
CA THR E 199 -33.30 -51.95 -27.29
C THR E 199 -32.71 -50.60 -27.67
N ALA E 200 -32.18 -49.88 -26.70
CA ALA E 200 -31.57 -48.58 -26.97
C ALA E 200 -30.37 -48.71 -27.90
N PHE E 201 -29.82 -49.90 -28.05
CA PHE E 201 -28.68 -50.09 -28.95
C PHE E 201 -29.09 -50.52 -30.35
N SER E 202 -30.27 -51.11 -30.51
CA SER E 202 -30.72 -51.58 -31.82
C SER E 202 -31.62 -50.57 -32.50
N SER E 203 -32.64 -50.10 -31.82
CA SER E 203 -33.54 -49.10 -32.38
C SER E 203 -32.75 -47.87 -32.80
N THR E 204 -32.98 -47.41 -34.03
CA THR E 204 -32.15 -46.39 -34.63
C THR E 204 -32.27 -45.03 -33.96
N ASP E 205 -33.40 -44.72 -33.34
CA ASP E 205 -33.54 -43.49 -32.56
C ASP E 205 -34.20 -43.76 -31.22
N GLY E 206 -33.77 -44.80 -30.53
CA GLY E 206 -34.24 -45.08 -29.19
C GLY E 206 -33.15 -44.81 -28.18
N LEU E 207 -33.56 -44.72 -26.91
CA LEU E 207 -32.62 -44.50 -25.83
C LEU E 207 -33.23 -45.03 -24.55
N ALA E 208 -32.36 -45.17 -23.55
CA ALA E 208 -32.73 -45.69 -22.25
C ALA E 208 -32.00 -44.86 -21.20
N ILE E 209 -32.72 -44.00 -20.50
CA ILE E 209 -32.13 -43.13 -19.49
C ILE E 209 -32.34 -43.76 -18.13
N PHE E 210 -31.26 -43.90 -17.38
CA PHE E 210 -31.30 -44.41 -16.02
C PHE E 210 -30.95 -43.28 -15.07
N GLU E 211 -31.64 -43.23 -13.94
CA GLU E 211 -31.24 -42.39 -12.84
C GLU E 211 -30.82 -43.30 -11.69
N VAL E 212 -29.53 -43.28 -11.36
CA VAL E 212 -28.94 -44.16 -10.37
C VAL E 212 -28.75 -43.35 -9.10
N ARG E 213 -29.05 -43.98 -7.97
CA ARG E 213 -28.92 -43.33 -6.68
C ARG E 213 -28.44 -44.35 -5.67
N ALA E 214 -27.22 -44.17 -5.18
CA ALA E 214 -26.61 -45.08 -4.23
C ALA E 214 -26.74 -44.51 -2.84
N THR E 215 -27.31 -45.27 -1.93
CA THR E 215 -27.23 -44.96 -0.51
C THR E 215 -26.08 -45.77 0.03
N LEU E 216 -25.08 -45.09 0.58
CA LEU E 216 -23.81 -45.68 0.96
C LEU E 216 -23.67 -45.49 2.46
N HIS E 217 -23.52 -46.60 3.18
CA HIS E 217 -23.40 -46.57 4.64
C HIS E 217 -21.94 -46.69 4.99
N LEU E 218 -21.29 -45.58 5.19
CA LEU E 218 -19.89 -45.54 5.52
C LEU E 218 -19.70 -45.55 7.02
N PRO E 219 -18.52 -45.93 7.51
CA PRO E 219 -18.27 -45.86 8.95
C PRO E 219 -18.21 -44.43 9.46
N THR E 220 -17.92 -44.26 10.75
CA THR E 220 -17.95 -42.94 11.36
C THR E 220 -16.84 -42.07 10.80
N ASN E 221 -17.20 -40.83 10.42
CA ASN E 221 -16.24 -39.85 9.93
C ASN E 221 -15.47 -40.36 8.72
N ALA E 222 -16.02 -41.36 8.04
CA ALA E 222 -15.29 -42.05 6.98
C ALA E 222 -14.91 -41.08 5.88
N MET E 223 -13.70 -41.26 5.36
CA MET E 223 -13.19 -40.37 4.34
C MET E 223 -13.79 -40.71 2.99
N VAL E 224 -14.29 -39.71 2.30
CA VAL E 224 -14.89 -39.89 0.98
C VAL E 224 -13.86 -39.54 -0.08
N ARG E 225 -13.75 -40.38 -1.11
CA ARG E 225 -12.80 -40.18 -2.20
C ARG E 225 -13.55 -39.76 -3.46
N PRO E 226 -13.66 -38.47 -3.72
CA PRO E 226 -14.15 -38.04 -5.03
C PRO E 226 -13.01 -37.88 -5.99
N SER E 227 -13.30 -37.46 -7.22
CA SER E 227 -12.28 -37.36 -8.25
C SER E 227 -11.42 -36.15 -8.02
N GLN E 228 -10.12 -36.29 -8.33
CA GLN E 228 -9.20 -35.18 -8.25
C GLN E 228 -9.14 -34.45 -9.58
N VAL E 229 -8.63 -33.23 -9.55
CA VAL E 229 -8.48 -32.44 -10.76
C VAL E 229 -7.07 -32.68 -11.29
N PHE E 230 -6.87 -32.34 -12.56
CA PHE E 230 -5.57 -32.51 -13.18
C PHE E 230 -4.67 -31.33 -12.86
N THR E 231 -3.36 -31.54 -13.04
CA THR E 231 -2.35 -30.51 -12.83
C THR E 231 -2.74 -29.16 -13.41
N ASN E 245 -2.20 -27.60 -4.24
CA ASN E 245 -2.38 -28.74 -3.37
C ASN E 245 -1.97 -30.01 -4.07
N SER E 246 -1.41 -30.95 -3.32
CA SER E 246 -1.10 -32.25 -3.86
C SER E 246 -2.32 -33.15 -3.93
N ARG E 247 -3.50 -32.62 -3.62
CA ARG E 247 -4.75 -33.35 -3.84
C ARG E 247 -5.86 -32.31 -3.92
N VAL E 248 -6.27 -31.98 -5.14
CA VAL E 248 -7.32 -31.00 -5.38
C VAL E 248 -8.53 -31.78 -5.84
N PHE E 249 -9.68 -31.51 -5.23
CA PHE E 249 -10.87 -32.27 -5.56
C PHE E 249 -11.63 -31.61 -6.70
N GLN E 250 -12.33 -32.44 -7.45
CA GLN E 250 -13.18 -32.00 -8.55
C GLN E 250 -14.57 -31.79 -7.98
N SER E 251 -15.11 -30.59 -8.15
CA SER E 251 -16.30 -30.18 -7.44
C SER E 251 -17.28 -29.45 -8.34
N THR E 252 -18.54 -29.50 -7.93
CA THR E 252 -19.62 -28.69 -8.46
C THR E 252 -20.10 -27.78 -7.36
N THR E 253 -21.19 -27.06 -7.61
CA THR E 253 -21.83 -26.23 -6.59
C THR E 253 -23.29 -26.62 -6.50
N ILE E 254 -23.67 -27.25 -5.40
CA ILE E 254 -25.05 -27.62 -5.13
C ILE E 254 -25.58 -26.72 -4.03
N ASP E 255 -26.78 -26.20 -4.22
CA ASP E 255 -27.40 -25.27 -3.27
C ASP E 255 -26.51 -24.07 -3.00
N GLY E 256 -25.68 -23.71 -3.97
CA GLY E 256 -24.78 -22.59 -3.82
C GLY E 256 -23.54 -22.86 -3.00
N GLU E 257 -23.29 -24.11 -2.63
CA GLU E 257 -22.11 -24.47 -1.86
C GLU E 257 -21.33 -25.53 -2.63
N ARG E 258 -20.02 -25.44 -2.59
CA ARG E 258 -19.19 -26.36 -3.36
C ARG E 258 -19.27 -27.75 -2.76
N SER E 259 -19.15 -28.74 -3.63
CA SER E 259 -19.40 -30.11 -3.23
C SER E 259 -18.64 -31.04 -4.15
N PRO E 260 -17.98 -32.05 -3.63
CA PRO E 260 -17.15 -32.90 -4.47
C PRO E 260 -18.01 -33.79 -5.35
N ILE E 261 -17.43 -34.20 -6.48
CA ILE E 261 -18.11 -35.07 -7.42
C ILE E 261 -17.11 -36.05 -8.01
N LEU E 262 -17.60 -37.24 -8.34
CA LEU E 262 -16.92 -38.12 -9.27
C LEU E 262 -17.29 -37.65 -10.66
N GLY E 263 -16.31 -37.17 -11.41
CA GLY E 263 -16.59 -36.53 -12.67
C GLY E 263 -17.36 -37.40 -13.63
N ALA E 264 -17.91 -36.76 -14.66
CA ALA E 264 -18.66 -37.50 -15.66
C ALA E 264 -17.78 -38.48 -16.40
N PHE E 265 -16.52 -38.11 -16.65
CA PHE E 265 -15.62 -39.00 -17.37
C PHE E 265 -15.06 -40.07 -16.46
N LYS E 266 -14.90 -39.78 -15.18
CA LYS E 266 -14.59 -40.83 -14.22
C LYS E 266 -15.72 -41.86 -14.17
N THR E 267 -16.96 -41.39 -14.12
CA THR E 267 -18.10 -42.30 -14.08
C THR E 267 -18.20 -43.09 -15.37
N GLY E 268 -17.91 -42.46 -16.51
CA GLY E 268 -17.92 -43.17 -17.76
C GLY E 268 -16.83 -44.22 -17.85
N ALA E 269 -15.62 -43.88 -17.41
CA ALA E 269 -14.57 -44.88 -17.32
C ALA E 269 -14.92 -46.00 -16.37
N ALA E 270 -15.75 -45.73 -15.37
CA ALA E 270 -16.19 -46.79 -14.46
C ALA E 270 -17.19 -47.72 -15.13
N ILE E 271 -18.24 -47.17 -15.72
CA ILE E 271 -19.25 -48.00 -16.35
C ILE E 271 -18.66 -48.81 -17.50
N ALA E 272 -17.69 -48.25 -18.21
CA ALA E 272 -17.09 -48.90 -19.36
C ALA E 272 -15.88 -49.76 -19.00
N THR E 273 -15.78 -50.22 -17.75
CA THR E 273 -14.78 -51.24 -17.40
C THR E 273 -15.39 -52.62 -17.60
N ILE E 274 -15.51 -52.99 -18.87
CA ILE E 274 -15.99 -54.31 -19.25
C ILE E 274 -14.94 -55.13 -19.97
N ASP E 275 -13.85 -54.52 -20.42
CA ASP E 275 -12.90 -55.19 -21.31
C ASP E 275 -12.10 -56.19 -20.53
N ASP E 276 -12.59 -57.42 -20.46
CA ASP E 276 -11.82 -58.51 -19.90
C ASP E 276 -11.18 -59.37 -20.98
N TRP E 277 -11.50 -59.15 -22.25
CA TRP E 277 -11.02 -60.01 -23.33
C TRP E 277 -9.71 -59.45 -23.85
N TYR E 278 -8.60 -60.08 -23.48
CA TYR E 278 -7.30 -59.72 -24.01
C TYR E 278 -6.32 -60.80 -23.57
N PRO E 279 -5.12 -60.83 -24.15
CA PRO E 279 -4.10 -61.76 -23.65
C PRO E 279 -3.97 -61.66 -22.15
N GLU E 280 -3.67 -62.80 -21.52
CA GLU E 280 -3.68 -62.97 -20.07
C GLU E 280 -4.88 -62.26 -19.43
N ALA E 281 -6.08 -62.52 -19.94
CA ALA E 281 -7.28 -61.90 -19.42
C ALA E 281 -7.36 -62.10 -17.91
N THR E 282 -7.25 -61.00 -17.17
CA THR E 282 -7.17 -61.08 -15.70
C THR E 282 -8.36 -60.41 -15.01
N GLU E 283 -8.62 -59.14 -15.27
CA GLU E 283 -9.81 -58.48 -14.72
C GLU E 283 -10.17 -57.34 -15.64
N PRO E 284 -11.42 -56.86 -15.59
CA PRO E 284 -11.89 -55.91 -16.59
C PRO E 284 -11.07 -54.64 -16.65
N LEU E 285 -10.77 -54.22 -17.87
CA LEU E 285 -10.08 -52.98 -18.17
C LEU E 285 -11.07 -52.00 -18.78
N ARG E 286 -10.71 -50.72 -18.75
CA ARG E 286 -11.52 -49.72 -19.43
C ARG E 286 -11.34 -49.87 -20.93
N VAL E 287 -12.46 -49.95 -21.65
CA VAL E 287 -12.39 -50.20 -23.08
C VAL E 287 -11.69 -49.06 -23.78
N GLY E 288 -10.56 -49.35 -24.41
CA GLY E 288 -9.82 -48.38 -25.17
C GLY E 288 -9.11 -49.11 -26.28
N ARG E 289 -8.61 -48.35 -27.25
CA ARG E 289 -8.00 -48.97 -28.42
C ARG E 289 -6.89 -49.92 -28.02
N PHE E 290 -5.93 -49.44 -27.24
CA PHE E 290 -4.88 -50.26 -26.66
C PHE E 290 -5.24 -50.42 -25.19
N GLY E 291 -5.64 -51.62 -24.79
CA GLY E 291 -6.20 -51.76 -23.47
C GLY E 291 -5.20 -51.35 -22.42
N VAL E 292 -5.39 -50.15 -21.87
CA VAL E 292 -4.44 -49.56 -20.95
C VAL E 292 -4.82 -49.95 -19.55
N HIS E 293 -3.92 -50.62 -18.85
CA HIS E 293 -4.11 -50.92 -17.44
C HIS E 293 -3.51 -49.78 -16.65
N ARG E 294 -4.38 -48.97 -16.05
CA ARG E 294 -3.91 -47.76 -15.40
C ARG E 294 -3.02 -48.05 -14.21
N GLU E 295 -3.25 -49.14 -13.50
CA GLU E 295 -2.50 -49.41 -12.28
C GLU E 295 -1.10 -49.90 -12.61
N ASP E 296 -1.01 -51.04 -13.29
CA ASP E 296 0.25 -51.48 -13.86
C ASP E 296 0.29 -50.95 -15.28
N VAL E 297 1.08 -49.88 -15.47
CA VAL E 297 0.89 -48.99 -16.61
C VAL E 297 0.88 -49.73 -17.94
N THR E 298 1.61 -50.83 -18.07
CA THR E 298 1.78 -51.48 -19.36
C THR E 298 0.44 -51.76 -20.00
N CYS E 299 0.20 -51.17 -21.17
CA CYS E 299 -1.05 -51.35 -21.87
C CYS E 299 -1.07 -52.68 -22.58
N TYR E 300 -2.08 -53.49 -22.29
CA TYR E 300 -2.33 -54.68 -23.07
C TYR E 300 -3.04 -54.26 -24.34
N ARG E 301 -3.17 -55.19 -25.28
CA ARG E 301 -3.65 -54.87 -26.61
C ARG E 301 -2.77 -53.79 -27.23
N HIS E 302 -1.47 -53.94 -27.03
CA HIS E 302 -0.51 -53.11 -27.72
C HIS E 302 -0.65 -53.34 -29.22
N PRO E 303 -0.32 -52.35 -30.04
CA PRO E 303 -0.35 -52.58 -31.49
C PRO E 303 0.60 -53.66 -31.94
N SER E 304 1.65 -53.96 -31.18
CA SER E 304 2.56 -55.03 -31.55
C SER E 304 1.87 -56.38 -31.50
N THR E 305 0.90 -56.52 -30.59
CA THR E 305 0.04 -57.70 -30.64
C THR E 305 -1.19 -57.37 -31.47
N GLY E 306 -1.81 -58.41 -32.02
CA GLY E 306 -2.92 -58.19 -32.91
C GLY E 306 -4.24 -57.99 -32.22
N LYS E 307 -4.26 -57.19 -31.16
CA LYS E 307 -5.46 -57.05 -30.35
C LYS E 307 -5.85 -55.61 -30.08
N ASP E 308 -5.07 -54.63 -30.52
CA ASP E 308 -5.53 -53.26 -30.42
C ASP E 308 -6.74 -53.07 -31.32
N PHE E 309 -7.48 -52.00 -31.06
CA PHE E 309 -8.72 -51.77 -31.80
C PHE E 309 -8.46 -51.46 -33.25
N PHE E 310 -7.32 -50.87 -33.58
CA PHE E 310 -7.06 -50.50 -34.96
C PHE E 310 -6.56 -51.68 -35.78
N SER E 311 -6.07 -52.74 -35.13
CA SER E 311 -5.73 -53.94 -35.86
C SER E 311 -6.94 -54.83 -36.07
N ILE E 312 -7.92 -54.78 -35.17
CA ILE E 312 -9.15 -55.54 -35.34
C ILE E 312 -10.19 -54.79 -36.14
N LEU E 313 -10.05 -53.47 -36.29
CA LEU E 313 -10.89 -52.72 -37.21
C LEU E 313 -10.41 -52.88 -38.64
N GLN E 314 -9.10 -53.01 -38.82
CA GLN E 314 -8.56 -53.32 -40.15
C GLN E 314 -9.16 -54.62 -40.69
N GLN E 315 -9.51 -55.54 -39.80
CA GLN E 315 -10.10 -56.82 -40.19
C GLN E 315 -11.62 -56.81 -40.10
N ALA E 316 -12.26 -55.65 -40.37
CA ALA E 316 -13.71 -55.56 -40.20
C ALA E 316 -14.45 -56.40 -41.22
N GLU E 317 -13.97 -56.43 -42.47
CA GLU E 317 -14.65 -57.23 -43.49
C GLU E 317 -14.49 -58.72 -43.22
N HIS E 318 -13.34 -59.12 -42.67
CA HIS E 318 -13.20 -60.50 -42.25
C HIS E 318 -14.22 -60.87 -41.18
N TYR E 319 -14.47 -59.97 -40.23
CA TYR E 319 -15.48 -60.25 -39.23
C TYR E 319 -16.87 -60.24 -39.84
N ILE E 320 -17.10 -59.42 -40.86
CA ILE E 320 -18.38 -59.44 -41.56
C ILE E 320 -18.61 -60.81 -42.16
N GLU E 321 -17.64 -61.32 -42.90
CA GLU E 321 -17.81 -62.63 -43.53
C GLU E 321 -17.80 -63.76 -42.51
N VAL E 322 -17.21 -63.57 -41.33
CA VAL E 322 -17.32 -64.62 -40.32
C VAL E 322 -18.70 -64.64 -39.70
N LEU E 323 -19.30 -63.49 -39.39
CA LEU E 323 -20.63 -63.53 -38.81
C LEU E 323 -21.73 -63.73 -39.84
N SER E 324 -21.49 -63.42 -41.11
CA SER E 324 -22.51 -63.65 -42.12
C SER E 324 -22.68 -65.13 -42.43
N ALA E 325 -21.74 -65.97 -42.05
CA ALA E 325 -21.88 -67.41 -42.24
C ALA E 325 -22.96 -67.97 -41.32
N ASN E 326 -23.24 -69.25 -41.50
CA ASN E 326 -24.27 -69.90 -40.66
C ASN E 326 -23.71 -70.37 -39.33
N LYS E 327 -22.49 -70.88 -39.30
CA LYS E 327 -21.92 -71.40 -38.07
C LYS E 327 -21.62 -70.27 -37.09
N THR E 328 -21.82 -70.56 -35.81
CA THR E 328 -21.46 -69.61 -34.77
C THR E 328 -19.94 -69.56 -34.65
N PRO E 329 -19.34 -68.38 -34.64
CA PRO E 329 -17.88 -68.30 -34.74
C PRO E 329 -17.17 -68.79 -33.49
N ALA E 330 -15.85 -68.74 -33.50
CA ALA E 330 -15.08 -69.11 -32.33
C ALA E 330 -15.28 -68.07 -31.23
N GLN E 331 -14.98 -68.48 -30.00
CA GLN E 331 -15.07 -67.53 -28.90
C GLN E 331 -14.00 -66.46 -29.02
N GLU E 332 -12.86 -66.78 -29.62
CA GLU E 332 -11.81 -65.79 -29.79
C GLU E 332 -12.29 -64.61 -30.63
N THR E 333 -12.81 -64.89 -31.83
CA THR E 333 -13.27 -63.81 -32.69
C THR E 333 -14.52 -63.14 -32.14
N ILE E 334 -15.36 -63.87 -31.42
CA ILE E 334 -16.52 -63.21 -30.85
C ILE E 334 -16.11 -62.27 -29.72
N ASN E 335 -15.07 -62.59 -28.97
CA ASN E 335 -14.58 -61.67 -27.96
C ASN E 335 -13.90 -60.48 -28.61
N ASP E 336 -13.15 -60.73 -29.68
CA ASP E 336 -12.55 -59.66 -30.44
C ASP E 336 -13.59 -58.67 -30.95
N MET E 337 -14.72 -59.19 -31.43
CA MET E 337 -15.76 -58.30 -31.91
C MET E 337 -16.57 -57.67 -30.79
N HIS E 338 -16.70 -58.35 -29.64
CA HIS E 338 -17.18 -57.68 -28.45
C HIS E 338 -16.35 -56.45 -28.15
N PHE E 339 -15.04 -56.59 -28.19
CA PHE E 339 -14.18 -55.44 -27.90
C PHE E 339 -14.34 -54.37 -28.97
N LEU E 340 -14.46 -54.78 -30.23
CA LEU E 340 -14.71 -53.82 -31.30
C LEU E 340 -15.96 -53.00 -31.03
N MET E 341 -17.06 -53.68 -30.69
CA MET E 341 -18.31 -52.98 -30.44
C MET E 341 -18.25 -52.11 -29.20
N ALA E 342 -17.57 -52.58 -28.16
CA ALA E 342 -17.44 -51.75 -26.96
C ALA E 342 -16.63 -50.51 -27.26
N ASN E 343 -15.62 -50.63 -28.11
CA ASN E 343 -14.84 -49.46 -28.49
C ASN E 343 -15.63 -48.51 -29.37
N LEU E 344 -16.54 -49.06 -30.18
CA LEU E 344 -17.46 -48.20 -30.94
C LEU E 344 -18.41 -47.47 -30.02
N ILE E 345 -18.92 -48.16 -29.00
CA ILE E 345 -19.82 -47.54 -28.03
C ILE E 345 -19.12 -46.45 -27.26
N LYS E 346 -17.85 -46.66 -26.92
CA LYS E 346 -17.08 -45.60 -26.29
C LYS E 346 -17.02 -44.37 -27.18
N GLY E 347 -17.01 -44.57 -28.48
CA GLY E 347 -16.91 -43.48 -29.43
C GLY E 347 -15.49 -42.98 -29.52
N GLY E 348 -15.29 -42.06 -30.44
CA GLY E 348 -13.99 -41.45 -30.64
C GLY E 348 -13.69 -41.34 -32.10
N MET E 349 -12.53 -40.75 -32.40
CA MET E 349 -12.11 -40.59 -33.79
C MET E 349 -11.25 -41.80 -34.19
N PHE E 350 -11.81 -42.66 -35.02
CA PHE E 350 -11.05 -43.81 -35.53
C PHE E 350 -10.28 -43.43 -36.79
N GLN E 351 -9.51 -42.36 -36.74
CA GLN E 351 -8.90 -41.83 -37.94
C GLN E 351 -7.41 -41.64 -37.75
N HIS E 352 -6.74 -41.34 -38.85
CA HIS E 352 -5.30 -41.10 -38.85
C HIS E 352 -5.03 -40.05 -39.92
N LYS E 353 -4.60 -38.86 -39.49
CA LYS E 353 -4.33 -37.78 -40.43
C LYS E 353 -2.84 -37.67 -40.72
N LEU F 4 7.38 56.76 -52.85
CA LEU F 4 8.32 55.89 -52.16
C LEU F 4 8.88 54.83 -53.09
N LYS F 5 10.20 54.77 -53.18
CA LYS F 5 10.87 53.66 -53.86
C LYS F 5 11.15 52.55 -52.85
N LEU F 6 10.66 51.36 -53.14
CA LEU F 6 10.88 50.23 -52.26
C LEU F 6 12.36 49.88 -52.23
N PRO F 7 12.97 49.72 -51.05
CA PRO F 7 14.39 49.34 -51.00
C PRO F 7 14.57 47.89 -51.41
N THR F 8 15.84 47.50 -51.55
CA THR F 8 16.17 46.14 -51.96
C THR F 8 15.69 45.11 -50.94
N ASN F 9 15.42 45.53 -49.71
CA ASN F 9 14.90 44.64 -48.68
C ASN F 9 14.21 45.50 -47.64
N LEU F 10 12.98 45.13 -47.28
CA LEU F 10 12.24 45.86 -46.27
C LEU F 10 11.29 44.86 -45.64
N ALA F 11 11.70 44.28 -44.52
CA ALA F 11 10.91 43.25 -43.86
C ALA F 11 10.40 43.80 -42.55
N TYR F 12 9.31 43.21 -42.07
CA TYR F 12 8.73 43.53 -40.79
C TYR F 12 8.43 42.25 -40.02
N GLU F 13 8.91 42.17 -38.80
CA GLU F 13 8.49 41.10 -37.93
C GLU F 13 7.02 41.29 -37.59
N ARG F 14 6.28 40.20 -37.54
CA ARG F 14 4.85 40.29 -37.38
C ARG F 14 4.50 40.74 -35.96
N SER F 15 3.51 41.60 -35.83
CA SER F 15 3.09 42.05 -34.52
C SER F 15 2.22 41.02 -33.82
N ILE F 16 1.07 40.70 -34.38
CA ILE F 16 0.23 39.66 -33.81
C ILE F 16 0.97 38.34 -33.89
N ASP F 17 1.01 37.59 -32.80
CA ASP F 17 1.66 36.28 -32.77
C ASP F 17 0.72 35.27 -32.15
N PRO F 18 0.08 34.44 -32.95
CA PRO F 18 -0.87 33.48 -32.39
C PRO F 18 -0.24 32.12 -32.19
N SER F 19 -0.94 31.21 -31.54
CA SER F 19 -0.50 29.84 -31.33
C SER F 19 -1.53 28.89 -31.93
N ASP F 20 -1.26 27.59 -31.79
CA ASP F 20 -2.19 26.59 -32.28
C ASP F 20 -3.46 26.60 -31.45
N VAL F 21 -4.58 26.34 -32.11
CA VAL F 21 -5.84 26.20 -31.39
C VAL F 21 -6.02 24.73 -31.03
N CYS F 22 -5.75 24.38 -29.79
CA CYS F 22 -5.84 23.01 -29.33
C CYS F 22 -7.26 22.73 -28.87
N PHE F 23 -7.73 21.51 -29.12
CA PHE F 23 -9.08 21.09 -28.78
C PHE F 23 -9.04 20.07 -27.67
N PHE F 24 -9.80 20.31 -26.62
CA PHE F 24 -9.97 19.35 -25.55
C PHE F 24 -11.45 19.02 -25.46
N VAL F 25 -11.76 17.81 -25.03
CA VAL F 25 -13.11 17.41 -24.78
C VAL F 25 -13.34 17.54 -23.30
N VAL F 26 -14.33 18.33 -22.91
CA VAL F 26 -14.66 18.54 -21.51
C VAL F 26 -15.89 17.71 -21.20
N TRP F 27 -15.70 16.71 -20.36
CA TRP F 27 -16.73 15.76 -19.98
C TRP F 27 -17.60 16.35 -18.90
N PRO F 28 -18.77 15.76 -18.63
CA PRO F 28 -19.65 16.32 -17.59
C PRO F 28 -19.04 16.30 -16.21
N ASP F 29 -18.22 15.30 -15.86
CA ASP F 29 -17.47 15.35 -14.62
C ASP F 29 -16.29 16.31 -14.70
N ASP F 30 -16.18 17.03 -15.80
CA ASP F 30 -15.27 18.16 -15.97
C ASP F 30 -13.81 17.76 -15.95
N ARG F 31 -13.48 16.63 -16.57
CA ARG F 31 -12.09 16.32 -16.87
C ARG F 31 -11.86 16.51 -18.36
N LYS F 32 -10.77 17.19 -18.69
CA LYS F 32 -10.44 17.52 -20.07
C LYS F 32 -9.56 16.43 -20.64
N THR F 33 -9.88 15.97 -21.83
CA THR F 33 -9.07 15.00 -22.53
C THR F 33 -8.92 15.43 -23.99
N PRO F 34 -7.71 15.50 -24.52
CA PRO F 34 -7.55 16.04 -25.86
C PRO F 34 -8.33 15.23 -26.87
N LEU F 35 -8.91 15.94 -27.85
CA LEU F 35 -9.65 15.29 -28.91
C LEU F 35 -8.78 14.28 -29.65
N THR F 36 -9.43 13.36 -30.34
CA THR F 36 -8.75 12.34 -31.10
C THR F 36 -9.37 12.29 -32.48
N TYR F 37 -8.55 12.03 -33.49
CA TYR F 37 -9.04 11.87 -34.85
C TYR F 37 -8.52 10.57 -35.42
N ASN F 38 -9.41 9.82 -36.07
CA ASN F 38 -9.07 8.52 -36.62
C ASN F 38 -9.39 8.51 -38.10
N SER F 39 -8.58 7.82 -38.89
CA SER F 39 -8.70 7.84 -40.33
C SER F 39 -9.66 6.75 -40.78
N ARG F 40 -10.91 7.12 -41.02
CA ARG F 40 -11.89 6.25 -41.64
C ARG F 40 -11.58 6.07 -43.12
N THR F 41 -12.22 5.08 -43.71
CA THR F 41 -12.20 4.89 -45.15
C THR F 41 -13.62 4.84 -45.67
N LEU F 42 -13.88 5.59 -46.73
CA LEU F 42 -15.22 5.81 -47.24
C LEU F 42 -15.36 5.18 -48.61
N LEU F 43 -16.52 4.61 -48.86
CA LEU F 43 -16.88 4.14 -50.20
C LEU F 43 -17.74 5.23 -50.81
N GLY F 44 -17.10 6.19 -51.46
CA GLY F 44 -17.86 7.22 -52.11
C GLY F 44 -18.32 6.78 -53.48
N GLN F 45 -19.14 7.62 -54.10
CA GLN F 45 -19.58 7.35 -55.46
C GLN F 45 -18.59 7.95 -56.46
N MET F 46 -18.95 7.87 -57.73
CA MET F 46 -18.17 8.49 -58.80
C MET F 46 -18.76 9.87 -59.06
N GLU F 47 -18.46 10.80 -58.18
CA GLU F 47 -19.07 12.13 -58.22
C GLU F 47 -18.40 13.07 -59.21
N ALA F 48 -17.12 12.85 -59.50
CA ALA F 48 -16.35 13.83 -60.25
C ALA F 48 -16.89 13.98 -61.66
N ALA F 49 -16.72 15.19 -62.21
CA ALA F 49 -17.02 15.43 -63.60
C ALA F 49 -15.89 14.95 -64.51
N SER F 50 -14.69 14.78 -63.97
CA SER F 50 -13.57 14.30 -64.74
C SER F 50 -13.70 12.83 -65.11
N LEU F 51 -14.47 12.09 -64.32
CA LEU F 51 -14.73 10.64 -64.52
C LEU F 51 -15.58 10.37 -65.74
N ALA F 52 -16.68 11.11 -65.92
CA ALA F 52 -17.61 10.81 -67.05
C ALA F 52 -17.65 11.92 -68.10
N TYR F 53 -16.94 13.03 -67.90
CA TYR F 53 -17.00 14.11 -68.91
C TYR F 53 -15.59 14.45 -69.43
N ASP F 54 -15.43 14.40 -70.76
CA ASP F 54 -14.15 14.73 -71.44
C ASP F 54 -14.05 16.25 -71.60
N VAL F 55 -12.87 16.77 -71.92
CA VAL F 55 -12.70 18.25 -72.09
C VAL F 55 -13.64 18.71 -73.20
N SER F 56 -14.31 19.84 -72.99
CA SER F 56 -15.28 20.38 -73.94
C SER F 56 -16.67 19.77 -73.74
N GLY F 57 -16.94 19.30 -72.53
CA GLY F 57 -18.26 18.81 -72.16
C GLY F 57 -18.83 17.73 -73.04
N GLN F 58 -18.15 16.59 -73.13
CA GLN F 58 -18.67 15.45 -73.90
C GLN F 58 -18.45 14.19 -73.06
N PRO F 59 -19.49 13.37 -72.86
CA PRO F 59 -19.36 12.22 -71.96
C PRO F 59 -18.31 11.23 -72.45
N ILE F 60 -17.49 10.78 -71.51
CA ILE F 60 -16.52 9.72 -71.80
C ILE F 60 -17.29 8.43 -72.04
N LYS F 61 -17.09 7.81 -73.20
CA LYS F 61 -17.90 6.66 -73.57
C LYS F 61 -17.38 5.38 -72.95
N SER F 62 -16.19 5.40 -72.37
CA SER F 62 -15.75 4.25 -71.58
C SER F 62 -16.35 4.28 -70.18
N ALA F 63 -16.74 5.45 -69.69
CA ALA F 63 -17.35 5.59 -68.38
C ALA F 63 -18.84 5.29 -68.50
N THR F 64 -19.15 4.00 -68.61
CA THR F 64 -20.50 3.53 -68.79
C THR F 64 -21.27 3.65 -67.48
N ALA F 65 -22.53 3.21 -67.49
CA ALA F 65 -23.31 3.19 -66.27
C ALA F 65 -22.76 2.19 -65.26
N GLU F 66 -22.24 1.06 -65.74
CA GLU F 66 -21.60 0.10 -64.85
C GLU F 66 -20.33 0.67 -64.24
N ALA F 67 -19.62 1.55 -64.95
CA ALA F 67 -18.37 2.10 -64.47
C ALA F 67 -18.56 3.23 -63.48
N LEU F 68 -19.56 4.07 -63.69
CA LEU F 68 -19.90 5.09 -62.70
C LEU F 68 -20.57 4.50 -61.48
N ALA F 69 -20.93 3.21 -61.53
CA ALA F 69 -21.54 2.56 -60.38
C ALA F 69 -20.51 2.32 -59.28
N GLN F 70 -19.35 1.81 -59.66
CA GLN F 70 -18.37 1.36 -58.68
C GLN F 70 -17.90 2.54 -57.84
N GLY F 71 -18.08 2.43 -56.53
CA GLY F 71 -17.64 3.48 -55.65
C GLY F 71 -16.13 3.49 -55.50
N ASN F 72 -15.59 4.66 -55.25
CA ASN F 72 -14.16 4.69 -55.07
C ASN F 72 -13.80 4.86 -53.60
N PRO F 73 -12.65 4.33 -53.19
CA PRO F 73 -12.26 4.40 -51.79
C PRO F 73 -11.55 5.72 -51.49
N HIS F 74 -11.92 6.33 -50.37
CA HIS F 74 -11.37 7.61 -49.97
C HIS F 74 -11.03 7.55 -48.49
N GLN F 75 -9.75 7.62 -48.16
CA GLN F 75 -9.38 7.63 -46.76
C GLN F 75 -9.47 9.05 -46.22
N VAL F 76 -10.35 9.27 -45.25
CA VAL F 76 -10.52 10.59 -44.68
C VAL F 76 -10.36 10.48 -43.18
N ASP F 77 -9.83 11.54 -42.56
CA ASP F 77 -9.69 11.58 -41.11
C ASP F 77 -10.93 12.17 -40.50
N PHE F 78 -11.67 11.36 -39.75
CA PHE F 78 -12.85 11.81 -39.04
C PHE F 78 -12.42 12.20 -37.63
N CYS F 79 -12.78 13.41 -37.22
CA CYS F 79 -12.63 13.87 -35.86
C CYS F 79 -13.99 14.39 -35.41
N HIS F 80 -14.50 13.85 -34.31
CA HIS F 80 -15.82 14.24 -33.87
C HIS F 80 -15.89 14.26 -32.36
N VAL F 81 -16.66 15.20 -31.83
CA VAL F 81 -16.94 15.24 -30.41
C VAL F 81 -17.39 13.86 -29.95
N PRO F 82 -16.76 13.26 -28.95
CA PRO F 82 -17.23 11.97 -28.45
C PRO F 82 -18.66 12.05 -27.96
N TYR F 83 -19.20 10.89 -27.58
CA TYR F 83 -20.62 10.84 -27.29
C TYR F 83 -20.97 11.63 -26.04
N GLY F 84 -20.44 11.22 -24.90
CA GLY F 84 -20.83 11.88 -23.67
C GLY F 84 -20.18 13.21 -23.42
N ALA F 85 -19.50 13.78 -24.40
CA ALA F 85 -18.73 15.00 -24.18
C ALA F 85 -19.65 16.17 -23.91
N SER F 86 -19.42 16.82 -22.78
CA SER F 86 -20.26 17.97 -22.42
C SER F 86 -20.02 19.12 -23.38
N HIS F 87 -18.77 19.42 -23.70
CA HIS F 87 -18.50 20.38 -24.75
C HIS F 87 -17.06 20.23 -25.22
N ILE F 88 -16.64 21.13 -26.09
CA ILE F 88 -15.30 21.11 -26.64
C ILE F 88 -14.64 22.44 -26.27
N GLU F 89 -13.44 22.38 -25.70
CA GLU F 89 -12.75 23.55 -25.22
C GLU F 89 -11.59 23.86 -26.15
N CYS F 90 -11.64 25.02 -26.78
CA CYS F 90 -10.72 25.37 -27.84
C CYS F 90 -9.83 26.47 -27.30
N SER F 91 -8.58 26.15 -27.03
CA SER F 91 -7.71 27.06 -26.32
C SER F 91 -6.53 27.46 -27.19
N PHE F 92 -6.20 28.74 -27.17
CA PHE F 92 -5.00 29.20 -27.84
C PHE F 92 -4.55 30.47 -27.13
N SER F 93 -3.48 31.07 -27.65
CA SER F 93 -2.90 32.23 -27.00
C SER F 93 -2.26 33.12 -28.04
N VAL F 94 -2.57 34.40 -27.98
CA VAL F 94 -2.12 35.37 -28.97
C VAL F 94 -1.46 36.54 -28.27
N SER F 95 -0.29 36.93 -28.74
CA SER F 95 0.45 38.02 -28.13
C SER F 95 0.56 39.15 -29.14
N PHE F 96 0.00 40.30 -28.81
CA PHE F 96 0.19 41.51 -29.57
C PHE F 96 1.47 42.16 -29.10
N SER F 97 2.23 42.76 -30.01
CA SER F 97 3.44 43.46 -29.63
C SER F 97 3.69 44.59 -30.60
N SER F 98 4.62 45.47 -30.24
CA SER F 98 4.93 46.61 -31.08
C SER F 98 6.17 46.33 -31.92
N GLU F 99 6.05 45.32 -32.77
CA GLU F 99 7.10 44.97 -33.71
C GLU F 99 6.88 45.61 -35.07
N LEU F 100 5.97 46.59 -35.16
CA LEU F 100 5.70 47.29 -36.41
C LEU F 100 6.22 48.71 -36.41
N ARG F 101 6.77 49.18 -35.28
CA ARG F 101 7.36 50.50 -35.24
C ARG F 101 8.54 50.59 -36.19
N GLN F 102 9.56 49.80 -35.95
CA GLN F 102 10.71 49.88 -36.84
C GLN F 102 10.79 48.63 -37.70
N PRO F 103 11.24 48.75 -38.94
CA PRO F 103 11.37 47.56 -39.78
C PRO F 103 12.46 46.65 -39.27
N TYR F 104 12.20 45.34 -39.38
CA TYR F 104 13.18 44.35 -38.97
C TYR F 104 14.47 44.47 -39.76
N LYS F 105 14.40 44.97 -40.98
CA LYS F 105 15.56 45.01 -41.84
C LYS F 105 15.30 46.00 -42.95
N CYS F 106 16.35 46.72 -43.36
CA CYS F 106 16.22 47.72 -44.41
C CYS F 106 17.60 48.22 -44.79
N ASN F 107 17.77 48.62 -46.04
CA ASN F 107 19.07 49.07 -46.49
C ASN F 107 19.14 50.57 -46.74
N SER F 108 18.01 51.23 -46.92
CA SER F 108 17.97 52.66 -47.17
C SER F 108 17.32 53.36 -45.99
N SER F 109 18.05 54.28 -45.37
CA SER F 109 17.57 54.98 -44.19
C SER F 109 16.52 56.02 -44.52
N LYS F 110 16.26 56.28 -45.80
CA LYS F 110 15.17 57.17 -46.17
C LYS F 110 13.81 56.51 -45.94
N VAL F 111 13.62 55.34 -46.54
CA VAL F 111 12.34 54.66 -46.39
C VAL F 111 12.16 54.11 -44.99
N LYS F 112 13.24 53.84 -44.26
CA LYS F 112 13.06 53.46 -42.87
C LYS F 112 12.51 54.61 -42.07
N GLN F 113 13.04 55.81 -42.29
CA GLN F 113 12.57 56.98 -41.55
C GLN F 113 11.13 57.31 -41.94
N THR F 114 10.81 57.22 -43.23
CA THR F 114 9.46 57.60 -43.66
C THR F 114 8.40 56.61 -43.22
N LEU F 115 8.76 55.42 -42.79
CA LEU F 115 7.81 54.49 -42.20
C LEU F 115 7.77 54.53 -40.69
N VAL F 116 8.91 54.71 -40.03
CA VAL F 116 8.85 54.89 -38.58
C VAL F 116 8.14 56.18 -38.24
N GLN F 117 8.26 57.21 -39.08
CA GLN F 117 7.48 58.42 -38.87
C GLN F 117 6.04 58.21 -39.27
N LEU F 118 5.80 57.35 -40.25
CA LEU F 118 4.43 57.08 -40.69
C LEU F 118 3.63 56.38 -39.60
N VAL F 119 4.24 55.41 -38.92
CA VAL F 119 3.53 54.70 -37.87
C VAL F 119 3.19 55.65 -36.73
N GLU F 120 4.09 56.58 -36.41
CA GLU F 120 3.82 57.54 -35.36
C GLU F 120 2.71 58.50 -35.75
N LEU F 121 2.79 59.05 -36.97
CA LEU F 121 1.74 59.93 -37.44
C LEU F 121 0.40 59.23 -37.47
N TYR F 122 0.39 57.95 -37.85
CA TYR F 122 -0.84 57.18 -37.81
C TYR F 122 -1.35 57.08 -36.40
N GLU F 123 -0.49 56.67 -35.46
CA GLU F 123 -0.93 56.45 -34.10
C GLU F 123 -1.52 57.72 -33.49
N THR F 124 -0.89 58.86 -33.74
CA THR F 124 -1.38 60.09 -33.12
C THR F 124 -2.58 60.68 -33.84
N LYS F 125 -2.59 60.65 -35.17
CA LYS F 125 -3.71 61.25 -35.90
C LYS F 125 -4.95 60.38 -35.83
N ILE F 126 -4.88 59.17 -36.36
CA ILE F 126 -5.99 58.22 -36.36
C ILE F 126 -5.61 57.08 -35.44
N GLY F 127 -6.15 57.10 -34.22
CA GLY F 127 -5.64 56.24 -33.17
C GLY F 127 -5.65 54.77 -33.53
N TRP F 128 -4.86 54.00 -32.77
CA TRP F 128 -4.80 52.56 -32.95
C TRP F 128 -6.12 51.87 -32.66
N THR F 129 -7.13 52.60 -32.20
CA THR F 129 -8.37 51.99 -31.75
C THR F 129 -9.16 51.37 -32.86
N GLU F 130 -8.78 51.55 -34.12
CA GLU F 130 -9.57 50.99 -35.19
C GLU F 130 -9.03 49.64 -35.64
N LEU F 131 -7.71 49.50 -35.72
CA LEU F 131 -7.14 48.18 -35.98
C LEU F 131 -7.18 47.31 -34.74
N ALA F 132 -6.95 47.89 -33.56
CA ALA F 132 -7.00 47.10 -32.34
C ALA F 132 -8.38 46.50 -32.15
N THR F 133 -9.43 47.27 -32.41
CA THR F 133 -10.78 46.76 -32.22
C THR F 133 -11.09 45.63 -33.19
N ARG F 134 -10.66 45.76 -34.45
CA ARG F 134 -10.96 44.72 -35.41
C ARG F 134 -10.14 43.47 -35.18
N TYR F 135 -8.88 43.62 -34.74
CA TYR F 135 -8.11 42.45 -34.36
C TYR F 135 -8.70 41.76 -33.16
N LEU F 136 -9.28 42.53 -32.25
CA LEU F 136 -9.78 41.96 -31.01
C LEU F 136 -11.16 41.35 -31.16
N MET F 137 -11.98 41.87 -32.07
CA MET F 137 -13.31 41.29 -32.26
C MET F 137 -13.22 39.88 -32.81
N ASN F 138 -12.25 39.61 -33.68
CA ASN F 138 -12.05 38.26 -34.18
C ASN F 138 -11.59 37.32 -33.10
N ILE F 139 -10.98 37.82 -32.03
CA ILE F 139 -10.61 36.97 -30.93
C ILE F 139 -11.78 36.75 -30.00
N CYS F 140 -12.55 37.80 -29.76
CA CYS F 140 -13.64 37.72 -28.80
C CYS F 140 -14.90 37.09 -29.37
N ASN F 141 -15.11 37.15 -30.67
CA ASN F 141 -16.09 36.26 -31.29
C ASN F 141 -15.34 35.14 -31.97
N GLY F 142 -15.81 33.92 -31.76
CA GLY F 142 -15.04 32.81 -32.26
C GLY F 142 -14.93 32.90 -33.76
N LYS F 143 -13.77 33.32 -34.23
CA LYS F 143 -13.51 33.48 -35.65
C LYS F 143 -12.27 32.67 -35.96
N TRP F 144 -11.44 32.49 -34.94
CA TRP F 144 -10.37 31.53 -35.04
C TRP F 144 -10.91 30.11 -35.03
N LEU F 145 -12.09 29.89 -34.46
CA LEU F 145 -12.86 28.68 -34.67
C LEU F 145 -13.53 28.80 -36.02
N TRP F 146 -12.86 28.32 -37.05
CA TRP F 146 -13.24 28.70 -38.40
C TRP F 146 -14.62 28.16 -38.77
N LYS F 147 -14.78 26.86 -38.79
CA LYS F 147 -16.05 26.27 -39.15
C LYS F 147 -16.70 25.53 -38.00
N ASN F 148 -15.99 25.36 -36.89
CA ASN F 148 -16.56 24.63 -35.78
C ASN F 148 -17.74 25.36 -35.18
N THR F 149 -17.69 26.69 -35.15
CA THR F 149 -18.77 27.47 -34.59
C THR F 149 -19.96 27.58 -35.52
N ARG F 150 -19.84 27.09 -36.75
CA ARG F 150 -20.95 27.19 -37.69
C ARG F 150 -22.18 26.47 -37.15
N LYS F 151 -22.05 25.19 -36.85
CA LYS F 151 -23.15 24.37 -36.34
C LYS F 151 -22.86 24.07 -34.89
N ALA F 152 -23.22 25.01 -34.02
CA ALA F 152 -22.93 24.85 -32.60
C ALA F 152 -23.96 25.62 -31.82
N TYR F 153 -24.49 24.98 -30.79
CA TYR F 153 -25.55 25.60 -30.00
C TYR F 153 -25.10 26.95 -29.46
N CYS F 154 -23.85 27.02 -29.04
CA CYS F 154 -23.34 28.19 -28.32
C CYS F 154 -21.85 28.04 -28.16
N TRP F 155 -21.13 29.15 -28.25
CA TRP F 155 -19.73 29.15 -27.88
C TRP F 155 -19.40 30.41 -27.11
N ASN F 156 -18.68 30.23 -26.00
CA ASN F 156 -18.30 31.30 -25.12
C ASN F 156 -16.79 31.50 -25.17
N ILE F 157 -16.37 32.75 -25.19
CA ILE F 157 -14.95 33.10 -25.21
C ILE F 157 -14.59 33.64 -23.85
N VAL F 158 -13.90 32.88 -23.03
CA VAL F 158 -13.25 33.47 -21.87
C VAL F 158 -11.85 33.85 -22.31
N LEU F 159 -11.29 34.85 -21.65
CA LEU F 159 -10.12 35.54 -22.18
C LEU F 159 -9.33 36.08 -21.01
N THR F 160 -8.05 35.74 -20.95
CA THR F 160 -7.19 36.13 -19.83
C THR F 160 -6.03 36.93 -20.37
N PRO F 161 -6.04 38.24 -20.24
CA PRO F 161 -4.90 39.04 -20.69
C PRO F 161 -3.76 38.95 -19.70
N TRP F 162 -2.55 39.07 -20.21
CA TRP F 162 -1.47 38.98 -19.24
C TRP F 162 -1.28 40.28 -18.47
N PRO F 163 -0.95 41.40 -19.11
CA PRO F 163 -0.72 42.60 -18.29
C PRO F 163 -2.03 43.12 -17.73
N TRP F 164 -2.61 42.34 -16.82
CA TRP F 164 -4.00 42.48 -16.44
C TRP F 164 -4.11 42.29 -14.94
N ASN F 165 -4.85 43.18 -14.29
CA ASN F 165 -5.03 43.16 -12.84
C ASN F 165 -6.39 42.63 -12.43
N GLY F 166 -7.42 42.89 -13.22
CA GLY F 166 -8.77 42.49 -12.90
C GLY F 166 -8.99 41.00 -13.05
N GLU F 167 -10.23 40.65 -13.41
CA GLU F 167 -10.66 39.27 -13.52
C GLU F 167 -10.62 38.82 -14.98
N LYS F 168 -10.95 37.55 -15.21
CA LYS F 168 -11.08 37.06 -16.57
C LYS F 168 -12.22 37.77 -17.27
N VAL F 169 -12.04 38.03 -18.56
CA VAL F 169 -13.05 38.71 -19.37
C VAL F 169 -13.78 37.69 -20.22
N GLY F 170 -15.10 37.62 -20.07
CA GLY F 170 -15.90 36.62 -20.71
C GLY F 170 -16.84 37.20 -21.74
N PHE F 171 -17.11 36.42 -22.78
CA PHE F 171 -18.06 36.77 -23.82
C PHE F 171 -18.97 35.55 -23.97
N GLU F 172 -20.12 35.58 -23.33
CA GLU F 172 -21.04 34.45 -23.31
C GLU F 172 -21.99 34.51 -24.50
N ASP F 173 -22.19 33.36 -25.15
CA ASP F 173 -23.21 33.21 -26.19
C ASP F 173 -23.01 34.21 -27.33
N ILE F 174 -21.87 34.06 -27.99
CA ILE F 174 -21.50 35.01 -29.03
C ILE F 174 -22.46 34.96 -30.21
N ARG F 175 -23.15 33.86 -30.41
CA ARG F 175 -24.08 33.79 -31.53
C ARG F 175 -25.22 34.78 -31.35
N THR F 176 -25.66 34.99 -30.12
CA THR F 176 -26.83 35.80 -29.84
C THR F 176 -26.50 37.15 -29.24
N ASN F 177 -25.61 37.19 -28.25
CA ASN F 177 -25.31 38.46 -27.60
C ASN F 177 -24.39 39.32 -28.46
N TYR F 178 -23.18 38.84 -28.73
CA TYR F 178 -22.15 39.65 -29.37
C TYR F 178 -22.16 39.42 -30.87
N THR F 179 -23.05 40.16 -31.54
CA THR F 179 -23.22 40.03 -32.97
C THR F 179 -22.67 41.21 -33.74
N SER F 180 -22.24 42.27 -33.06
CA SER F 180 -21.79 43.47 -33.74
C SER F 180 -20.67 44.12 -32.94
N ARG F 181 -20.16 45.22 -33.47
CA ARG F 181 -19.10 45.96 -32.80
C ARG F 181 -19.62 46.62 -31.54
N GLN F 182 -20.82 47.19 -31.61
CA GLN F 182 -21.39 47.87 -30.45
C GLN F 182 -21.71 46.89 -29.34
N ASP F 183 -22.18 45.69 -29.68
CA ASP F 183 -22.42 44.69 -28.65
C ASP F 183 -21.12 44.24 -27.99
N PHE F 184 -19.99 44.42 -28.66
CA PHE F 184 -18.73 44.13 -28.00
C PHE F 184 -18.30 45.29 -27.13
N LYS F 185 -18.53 46.52 -27.57
CA LYS F 185 -18.17 47.68 -26.75
C LYS F 185 -18.92 47.71 -25.42
N ASN F 186 -20.14 47.18 -25.38
CA ASN F 186 -20.92 47.20 -24.15
C ASN F 186 -20.38 46.26 -23.09
N ASN F 187 -19.45 45.38 -23.42
CA ASN F 187 -18.83 44.55 -22.40
C ASN F 187 -18.13 45.44 -21.39
N LYS F 188 -18.21 45.04 -20.13
CA LYS F 188 -17.62 45.85 -19.06
C LYS F 188 -16.12 45.98 -19.19
N ASN F 189 -15.46 45.04 -19.84
CA ASN F 189 -14.01 45.02 -19.95
C ASN F 189 -13.50 45.39 -21.33
N TRP F 190 -14.38 45.61 -22.29
CA TRP F 190 -13.92 45.76 -23.67
C TRP F 190 -12.97 46.92 -23.83
N SER F 191 -13.26 48.04 -23.16
CA SER F 191 -12.40 49.20 -23.28
C SER F 191 -11.01 48.89 -22.76
N ALA F 192 -10.94 48.22 -21.61
CA ALA F 192 -9.65 47.94 -20.99
C ALA F 192 -8.81 46.98 -21.82
N ILE F 193 -9.42 46.27 -22.75
CA ILE F 193 -8.70 45.31 -23.57
C ILE F 193 -8.30 45.91 -24.90
N VAL F 194 -9.20 46.66 -25.54
CA VAL F 194 -8.79 47.33 -26.76
C VAL F 194 -7.71 48.35 -26.45
N GLU F 195 -7.77 48.96 -25.25
CA GLU F 195 -6.71 49.90 -24.89
C GLU F 195 -5.43 49.17 -24.53
N MET F 196 -5.51 47.96 -23.99
CA MET F 196 -4.31 47.20 -23.74
C MET F 196 -3.62 46.82 -25.05
N ILE F 197 -4.40 46.47 -26.07
CA ILE F 197 -3.81 46.19 -27.36
C ILE F 197 -3.20 47.45 -27.95
N LYS F 198 -3.93 48.57 -27.93
CA LYS F 198 -3.41 49.78 -28.54
C LYS F 198 -2.25 50.36 -27.74
N THR F 199 -2.09 49.95 -26.50
CA THR F 199 -0.87 50.26 -25.76
C THR F 199 0.28 49.38 -26.20
N ALA F 200 0.03 48.07 -26.28
CA ALA F 200 1.05 47.15 -26.75
C ALA F 200 1.62 47.56 -28.09
N PHE F 201 0.81 48.15 -28.96
CA PHE F 201 1.32 48.68 -30.22
C PHE F 201 2.04 50.00 -30.05
N SER F 202 1.81 50.71 -28.96
CA SER F 202 2.41 52.02 -28.74
C SER F 202 3.75 51.91 -28.02
N SER F 203 3.76 51.27 -26.87
CA SER F 203 5.00 51.09 -26.12
C SER F 203 6.02 50.37 -26.97
N THR F 204 7.25 50.90 -27.01
CA THR F 204 8.25 50.36 -27.92
C THR F 204 8.62 48.91 -27.62
N ASP F 205 8.51 48.47 -26.38
CA ASP F 205 8.84 47.10 -26.03
C ASP F 205 7.80 46.54 -25.06
N GLY F 206 6.53 46.78 -25.35
CA GLY F 206 5.46 46.22 -24.56
C GLY F 206 4.65 45.23 -25.38
N LEU F 207 4.01 44.30 -24.67
CA LEU F 207 3.20 43.30 -25.33
C LEU F 207 1.98 43.00 -24.49
N ALA F 208 0.97 42.44 -25.15
CA ALA F 208 -0.28 42.07 -24.52
C ALA F 208 -0.58 40.63 -24.88
N ILE F 209 -0.48 39.74 -23.91
CA ILE F 209 -0.69 38.31 -24.13
C ILE F 209 -2.08 37.95 -23.71
N PHE F 210 -2.85 37.37 -24.60
CA PHE F 210 -4.18 36.88 -24.31
C PHE F 210 -4.19 35.37 -24.38
N GLU F 211 -4.67 34.72 -23.35
CA GLU F 211 -4.98 33.30 -23.43
C GLU F 211 -6.47 33.19 -23.62
N VAL F 212 -6.88 32.70 -24.78
CA VAL F 212 -8.28 32.67 -25.18
C VAL F 212 -8.74 31.24 -25.07
N ARG F 213 -9.96 31.04 -24.58
CA ARG F 213 -10.47 29.70 -24.36
C ARG F 213 -11.96 29.70 -24.66
N ALA F 214 -12.36 28.93 -25.67
CA ALA F 214 -13.73 28.94 -26.15
C ALA F 214 -14.40 27.63 -25.82
N THR F 215 -15.39 27.68 -24.95
CA THR F 215 -16.21 26.50 -24.68
C THR F 215 -17.29 26.48 -25.75
N LEU F 216 -17.32 25.41 -26.52
CA LEU F 216 -18.09 25.33 -27.75
C LEU F 216 -18.96 24.09 -27.68
N HIS F 217 -20.27 24.28 -27.74
CA HIS F 217 -21.25 23.24 -27.46
C HIS F 217 -21.70 22.60 -28.76
N LEU F 218 -20.90 21.72 -29.27
CA LEU F 218 -21.35 21.03 -30.46
C LEU F 218 -22.46 20.05 -30.11
N PRO F 219 -23.37 19.76 -31.05
CA PRO F 219 -24.38 18.75 -30.79
C PRO F 219 -23.75 17.38 -30.66
N THR F 220 -24.55 16.35 -30.40
CA THR F 220 -24.00 15.03 -30.14
C THR F 220 -23.24 14.53 -31.35
N ASN F 221 -22.03 14.01 -31.13
CA ASN F 221 -21.23 13.40 -32.18
C ASN F 221 -20.90 14.37 -33.30
N ALA F 222 -21.02 15.67 -33.05
CA ALA F 222 -20.83 16.62 -34.13
C ALA F 222 -19.38 16.62 -34.58
N MET F 223 -19.18 16.82 -35.88
CA MET F 223 -17.86 16.74 -36.49
C MET F 223 -17.10 18.03 -36.23
N VAL F 224 -15.96 17.92 -35.57
CA VAL F 224 -15.05 19.04 -35.40
C VAL F 224 -14.23 19.20 -36.66
N ARG F 225 -13.95 20.43 -37.05
CA ARG F 225 -13.26 20.69 -38.30
C ARG F 225 -11.91 21.34 -38.04
N PRO F 226 -10.86 20.58 -37.83
CA PRO F 226 -9.55 21.18 -37.69
C PRO F 226 -8.91 21.39 -39.04
N SER F 227 -7.73 21.98 -39.08
CA SER F 227 -7.10 22.34 -40.34
C SER F 227 -6.57 21.10 -41.02
N GLN F 228 -6.71 21.06 -42.35
CA GLN F 228 -6.22 19.95 -43.14
C GLN F 228 -4.76 20.17 -43.51
N VAL F 229 -4.23 19.19 -44.22
CA VAL F 229 -2.93 19.30 -44.88
C VAL F 229 -3.15 19.00 -46.35
N PHE F 230 -2.42 19.73 -47.19
CA PHE F 230 -2.41 19.44 -48.62
C PHE F 230 -2.13 17.97 -48.88
N THR F 231 -2.88 17.39 -49.79
CA THR F 231 -2.68 16.00 -50.18
C THR F 231 -1.37 15.81 -50.93
N ASN F 245 -4.25 9.63 -48.78
CA ASN F 245 -5.53 9.98 -48.16
C ASN F 245 -6.33 10.94 -49.00
N SER F 246 -7.36 11.50 -48.37
CA SER F 246 -8.18 12.52 -48.97
C SER F 246 -8.46 13.69 -48.05
N ARG F 247 -8.30 13.52 -46.74
CA ARG F 247 -8.49 14.61 -45.79
C ARG F 247 -7.57 14.33 -44.61
N VAL F 248 -6.37 14.89 -44.64
CA VAL F 248 -5.36 14.67 -43.61
C VAL F 248 -5.43 15.81 -42.62
N PHE F 249 -5.77 15.51 -41.38
CA PHE F 249 -5.82 16.55 -40.38
C PHE F 249 -4.43 16.87 -39.86
N GLN F 250 -4.19 18.16 -39.73
CA GLN F 250 -2.95 18.69 -39.19
C GLN F 250 -3.07 18.68 -37.68
N SER F 251 -2.17 17.97 -37.01
CA SER F 251 -2.34 17.62 -35.62
C SER F 251 -1.09 17.89 -34.82
N THR F 252 -1.23 17.78 -33.50
CA THR F 252 -0.13 17.87 -32.56
C THR F 252 -0.26 16.70 -31.59
N THR F 253 0.60 16.69 -30.58
CA THR F 253 0.50 15.70 -29.51
C THR F 253 0.22 16.45 -28.20
N ILE F 254 -0.87 16.09 -27.56
CA ILE F 254 -1.27 16.69 -26.29
C ILE F 254 -1.45 15.55 -25.30
N ASP F 255 -0.85 15.70 -24.12
CA ASP F 255 -0.91 14.66 -23.09
C ASP F 255 -0.48 13.30 -23.66
N GLY F 256 0.47 13.32 -24.58
CA GLY F 256 0.98 12.09 -25.12
C GLY F 256 0.17 11.49 -26.23
N GLU F 257 -1.04 11.98 -26.49
CA GLU F 257 -1.88 11.43 -27.55
C GLU F 257 -2.16 12.51 -28.58
N ARG F 258 -2.24 12.11 -29.84
CA ARG F 258 -2.34 13.08 -30.93
C ARG F 258 -3.74 13.66 -30.99
N SER F 259 -3.80 14.97 -31.18
CA SER F 259 -5.04 15.71 -31.17
C SER F 259 -5.02 16.68 -32.34
N PRO F 260 -6.13 16.85 -33.03
CA PRO F 260 -6.17 17.74 -34.18
C PRO F 260 -6.18 19.19 -33.73
N ILE F 261 -5.59 20.05 -34.55
CA ILE F 261 -5.45 21.46 -34.22
C ILE F 261 -5.79 22.31 -35.41
N LEU F 262 -6.21 23.55 -35.14
CA LEU F 262 -6.21 24.60 -36.14
C LEU F 262 -4.86 25.29 -36.06
N GLY F 263 -4.09 25.21 -37.13
CA GLY F 263 -2.70 25.61 -37.07
C GLY F 263 -2.51 27.04 -36.63
N ALA F 264 -1.24 27.38 -36.36
CA ALA F 264 -0.91 28.72 -35.92
C ALA F 264 -1.14 29.74 -37.02
N PHE F 265 -0.84 29.38 -38.26
CA PHE F 265 -1.03 30.29 -39.37
C PHE F 265 -2.50 30.41 -39.74
N LYS F 266 -3.26 29.33 -39.61
CA LYS F 266 -4.70 29.41 -39.80
C LYS F 266 -5.32 30.37 -38.79
N THR F 267 -4.86 30.33 -37.54
CA THR F 267 -5.41 31.21 -36.52
C THR F 267 -4.94 32.65 -36.72
N GLY F 268 -3.68 32.83 -37.10
CA GLY F 268 -3.21 34.17 -37.42
C GLY F 268 -3.92 34.76 -38.61
N ALA F 269 -4.34 33.93 -39.55
CA ALA F 269 -5.17 34.37 -40.65
C ALA F 269 -6.60 34.63 -40.24
N ALA F 270 -7.07 33.93 -39.21
CA ALA F 270 -8.39 34.22 -38.67
C ALA F 270 -8.45 35.56 -37.97
N ILE F 271 -7.42 35.90 -37.20
CA ILE F 271 -7.42 37.16 -36.48
C ILE F 271 -7.26 38.34 -37.42
N ALA F 272 -6.50 38.17 -38.50
CA ALA F 272 -6.24 39.27 -39.41
C ALA F 272 -7.20 39.33 -40.58
N THR F 273 -8.35 38.66 -40.49
CA THR F 273 -9.41 38.84 -41.47
C THR F 273 -10.23 40.07 -41.08
N ILE F 274 -9.61 41.22 -41.25
CA ILE F 274 -10.25 42.50 -40.95
C ILE F 274 -10.42 43.37 -42.16
N ASP F 275 -9.73 43.10 -43.25
CA ASP F 275 -9.63 44.04 -44.38
C ASP F 275 -10.91 44.00 -45.17
N ASP F 276 -11.81 44.94 -44.91
CA ASP F 276 -12.91 45.20 -45.81
C ASP F 276 -12.76 46.51 -46.56
N TRP F 277 -11.60 47.14 -46.47
CA TRP F 277 -11.41 48.43 -47.13
C TRP F 277 -10.87 48.26 -48.53
N TYR F 278 -11.47 47.39 -49.32
CA TYR F 278 -11.04 47.16 -50.69
C TYR F 278 -12.17 47.56 -51.62
N PRO F 279 -11.86 47.87 -52.88
CA PRO F 279 -12.90 48.35 -53.79
C PRO F 279 -14.08 47.39 -53.82
N GLU F 280 -15.27 47.96 -53.65
CA GLU F 280 -16.51 47.19 -53.58
C GLU F 280 -16.42 46.17 -52.45
N ALA F 281 -16.35 46.70 -51.23
CA ALA F 281 -16.28 45.89 -50.03
C ALA F 281 -17.49 44.98 -49.93
N THR F 282 -17.24 43.70 -49.68
CA THR F 282 -18.31 42.74 -49.43
C THR F 282 -18.27 42.19 -48.02
N GLU F 283 -17.16 41.58 -47.61
CA GLU F 283 -17.01 41.04 -46.28
C GLU F 283 -15.52 40.85 -46.02
N PRO F 284 -15.10 40.84 -44.76
CA PRO F 284 -13.67 41.00 -44.47
C PRO F 284 -12.79 39.97 -45.15
N LEU F 285 -11.62 40.43 -45.57
CA LEU F 285 -10.58 39.61 -46.16
C LEU F 285 -9.38 39.53 -45.23
N ARG F 286 -8.57 38.49 -45.43
CA ARG F 286 -7.33 38.39 -44.69
C ARG F 286 -6.34 39.37 -45.27
N VAL F 287 -5.67 40.14 -44.40
CA VAL F 287 -4.82 41.22 -44.86
C VAL F 287 -3.61 40.64 -45.57
N GLY F 288 -3.27 41.24 -46.71
CA GLY F 288 -2.14 40.80 -47.49
C GLY F 288 -1.84 41.87 -48.52
N ARG F 289 -0.74 41.67 -49.24
CA ARG F 289 -0.35 42.66 -50.23
C ARG F 289 -1.42 42.83 -51.30
N PHE F 290 -2.07 41.74 -51.67
CA PHE F 290 -3.23 41.77 -52.54
C PHE F 290 -4.36 41.05 -51.83
N GLY F 291 -5.49 41.72 -51.70
CA GLY F 291 -6.58 41.10 -50.98
C GLY F 291 -7.03 39.86 -51.71
N VAL F 292 -6.65 38.69 -51.20
CA VAL F 292 -6.90 37.43 -51.88
C VAL F 292 -8.01 36.71 -51.15
N HIS F 293 -8.93 36.13 -51.90
CA HIS F 293 -10.14 35.51 -51.38
C HIS F 293 -10.07 34.03 -51.71
N ARG F 294 -9.87 33.20 -50.70
CA ARG F 294 -9.90 31.76 -50.93
C ARG F 294 -11.30 31.26 -51.24
N GLU F 295 -12.32 32.00 -50.83
CA GLU F 295 -13.69 31.64 -51.19
C GLU F 295 -13.90 31.78 -52.70
N ASP F 296 -13.85 33.00 -53.20
CA ASP F 296 -13.93 33.24 -54.63
C ASP F 296 -12.50 33.46 -55.10
N VAL F 297 -11.96 32.44 -55.78
CA VAL F 297 -10.51 32.28 -55.96
C VAL F 297 -9.80 33.55 -56.43
N THR F 298 -10.47 34.41 -57.17
CA THR F 298 -9.81 35.61 -57.68
C THR F 298 -9.44 36.55 -56.55
N CYS F 299 -8.62 37.54 -56.87
CA CYS F 299 -7.93 38.37 -55.90
C CYS F 299 -8.28 39.84 -56.06
N TYR F 300 -8.91 40.41 -55.04
CA TYR F 300 -9.14 41.85 -54.98
C TYR F 300 -7.82 42.56 -54.65
N ARG F 301 -7.84 43.89 -54.74
CA ARG F 301 -6.64 44.68 -54.53
C ARG F 301 -5.53 44.24 -55.47
N HIS F 302 -5.93 43.79 -56.65
CA HIS F 302 -4.99 43.49 -57.72
C HIS F 302 -4.15 44.71 -58.01
N PRO F 303 -2.90 44.55 -58.43
CA PRO F 303 -2.10 45.71 -58.81
C PRO F 303 -2.74 46.56 -59.89
N SER F 304 -3.70 46.01 -60.63
CA SER F 304 -4.42 46.81 -61.62
C SER F 304 -5.07 48.02 -60.98
N THR F 305 -5.71 47.83 -59.83
CA THR F 305 -6.26 48.95 -59.09
C THR F 305 -5.22 49.47 -58.11
N GLY F 306 -5.44 50.69 -57.65
CA GLY F 306 -4.46 51.34 -56.81
C GLY F 306 -4.58 50.97 -55.35
N LYS F 307 -5.01 49.73 -55.07
CA LYS F 307 -5.24 49.29 -53.71
C LYS F 307 -4.32 48.17 -53.29
N ASP F 308 -3.47 47.67 -54.18
CA ASP F 308 -2.47 46.71 -53.76
C ASP F 308 -1.50 47.36 -52.80
N PHE F 309 -1.00 46.58 -51.85
CA PHE F 309 -0.23 47.13 -50.75
C PHE F 309 1.01 47.86 -51.24
N PHE F 310 1.60 47.41 -52.34
CA PHE F 310 2.79 48.10 -52.83
C PHE F 310 2.43 49.46 -53.44
N SER F 311 1.26 49.54 -54.07
CA SER F 311 0.84 50.80 -54.67
C SER F 311 0.54 51.85 -53.60
N ILE F 312 -0.01 51.44 -52.46
CA ILE F 312 -0.29 52.39 -51.39
C ILE F 312 0.89 52.55 -50.46
N LEU F 313 1.88 51.67 -50.54
CA LEU F 313 3.13 51.88 -49.82
C LEU F 313 4.03 52.86 -50.55
N GLN F 314 4.00 52.85 -51.88
CA GLN F 314 4.73 53.85 -52.63
C GLN F 314 4.20 55.24 -52.34
N GLN F 315 2.97 55.34 -51.85
CA GLN F 315 2.36 56.61 -51.49
C GLN F 315 2.48 56.91 -50.00
N ALA F 316 3.47 56.33 -49.34
CA ALA F 316 3.62 56.55 -47.91
C ALA F 316 3.95 57.99 -47.59
N GLU F 317 4.71 58.67 -48.46
CA GLU F 317 5.01 60.07 -48.23
C GLU F 317 3.75 60.91 -48.31
N HIS F 318 2.94 60.69 -49.33
CA HIS F 318 1.68 61.42 -49.44
C HIS F 318 0.79 61.18 -48.23
N TYR F 319 0.80 59.96 -47.69
CA TYR F 319 0.04 59.72 -46.48
C TYR F 319 0.62 60.46 -45.29
N ILE F 320 1.95 60.55 -45.22
CA ILE F 320 2.57 61.38 -44.20
C ILE F 320 2.06 62.81 -44.29
N GLU F 321 2.06 63.37 -45.49
CA GLU F 321 1.64 64.77 -45.59
C GLU F 321 0.15 64.93 -45.32
N VAL F 322 -0.67 63.94 -45.70
CA VAL F 322 -2.10 64.11 -45.46
C VAL F 322 -2.44 63.91 -43.99
N LEU F 323 -1.63 63.18 -43.24
CA LEU F 323 -1.82 63.08 -41.81
C LEU F 323 -1.22 64.26 -41.05
N SER F 324 -0.16 64.87 -41.58
CA SER F 324 0.48 65.98 -40.89
C SER F 324 -0.38 67.24 -40.91
N ALA F 325 -1.35 67.33 -41.82
CA ALA F 325 -2.21 68.49 -41.87
C ALA F 325 -3.14 68.53 -40.65
N ASN F 326 -3.55 69.73 -40.27
CA ASN F 326 -4.40 69.87 -39.10
C ASN F 326 -5.80 69.35 -39.35
N LYS F 327 -6.23 69.31 -40.61
CA LYS F 327 -7.57 68.88 -40.94
C LYS F 327 -7.59 67.37 -41.17
N THR F 328 -8.58 66.70 -40.58
CA THR F 328 -8.64 65.25 -40.63
C THR F 328 -8.71 64.76 -42.08
N PRO F 329 -8.02 63.68 -42.40
CA PRO F 329 -7.94 63.22 -43.78
C PRO F 329 -9.26 62.60 -44.22
N ALA F 330 -9.36 62.36 -45.52
CA ALA F 330 -10.56 61.75 -46.08
C ALA F 330 -10.77 60.37 -45.49
N GLN F 331 -11.97 59.83 -45.71
CA GLN F 331 -12.24 58.47 -45.26
C GLN F 331 -11.61 57.45 -46.19
N GLU F 332 -11.58 57.72 -47.48
CA GLU F 332 -10.98 56.76 -48.40
C GLU F 332 -9.48 56.68 -48.24
N THR F 333 -8.83 57.78 -47.88
CA THR F 333 -7.41 57.72 -47.58
C THR F 333 -7.14 57.16 -46.20
N ILE F 334 -8.06 57.33 -45.25
CA ILE F 334 -7.85 56.72 -43.96
C ILE F 334 -8.07 55.22 -44.03
N ASN F 335 -8.87 54.73 -44.98
CA ASN F 335 -9.02 53.29 -45.13
C ASN F 335 -7.75 52.68 -45.70
N ASP F 336 -7.12 53.34 -46.67
CA ASP F 336 -5.87 52.84 -47.19
C ASP F 336 -4.78 52.95 -46.13
N MET F 337 -4.83 53.98 -45.31
CA MET F 337 -3.91 54.08 -44.19
C MET F 337 -4.09 52.91 -43.22
N HIS F 338 -5.34 52.60 -42.90
CA HIS F 338 -5.65 51.44 -42.05
C HIS F 338 -5.09 50.17 -42.66
N PHE F 339 -5.33 49.95 -43.95
CA PHE F 339 -4.88 48.72 -44.58
C PHE F 339 -3.36 48.66 -44.61
N LEU F 340 -2.70 49.80 -44.80
CA LEU F 340 -1.25 49.83 -44.79
C LEU F 340 -0.71 49.42 -43.43
N MET F 341 -1.26 50.01 -42.36
CA MET F 341 -0.80 49.66 -41.03
C MET F 341 -1.13 48.22 -40.68
N ALA F 342 -2.26 47.71 -41.17
CA ALA F 342 -2.61 46.32 -40.88
C ALA F 342 -1.70 45.36 -41.63
N ASN F 343 -1.31 45.72 -42.84
CA ASN F 343 -0.38 44.91 -43.59
C ASN F 343 1.01 44.95 -42.96
N LEU F 344 1.36 46.07 -42.36
CA LEU F 344 2.61 46.15 -41.59
C LEU F 344 2.55 45.31 -40.34
N ILE F 345 1.42 45.32 -39.64
CA ILE F 345 1.24 44.46 -38.49
C ILE F 345 1.36 43.00 -38.89
N LYS F 346 0.81 42.63 -40.05
CA LYS F 346 0.97 41.27 -40.54
C LYS F 346 2.43 40.93 -40.76
N GLY F 347 3.26 41.94 -40.96
CA GLY F 347 4.66 41.72 -41.24
C GLY F 347 4.84 41.22 -42.65
N GLY F 348 6.09 40.93 -42.98
CA GLY F 348 6.43 40.35 -44.25
C GLY F 348 7.51 41.13 -44.94
N MET F 349 8.00 40.56 -46.03
CA MET F 349 9.17 41.09 -46.73
C MET F 349 8.71 41.99 -47.86
N PHE F 350 8.45 43.25 -47.54
CA PHE F 350 7.95 44.22 -48.53
C PHE F 350 9.09 44.67 -49.45
N GLN F 351 9.57 43.76 -50.28
CA GLN F 351 10.70 44.06 -51.14
C GLN F 351 10.38 43.73 -52.58
N HIS F 352 11.23 44.22 -53.47
CA HIS F 352 11.27 43.80 -54.87
C HIS F 352 12.73 43.69 -55.30
N LYS F 353 13.20 42.47 -55.50
CA LYS F 353 14.59 42.24 -55.88
C LYS F 353 14.78 42.40 -57.39
N LEU G 4 17.05 -55.40 -6.99
CA LEU G 4 15.75 -54.78 -7.20
C LEU G 4 15.89 -53.30 -7.47
N LYS G 5 15.82 -52.90 -8.74
CA LYS G 5 15.89 -51.50 -9.07
C LYS G 5 14.53 -50.86 -8.85
N LEU G 6 14.54 -49.63 -8.36
CA LEU G 6 13.31 -48.94 -8.04
C LEU G 6 12.66 -48.47 -9.34
N PRO G 7 11.42 -48.86 -9.61
CA PRO G 7 10.77 -48.45 -10.85
C PRO G 7 10.36 -46.98 -10.81
N THR G 8 10.11 -46.44 -11.99
CA THR G 8 9.67 -45.06 -12.12
C THR G 8 8.30 -44.81 -11.53
N ASN G 9 7.50 -45.85 -11.35
CA ASN G 9 6.18 -45.75 -10.72
C ASN G 9 6.04 -46.92 -9.76
N LEU G 10 6.03 -46.64 -8.46
CA LEU G 10 5.73 -47.68 -7.48
C LEU G 10 5.09 -46.99 -6.28
N ALA G 11 3.76 -46.96 -6.26
CA ALA G 11 3.00 -46.30 -5.18
C ALA G 11 2.05 -47.31 -4.55
N TYR G 12 2.01 -47.35 -3.23
CA TYR G 12 1.10 -48.27 -2.49
C TYR G 12 -0.06 -47.47 -1.91
N GLU G 13 -1.20 -48.14 -1.67
CA GLU G 13 -2.38 -47.48 -1.07
C GLU G 13 -2.45 -47.92 0.39
N ARG G 14 -2.65 -46.97 1.32
CA ARG G 14 -2.60 -47.33 2.72
C ARG G 14 -3.60 -48.42 3.03
N SER G 15 -3.25 -49.30 3.97
CA SER G 15 -4.18 -50.31 4.44
C SER G 15 -4.97 -49.82 5.65
N ILE G 16 -4.30 -49.22 6.62
CA ILE G 16 -4.97 -48.70 7.80
C ILE G 16 -5.59 -47.37 7.42
N ASP G 17 -6.90 -47.24 7.57
CA ASP G 17 -7.58 -45.99 7.27
C ASP G 17 -8.31 -45.50 8.49
N PRO G 18 -7.76 -44.53 9.22
CA PRO G 18 -8.47 -43.96 10.36
C PRO G 18 -9.28 -42.75 9.94
N SER G 19 -10.25 -42.42 10.76
CA SER G 19 -11.05 -41.23 10.55
C SER G 19 -10.81 -40.25 11.68
N ASP G 20 -11.20 -39.02 11.46
CA ASP G 20 -10.97 -37.95 12.43
C ASP G 20 -11.59 -38.34 13.76
N VAL G 21 -10.82 -38.15 14.83
CA VAL G 21 -11.30 -38.44 16.17
C VAL G 21 -12.13 -37.28 16.66
N CYS G 22 -13.45 -37.40 16.57
CA CYS G 22 -14.31 -36.35 17.10
C CYS G 22 -14.37 -36.44 18.61
N PHE G 23 -14.38 -35.28 19.24
CA PHE G 23 -14.42 -35.16 20.70
C PHE G 23 -15.81 -34.72 21.15
N PHE G 24 -16.33 -35.42 22.14
CA PHE G 24 -17.65 -35.15 22.69
C PHE G 24 -17.56 -35.06 24.20
N VAL G 25 -18.58 -34.49 24.79
CA VAL G 25 -18.65 -34.23 26.21
C VAL G 25 -19.85 -34.97 26.74
N VAL G 26 -19.63 -35.90 27.64
CA VAL G 26 -20.70 -36.68 28.23
C VAL G 26 -20.98 -36.13 29.62
N TRP G 27 -22.15 -35.54 29.78
CA TRP G 27 -22.57 -34.92 31.02
C TRP G 27 -23.10 -35.98 31.96
N PRO G 28 -23.40 -35.62 33.21
CA PRO G 28 -24.03 -36.59 34.11
C PRO G 28 -25.39 -37.08 33.63
N ASP G 29 -26.23 -36.21 33.07
CA ASP G 29 -27.50 -36.65 32.50
C ASP G 29 -27.30 -37.36 31.17
N ASP G 30 -26.05 -37.66 30.81
CA ASP G 30 -25.64 -38.52 29.71
C ASP G 30 -25.89 -37.92 28.33
N ARG G 31 -26.40 -36.70 28.25
CA ARG G 31 -26.48 -36.05 26.95
C ARG G 31 -25.07 -35.70 26.48
N LYS G 32 -24.84 -35.86 25.19
CA LYS G 32 -23.49 -35.75 24.65
C LYS G 32 -23.42 -34.57 23.70
N THR G 33 -22.53 -33.63 24.01
CA THR G 33 -22.46 -32.42 23.21
C THR G 33 -21.02 -32.17 22.79
N PRO G 34 -20.79 -31.61 21.61
CA PRO G 34 -19.41 -31.49 21.12
C PRO G 34 -18.60 -30.54 21.99
N LEU G 35 -17.29 -30.77 22.02
CA LEU G 35 -16.38 -29.82 22.61
C LEU G 35 -16.24 -28.60 21.72
N THR G 36 -15.87 -27.48 22.33
CA THR G 36 -15.65 -26.25 21.58
C THR G 36 -14.40 -25.58 22.09
N TYR G 37 -13.49 -25.28 21.18
CA TYR G 37 -12.28 -24.57 21.52
C TYR G 37 -12.47 -23.10 21.25
N ASN G 38 -12.14 -22.28 22.24
CA ASN G 38 -12.24 -20.84 22.08
C ASN G 38 -10.85 -20.24 21.98
N SER G 39 -10.71 -19.20 21.18
CA SER G 39 -9.45 -18.50 21.13
C SER G 39 -9.23 -17.75 22.44
N ARG G 40 -7.97 -17.43 22.72
CA ARG G 40 -7.60 -16.73 23.94
C ARG G 40 -6.33 -15.96 23.69
N THR G 41 -6.17 -14.87 24.41
CA THR G 41 -4.97 -14.05 24.30
C THR G 41 -4.21 -14.14 25.60
N LEU G 42 -2.93 -14.50 25.52
CA LEU G 42 -2.08 -14.73 26.66
C LEU G 42 -1.01 -13.65 26.73
N LEU G 43 -0.68 -13.24 27.94
CA LEU G 43 0.34 -12.22 28.17
C LEU G 43 1.62 -12.92 28.59
N GLY G 44 2.35 -13.46 27.63
CA GLY G 44 3.56 -14.14 27.95
C GLY G 44 4.72 -13.20 28.20
N GLN G 45 5.75 -13.71 28.83
CA GLN G 45 6.94 -12.93 29.08
C GLN G 45 7.95 -13.15 27.97
N MET G 46 8.86 -12.20 27.81
CA MET G 46 9.81 -12.24 26.70
C MET G 46 10.86 -13.30 27.02
N GLU G 47 10.41 -14.54 27.08
CA GLU G 47 11.28 -15.65 27.45
C GLU G 47 11.98 -16.26 26.24
N ALA G 48 11.93 -15.61 25.09
CA ALA G 48 12.66 -16.11 23.94
C ALA G 48 14.15 -15.90 24.15
N ALA G 49 14.93 -16.98 24.03
CA ALA G 49 16.36 -16.85 24.23
C ALA G 49 16.97 -15.92 23.20
N SER G 50 16.50 -15.98 21.96
CA SER G 50 17.01 -15.09 20.92
C SER G 50 16.73 -13.64 21.19
N LEU G 51 15.87 -13.34 22.17
CA LEU G 51 15.39 -11.98 22.34
C LEU G 51 16.25 -11.20 23.32
N ALA G 52 16.98 -11.88 24.19
CA ALA G 52 17.97 -11.22 25.04
C ALA G 52 19.39 -11.51 24.61
N TYR G 53 19.63 -12.65 24.00
CA TYR G 53 20.94 -13.09 23.56
C TYR G 53 20.98 -13.12 22.04
N ASP G 54 22.14 -12.80 21.47
CA ASP G 54 22.36 -13.11 20.07
C ASP G 54 23.25 -14.33 19.97
N VAL G 55 23.31 -14.89 18.76
CA VAL G 55 24.11 -16.09 18.54
C VAL G 55 25.54 -15.84 19.00
N SER G 56 26.21 -16.92 19.41
CA SER G 56 27.54 -16.90 20.02
C SER G 56 27.49 -16.36 21.44
N GLY G 57 26.32 -16.44 22.07
CA GLY G 57 26.15 -16.13 23.49
C GLY G 57 26.63 -14.77 23.93
N GLN G 58 26.01 -13.70 23.43
CA GLN G 58 26.39 -12.35 23.81
C GLN G 58 25.13 -11.57 24.13
N PRO G 59 25.02 -10.95 25.30
CA PRO G 59 23.80 -10.23 25.64
C PRO G 59 23.55 -9.09 24.68
N ILE G 60 22.30 -8.65 24.63
CA ILE G 60 21.91 -7.58 23.73
C ILE G 60 21.84 -6.28 24.50
N LYS G 61 22.61 -5.28 24.05
CA LYS G 61 22.66 -4.00 24.73
C LYS G 61 21.36 -3.23 24.63
N SER G 62 20.49 -3.58 23.70
CA SER G 62 19.20 -2.89 23.60
C SER G 62 18.12 -3.62 24.38
N ALA G 63 18.36 -4.88 24.75
CA ALA G 63 17.42 -5.64 25.56
C ALA G 63 17.69 -5.31 27.03
N THR G 64 17.25 -4.13 27.43
CA THR G 64 17.45 -3.69 28.80
C THR G 64 16.50 -4.42 29.73
N ALA G 65 16.76 -4.30 31.03
CA ALA G 65 15.91 -4.92 32.03
C ALA G 65 14.48 -4.41 31.99
N GLU G 66 14.20 -3.37 31.23
CA GLU G 66 12.85 -2.95 30.96
C GLU G 66 12.32 -3.51 29.65
N ALA G 67 13.21 -3.95 28.77
CA ALA G 67 12.77 -4.51 27.50
C ALA G 67 12.40 -5.97 27.63
N LEU G 68 13.16 -6.75 28.40
CA LEU G 68 12.78 -8.12 28.66
C LEU G 68 11.56 -8.23 29.55
N ALA G 69 11.15 -7.15 30.18
CA ALA G 69 10.05 -7.24 31.11
C ALA G 69 8.72 -6.94 30.43
N GLN G 70 8.78 -6.34 29.24
CA GLN G 70 7.55 -6.06 28.48
C GLN G 70 6.87 -7.37 28.14
N GLY G 71 5.62 -7.52 28.58
CA GLY G 71 4.89 -8.74 28.32
C GLY G 71 4.34 -8.75 26.92
N ASN G 72 4.83 -9.70 26.11
CA ASN G 72 4.27 -9.75 24.76
C ASN G 72 3.07 -10.68 24.74
N PRO G 73 2.06 -10.37 23.94
CA PRO G 73 0.88 -11.24 23.88
C PRO G 73 0.97 -12.25 22.74
N HIS G 74 0.39 -13.41 22.98
CA HIS G 74 0.15 -14.41 21.96
C HIS G 74 -1.33 -14.74 21.94
N GLN G 75 -1.73 -15.53 20.96
CA GLN G 75 -3.09 -16.02 20.90
C GLN G 75 -3.05 -17.51 20.68
N VAL G 76 -3.76 -18.24 21.52
CA VAL G 76 -3.80 -19.68 21.47
C VAL G 76 -5.25 -20.13 21.49
N ASP G 77 -5.53 -21.24 20.83
CA ASP G 77 -6.84 -21.84 20.94
C ASP G 77 -6.82 -22.78 22.14
N PHE G 78 -7.87 -22.70 22.95
CA PHE G 78 -7.92 -23.34 24.24
C PHE G 78 -9.18 -24.19 24.28
N CYS G 79 -9.02 -25.48 24.45
CA CYS G 79 -10.14 -26.39 24.60
C CYS G 79 -9.99 -27.11 25.93
N HIS G 80 -11.08 -27.22 26.67
CA HIS G 80 -11.02 -27.85 27.97
C HIS G 80 -12.38 -28.39 28.33
N VAL G 81 -12.38 -29.43 29.15
CA VAL G 81 -13.65 -30.04 29.56
C VAL G 81 -14.50 -28.99 30.24
N PRO G 82 -15.79 -28.88 29.93
CA PRO G 82 -16.67 -28.00 30.69
C PRO G 82 -16.66 -28.39 32.15
N TYR G 83 -17.20 -27.52 33.00
CA TYR G 83 -17.09 -27.79 34.42
C TYR G 83 -17.78 -29.10 34.78
N GLY G 84 -19.09 -29.15 34.67
CA GLY G 84 -19.84 -30.27 35.19
C GLY G 84 -19.72 -31.54 34.39
N ALA G 85 -19.17 -31.45 33.20
CA ALA G 85 -19.09 -32.59 32.30
C ALA G 85 -18.44 -33.79 32.98
N SER G 86 -19.10 -34.93 32.90
CA SER G 86 -18.54 -36.12 33.51
C SER G 86 -17.26 -36.51 32.79
N HIS G 87 -17.34 -36.84 31.51
CA HIS G 87 -16.12 -37.31 30.85
C HIS G 87 -16.13 -36.88 29.40
N ILE G 88 -15.10 -37.28 28.67
CA ILE G 88 -14.94 -36.92 27.27
C ILE G 88 -15.03 -38.17 26.45
N GLU G 89 -16.01 -38.23 25.57
CA GLU G 89 -16.02 -39.28 24.57
C GLU G 89 -15.14 -38.86 23.42
N CYS G 90 -14.54 -39.83 22.76
CA CYS G 90 -13.77 -39.55 21.56
C CYS G 90 -13.95 -40.73 20.62
N SER G 91 -14.50 -40.46 19.45
CA SER G 91 -14.98 -41.51 18.56
C SER G 91 -14.30 -41.39 17.21
N PHE G 92 -13.94 -42.53 16.64
CA PHE G 92 -13.45 -42.56 15.28
C PHE G 92 -13.59 -43.97 14.77
N SER G 93 -13.28 -44.16 13.49
CA SER G 93 -13.43 -45.46 12.86
C SER G 93 -12.18 -45.76 12.06
N VAL G 94 -11.61 -46.93 12.29
CA VAL G 94 -10.40 -47.36 11.60
C VAL G 94 -10.70 -48.63 10.84
N SER G 95 -10.42 -48.61 9.54
CA SER G 95 -10.71 -49.73 8.66
C SER G 95 -9.41 -50.30 8.14
N PHE G 96 -9.16 -51.56 8.44
CA PHE G 96 -8.01 -52.29 7.94
C PHE G 96 -8.41 -52.98 6.65
N SER G 97 -7.52 -52.99 5.66
CA SER G 97 -7.82 -53.62 4.40
C SER G 97 -6.53 -54.21 3.84
N SER G 98 -6.68 -55.04 2.81
CA SER G 98 -5.55 -55.64 2.14
C SER G 98 -5.22 -54.87 0.87
N GLU G 99 -4.88 -53.60 1.05
CA GLU G 99 -4.37 -52.80 -0.05
C GLU G 99 -2.86 -52.95 -0.18
N LEU G 100 -2.27 -53.86 0.59
CA LEU G 100 -0.84 -54.07 0.57
C LEU G 100 -0.43 -55.31 -0.20
N ARG G 101 -1.38 -56.15 -0.59
CA ARG G 101 -1.04 -57.35 -1.34
C ARG G 101 -0.34 -56.98 -2.65
N GLN G 102 -1.02 -56.34 -3.49
CA GLN G 102 -0.45 -55.88 -4.74
C GLN G 102 -0.22 -54.37 -4.69
N PRO G 103 0.80 -53.88 -5.37
CA PRO G 103 0.99 -52.43 -5.44
C PRO G 103 -0.20 -51.76 -6.08
N TYR G 104 -0.50 -50.57 -5.57
CA TYR G 104 -1.54 -49.76 -6.20
C TYR G 104 -1.13 -49.35 -7.60
N LYS G 105 0.16 -49.08 -7.81
CA LYS G 105 0.71 -48.75 -9.11
C LYS G 105 2.12 -49.28 -9.18
N CYS G 106 2.49 -49.82 -10.34
CA CYS G 106 3.84 -50.32 -10.51
C CYS G 106 4.07 -50.50 -12.00
N ASN G 107 5.07 -49.81 -12.55
CA ASN G 107 5.22 -49.82 -14.00
C ASN G 107 6.05 -51.00 -14.50
N SER G 108 6.83 -51.63 -13.63
CA SER G 108 7.62 -52.80 -13.99
C SER G 108 7.05 -54.04 -13.32
N SER G 109 6.74 -55.05 -14.12
CA SER G 109 6.06 -56.22 -13.59
C SER G 109 6.99 -57.17 -12.87
N LYS G 110 8.30 -56.98 -12.97
CA LYS G 110 9.22 -57.81 -12.20
C LYS G 110 9.23 -57.39 -10.73
N VAL G 111 9.38 -56.09 -10.48
CA VAL G 111 9.33 -55.59 -9.11
C VAL G 111 7.93 -55.65 -8.53
N LYS G 112 6.91 -55.88 -9.35
CA LYS G 112 5.58 -56.08 -8.79
C LYS G 112 5.37 -57.52 -8.37
N GLN G 113 5.79 -58.48 -9.21
CA GLN G 113 5.65 -59.87 -8.82
C GLN G 113 6.55 -60.21 -7.65
N THR G 114 7.75 -59.63 -7.60
CA THR G 114 8.65 -59.86 -6.48
C THR G 114 8.16 -59.23 -5.19
N LEU G 115 7.18 -58.34 -5.24
CA LEU G 115 6.61 -57.75 -4.04
C LEU G 115 5.32 -58.41 -3.63
N VAL G 116 4.50 -58.84 -4.59
CA VAL G 116 3.34 -59.66 -4.24
C VAL G 116 3.81 -60.98 -3.65
N GLN G 117 4.84 -61.59 -4.25
CA GLN G 117 5.45 -62.78 -3.69
C GLN G 117 6.06 -62.51 -2.32
N LEU G 118 6.59 -61.30 -2.12
CA LEU G 118 7.12 -60.93 -0.83
C LEU G 118 6.04 -60.93 0.23
N VAL G 119 4.92 -60.27 -0.05
CA VAL G 119 3.82 -60.22 0.90
C VAL G 119 3.30 -61.62 1.18
N GLU G 120 3.21 -62.46 0.14
CA GLU G 120 2.69 -63.81 0.34
C GLU G 120 3.64 -64.65 1.20
N LEU G 121 4.94 -64.63 0.87
CA LEU G 121 5.91 -65.39 1.64
C LEU G 121 6.02 -64.87 3.06
N TYR G 122 5.77 -63.57 3.27
CA TYR G 122 5.69 -63.04 4.62
C TYR G 122 4.52 -63.64 5.36
N GLU G 123 3.31 -63.49 4.81
CA GLU G 123 2.12 -64.04 5.42
C GLU G 123 2.28 -65.52 5.74
N THR G 124 2.99 -66.27 4.91
CA THR G 124 3.14 -67.71 5.15
C THR G 124 4.22 -68.01 6.18
N LYS G 125 5.40 -67.41 6.03
CA LYS G 125 6.50 -67.72 6.93
C LYS G 125 6.27 -67.14 8.33
N ILE G 126 6.09 -65.84 8.41
CA ILE G 126 5.83 -65.16 9.68
C ILE G 126 4.51 -64.42 9.56
N GLY G 127 3.48 -64.95 10.21
CA GLY G 127 2.12 -64.51 9.97
C GLY G 127 1.88 -63.05 10.29
N TRP G 128 0.67 -62.60 9.94
CA TRP G 128 0.25 -61.23 10.20
C TRP G 128 0.02 -60.96 11.67
N THR G 129 0.10 -61.96 12.54
CA THR G 129 -0.26 -61.78 13.94
C THR G 129 0.58 -60.72 14.63
N GLU G 130 1.83 -60.54 14.23
CA GLU G 130 2.68 -59.59 14.92
C GLU G 130 2.27 -58.16 14.62
N LEU G 131 2.29 -57.78 13.33
CA LEU G 131 1.85 -56.45 12.95
C LEU G 131 0.41 -56.20 13.35
N ALA G 132 -0.44 -57.22 13.28
CA ALA G 132 -1.82 -57.02 13.68
C ALA G 132 -1.93 -56.73 15.16
N THR G 133 -1.21 -57.50 15.99
CA THR G 133 -1.22 -57.22 17.43
C THR G 133 -0.69 -55.83 17.73
N ARG G 134 0.39 -55.44 17.05
CA ARG G 134 0.94 -54.11 17.29
C ARG G 134 -0.06 -53.03 16.90
N TYR G 135 -0.51 -53.04 15.64
CA TYR G 135 -1.47 -52.06 15.16
C TYR G 135 -2.71 -52.01 16.04
N LEU G 136 -3.12 -53.15 16.58
CA LEU G 136 -4.35 -53.20 17.35
C LEU G 136 -4.14 -52.77 18.79
N MET G 137 -2.93 -52.93 19.33
CA MET G 137 -2.68 -52.42 20.67
C MET G 137 -2.85 -50.91 20.72
N ASN G 138 -2.27 -50.21 19.75
CA ASN G 138 -2.40 -48.75 19.70
C ASN G 138 -3.85 -48.32 19.54
N ILE G 139 -4.69 -49.15 18.94
CA ILE G 139 -6.11 -48.85 18.85
C ILE G 139 -6.80 -49.11 20.18
N CYS G 140 -6.46 -50.23 20.81
CA CYS G 140 -7.19 -50.67 21.98
C CYS G 140 -6.75 -49.96 23.25
N ASN G 141 -5.53 -49.45 23.29
CA ASN G 141 -5.16 -48.54 24.36
C ASN G 141 -5.10 -47.13 23.79
N GLY G 142 -5.17 -46.14 24.67
CA GLY G 142 -5.09 -44.80 24.15
C GLY G 142 -3.72 -44.50 23.61
N LYS G 143 -3.59 -44.49 22.30
CA LYS G 143 -2.44 -43.90 21.64
C LYS G 143 -2.85 -42.95 20.54
N TRP G 144 -3.98 -43.19 19.90
CA TRP G 144 -4.64 -42.17 19.09
C TRP G 144 -5.09 -41.00 19.94
N LEU G 145 -5.25 -41.22 21.25
CA LEU G 145 -5.28 -40.13 22.22
C LEU G 145 -3.85 -39.80 22.60
N TRP G 146 -3.29 -38.77 22.00
CA TRP G 146 -1.84 -38.58 22.11
C TRP G 146 -1.43 -38.17 23.51
N LYS G 147 -1.86 -37.00 23.95
CA LYS G 147 -1.55 -36.54 25.29
C LYS G 147 -2.77 -36.47 26.16
N ASN G 148 -3.96 -36.69 25.61
CA ASN G 148 -5.16 -36.66 26.43
C ASN G 148 -5.21 -37.80 27.42
N THR G 149 -4.31 -38.78 27.31
CA THR G 149 -4.16 -39.81 28.32
C THR G 149 -2.99 -39.54 29.24
N ARG G 150 -2.04 -38.71 28.82
CA ARG G 150 -0.86 -38.44 29.62
C ARG G 150 -1.22 -38.02 31.03
N LYS G 151 -2.27 -37.21 31.17
CA LYS G 151 -2.75 -36.74 32.47
C LYS G 151 -4.25 -36.97 32.51
N ALA G 152 -4.65 -38.17 32.87
CA ALA G 152 -6.07 -38.52 32.86
C ALA G 152 -6.31 -39.62 33.87
N TYR G 153 -7.43 -39.51 34.57
CA TYR G 153 -7.77 -40.52 35.57
C TYR G 153 -7.77 -41.90 34.96
N CYS G 154 -8.63 -42.13 33.99
CA CYS G 154 -8.71 -43.42 33.34
C CYS G 154 -9.50 -43.28 32.06
N TRP G 155 -9.09 -44.01 31.04
CA TRP G 155 -9.79 -44.03 29.77
C TRP G 155 -10.16 -45.46 29.41
N ASN G 156 -11.35 -45.60 28.82
CA ASN G 156 -11.89 -46.89 28.43
C ASN G 156 -12.16 -46.86 26.93
N ILE G 157 -11.71 -47.91 26.26
CA ILE G 157 -11.89 -48.08 24.82
C ILE G 157 -12.98 -49.11 24.62
N VAL G 158 -14.16 -48.68 24.23
CA VAL G 158 -15.17 -49.60 23.73
C VAL G 158 -15.00 -49.65 22.22
N LEU G 159 -15.23 -50.82 21.65
CA LEU G 159 -14.81 -51.10 20.29
C LEU G 159 -15.82 -52.01 19.64
N THR G 160 -16.40 -51.57 18.53
CA THR G 160 -17.37 -52.37 17.80
C THR G 160 -16.79 -52.69 16.44
N PRO G 161 -16.33 -53.92 16.21
CA PRO G 161 -15.85 -54.29 14.88
C PRO G 161 -17.00 -54.56 13.94
N TRP G 162 -16.77 -54.31 12.66
CA TRP G 162 -17.92 -54.45 11.77
C TRP G 162 -18.17 -55.90 11.35
N PRO G 163 -17.21 -56.60 10.73
CA PRO G 163 -17.53 -58.00 10.40
C PRO G 163 -17.45 -58.87 11.65
N TRP G 164 -18.33 -58.56 12.60
CA TRP G 164 -18.24 -59.08 13.96
C TRP G 164 -19.62 -59.54 14.40
N ASN G 165 -19.64 -60.55 15.26
CA ASN G 165 -20.89 -61.15 15.70
C ASN G 165 -21.22 -60.90 17.16
N GLY G 166 -20.27 -61.11 18.07
CA GLY G 166 -20.50 -60.93 19.49
C GLY G 166 -20.75 -59.48 19.86
N GLU G 167 -20.84 -59.24 21.15
CA GLU G 167 -21.09 -57.89 21.63
C GLU G 167 -19.80 -57.08 21.63
N LYS G 168 -19.88 -55.86 22.15
CA LYS G 168 -18.77 -54.91 22.03
C LYS G 168 -17.55 -55.38 22.81
N VAL G 169 -16.39 -54.88 22.39
CA VAL G 169 -15.12 -55.21 23.03
C VAL G 169 -14.73 -54.05 23.93
N GLY G 170 -14.63 -54.31 25.22
CA GLY G 170 -14.37 -53.26 26.20
C GLY G 170 -12.99 -53.38 26.80
N PHE G 171 -12.32 -52.24 26.95
CA PHE G 171 -11.05 -52.14 27.64
C PHE G 171 -11.17 -51.03 28.67
N GLU G 172 -11.07 -51.38 29.95
CA GLU G 172 -11.31 -50.42 31.02
C GLU G 172 -10.02 -50.17 31.81
N ASP G 173 -9.90 -48.94 32.31
CA ASP G 173 -8.81 -48.55 33.20
C ASP G 173 -7.46 -48.94 32.62
N ILE G 174 -7.27 -48.59 31.35
CA ILE G 174 -6.15 -49.08 30.58
C ILE G 174 -4.82 -48.83 31.27
N ARG G 175 -4.69 -47.73 32.01
CA ARG G 175 -3.44 -47.45 32.68
C ARG G 175 -3.08 -48.53 33.69
N THR G 176 -4.08 -49.16 34.30
CA THR G 176 -3.85 -50.18 35.30
C THR G 176 -3.97 -51.59 34.71
N ASN G 177 -4.98 -51.83 33.89
CA ASN G 177 -5.20 -53.18 33.39
C ASN G 177 -4.26 -53.50 32.25
N TYR G 178 -4.36 -52.77 31.15
CA TYR G 178 -3.67 -53.12 29.92
C TYR G 178 -2.35 -52.38 29.82
N THR G 179 -1.43 -52.78 30.68
CA THR G 179 -0.11 -52.17 30.75
C THR G 179 0.91 -52.86 29.85
N SER G 180 0.54 -53.95 29.20
CA SER G 180 1.52 -54.73 28.47
C SER G 180 0.83 -55.47 27.33
N ARG G 181 1.64 -56.13 26.50
CA ARG G 181 1.11 -56.93 25.41
C ARG G 181 0.24 -58.06 25.95
N GLN G 182 0.66 -58.67 27.06
CA GLN G 182 -0.06 -59.83 27.58
C GLN G 182 -1.43 -59.47 28.10
N ASP G 183 -1.56 -58.29 28.73
CA ASP G 183 -2.84 -57.93 29.34
C ASP G 183 -3.94 -57.77 28.30
N PHE G 184 -3.57 -57.55 27.05
CA PHE G 184 -4.56 -57.57 25.98
C PHE G 184 -4.97 -58.98 25.64
N LYS G 185 -3.99 -59.88 25.51
CA LYS G 185 -4.30 -61.27 25.22
C LYS G 185 -5.18 -61.90 26.28
N ASN G 186 -5.14 -61.40 27.52
CA ASN G 186 -6.05 -61.90 28.54
C ASN G 186 -7.50 -61.58 28.22
N ASN G 187 -7.76 -60.59 27.38
CA ASN G 187 -9.12 -60.26 27.00
C ASN G 187 -9.69 -61.36 26.11
N LYS G 188 -10.91 -61.78 26.42
CA LYS G 188 -11.51 -62.90 25.69
C LYS G 188 -11.73 -62.57 24.23
N ASN G 189 -11.99 -61.31 23.91
CA ASN G 189 -12.25 -60.89 22.54
C ASN G 189 -10.98 -60.53 21.79
N TRP G 190 -9.81 -60.72 22.39
CA TRP G 190 -8.60 -60.26 21.75
C TRP G 190 -8.28 -61.08 20.51
N SER G 191 -8.16 -62.40 20.67
CA SER G 191 -7.80 -63.25 19.55
C SER G 191 -8.80 -63.13 18.41
N ALA G 192 -10.08 -62.96 18.75
CA ALA G 192 -11.11 -62.82 17.73
C ALA G 192 -11.00 -61.51 16.96
N ILE G 193 -10.22 -60.55 17.45
CA ILE G 193 -10.00 -59.31 16.73
C ILE G 193 -8.69 -59.36 15.93
N VAL G 194 -7.65 -59.95 16.52
CA VAL G 194 -6.41 -60.10 15.78
C VAL G 194 -6.60 -61.02 14.58
N GLU G 195 -7.42 -62.06 14.75
CA GLU G 195 -7.70 -62.92 13.61
C GLU G 195 -8.47 -62.17 12.53
N MET G 196 -9.37 -61.28 12.93
CA MET G 196 -10.13 -60.50 11.96
C MET G 196 -9.25 -59.52 11.22
N ILE G 197 -8.30 -58.91 11.91
CA ILE G 197 -7.38 -58.00 11.23
C ILE G 197 -6.47 -58.76 10.28
N LYS G 198 -5.91 -59.89 10.74
CA LYS G 198 -5.04 -60.63 9.84
C LYS G 198 -5.81 -61.26 8.70
N THR G 199 -7.12 -61.46 8.87
CA THR G 199 -7.96 -61.84 7.74
C THR G 199 -8.10 -60.69 6.75
N ALA G 200 -8.44 -59.50 7.25
CA ALA G 200 -8.49 -58.32 6.40
C ALA G 200 -7.17 -58.11 5.67
N PHE G 201 -6.06 -58.52 6.27
CA PHE G 201 -4.77 -58.45 5.61
C PHE G 201 -4.52 -59.60 4.66
N SER G 202 -5.10 -60.76 4.93
CA SER G 202 -4.82 -61.97 4.16
C SER G 202 -5.69 -62.05 2.91
N SER G 203 -7.00 -62.09 3.09
CA SER G 203 -7.92 -62.12 1.96
C SER G 203 -7.69 -60.89 1.10
N THR G 204 -7.63 -61.08 -0.21
CA THR G 204 -7.29 -59.99 -1.12
C THR G 204 -8.30 -58.86 -1.05
N ASP G 205 -9.59 -59.20 -1.04
CA ASP G 205 -10.65 -58.19 -0.99
C ASP G 205 -11.45 -58.26 0.31
N GLY G 206 -10.78 -58.46 1.45
CA GLY G 206 -11.43 -58.43 2.74
C GLY G 206 -11.07 -57.16 3.48
N LEU G 207 -11.92 -56.76 4.42
CA LEU G 207 -11.67 -55.59 5.23
C LEU G 207 -12.23 -55.82 6.62
N ALA G 208 -11.76 -55.01 7.57
CA ALA G 208 -12.18 -55.11 8.96
C ALA G 208 -12.35 -53.70 9.48
N ILE G 209 -13.57 -53.30 9.73
CA ILE G 209 -13.89 -51.96 10.17
C ILE G 209 -14.12 -51.98 11.67
N PHE G 210 -13.41 -51.14 12.39
CA PHE G 210 -13.60 -50.95 13.82
C PHE G 210 -14.15 -49.56 14.05
N GLU G 211 -15.14 -49.44 14.91
CA GLU G 211 -15.56 -48.14 15.40
C GLU G 211 -15.13 -48.09 16.85
N VAL G 212 -14.15 -47.21 17.12
CA VAL G 212 -13.52 -47.10 18.42
C VAL G 212 -14.08 -45.87 19.10
N ARG G 213 -14.74 -46.08 20.21
CA ARG G 213 -15.21 -45.00 21.05
C ARG G 213 -14.43 -45.09 22.35
N ALA G 214 -14.10 -43.96 22.95
CA ALA G 214 -13.34 -43.99 24.19
C ALA G 214 -13.93 -42.97 25.16
N THR G 215 -14.29 -43.44 26.33
CA THR G 215 -14.72 -42.58 27.42
C THR G 215 -13.49 -42.29 28.27
N LEU G 216 -13.15 -41.02 28.38
CA LEU G 216 -11.89 -40.56 28.91
C LEU G 216 -12.18 -39.60 30.04
N HIS G 217 -11.96 -40.02 31.29
CA HIS G 217 -12.24 -39.19 32.44
C HIS G 217 -11.05 -38.29 32.68
N LEU G 218 -11.24 -37.03 32.56
CA LEU G 218 -10.19 -36.08 32.85
C LEU G 218 -10.46 -35.42 34.18
N PRO G 219 -9.46 -34.77 34.77
CA PRO G 219 -9.72 -34.00 35.98
C PRO G 219 -10.60 -32.80 35.67
N THR G 220 -10.99 -32.05 36.68
CA THR G 220 -11.85 -30.90 36.46
C THR G 220 -11.18 -29.91 35.52
N ASN G 221 -11.97 -29.32 34.63
CA ASN G 221 -11.51 -28.25 33.76
C ASN G 221 -10.24 -28.63 32.99
N ALA G 222 -10.00 -29.92 32.81
CA ALA G 222 -8.74 -30.35 32.22
C ALA G 222 -8.64 -29.88 30.78
N MET G 223 -7.43 -29.51 30.38
CA MET G 223 -7.21 -28.99 29.04
C MET G 223 -6.95 -30.12 28.06
N VAL G 224 -7.88 -30.36 27.15
CA VAL G 224 -7.70 -31.40 26.15
C VAL G 224 -6.75 -30.87 25.09
N ARG G 225 -6.23 -31.78 24.28
CA ARG G 225 -5.16 -31.45 23.33
C ARG G 225 -5.47 -32.02 21.96
N PRO G 226 -6.17 -31.29 21.14
CA PRO G 226 -6.42 -31.73 19.77
C PRO G 226 -5.24 -31.45 18.86
N SER G 227 -5.43 -31.64 17.56
CA SER G 227 -4.37 -31.45 16.59
C SER G 227 -4.29 -30.01 16.12
N GLN G 228 -3.08 -29.47 16.04
CA GLN G 228 -2.85 -28.13 15.52
C GLN G 228 -2.76 -28.16 14.01
N VAL G 229 -2.92 -26.99 13.40
CA VAL G 229 -2.79 -26.86 11.97
C VAL G 229 -1.43 -26.27 11.67
N PHE G 230 -1.03 -26.38 10.41
CA PHE G 230 0.28 -25.90 10.03
C PHE G 230 0.28 -24.37 9.97
N THR G 231 1.42 -23.79 9.63
CA THR G 231 1.54 -22.33 9.65
C THR G 231 0.63 -21.70 8.62
N ASN G 245 -1.55 -16.45 15.44
CA ASN G 245 -1.76 -17.42 16.50
C ASN G 245 -0.67 -18.47 16.51
N SER G 246 -0.41 -19.01 17.70
CA SER G 246 0.57 -20.06 17.86
C SER G 246 -0.04 -21.42 18.15
N ARG G 247 -1.37 -21.51 18.15
CA ARG G 247 -2.04 -22.80 18.35
C ARG G 247 -3.42 -22.70 17.72
N VAL G 248 -3.56 -23.28 16.53
CA VAL G 248 -4.82 -23.26 15.80
C VAL G 248 -5.27 -24.69 15.63
N PHE G 249 -6.28 -25.09 16.38
CA PHE G 249 -6.74 -26.47 16.37
C PHE G 249 -7.42 -26.81 15.05
N GLN G 250 -7.16 -28.02 14.56
CA GLN G 250 -7.96 -28.56 13.49
C GLN G 250 -9.37 -28.76 14.01
N SER G 251 -10.36 -28.33 13.25
CA SER G 251 -11.74 -28.39 13.72
C SER G 251 -12.62 -29.05 12.69
N THR G 252 -13.69 -29.66 13.18
CA THR G 252 -14.79 -30.11 12.35
C THR G 252 -16.04 -29.37 12.79
N THR G 253 -17.15 -29.60 12.11
CA THR G 253 -18.40 -28.92 12.42
C THR G 253 -19.45 -29.96 12.77
N ILE G 254 -19.69 -30.14 14.06
CA ILE G 254 -20.69 -31.07 14.56
C ILE G 254 -21.86 -30.26 15.08
N ASP G 255 -23.07 -30.64 14.68
CA ASP G 255 -24.30 -29.96 15.10
C ASP G 255 -24.24 -28.47 14.77
N GLY G 256 -23.51 -28.12 13.71
CA GLY G 256 -23.40 -26.74 13.30
C GLY G 256 -22.43 -25.91 14.09
N GLU G 257 -21.73 -26.49 15.06
CA GLU G 257 -20.73 -25.76 15.83
C GLU G 257 -19.39 -26.48 15.71
N ARG G 258 -18.32 -25.69 15.73
CA ARG G 258 -17.01 -26.26 15.53
C ARG G 258 -16.57 -27.01 16.78
N SER G 259 -15.75 -28.02 16.56
CA SER G 259 -15.26 -28.86 17.62
C SER G 259 -13.85 -29.30 17.29
N PRO G 260 -12.99 -29.46 18.28
CA PRO G 260 -11.60 -29.81 18.01
C PRO G 260 -11.44 -31.29 17.77
N ILE G 261 -10.64 -31.63 16.77
CA ILE G 261 -10.50 -33.00 16.36
C ILE G 261 -9.03 -33.37 16.29
N LEU G 262 -8.74 -34.64 16.49
CA LEU G 262 -7.46 -35.22 16.13
C LEU G 262 -7.56 -35.68 14.69
N GLY G 263 -6.77 -35.09 13.82
CA GLY G 263 -6.89 -35.36 12.41
C GLY G 263 -6.76 -36.83 12.09
N ALA G 264 -7.23 -37.19 10.89
CA ALA G 264 -7.13 -38.57 10.45
C ALA G 264 -5.69 -39.00 10.29
N PHE G 265 -4.81 -38.10 9.84
CA PHE G 265 -3.41 -38.46 9.69
C PHE G 265 -2.69 -38.49 11.03
N LYS G 266 -3.16 -37.66 11.96
CA LYS G 266 -2.64 -37.65 13.35
C LYS G 266 -2.98 -39.00 13.98
N THR G 267 -4.19 -39.52 13.72
CA THR G 267 -4.60 -40.81 14.24
C THR G 267 -3.89 -41.95 13.53
N GLY G 268 -3.64 -41.80 12.23
CA GLY G 268 -2.90 -42.81 11.52
C GLY G 268 -1.49 -42.96 12.04
N ALA G 269 -0.78 -41.84 12.21
CA ALA G 269 0.55 -41.87 12.81
C ALA G 269 0.49 -42.41 14.22
N ALA G 270 -0.64 -42.30 14.90
CA ALA G 270 -0.76 -42.89 16.22
C ALA G 270 -0.86 -44.41 16.16
N ILE G 271 -1.72 -44.93 15.30
CA ILE G 271 -1.86 -46.38 15.20
C ILE G 271 -0.59 -47.00 14.63
N ALA G 272 0.21 -46.22 13.90
CA ALA G 272 1.40 -46.74 13.24
C ALA G 272 2.68 -46.40 13.98
N THR G 273 2.62 -46.26 15.31
CA THR G 273 3.83 -46.14 16.11
C THR G 273 4.20 -47.54 16.61
N ILE G 274 4.64 -48.36 15.66
CA ILE G 274 5.03 -49.73 15.93
C ILE G 274 6.49 -49.99 15.63
N ASP G 275 7.15 -49.13 14.86
CA ASP G 275 8.50 -49.40 14.38
C ASP G 275 9.47 -49.26 15.53
N ASP G 276 9.57 -50.33 16.33
CA ASP G 276 10.55 -50.36 17.40
C ASP G 276 11.87 -50.97 16.98
N TRP G 277 11.96 -51.53 15.77
CA TRP G 277 13.17 -52.21 15.33
C TRP G 277 14.03 -51.24 14.57
N TYR G 278 15.18 -50.89 15.12
CA TYR G 278 16.16 -50.08 14.43
C TYR G 278 17.45 -50.11 15.25
N PRO G 279 18.53 -49.52 14.74
CA PRO G 279 19.72 -49.38 15.58
C PRO G 279 19.39 -48.69 16.88
N GLU G 280 19.78 -49.33 17.99
CA GLU G 280 19.53 -48.83 19.34
C GLU G 280 18.02 -48.65 19.56
N ALA G 281 17.33 -49.78 19.50
CA ALA G 281 15.88 -49.82 19.65
C ALA G 281 15.49 -49.37 21.05
N THR G 282 14.84 -48.20 21.14
CA THR G 282 14.41 -47.67 22.43
C THR G 282 12.89 -47.62 22.54
N GLU G 283 12.22 -46.96 21.61
CA GLU G 283 10.77 -46.78 21.67
C GLU G 283 10.20 -46.99 20.29
N PRO G 284 8.93 -47.37 20.19
CA PRO G 284 8.29 -47.50 18.88
C PRO G 284 8.25 -46.17 18.15
N LEU G 285 8.53 -46.22 16.85
CA LEU G 285 8.53 -45.04 16.01
C LEU G 285 7.38 -45.14 15.02
N ARG G 286 6.99 -44.00 14.48
CA ARG G 286 6.06 -44.00 13.36
C ARG G 286 6.75 -44.61 12.17
N VAL G 287 6.11 -45.63 11.57
CA VAL G 287 6.72 -46.36 10.48
C VAL G 287 6.94 -45.41 9.31
N GLY G 288 8.20 -45.12 9.02
CA GLY G 288 8.54 -44.27 7.89
C GLY G 288 9.72 -44.85 7.16
N ARG G 289 9.93 -44.35 5.94
CA ARG G 289 11.07 -44.78 5.14
C ARG G 289 12.34 -44.69 5.95
N PHE G 290 12.53 -43.57 6.61
CA PHE G 290 13.65 -43.31 7.49
C PHE G 290 13.07 -43.16 8.88
N GLY G 291 13.48 -44.00 9.81
CA GLY G 291 12.81 -43.94 11.10
C GLY G 291 13.00 -42.57 11.68
N VAL G 292 12.00 -41.73 11.56
CA VAL G 292 12.09 -40.34 11.97
C VAL G 292 11.59 -40.21 13.39
N HIS G 293 12.40 -39.64 14.26
CA HIS G 293 12.03 -39.41 15.64
C HIS G 293 11.59 -37.97 15.80
N ARG G 294 10.47 -37.78 16.48
CA ARG G 294 9.97 -36.44 16.74
C ARG G 294 10.33 -35.93 18.12
N GLU G 295 11.33 -36.51 18.76
CA GLU G 295 11.79 -35.96 20.03
C GLU G 295 13.26 -35.57 19.97
N ASP G 296 14.11 -36.47 19.54
CA ASP G 296 15.51 -36.15 19.26
C ASP G 296 15.64 -36.20 17.75
N VAL G 297 15.31 -35.08 17.11
CA VAL G 297 14.80 -35.09 15.75
C VAL G 297 15.59 -35.94 14.77
N THR G 298 16.86 -36.20 15.05
CA THR G 298 17.67 -37.00 14.13
C THR G 298 16.98 -38.31 13.82
N CYS G 299 16.72 -38.56 12.55
CA CYS G 299 16.02 -39.77 12.15
C CYS G 299 16.95 -40.97 12.18
N TYR G 300 16.53 -42.02 12.86
CA TYR G 300 17.19 -43.30 12.77
C TYR G 300 16.79 -43.94 11.45
N ARG G 301 17.41 -45.08 11.13
CA ARG G 301 17.27 -45.69 9.81
C ARG G 301 17.65 -44.70 8.71
N HIS G 302 18.64 -43.88 9.01
CA HIS G 302 19.20 -43.00 8.02
C HIS G 302 19.87 -43.84 6.94
N PRO G 303 19.84 -43.39 5.68
CA PRO G 303 20.48 -44.15 4.60
C PRO G 303 21.94 -44.51 4.88
N SER G 304 22.58 -43.91 5.88
CA SER G 304 23.89 -44.37 6.30
C SER G 304 23.81 -45.83 6.75
N THR G 305 22.86 -46.15 7.60
CA THR G 305 22.65 -47.55 7.92
C THR G 305 21.72 -48.17 6.88
N GLY G 306 21.84 -49.48 6.73
CA GLY G 306 21.02 -50.21 5.78
C GLY G 306 19.70 -50.63 6.38
N LYS G 307 19.07 -49.70 7.10
CA LYS G 307 17.81 -49.98 7.76
C LYS G 307 16.65 -49.17 7.20
N ASP G 308 16.91 -48.17 6.37
CA ASP G 308 15.82 -47.43 5.78
C ASP G 308 15.01 -48.34 4.86
N PHE G 309 13.79 -47.90 4.55
CA PHE G 309 12.89 -48.74 3.78
C PHE G 309 13.46 -49.07 2.41
N PHE G 310 14.19 -48.14 1.80
CA PHE G 310 14.69 -48.38 0.46
C PHE G 310 15.94 -49.24 0.47
N SER G 311 16.85 -49.02 1.42
CA SER G 311 18.03 -49.87 1.50
C SER G 311 17.67 -51.31 1.87
N ILE G 312 16.42 -51.57 2.25
CA ILE G 312 15.96 -52.93 2.51
C ILE G 312 14.91 -53.38 1.52
N LEU G 313 14.41 -52.49 0.67
CA LEU G 313 13.59 -52.91 -0.45
C LEU G 313 14.45 -53.33 -1.62
N GLN G 314 15.63 -52.72 -1.77
CA GLN G 314 16.61 -53.20 -2.74
C GLN G 314 16.95 -54.66 -2.49
N GLN G 315 16.92 -55.09 -1.24
CA GLN G 315 17.25 -56.46 -0.87
C GLN G 315 16.01 -57.34 -0.70
N ALA G 316 14.96 -57.07 -1.46
CA ALA G 316 13.72 -57.84 -1.33
C ALA G 316 13.90 -59.26 -1.81
N GLU G 317 14.64 -59.47 -2.90
CA GLU G 317 14.92 -60.83 -3.35
C GLU G 317 15.65 -61.63 -2.29
N HIS G 318 16.57 -60.98 -1.56
CA HIS G 318 17.21 -61.65 -0.44
C HIS G 318 16.19 -62.13 0.58
N TYR G 319 15.18 -61.30 0.88
CA TYR G 319 14.18 -61.73 1.85
C TYR G 319 13.29 -62.82 1.28
N ILE G 320 13.04 -62.81 -0.03
CA ILE G 320 12.34 -63.92 -0.65
C ILE G 320 13.10 -65.22 -0.44
N GLU G 321 14.41 -65.21 -0.74
CA GLU G 321 15.16 -66.46 -0.67
C GLU G 321 15.47 -66.89 0.75
N VAL G 322 15.43 -65.97 1.72
CA VAL G 322 15.58 -66.39 3.12
C VAL G 322 14.26 -66.78 3.75
N LEU G 323 13.13 -66.33 3.21
CA LEU G 323 11.84 -66.86 3.63
C LEU G 323 11.42 -68.07 2.82
N SER G 324 11.91 -68.20 1.59
CA SER G 324 11.67 -69.41 0.83
C SER G 324 12.36 -70.63 1.44
N ALA G 325 13.52 -70.44 2.07
CA ALA G 325 14.10 -71.50 2.88
C ALA G 325 13.18 -71.83 4.04
N ASN G 326 13.01 -73.13 4.29
CA ASN G 326 12.02 -73.55 5.28
C ASN G 326 12.51 -73.30 6.70
N LYS G 327 13.83 -73.29 6.91
CA LYS G 327 14.36 -72.97 8.22
C LYS G 327 13.94 -71.57 8.64
N THR G 328 13.76 -71.38 9.93
CA THR G 328 13.33 -70.08 10.43
C THR G 328 14.42 -69.04 10.21
N PRO G 329 14.05 -67.82 9.85
CA PRO G 329 15.05 -66.80 9.54
C PRO G 329 15.61 -66.18 10.83
N ALA G 330 16.65 -65.37 10.65
CA ALA G 330 17.24 -64.69 11.79
C ALA G 330 16.27 -63.64 12.33
N GLN G 331 16.43 -63.33 13.61
CA GLN G 331 15.58 -62.29 14.21
C GLN G 331 15.87 -60.93 13.61
N GLU G 332 17.14 -60.65 13.29
CA GLU G 332 17.47 -59.37 12.70
C GLU G 332 16.80 -59.18 11.35
N THR G 333 16.73 -60.24 10.55
CA THR G 333 16.09 -60.13 9.24
C THR G 333 14.58 -60.20 9.33
N ILE G 334 14.04 -60.92 10.30
CA ILE G 334 12.59 -60.91 10.47
C ILE G 334 12.12 -59.56 10.98
N ASN G 335 12.95 -58.86 11.75
CA ASN G 335 12.61 -57.49 12.11
C ASN G 335 12.59 -56.60 10.89
N ASP G 336 13.56 -56.78 9.99
CA ASP G 336 13.60 -56.00 8.77
C ASP G 336 12.38 -56.30 7.90
N MET G 337 11.96 -57.55 7.86
CA MET G 337 10.77 -57.93 7.13
C MET G 337 9.53 -57.29 7.73
N HIS G 338 9.44 -57.30 9.07
CA HIS G 338 8.35 -56.61 9.76
C HIS G 338 8.30 -55.15 9.38
N PHE G 339 9.46 -54.49 9.37
CA PHE G 339 9.49 -53.07 9.04
C PHE G 339 9.09 -52.83 7.60
N LEU G 340 9.56 -53.67 6.70
CA LEU G 340 9.19 -53.53 5.29
C LEU G 340 7.69 -53.67 5.11
N MET G 341 7.09 -54.66 5.77
CA MET G 341 5.66 -54.84 5.65
C MET G 341 4.88 -53.72 6.30
N ALA G 342 5.35 -53.18 7.42
CA ALA G 342 4.67 -52.06 8.03
C ALA G 342 4.73 -50.84 7.12
N ASN G 343 5.87 -50.62 6.48
CA ASN G 343 5.99 -49.51 5.56
C ASN G 343 5.14 -49.71 4.32
N LEU G 344 4.98 -50.96 3.88
CA LEU G 344 4.06 -51.26 2.80
C LEU G 344 2.62 -50.97 3.22
N ILE G 345 2.26 -51.32 4.45
CA ILE G 345 0.92 -51.07 4.94
C ILE G 345 0.65 -49.58 4.99
N LYS G 346 1.60 -48.81 5.48
CA LYS G 346 1.44 -47.35 5.45
C LYS G 346 1.25 -46.87 4.02
N GLY G 347 1.93 -47.50 3.08
CA GLY G 347 1.83 -47.12 1.69
C GLY G 347 2.56 -45.84 1.38
N GLY G 348 2.61 -45.51 0.10
CA GLY G 348 3.24 -44.30 -0.34
C GLY G 348 3.93 -44.48 -1.68
N MET G 349 4.64 -43.44 -2.09
CA MET G 349 5.30 -43.44 -3.38
C MET G 349 6.74 -43.92 -3.21
N PHE G 350 6.95 -45.22 -3.40
CA PHE G 350 8.27 -45.83 -3.26
C PHE G 350 9.08 -45.68 -4.54
N GLN G 351 9.21 -44.48 -5.07
CA GLN G 351 9.82 -44.34 -6.38
C GLN G 351 10.85 -43.23 -6.35
N HIS G 352 11.70 -43.21 -7.36
CA HIS G 352 12.69 -42.16 -7.53
C HIS G 352 12.49 -41.52 -8.89
N LYS G 353 12.10 -40.25 -8.89
CA LYS G 353 11.90 -39.52 -10.13
C LYS G 353 13.14 -38.72 -10.49
N LEU H 4 28.54 -24.87 27.58
CA LEU H 4 27.42 -25.62 27.00
C LEU H 4 26.61 -24.77 26.03
N LYS H 5 26.73 -25.11 24.75
CA LYS H 5 26.00 -24.38 23.72
C LYS H 5 24.51 -24.61 23.86
N LEU H 6 23.73 -23.72 23.24
CA LEU H 6 22.29 -23.84 23.25
C LEU H 6 21.83 -24.34 21.90
N PRO H 7 21.22 -25.50 21.80
CA PRO H 7 20.96 -26.10 20.48
C PRO H 7 19.89 -25.34 19.72
N THR H 8 19.69 -25.77 18.48
CA THR H 8 18.73 -25.09 17.62
C THR H 8 17.31 -25.59 17.80
N ASN H 9 17.13 -26.76 18.41
CA ASN H 9 15.81 -27.31 18.72
C ASN H 9 15.87 -27.87 20.12
N LEU H 10 15.51 -27.07 21.10
CA LEU H 10 15.40 -27.53 22.48
C LEU H 10 14.09 -27.02 23.04
N ALA H 11 13.31 -27.92 23.61
CA ALA H 11 12.02 -27.54 24.15
C ALA H 11 11.67 -28.50 25.27
N TYR H 12 11.02 -27.98 26.30
CA TYR H 12 10.55 -28.81 27.40
C TYR H 12 9.06 -28.64 27.53
N GLU H 13 8.37 -29.75 27.72
CA GLU H 13 6.94 -29.72 27.96
C GLU H 13 6.71 -29.50 29.45
N ARG H 14 5.69 -28.71 29.77
CA ARG H 14 5.53 -28.26 31.14
C ARG H 14 5.05 -29.39 32.03
N SER H 15 5.52 -29.39 33.27
CA SER H 15 5.11 -30.41 34.22
C SER H 15 3.87 -30.01 35.00
N ILE H 16 3.86 -28.82 35.59
CA ILE H 16 2.71 -28.36 36.34
C ILE H 16 1.66 -27.96 35.30
N ASP H 17 0.57 -28.70 35.23
CA ASP H 17 -0.50 -28.39 34.30
C ASP H 17 -1.76 -28.05 35.09
N PRO H 18 -2.02 -26.80 35.39
CA PRO H 18 -3.24 -26.42 36.10
C PRO H 18 -4.38 -26.26 35.10
N SER H 19 -5.56 -26.09 35.64
CA SER H 19 -6.74 -25.87 34.85
C SER H 19 -7.32 -24.52 35.22
N ASP H 20 -8.39 -24.13 34.52
CA ASP H 20 -9.07 -22.91 34.88
C ASP H 20 -9.62 -23.01 36.29
N VAL H 21 -9.79 -21.86 36.93
CA VAL H 21 -10.37 -21.80 38.26
C VAL H 21 -11.80 -21.33 38.12
N CYS H 22 -12.75 -22.24 38.25
CA CYS H 22 -14.15 -21.89 38.07
C CYS H 22 -14.77 -21.54 39.42
N PHE H 23 -15.55 -20.46 39.44
CA PHE H 23 -16.17 -19.98 40.66
C PHE H 23 -17.60 -20.47 40.75
N PHE H 24 -18.05 -20.71 41.98
CA PHE H 24 -19.41 -21.07 42.25
C PHE H 24 -19.86 -20.36 43.52
N VAL H 25 -21.16 -20.20 43.68
CA VAL H 25 -21.71 -19.49 44.81
C VAL H 25 -22.55 -20.49 45.58
N VAL H 26 -22.33 -20.58 46.89
CA VAL H 26 -23.06 -21.50 47.72
C VAL H 26 -24.00 -20.70 48.60
N TRP H 27 -25.29 -20.96 48.45
CA TRP H 27 -26.33 -20.31 49.21
C TRP H 27 -26.61 -21.09 50.49
N PRO H 28 -27.19 -20.44 51.50
CA PRO H 28 -27.45 -21.14 52.77
C PRO H 28 -28.33 -22.37 52.62
N ASP H 29 -29.01 -22.56 51.50
CA ASP H 29 -29.70 -23.81 51.23
C ASP H 29 -28.74 -24.91 50.80
N ASP H 30 -27.47 -24.56 50.59
CA ASP H 30 -26.42 -25.49 50.16
C ASP H 30 -26.72 -26.06 48.78
N ARG H 31 -26.99 -25.18 47.83
CA ARG H 31 -26.91 -25.50 46.41
C ARG H 31 -26.02 -24.47 45.74
N LYS H 32 -25.35 -24.89 44.67
CA LYS H 32 -24.31 -24.10 44.05
C LYS H 32 -24.78 -23.54 42.72
N THR H 33 -24.65 -22.23 42.56
CA THR H 33 -24.95 -21.59 41.29
C THR H 33 -23.74 -20.81 40.82
N PRO H 34 -23.36 -20.92 39.55
CA PRO H 34 -22.14 -20.25 39.08
C PRO H 34 -22.25 -18.75 39.18
N LEU H 35 -21.10 -18.10 39.33
CA LEU H 35 -21.06 -16.65 39.41
C LEU H 35 -21.42 -16.03 38.06
N THR H 36 -22.02 -14.85 38.13
CA THR H 36 -22.33 -14.07 36.94
C THR H 36 -21.82 -12.67 37.16
N TYR H 37 -21.46 -11.99 36.07
CA TYR H 37 -20.89 -10.66 36.20
C TYR H 37 -21.58 -9.69 35.26
N ASN H 38 -22.00 -8.55 35.82
CA ASN H 38 -22.51 -7.45 35.02
C ASN H 38 -21.48 -7.04 33.98
N SER H 39 -21.95 -6.51 32.87
CA SER H 39 -21.05 -6.03 31.83
C SER H 39 -21.57 -4.66 31.41
N ARG H 40 -21.16 -3.63 32.13
CA ARG H 40 -21.68 -2.30 31.88
C ARG H 40 -21.00 -1.69 30.67
N THR H 41 -21.79 -0.98 29.88
CA THR H 41 -21.30 -0.33 28.67
C THR H 41 -21.90 1.06 28.58
N LEU H 42 -21.05 2.04 28.34
CA LEU H 42 -21.47 3.43 28.25
C LEU H 42 -21.57 3.85 26.80
N LEU H 43 -22.59 4.66 26.50
CA LEU H 43 -22.84 5.08 25.13
C LEU H 43 -22.68 6.58 24.97
N PRO H 73 -18.18 2.03 23.87
CA PRO H 73 -18.24 0.58 24.00
C PRO H 73 -17.03 0.01 24.71
N HIS H 74 -16.68 0.59 25.86
CA HIS H 74 -15.51 0.10 26.58
C HIS H 74 -15.83 -1.17 27.35
N GLN H 75 -17.07 -1.33 27.80
CA GLN H 75 -17.57 -2.58 28.36
C GLN H 75 -16.74 -3.03 29.57
N VAL H 76 -16.89 -2.29 30.64
CA VAL H 76 -16.24 -2.70 31.88
C VAL H 76 -17.13 -3.68 32.62
N ASP H 77 -16.54 -4.74 33.14
CA ASP H 77 -17.29 -5.81 33.79
C ASP H 77 -17.21 -5.68 35.30
N PHE H 78 -18.17 -6.28 35.99
CA PHE H 78 -18.28 -6.15 37.43
C PHE H 78 -18.77 -7.47 37.99
N CYS H 79 -17.93 -8.17 38.73
CA CYS H 79 -18.30 -9.44 39.35
C CYS H 79 -18.28 -9.24 40.86
N HIS H 80 -19.45 -9.19 41.47
CA HIS H 80 -19.53 -9.11 42.92
C HIS H 80 -20.31 -10.30 43.45
N VAL H 81 -20.00 -10.67 44.67
CA VAL H 81 -20.70 -11.80 45.31
C VAL H 81 -22.18 -11.44 45.43
N PRO H 82 -23.09 -12.32 45.07
CA PRO H 82 -24.52 -12.00 45.19
C PRO H 82 -24.89 -11.72 46.63
N TYR H 83 -26.11 -11.21 46.81
CA TYR H 83 -26.47 -10.69 48.13
C TYR H 83 -26.54 -11.80 49.17
N GLY H 84 -27.44 -12.75 48.99
CA GLY H 84 -27.60 -13.74 50.02
C GLY H 84 -26.58 -14.85 50.05
N ALA H 85 -25.58 -14.79 49.18
CA ALA H 85 -24.64 -15.88 49.02
C ALA H 85 -23.91 -16.17 50.33
N SER H 86 -24.03 -17.40 50.81
CA SER H 86 -23.34 -17.77 52.04
C SER H 86 -21.83 -17.70 51.85
N HIS H 87 -21.32 -18.37 50.83
CA HIS H 87 -19.89 -18.28 50.55
C HIS H 87 -19.66 -18.63 49.10
N ILE H 88 -18.40 -18.84 48.74
CA ILE H 88 -18.04 -18.96 47.34
C ILE H 88 -16.99 -20.05 47.19
N GLU H 89 -17.25 -21.02 46.33
CA GLU H 89 -16.29 -22.08 46.07
C GLU H 89 -15.49 -21.75 44.84
N CYS H 90 -14.24 -22.17 44.84
CA CYS H 90 -13.34 -21.96 43.71
C CYS H 90 -12.68 -23.29 43.41
N SER H 91 -13.02 -23.92 42.30
CA SER H 91 -12.52 -25.26 42.03
C SER H 91 -11.57 -25.23 40.86
N PHE H 92 -10.51 -26.03 40.97
CA PHE H 92 -9.62 -26.23 39.83
C PHE H 92 -8.89 -27.53 40.03
N SER H 93 -8.07 -27.90 39.04
CA SER H 93 -7.40 -29.19 39.04
C SER H 93 -6.01 -29.02 38.49
N VAL H 94 -5.01 -29.38 39.29
CA VAL H 94 -3.61 -29.19 38.93
C VAL H 94 -2.94 -30.54 38.88
N SER H 95 -2.20 -30.79 37.81
CA SER H 95 -1.57 -32.08 37.58
C SER H 95 -0.08 -31.92 37.51
N PHE H 96 0.63 -32.54 38.43
CA PHE H 96 2.08 -32.64 38.40
C PHE H 96 2.44 -33.87 37.58
N SER H 97 3.50 -33.78 36.79
CA SER H 97 3.84 -34.88 35.92
C SER H 97 5.33 -34.88 35.64
N SER H 98 5.85 -36.04 35.28
CA SER H 98 7.27 -36.22 35.07
C SER H 98 7.65 -35.96 33.62
N GLU H 99 7.22 -34.80 33.12
CA GLU H 99 7.55 -34.44 31.72
C GLU H 99 8.88 -33.69 31.70
N LEU H 100 9.46 -33.43 32.87
CA LEU H 100 10.76 -32.71 32.93
C LEU H 100 11.94 -33.69 32.84
N ARG H 101 11.67 -35.00 32.95
CA ARG H 101 12.77 -35.99 32.91
C ARG H 101 13.47 -35.97 31.55
N GLN H 102 12.72 -35.94 30.45
CA GLN H 102 13.35 -35.96 29.11
C GLN H 102 12.93 -34.72 28.32
N PRO H 103 13.87 -33.95 27.72
CA PRO H 103 13.52 -32.78 26.92
C PRO H 103 12.62 -33.17 25.78
N TYR H 104 11.58 -32.37 25.57
CA TYR H 104 10.62 -32.68 24.52
C TYR H 104 11.26 -32.59 23.14
N LYS H 105 12.37 -31.88 23.03
CA LYS H 105 13.15 -31.88 21.79
C LYS H 105 14.59 -31.49 22.06
N CYS H 106 15.51 -32.19 21.41
CA CYS H 106 16.92 -31.80 21.39
C CYS H 106 17.50 -32.27 20.06
N ASN H 107 17.61 -31.36 19.10
CA ASN H 107 18.18 -31.74 17.82
C ASN H 107 19.62 -32.19 17.95
N SER H 108 20.21 -32.06 19.12
CA SER H 108 21.54 -32.58 19.39
C SER H 108 21.49 -33.39 20.67
N SER H 109 21.60 -34.72 20.53
CA SER H 109 21.51 -35.58 21.70
C SER H 109 22.60 -35.27 22.72
N LYS H 110 23.73 -34.76 22.26
CA LYS H 110 24.83 -34.46 23.17
C LYS H 110 24.39 -33.52 24.28
N VAL H 111 23.44 -32.62 24.00
CA VAL H 111 22.91 -31.79 25.06
C VAL H 111 21.74 -32.45 25.78
N LYS H 112 21.07 -33.39 25.13
CA LYS H 112 19.99 -34.07 25.82
C LYS H 112 20.54 -34.90 26.97
N GLN H 113 21.70 -35.50 26.78
CA GLN H 113 22.29 -36.30 27.84
C GLN H 113 22.64 -35.43 29.04
N THR H 114 23.26 -34.29 28.81
CA THR H 114 23.68 -33.46 29.92
C THR H 114 22.53 -32.80 30.64
N LEU H 115 21.32 -32.86 30.10
CA LEU H 115 20.16 -32.40 30.84
C LEU H 115 19.41 -33.53 31.52
N VAL H 116 19.32 -34.71 30.90
CA VAL H 116 18.68 -35.80 31.62
C VAL H 116 19.56 -36.22 32.79
N GLN H 117 20.88 -36.21 32.61
CA GLN H 117 21.78 -36.48 33.71
C GLN H 117 21.76 -35.35 34.73
N LEU H 118 21.59 -34.12 34.28
CA LEU H 118 21.42 -33.01 35.21
C LEU H 118 20.23 -33.24 36.11
N VAL H 119 19.10 -33.63 35.53
CA VAL H 119 17.90 -33.88 36.33
C VAL H 119 18.13 -35.05 37.27
N GLU H 120 18.74 -36.13 36.78
CA GLU H 120 18.98 -37.28 37.63
C GLU H 120 19.85 -36.91 38.82
N LEU H 121 20.96 -36.22 38.57
CA LEU H 121 21.89 -35.89 39.64
C LEU H 121 21.29 -34.87 40.60
N TYR H 122 20.50 -33.93 40.10
CA TYR H 122 19.78 -33.04 40.99
C TYR H 122 18.90 -33.84 41.93
N GLU H 123 18.06 -34.72 41.36
CA GLU H 123 17.14 -35.47 42.17
C GLU H 123 17.87 -36.33 43.21
N THR H 124 18.99 -36.92 42.82
CA THR H 124 19.73 -37.76 43.76
C THR H 124 20.36 -36.93 44.87
N LYS H 125 21.06 -35.86 44.50
CA LYS H 125 21.80 -35.09 45.49
C LYS H 125 20.89 -34.27 46.38
N ILE H 126 20.16 -33.33 45.80
CA ILE H 126 19.15 -32.55 46.51
C ILE H 126 17.79 -33.00 46.01
N GLY H 127 17.09 -33.79 46.81
CA GLY H 127 15.84 -34.36 46.39
C GLY H 127 14.82 -33.32 46.02
N TRP H 128 13.71 -33.79 45.46
CA TRP H 128 12.67 -32.92 44.95
C TRP H 128 11.93 -32.18 46.05
N THR H 129 12.25 -32.40 47.31
CA THR H 129 11.39 -31.89 48.36
C THR H 129 11.28 -30.38 48.36
N GLU H 130 12.28 -29.65 47.89
CA GLU H 130 12.20 -28.21 47.98
C GLU H 130 11.28 -27.63 46.92
N LEU H 131 11.49 -28.00 45.66
CA LEU H 131 10.57 -27.56 44.62
C LEU H 131 9.16 -28.08 44.86
N ALA H 132 9.03 -29.35 45.25
CA ALA H 132 7.71 -29.89 45.53
C ALA H 132 7.03 -29.12 46.65
N THR H 133 7.76 -28.80 47.71
CA THR H 133 7.15 -28.08 48.80
C THR H 133 6.74 -26.68 48.36
N ARG H 134 7.60 -25.99 47.63
CA ARG H 134 7.29 -24.63 47.24
C ARG H 134 6.18 -24.57 46.21
N TYR H 135 5.91 -25.66 45.51
CA TYR H 135 4.73 -25.70 44.65
C TYR H 135 3.48 -26.00 45.47
N LEU H 136 3.53 -27.05 46.26
CA LEU H 136 2.37 -27.46 47.02
C LEU H 136 1.95 -26.40 48.04
N MET H 137 2.86 -25.54 48.47
CA MET H 137 2.46 -24.45 49.35
C MET H 137 1.57 -23.47 48.61
N ASN H 138 1.96 -23.07 47.41
CA ASN H 138 1.10 -22.21 46.62
C ASN H 138 -0.22 -22.87 46.31
N ILE H 139 -0.22 -24.19 46.15
CA ILE H 139 -1.49 -24.88 45.93
C ILE H 139 -2.36 -24.80 47.17
N CYS H 140 -1.78 -25.08 48.33
CA CYS H 140 -2.56 -25.36 49.54
C CYS H 140 -2.93 -24.11 50.32
N ASN H 141 -2.17 -23.03 50.23
CA ASN H 141 -2.65 -21.75 50.68
C ASN H 141 -3.22 -21.01 49.50
N GLY H 142 -4.13 -20.10 49.75
CA GLY H 142 -4.72 -19.46 48.60
C GLY H 142 -3.74 -18.50 47.98
N LYS H 143 -3.12 -18.92 46.89
CA LYS H 143 -2.20 -18.06 46.17
C LYS H 143 -2.60 -18.09 44.70
N TRP H 144 -3.28 -19.15 44.29
CA TRP H 144 -3.91 -19.14 42.98
C TRP H 144 -5.12 -18.23 42.98
N LEU H 145 -5.76 -18.06 44.14
CA LEU H 145 -6.78 -17.03 44.33
C LEU H 145 -6.05 -15.71 44.50
N TRP H 146 -5.68 -15.10 43.39
CA TRP H 146 -4.68 -14.04 43.42
C TRP H 146 -5.02 -12.92 44.36
N LYS H 147 -6.05 -12.15 44.03
CA LYS H 147 -6.43 -11.00 44.82
C LYS H 147 -7.70 -11.25 45.60
N ASN H 148 -8.36 -12.37 45.38
CA ASN H 148 -9.66 -12.61 45.97
C ASN H 148 -9.60 -12.94 47.44
N THR H 149 -8.45 -12.77 48.08
CA THR H 149 -8.31 -13.02 49.50
C THR H 149 -7.89 -11.79 50.28
N ARG H 150 -7.78 -10.64 49.62
CA ARG H 150 -7.44 -9.42 50.35
C ARG H 150 -8.45 -9.14 51.44
N LYS H 151 -9.73 -9.16 51.09
CA LYS H 151 -10.80 -9.03 52.05
C LYS H 151 -11.58 -10.33 52.04
N ALA H 152 -11.11 -11.31 52.80
CA ALA H 152 -11.79 -12.57 52.97
C ALA H 152 -11.77 -12.94 54.43
N TYR H 153 -12.86 -13.51 54.91
CA TYR H 153 -12.90 -13.89 56.32
C TYR H 153 -12.03 -15.10 56.56
N CYS H 154 -12.20 -16.13 55.75
CA CYS H 154 -11.42 -17.36 55.86
C CYS H 154 -11.66 -18.16 54.61
N TRP H 155 -10.64 -18.86 54.15
CA TRP H 155 -10.81 -19.75 53.02
C TRP H 155 -10.17 -21.08 53.33
N ASN H 156 -10.86 -22.15 52.96
CA ASN H 156 -10.40 -23.50 53.24
C ASN H 156 -10.08 -24.19 51.93
N ILE H 157 -8.88 -24.75 51.85
CA ILE H 157 -8.43 -25.47 50.68
C ILE H 157 -8.63 -26.96 50.95
N VAL H 158 -9.66 -27.52 50.38
CA VAL H 158 -9.82 -28.97 50.43
C VAL H 158 -9.17 -29.52 49.18
N LEU H 159 -8.51 -30.66 49.32
CA LEU H 159 -7.62 -31.16 48.29
C LEU H 159 -7.87 -32.65 48.15
N THR H 160 -8.14 -33.09 46.93
CA THR H 160 -8.37 -34.51 46.66
C THR H 160 -7.32 -34.96 45.68
N PRO H 161 -6.26 -35.61 46.14
CA PRO H 161 -5.22 -36.08 45.23
C PRO H 161 -5.66 -37.37 44.58
N TRP H 162 -5.18 -37.59 43.38
CA TRP H 162 -5.77 -38.75 42.74
C TRP H 162 -5.17 -40.05 43.25
N PRO H 163 -3.87 -40.30 43.10
CA PRO H 163 -3.42 -41.61 43.58
C PRO H 163 -3.43 -41.62 45.11
N TRP H 164 -4.63 -41.69 45.66
CA TRP H 164 -4.83 -41.47 47.07
C TRP H 164 -5.62 -42.62 47.66
N ASN H 165 -5.39 -42.86 48.95
CA ASN H 165 -6.05 -43.94 49.65
C ASN H 165 -6.80 -43.48 50.89
N GLY H 166 -6.45 -42.34 51.46
CA GLY H 166 -7.16 -41.80 52.60
C GLY H 166 -8.36 -40.99 52.17
N GLU H 167 -8.78 -40.09 53.04
CA GLU H 167 -9.89 -39.19 52.76
C GLU H 167 -9.35 -37.96 52.05
N LYS H 168 -10.17 -36.92 51.95
CA LYS H 168 -9.71 -35.66 51.42
C LYS H 168 -8.83 -34.95 52.44
N VAL H 169 -7.80 -34.27 51.95
CA VAL H 169 -6.89 -33.53 52.81
C VAL H 169 -7.30 -32.06 52.83
N GLY H 170 -7.70 -31.56 53.99
CA GLY H 170 -8.30 -30.24 54.09
C GLY H 170 -7.50 -29.33 55.00
N PHE H 171 -7.11 -28.17 54.46
CA PHE H 171 -6.54 -27.09 55.24
C PHE H 171 -7.64 -26.05 55.41
N GLU H 172 -7.71 -25.45 56.59
CA GLU H 172 -8.77 -24.48 56.89
C GLU H 172 -8.18 -23.24 57.54
N ASP H 173 -8.85 -22.12 57.34
CA ASP H 173 -8.52 -20.86 58.00
C ASP H 173 -7.05 -20.52 57.80
N ILE H 174 -6.71 -20.28 56.53
CA ILE H 174 -5.32 -20.23 56.13
C ILE H 174 -4.63 -18.96 56.61
N ARG H 175 -5.38 -17.96 57.08
CA ARG H 175 -4.69 -16.84 57.73
C ARG H 175 -4.63 -17.02 59.23
N THR H 176 -5.30 -18.04 59.76
CA THR H 176 -5.13 -18.38 61.16
C THR H 176 -4.23 -19.57 61.36
N ASN H 177 -4.33 -20.57 60.50
CA ASN H 177 -3.45 -21.72 60.52
C ASN H 177 -2.78 -21.78 59.16
N TYR H 178 -1.83 -22.70 59.02
CA TYR H 178 -1.16 -22.89 57.75
C TYR H 178 -0.67 -21.57 57.16
N THR H 179 0.10 -20.84 57.96
CA THR H 179 0.61 -19.55 57.57
C THR H 179 2.06 -19.60 57.10
N SER H 180 2.81 -20.63 57.51
CA SER H 180 4.20 -20.76 57.15
C SER H 180 4.49 -22.23 56.86
N ARG H 181 5.63 -22.47 56.22
CA ARG H 181 5.95 -23.83 55.79
C ARG H 181 5.83 -24.83 56.93
N GLN H 182 6.18 -24.41 58.14
CA GLN H 182 6.11 -25.34 59.26
C GLN H 182 4.68 -25.75 59.55
N ASP H 183 3.75 -24.79 59.55
CA ASP H 183 2.36 -25.13 59.80
C ASP H 183 1.84 -26.13 58.78
N PHE H 184 2.25 -25.97 57.52
CA PHE H 184 1.91 -26.96 56.51
C PHE H 184 2.45 -28.32 56.89
N LYS H 185 3.76 -28.40 57.16
CA LYS H 185 4.35 -29.67 57.56
C LYS H 185 3.65 -30.29 58.76
N ASN H 186 2.98 -29.47 59.57
CA ASN H 186 2.35 -30.00 60.76
C ASN H 186 1.05 -30.72 60.46
N ASN H 187 0.45 -30.50 59.30
CA ASN H 187 -0.77 -31.22 58.94
C ASN H 187 -0.45 -32.69 58.71
N LYS H 188 -1.36 -33.56 59.16
CA LYS H 188 -1.05 -34.98 59.19
C LYS H 188 -0.89 -35.60 57.81
N ASN H 189 -1.45 -34.99 56.77
CA ASN H 189 -1.37 -35.53 55.43
C ASN H 189 -0.37 -34.81 54.56
N TRP H 190 0.38 -33.87 55.11
CA TRP H 190 1.26 -33.07 54.27
C TRP H 190 2.40 -33.89 53.72
N SER H 191 3.04 -34.70 54.56
CA SER H 191 4.18 -35.48 54.09
C SER H 191 3.77 -36.42 52.98
N ALA H 192 2.61 -37.06 53.10
CA ALA H 192 2.14 -37.95 52.03
C ALA H 192 1.95 -37.21 50.73
N ILE H 193 1.38 -36.01 50.77
CA ILE H 193 1.16 -35.25 49.55
C ILE H 193 2.48 -34.87 48.91
N VAL H 194 3.42 -34.33 49.70
CA VAL H 194 4.69 -33.97 49.11
C VAL H 194 5.39 -35.21 48.57
N GLU H 195 5.21 -36.34 49.24
CA GLU H 195 5.82 -37.57 48.75
C GLU H 195 5.22 -37.95 47.41
N MET H 196 3.92 -37.80 47.27
CA MET H 196 3.27 -38.08 46.00
C MET H 196 3.78 -37.15 44.91
N ILE H 197 4.00 -35.88 45.24
CA ILE H 197 4.44 -34.94 44.23
C ILE H 197 5.87 -35.26 43.79
N LYS H 198 6.76 -35.52 44.75
CA LYS H 198 8.12 -35.85 44.36
C LYS H 198 8.19 -37.19 43.65
N THR H 199 7.28 -38.10 43.94
CA THR H 199 7.18 -39.31 43.14
C THR H 199 6.82 -38.98 41.71
N ALA H 200 5.69 -38.29 41.50
CA ALA H 200 5.31 -37.86 40.18
C ALA H 200 6.44 -37.16 39.46
N PHE H 201 7.26 -36.40 40.16
CA PHE H 201 8.42 -35.75 39.56
C PHE H 201 9.58 -36.70 39.38
N SER H 202 9.56 -37.86 40.04
CA SER H 202 10.67 -38.79 40.01
C SER H 202 10.46 -39.94 39.04
N SER H 203 9.32 -40.60 39.13
CA SER H 203 9.07 -41.78 38.31
C SER H 203 9.19 -41.45 36.83
N THR H 204 9.57 -42.44 36.04
CA THR H 204 9.67 -42.26 34.60
C THR H 204 8.36 -41.84 33.97
N ASP H 205 7.22 -42.21 34.54
CA ASP H 205 5.93 -41.85 33.99
C ASP H 205 4.91 -41.53 35.07
N GLY H 206 5.35 -41.10 36.24
CA GLY H 206 4.42 -40.81 37.30
C GLY H 206 3.66 -39.53 37.05
N LEU H 207 2.51 -39.41 37.72
CA LEU H 207 1.77 -38.17 37.74
C LEU H 207 1.03 -38.09 39.05
N ALA H 208 0.50 -36.90 39.34
CA ALA H 208 -0.26 -36.71 40.56
C ALA H 208 -1.25 -35.60 40.28
N ILE H 209 -2.53 -35.94 40.29
CA ILE H 209 -3.58 -34.99 40.00
C ILE H 209 -4.22 -34.58 41.31
N PHE H 210 -4.40 -33.29 41.51
CA PHE H 210 -5.10 -32.76 42.67
C PHE H 210 -6.31 -31.99 42.19
N GLU H 211 -7.47 -32.31 42.74
CA GLU H 211 -8.63 -31.45 42.59
C GLU H 211 -8.71 -30.59 43.83
N VAL H 212 -8.61 -29.28 43.65
CA VAL H 212 -8.57 -28.35 44.75
C VAL H 212 -9.88 -27.57 44.75
N ARG H 213 -10.49 -27.46 45.92
CA ARG H 213 -11.66 -26.63 46.08
C ARG H 213 -11.45 -25.68 47.24
N ALA H 214 -11.66 -24.40 47.00
CA ALA H 214 -11.46 -23.39 48.02
C ALA H 214 -12.83 -22.88 48.42
N THR H 215 -13.29 -23.27 49.60
CA THR H 215 -14.48 -22.63 50.15
C THR H 215 -14.01 -21.34 50.79
N LEU H 216 -14.13 -20.27 50.03
CA LEU H 216 -13.71 -18.95 50.41
C LEU H 216 -14.91 -18.19 50.97
N HIS H 217 -14.68 -17.36 51.97
CA HIS H 217 -15.72 -16.52 52.54
C HIS H 217 -15.37 -15.08 52.28
N LEU H 218 -16.30 -14.36 51.74
CA LEU H 218 -16.11 -12.95 51.54
C LEU H 218 -17.14 -12.16 52.31
N PRO H 219 -16.87 -10.89 52.61
CA PRO H 219 -17.91 -10.06 53.23
C PRO H 219 -19.08 -9.91 52.29
N THR H 220 -20.20 -9.47 52.84
CA THR H 220 -21.42 -9.37 52.06
C THR H 220 -21.21 -8.46 50.86
N ASN H 221 -21.51 -8.98 49.67
CA ASN H 221 -21.37 -8.23 48.43
C ASN H 221 -19.93 -7.76 48.22
N ALA H 222 -19.01 -8.70 48.23
CA ALA H 222 -17.60 -8.40 48.04
C ALA H 222 -17.18 -8.66 46.61
N MET H 223 -16.06 -8.05 46.24
CA MET H 223 -15.62 -8.04 44.85
C MET H 223 -14.76 -9.26 44.57
N VAL H 224 -15.11 -9.97 43.53
CA VAL H 224 -14.30 -11.08 43.02
C VAL H 224 -13.55 -10.58 41.81
N ARG H 225 -12.30 -11.00 41.66
CA ARG H 225 -11.43 -10.42 40.65
C ARG H 225 -10.91 -11.47 39.68
N PRO H 226 -11.74 -12.00 38.83
CA PRO H 226 -11.27 -12.96 37.82
C PRO H 226 -10.31 -12.27 36.86
N SER H 227 -9.70 -13.08 36.01
CA SER H 227 -8.64 -12.60 35.16
C SER H 227 -9.20 -11.79 34.00
N GLN H 228 -8.75 -10.55 33.88
CA GLN H 228 -9.12 -9.73 32.73
C GLN H 228 -8.59 -10.36 31.46
N VAL H 229 -9.24 -10.08 30.36
CA VAL H 229 -8.76 -10.60 29.09
C VAL H 229 -7.89 -9.55 28.43
N PHE H 230 -6.87 -10.02 27.72
CA PHE H 230 -5.97 -9.11 27.04
C PHE H 230 -6.66 -8.53 25.82
N THR H 231 -6.46 -7.24 25.60
CA THR H 231 -7.06 -6.56 24.46
C THR H 231 -6.10 -5.58 23.82
N ASN H 245 -11.01 3.57 30.71
CA ASN H 245 -10.50 2.23 30.92
C ASN H 245 -11.51 1.18 30.46
N SER H 246 -11.04 -0.05 30.29
CA SER H 246 -11.91 -1.13 29.81
C SER H 246 -11.48 -2.43 30.49
N ARG H 247 -12.32 -2.93 31.38
CA ARG H 247 -12.08 -4.16 32.12
C ARG H 247 -13.07 -5.21 31.66
N VAL H 248 -12.62 -6.13 30.83
CA VAL H 248 -13.48 -7.17 30.29
C VAL H 248 -12.92 -8.52 30.73
N PHE H 249 -13.77 -9.32 31.37
CA PHE H 249 -13.31 -10.52 32.05
C PHE H 249 -13.13 -11.67 31.08
N GLN H 250 -12.17 -12.53 31.41
CA GLN H 250 -12.00 -13.80 30.76
C GLN H 250 -12.95 -14.76 31.44
N SER H 251 -13.72 -15.51 30.65
CA SER H 251 -14.87 -16.20 31.20
C SER H 251 -15.12 -17.52 30.50
N THR H 252 -15.92 -18.36 31.16
CA THR H 252 -16.40 -19.61 30.63
C THR H 252 -17.91 -19.62 30.67
N THR H 253 -18.51 -20.74 30.31
CA THR H 253 -19.95 -20.91 30.39
C THR H 253 -20.25 -22.16 31.23
N ILE H 254 -20.86 -21.96 32.38
CA ILE H 254 -21.31 -23.05 33.22
C ILE H 254 -22.83 -23.02 33.26
N ASP H 255 -23.46 -24.19 33.22
CA ASP H 255 -24.91 -24.27 33.17
C ASP H 255 -25.45 -23.37 32.07
N GLY H 256 -24.77 -23.37 30.93
CA GLY H 256 -25.17 -22.58 29.79
C GLY H 256 -24.92 -21.10 29.90
N GLU H 257 -24.78 -20.56 31.11
CA GLU H 257 -24.65 -19.13 31.29
C GLU H 257 -23.25 -18.79 31.73
N ARG H 258 -22.81 -17.57 31.42
CA ARG H 258 -21.39 -17.27 31.50
C ARG H 258 -21.00 -16.90 32.91
N SER H 259 -19.79 -17.31 33.27
CA SER H 259 -19.23 -17.14 34.59
C SER H 259 -17.78 -16.72 34.44
N PRO H 260 -17.22 -16.00 35.40
CA PRO H 260 -15.83 -15.57 35.29
C PRO H 260 -14.86 -16.59 35.85
N ILE H 261 -13.67 -16.62 35.26
CA ILE H 261 -12.66 -17.60 35.63
C ILE H 261 -11.31 -16.92 35.75
N LEU H 262 -10.46 -17.50 36.60
CA LEU H 262 -9.04 -17.19 36.58
C LEU H 262 -8.38 -18.18 35.63
N GLY H 263 -7.72 -17.66 34.61
CA GLY H 263 -7.26 -18.50 33.53
C GLY H 263 -6.38 -19.64 34.01
N ALA H 264 -6.28 -20.66 33.18
CA ALA H 264 -5.36 -21.74 33.49
C ALA H 264 -3.93 -21.23 33.52
N PHE H 265 -3.61 -20.28 32.66
CA PHE H 265 -2.26 -19.72 32.65
C PHE H 265 -2.02 -18.79 33.82
N LYS H 266 -3.02 -18.02 34.22
CA LYS H 266 -2.90 -17.23 35.43
C LYS H 266 -2.67 -18.12 36.64
N THR H 267 -3.40 -19.23 36.74
CA THR H 267 -3.21 -20.13 37.85
C THR H 267 -1.84 -20.78 37.81
N GLY H 268 -1.41 -21.22 36.62
CA GLY H 268 -0.06 -21.74 36.51
C GLY H 268 0.98 -20.74 36.90
N ALA H 269 0.74 -19.46 36.62
CA ALA H 269 1.64 -18.42 37.07
C ALA H 269 1.62 -18.31 38.58
N ALA H 270 0.47 -18.54 39.19
CA ALA H 270 0.40 -18.42 40.64
C ALA H 270 1.11 -19.58 41.33
N ILE H 271 1.00 -20.78 40.79
CA ILE H 271 1.65 -21.91 41.43
C ILE H 271 3.16 -21.81 41.29
N ALA H 272 3.62 -21.14 40.24
CA ALA H 272 5.05 -21.02 39.99
C ALA H 272 5.65 -19.74 40.55
N THR H 273 5.04 -19.14 41.56
CA THR H 273 5.70 -18.06 42.30
C THR H 273 6.50 -18.68 43.44
N ILE H 274 7.62 -19.28 43.07
CA ILE H 274 8.53 -19.89 44.01
C ILE H 274 9.91 -19.25 43.98
N ASP H 275 10.23 -18.48 42.95
CA ASP H 275 11.59 -18.06 42.67
C ASP H 275 12.01 -16.98 43.65
N ASP H 276 12.42 -17.43 44.84
CA ASP H 276 12.96 -16.51 45.87
C ASP H 276 14.49 -16.55 45.79
N TRP H 277 15.04 -17.44 44.95
CA TRP H 277 16.52 -17.55 44.82
C TRP H 277 16.98 -16.71 43.64
N TYR H 278 17.47 -15.50 43.91
CA TYR H 278 17.97 -14.54 42.90
C TYR H 278 18.79 -13.47 43.62
N PRO H 279 19.48 -12.55 42.90
CA PRO H 279 20.29 -11.54 43.58
C PRO H 279 19.41 -10.71 44.52
N GLU H 280 19.90 -10.50 45.74
CA GLU H 280 19.20 -9.74 46.79
C GLU H 280 17.74 -10.13 46.93
N ALA H 281 17.43 -11.40 46.75
CA ALA H 281 16.05 -11.88 46.69
C ALA H 281 15.21 -11.30 47.83
N THR H 282 14.05 -10.77 47.48
CA THR H 282 13.14 -10.19 48.48
C THR H 282 11.83 -10.97 48.56
N GLU H 283 11.10 -11.11 47.46
CA GLU H 283 9.84 -11.83 47.43
C GLU H 283 9.80 -12.70 46.19
N PRO H 284 9.05 -13.81 46.24
CA PRO H 284 9.10 -14.77 45.14
C PRO H 284 8.63 -14.19 43.84
N LEU H 285 9.20 -14.70 42.75
CA LEU H 285 8.82 -14.35 41.41
C LEU H 285 8.19 -15.55 40.73
N ARG H 286 7.50 -15.28 39.63
CA ARG H 286 7.05 -16.37 38.77
C ARG H 286 8.24 -16.84 37.96
N VAL H 287 8.55 -18.13 38.04
CA VAL H 287 9.76 -18.66 37.45
C VAL H 287 9.80 -18.28 35.98
N GLY H 288 10.92 -17.70 35.55
CA GLY H 288 11.04 -17.25 34.19
C GLY H 288 12.49 -17.21 33.78
N ARG H 289 12.72 -17.22 32.46
CA ARG H 289 14.06 -17.25 31.93
C ARG H 289 14.88 -16.07 32.42
N PHE H 290 14.20 -14.96 32.70
CA PHE H 290 14.83 -13.80 33.31
C PHE H 290 13.82 -13.29 34.31
N GLY H 291 14.12 -13.41 35.60
CA GLY H 291 13.06 -13.28 36.57
C GLY H 291 12.35 -11.95 36.45
N VAL H 292 11.18 -11.97 35.88
CA VAL H 292 10.46 -10.75 35.58
C VAL H 292 9.49 -10.44 36.71
N HIS H 293 9.22 -9.17 36.88
CA HIS H 293 8.19 -8.73 37.78
C HIS H 293 7.18 -7.96 36.93
N ARG H 294 5.93 -7.95 37.37
CA ARG H 294 4.90 -7.28 36.59
C ARG H 294 4.47 -5.95 37.18
N GLU H 295 4.33 -5.85 38.50
CA GLU H 295 3.91 -4.59 39.09
C GLU H 295 4.95 -3.51 38.84
N ASP H 296 6.23 -3.83 39.05
CA ASP H 296 7.33 -2.91 38.84
C ASP H 296 8.18 -3.48 37.73
N VAL H 297 7.86 -3.07 36.50
CA VAL H 297 8.10 -3.88 35.31
C VAL H 297 9.48 -4.53 35.31
N THR H 298 10.52 -3.79 35.69
CA THR H 298 11.89 -4.20 35.40
C THR H 298 12.20 -5.61 35.91
N CYS H 299 13.06 -6.29 35.17
CA CYS H 299 13.26 -7.73 35.29
C CYS H 299 14.55 -8.07 36.01
N TYR H 300 14.44 -8.72 37.17
CA TYR H 300 15.61 -9.24 37.84
C TYR H 300 16.14 -10.44 37.09
N ARG H 301 17.32 -10.92 37.49
CA ARG H 301 18.02 -11.94 36.73
C ARG H 301 18.18 -11.54 35.28
N HIS H 302 18.48 -10.26 35.06
CA HIS H 302 18.73 -9.81 33.71
C HIS H 302 20.04 -10.40 33.20
N PRO H 303 20.07 -10.90 31.96
CA PRO H 303 21.24 -11.67 31.51
C PRO H 303 22.55 -10.90 31.57
N SER H 304 22.53 -9.60 31.87
CA SER H 304 23.76 -8.92 32.25
C SER H 304 24.36 -9.56 33.48
N THR H 305 23.59 -9.67 34.54
CA THR H 305 24.01 -10.52 35.65
C THR H 305 24.04 -11.97 35.17
N GLY H 306 24.81 -12.79 35.86
CA GLY H 306 24.96 -14.15 35.44
C GLY H 306 23.94 -15.07 36.07
N LYS H 307 22.80 -14.50 36.44
CA LYS H 307 21.77 -15.25 37.16
C LYS H 307 20.48 -15.38 36.36
N ASP H 308 20.54 -15.23 35.04
CA ASP H 308 19.38 -15.52 34.23
C ASP H 308 19.28 -17.01 34.05
N PHE H 309 18.45 -17.47 33.12
CA PHE H 309 18.40 -18.90 32.89
C PHE H 309 19.48 -19.35 31.94
N PHE H 310 19.49 -18.84 30.72
CA PHE H 310 20.40 -19.37 29.72
C PHE H 310 21.86 -19.16 30.09
N SER H 311 22.15 -18.35 31.11
CA SER H 311 23.53 -18.26 31.57
C SER H 311 23.87 -19.42 32.47
N ILE H 312 23.00 -19.74 33.43
CA ILE H 312 23.27 -20.88 34.30
C ILE H 312 22.99 -22.20 33.61
N LEU H 313 22.39 -22.17 32.42
CA LEU H 313 22.36 -23.36 31.59
C LEU H 313 23.66 -23.54 30.84
N GLN H 314 24.30 -22.44 30.44
CA GLN H 314 25.61 -22.53 29.84
C GLN H 314 26.62 -23.20 30.76
N GLN H 315 26.32 -23.30 32.04
CA GLN H 315 27.23 -23.91 33.01
C GLN H 315 26.68 -25.23 33.54
N ALA H 316 25.75 -25.86 32.82
CA ALA H 316 25.20 -27.13 33.28
C ALA H 316 26.28 -28.18 33.44
N GLU H 317 27.26 -28.20 32.53
CA GLU H 317 28.37 -29.13 32.67
C GLU H 317 29.11 -28.92 33.98
N HIS H 318 29.29 -27.66 34.38
CA HIS H 318 29.89 -27.36 35.67
C HIS H 318 29.04 -27.87 36.81
N TYR H 319 27.73 -27.68 36.74
CA TYR H 319 26.85 -28.13 37.82
C TYR H 319 26.85 -29.64 37.94
N ILE H 320 27.01 -30.36 36.83
CA ILE H 320 27.03 -31.81 36.88
C ILE H 320 28.16 -32.29 37.78
N GLU H 321 29.36 -31.76 37.56
CA GLU H 321 30.48 -32.18 38.38
C GLU H 321 30.43 -31.58 39.77
N VAL H 322 29.82 -30.42 39.94
CA VAL H 322 29.69 -29.86 41.28
C VAL H 322 28.77 -30.72 42.13
N LEU H 323 27.70 -31.25 41.54
CA LEU H 323 26.88 -32.19 42.27
C LEU H 323 27.57 -33.53 42.45
N SER H 324 28.26 -34.01 41.42
CA SER H 324 28.81 -35.35 41.43
C SER H 324 29.83 -35.56 42.54
N ALA H 325 30.40 -34.49 43.09
CA ALA H 325 31.30 -34.63 44.21
C ALA H 325 30.56 -35.17 45.43
N ASN H 326 31.27 -35.96 46.24
CA ASN H 326 30.66 -36.54 47.42
C ASN H 326 30.33 -35.47 48.46
N LYS H 327 30.97 -34.31 48.37
CA LYS H 327 30.70 -33.25 49.33
C LYS H 327 29.49 -32.43 48.88
N THR H 328 28.82 -31.84 49.85
CA THR H 328 27.64 -31.04 49.54
C THR H 328 28.07 -29.73 48.90
N PRO H 329 27.27 -29.21 47.97
CA PRO H 329 27.60 -27.95 47.30
C PRO H 329 27.12 -26.75 48.10
N ALA H 330 27.61 -25.58 47.72
CA ALA H 330 27.29 -24.34 48.42
C ALA H 330 25.78 -24.09 48.40
N GLN H 331 25.33 -23.19 49.27
CA GLN H 331 23.91 -22.87 49.27
C GLN H 331 23.53 -22.10 48.02
N GLU H 332 24.39 -21.18 47.56
CA GLU H 332 24.02 -20.39 46.39
C GLU H 332 23.97 -21.25 45.14
N THR H 333 24.83 -22.26 45.04
CA THR H 333 24.79 -23.07 43.83
C THR H 333 23.59 -23.99 43.82
N ILE H 334 23.12 -24.44 44.98
CA ILE H 334 21.89 -25.20 44.94
C ILE H 334 20.70 -24.29 44.73
N ASN H 335 20.81 -23.00 45.08
CA ASN H 335 19.77 -22.07 44.69
C ASN H 335 19.73 -21.88 43.19
N ASP H 336 20.90 -21.75 42.58
CA ASP H 336 20.98 -21.68 41.12
C ASP H 336 20.38 -22.91 40.48
N MET H 337 20.69 -24.09 41.03
CA MET H 337 20.16 -25.28 40.43
C MET H 337 18.68 -25.47 40.72
N HIS H 338 18.20 -24.96 41.85
CA HIS H 338 16.76 -24.96 42.10
C HIS H 338 16.04 -24.13 41.07
N PHE H 339 16.55 -22.93 40.79
CA PHE H 339 15.93 -22.10 39.78
C PHE H 339 16.00 -22.76 38.42
N LEU H 340 17.11 -23.42 38.11
CA LEU H 340 17.23 -24.12 36.84
C LEU H 340 16.21 -25.23 36.72
N MET H 341 16.04 -26.02 37.78
CA MET H 341 15.06 -27.10 37.74
C MET H 341 13.64 -26.56 37.66
N ALA H 342 13.33 -25.49 38.37
CA ALA H 342 12.00 -24.93 38.27
C ALA H 342 11.75 -24.38 36.88
N ASN H 343 12.78 -23.85 36.25
CA ASN H 343 12.59 -23.34 34.90
C ASN H 343 12.40 -24.47 33.91
N LEU H 344 12.97 -25.65 34.18
CA LEU H 344 12.61 -26.80 33.38
C LEU H 344 11.19 -27.26 33.65
N ILE H 345 10.76 -27.25 34.91
CA ILE H 345 9.41 -27.67 35.23
C ILE H 345 8.40 -26.77 34.54
N LYS H 346 8.68 -25.48 34.46
CA LYS H 346 7.81 -24.60 33.69
C LYS H 346 7.85 -24.96 32.22
N GLY H 347 8.92 -25.57 31.76
CA GLY H 347 9.03 -25.95 30.37
C GLY H 347 9.11 -24.75 29.46
N GLY H 348 9.34 -25.00 28.19
CA GLY H 348 9.42 -23.91 27.24
C GLY H 348 10.31 -24.16 26.07
N MET H 349 10.87 -23.09 25.50
CA MET H 349 11.71 -23.18 24.31
C MET H 349 13.04 -22.48 24.58
N PHE H 350 14.09 -23.26 24.77
CA PHE H 350 15.43 -22.73 24.99
C PHE H 350 16.26 -22.78 23.71
N GLN H 351 15.80 -22.12 22.66
CA GLN H 351 16.44 -22.25 21.37
C GLN H 351 17.08 -20.94 20.96
N HIS H 352 17.91 -21.01 19.92
CA HIS H 352 18.53 -19.82 19.34
C HIS H 352 18.63 -19.98 17.83
N LYS H 353 17.61 -19.51 17.12
CA LYS H 353 17.56 -19.68 15.68
C LYS H 353 18.17 -18.49 14.96
N MET I 1 -3.29 -5.98 63.81
CA MET I 1 -3.21 -6.41 65.19
C MET I 1 -2.97 -5.23 66.12
N PHE I 2 -2.73 -5.54 67.38
CA PHE I 2 -2.42 -4.54 68.39
C PHE I 2 -1.35 -5.11 69.30
N LEU I 3 -0.28 -4.35 69.50
CA LEU I 3 0.86 -4.81 70.28
C LEU I 3 1.21 -3.76 71.32
N GLN I 4 2.06 -4.16 72.26
CA GLN I 4 2.63 -3.23 73.22
C GLN I 4 4.14 -3.27 73.11
N ARG I 5 4.77 -2.11 73.21
CA ARG I 5 6.20 -2.13 73.01
C ARG I 5 6.93 -2.17 74.35
N PRO I 6 8.09 -2.80 74.39
CA PRO I 6 8.86 -2.84 75.63
C PRO I 6 9.90 -1.74 75.74
N LYS I 7 9.82 -0.93 76.81
CA LYS I 7 10.88 -0.11 77.37
C LYS I 7 11.87 0.33 76.30
N PRO I 8 11.48 1.20 75.39
CA PRO I 8 12.31 1.47 74.22
C PRO I 8 13.66 2.07 74.55
N TYR I 9 14.73 1.46 74.06
CA TYR I 9 16.07 1.97 74.23
C TYR I 9 16.47 2.81 73.02
N SER I 10 17.50 3.63 73.21
CA SER I 10 17.97 4.48 72.12
C SER I 10 18.89 3.72 71.18
N ASP I 11 19.90 3.05 71.73
CA ASP I 11 20.89 2.32 70.94
C ASP I 11 20.54 0.85 70.99
N GLU I 12 19.59 0.44 70.16
CA GLU I 12 19.12 -0.93 70.14
C GLU I 12 18.81 -1.32 68.71
N SER I 13 19.50 -2.34 68.23
CA SER I 13 19.40 -2.72 66.83
C SER I 13 17.97 -3.09 66.49
N LEU I 14 17.59 -2.81 65.24
CA LEU I 14 16.21 -3.07 64.83
C LEU I 14 15.84 -4.52 65.02
N GLU I 15 16.71 -5.44 64.63
CA GLU I 15 16.42 -6.85 64.83
C GLU I 15 16.22 -7.15 66.30
N SER I 16 17.03 -6.56 67.17
CA SER I 16 16.81 -6.72 68.60
C SER I 16 15.44 -6.22 69.00
N PHE I 17 15.00 -5.10 68.42
CA PHE I 17 13.67 -4.59 68.75
C PHE I 17 12.60 -5.57 68.32
N PHE I 18 12.70 -6.11 67.11
CA PHE I 18 11.68 -7.05 66.67
C PHE I 18 11.68 -8.31 67.51
N ILE I 19 12.85 -8.75 67.95
CA ILE I 19 12.91 -9.89 68.85
C ILE I 19 12.14 -9.60 70.12
N ARG I 20 12.45 -8.46 70.75
CA ARG I 20 11.83 -8.24 72.05
C ARG I 20 10.43 -7.66 71.97
N VAL I 21 9.91 -7.41 70.77
CA VAL I 21 8.47 -7.17 70.63
C VAL I 21 7.73 -8.42 70.20
N ALA I 22 8.39 -9.36 69.51
CA ALA I 22 7.77 -10.65 69.22
C ALA I 22 7.61 -11.44 70.50
N ASN I 23 8.70 -11.67 71.20
CA ASN I 23 8.62 -12.47 72.42
C ASN I 23 7.96 -11.72 73.57
N LYS I 24 7.34 -10.57 73.31
CA LYS I 24 6.63 -9.88 74.37
C LYS I 24 5.11 -10.02 74.23
N ASN I 25 4.59 -9.83 73.01
CA ASN I 25 3.14 -9.73 72.88
C ASN I 25 2.49 -11.12 72.85
N GLY I 26 2.73 -11.88 71.79
CA GLY I 26 2.07 -13.17 71.71
C GLY I 26 2.81 -14.30 71.02
N TYR I 27 4.02 -14.05 70.53
CA TYR I 27 4.67 -14.95 69.60
C TYR I 27 5.77 -15.70 70.31
N GLY I 28 5.99 -16.96 69.92
CA GLY I 28 7.09 -17.71 70.48
C GLY I 28 8.42 -17.40 69.82
N ASP I 29 8.46 -17.44 68.49
CA ASP I 29 9.66 -17.13 67.75
C ASP I 29 9.40 -15.91 66.88
N VAL I 30 10.43 -15.09 66.70
CA VAL I 30 10.28 -13.81 66.00
C VAL I 30 9.88 -14.02 64.54
N HIS I 31 10.30 -15.13 63.95
CA HIS I 31 9.90 -15.42 62.58
C HIS I 31 8.39 -15.41 62.44
N ARG I 32 7.69 -16.04 63.40
CA ARG I 32 6.24 -15.99 63.40
C ARG I 32 5.74 -14.56 63.45
N PHE I 33 6.44 -13.70 64.17
CA PHE I 33 6.01 -12.31 64.24
C PHE I 33 6.21 -11.61 62.91
N LEU I 34 7.27 -11.96 62.18
CA LEU I 34 7.46 -11.35 60.87
C LEU I 34 6.36 -11.78 59.91
N GLU I 35 5.99 -13.06 59.92
CA GLU I 35 4.84 -13.46 59.10
C GLU I 35 3.56 -12.79 59.57
N ALA I 36 3.45 -12.52 60.86
CA ALA I 36 2.25 -11.85 61.36
C ALA I 36 2.15 -10.43 60.85
N THR I 37 3.26 -9.70 60.90
CA THR I 37 3.25 -8.34 60.34
C THR I 37 3.06 -8.36 58.84
N LYS I 38 3.60 -9.36 58.15
CA LYS I 38 3.34 -9.42 56.72
C LYS I 38 1.86 -9.62 56.45
N ARG I 39 1.20 -10.50 57.21
CA ARG I 39 -0.24 -10.64 57.08
C ARG I 39 -0.95 -9.34 57.41
N PHE I 40 -0.43 -8.61 58.38
CA PHE I 40 -1.02 -7.31 58.72
C PHE I 40 -0.96 -6.37 57.53
N LEU I 41 0.21 -6.23 56.93
CA LEU I 41 0.36 -5.39 55.74
C LEU I 41 -0.39 -5.95 54.54
N GLN I 42 -0.78 -7.22 54.57
CA GLN I 42 -1.75 -7.72 53.60
C GLN I 42 -3.13 -7.13 53.89
N ASP I 43 -3.57 -7.23 55.15
CA ASP I 43 -4.93 -6.84 55.51
C ASP I 43 -5.19 -5.39 55.14
N ILE I 44 -4.48 -4.47 55.77
CA ILE I 44 -4.45 -3.11 55.27
C ILE I 44 -3.67 -3.10 53.97
N ASP I 45 -4.27 -2.59 52.91
CA ASP I 45 -3.57 -2.59 51.63
C ASP I 45 -2.30 -1.79 51.74
N HIS I 46 -1.27 -2.24 51.02
CA HIS I 46 0.06 -1.68 51.17
C HIS I 46 0.88 -2.02 49.94
N ASN I 47 2.16 -1.67 50.01
CA ASN I 47 3.12 -2.13 49.02
C ASN I 47 4.14 -3.09 49.60
N GLY I 48 4.40 -3.02 50.90
CA GLY I 48 5.16 -4.03 51.60
C GLY I 48 4.50 -5.39 51.61
N TYR I 49 3.31 -5.46 51.03
CA TYR I 49 2.67 -6.73 50.72
C TYR I 49 3.70 -7.76 50.27
N GLN I 50 4.45 -7.44 49.23
CA GLN I 50 5.32 -8.41 48.61
C GLN I 50 6.64 -8.55 49.34
N THR I 51 7.34 -7.44 49.56
CA THR I 51 8.76 -7.48 49.86
C THR I 51 9.07 -7.38 51.35
N PHE I 52 8.07 -7.41 52.21
CA PHE I 52 8.36 -7.34 53.64
C PHE I 52 9.12 -8.58 54.05
N PRO I 53 10.20 -8.45 54.79
CA PRO I 53 11.08 -9.60 55.02
C PRO I 53 10.57 -10.47 56.16
N THR I 54 10.71 -11.78 55.96
CA THR I 54 10.36 -12.73 57.00
C THR I 54 11.57 -13.39 57.65
N ASP I 55 12.75 -13.32 57.04
CA ASP I 55 13.96 -13.71 57.75
C ASP I 55 14.56 -12.49 58.45
N ILE I 56 15.01 -12.71 59.69
CA ILE I 56 15.36 -11.60 60.57
C ILE I 56 16.69 -10.99 60.17
N THR I 57 17.52 -11.74 59.46
CA THR I 57 18.82 -11.26 59.03
C THR I 57 18.74 -10.06 58.09
N ARG I 58 17.62 -9.87 57.42
CA ARG I 58 17.50 -8.85 56.38
C ARG I 58 16.35 -7.90 56.60
N ILE I 59 16.19 -7.40 57.83
CA ILE I 59 15.11 -6.46 58.12
C ILE I 59 15.48 -5.02 57.79
N ASN I 60 16.69 -4.61 58.03
CA ASN I 60 17.10 -3.23 57.82
C ASN I 60 17.01 -2.87 56.35
N PRO I 61 16.50 -1.69 56.02
CA PRO I 61 16.23 -1.34 54.62
C PRO I 61 17.44 -1.46 53.71
N TYR I 62 18.67 -1.44 54.25
CA TYR I 62 19.81 -1.58 53.38
C TYR I 62 19.91 -2.97 52.79
N SER I 63 19.16 -3.92 53.33
CA SER I 63 19.18 -5.27 52.78
C SER I 63 18.38 -5.36 51.49
N ALA I 64 17.19 -4.77 51.46
CA ALA I 64 16.34 -4.83 50.28
C ALA I 64 16.91 -3.89 49.23
N LYS I 65 17.05 -4.38 48.01
CA LYS I 65 17.38 -3.54 46.88
C LYS I 65 16.09 -3.21 46.14
N ASN I 66 15.98 -1.96 45.68
CA ASN I 66 14.79 -1.42 45.04
C ASN I 66 13.52 -1.76 45.82
N SER I 67 13.64 -2.01 47.11
CA SER I 67 12.47 -2.11 47.96
C SER I 67 12.67 -1.40 49.28
N SER I 68 13.75 -0.65 49.46
CA SER I 68 13.94 0.04 50.73
C SER I 68 12.86 1.06 50.97
N SER I 69 12.41 1.76 49.92
CA SER I 69 11.30 2.68 50.05
C SER I 69 10.09 1.98 50.65
N ALA I 70 9.75 0.81 50.10
CA ALA I 70 8.60 0.09 50.60
C ALA I 70 8.80 -0.37 52.04
N ARG I 71 10.01 -0.77 52.40
CA ARG I 71 10.20 -1.24 53.76
C ARG I 71 10.14 -0.11 54.77
N THR I 72 10.61 1.08 54.39
CA THR I 72 10.47 2.20 55.30
C THR I 72 9.02 2.67 55.39
N ALA I 73 8.29 2.63 54.28
CA ALA I 73 6.85 2.84 54.37
C ALA I 73 6.23 1.85 55.34
N SER I 74 6.67 0.59 55.28
CA SER I 74 6.13 -0.44 56.13
C SER I 74 6.41 -0.15 57.59
N PHE I 75 7.63 0.26 57.89
CA PHE I 75 7.98 0.60 59.27
C PHE I 75 7.19 1.81 59.75
N LEU I 76 6.99 2.78 58.87
CA LEU I 76 6.18 3.94 59.23
C LEU I 76 4.77 3.52 59.60
N LYS I 77 4.15 2.68 58.78
CA LYS I 77 2.79 2.23 59.09
C LYS I 77 2.76 1.45 60.39
N LEU I 78 3.66 0.49 60.55
CA LEU I 78 3.74 -0.28 61.78
C LEU I 78 3.87 0.63 62.98
N ALA I 79 4.64 1.70 62.87
CA ALA I 79 4.93 2.52 64.04
C ALA I 79 3.71 3.29 64.53
N GLN I 80 2.76 3.59 63.67
CA GLN I 80 1.60 4.36 64.08
C GLN I 80 0.29 3.61 63.91
N LEU I 81 0.33 2.31 63.65
CA LEU I 81 -0.91 1.56 63.44
C LEU I 81 -0.98 0.28 64.25
N THR I 82 0.07 -0.09 64.96
CA THR I 82 0.11 -1.41 65.59
C THR I 82 0.57 -1.39 67.04
N PHE I 83 0.58 -0.24 67.71
CA PHE I 83 1.08 -0.18 69.07
C PHE I 83 0.18 0.71 69.92
N ASN I 84 0.15 0.40 71.21
CA ASN I 84 -0.61 1.22 72.15
C ASN I 84 -0.09 2.64 72.16
N GLU I 85 1.22 2.80 72.28
CA GLU I 85 1.86 4.07 72.05
C GLU I 85 2.91 3.93 70.95
N PRO I 86 3.05 4.91 70.08
CA PRO I 86 3.91 4.76 68.92
C PRO I 86 5.36 4.61 69.34
N PRO I 87 6.08 3.65 68.77
CA PRO I 87 7.50 3.50 69.06
C PRO I 87 8.35 4.24 68.02
N GLU I 88 9.58 4.50 68.40
CA GLU I 88 10.55 5.00 67.43
C GLU I 88 11.15 3.79 66.76
N LEU I 89 10.38 3.20 65.86
CA LEU I 89 10.78 1.99 65.16
C LEU I 89 11.65 2.26 63.95
N LEU I 90 11.48 3.41 63.30
CA LEU I 90 12.23 3.67 62.07
C LEU I 90 13.61 4.22 62.35
N GLY I 91 13.77 4.96 63.46
CA GLY I 91 15.07 5.50 63.78
C GLY I 91 16.12 4.44 64.03
N LEU I 92 15.71 3.24 64.42
CA LEU I 92 16.65 2.17 64.67
C LEU I 92 17.08 1.45 63.40
N ALA I 93 16.47 1.76 62.28
CA ALA I 93 16.70 1.00 61.07
C ALA I 93 17.93 1.49 60.35
N ILE I 94 18.85 0.58 60.07
CA ILE I 94 20.06 0.90 59.31
C ILE I 94 19.69 0.91 57.83
N ASN I 95 19.66 2.08 57.22
CA ASN I 95 19.28 2.19 55.82
C ASN I 95 20.38 2.90 55.06
N ARG I 96 20.29 2.89 53.74
CA ARG I 96 21.36 3.44 52.95
C ARG I 96 21.40 4.95 53.09
N THR I 97 22.43 5.57 52.51
CA THR I 97 22.38 7.01 52.38
C THR I 97 23.08 7.42 51.10
N ASN I 98 22.79 8.63 50.65
CA ASN I 98 23.35 9.11 49.40
C ASN I 98 24.79 9.55 49.57
N MET I 99 25.15 10.04 50.75
CA MET I 99 26.48 10.58 50.96
C MET I 99 27.50 9.46 50.99
N LYS I 100 28.69 9.77 50.52
CA LYS I 100 29.79 8.82 50.45
C LYS I 100 30.82 9.14 51.52
N TYR I 101 31.77 8.23 51.65
CA TYR I 101 33.00 8.48 52.39
C TYR I 101 34.14 8.62 51.39
N SER I 102 35.20 9.29 51.84
CA SER I 102 36.06 10.04 50.91
C SER I 102 36.45 9.27 49.64
N PRO I 103 37.16 8.13 49.70
CA PRO I 103 37.41 7.43 48.44
C PRO I 103 36.28 6.50 48.05
N SER I 104 35.44 6.89 47.09
CA SER I 104 34.51 6.02 46.38
C SER I 104 33.97 4.87 47.22
N THR I 105 33.42 5.20 48.39
CA THR I 105 32.80 4.19 49.25
C THR I 105 31.51 4.72 49.82
N SER I 106 30.45 3.90 49.76
CA SER I 106 29.12 4.33 50.15
C SER I 106 28.95 4.24 51.66
N ALA I 107 27.75 4.62 52.12
CA ALA I 107 27.52 4.79 53.55
C ALA I 107 26.10 4.41 53.90
N VAL I 108 25.92 4.00 55.16
CA VAL I 108 24.62 3.64 55.69
C VAL I 108 24.36 4.42 56.97
N VAL I 109 23.17 5.00 57.07
CA VAL I 109 22.82 5.84 58.19
C VAL I 109 21.85 5.08 59.09
N ARG I 110 21.96 5.37 60.39
CA ARG I 110 21.03 4.86 61.39
C ARG I 110 20.75 6.00 62.35
N GLY I 111 19.49 6.27 62.61
CA GLY I 111 19.16 7.41 63.43
C GLY I 111 19.71 8.68 62.81
N ALA I 112 20.53 9.38 63.57
CA ALA I 112 21.15 10.61 63.11
C ALA I 112 22.61 10.43 62.74
N GLU I 113 23.08 9.20 62.63
CA GLU I 113 24.50 8.90 62.57
C GLU I 113 24.79 8.01 61.39
N VAL I 114 25.67 8.45 60.50
CA VAL I 114 25.94 7.73 59.27
C VAL I 114 27.34 7.12 59.34
N PHE I 115 27.42 5.82 59.09
CA PHE I 115 28.55 4.94 59.12
C PHE I 115 29.02 4.68 57.71
N PRO I 116 30.29 4.37 57.50
CA PRO I 116 30.71 3.91 56.17
C PRO I 116 30.25 2.48 55.93
N ARG I 117 30.00 2.17 54.65
CA ARG I 117 29.68 0.80 54.31
C ARG I 117 30.87 -0.12 54.44
N SER I 118 32.08 0.42 54.37
CA SER I 118 33.28 -0.40 54.41
C SER I 118 33.33 -1.31 55.62
N LEU I 119 32.68 -0.93 56.71
CA LEU I 119 32.72 -1.68 57.97
C LEU I 119 31.29 -1.88 58.48
N LEU I 120 30.67 -2.97 58.05
CA LEU I 120 29.26 -3.21 58.35
C LEU I 120 28.95 -4.61 58.84
N ARG I 121 29.90 -5.55 58.83
CA ARG I 121 29.64 -6.92 59.27
C ARG I 121 28.46 -7.52 58.52
N THR I 122 28.66 -7.74 57.22
CA THR I 122 27.64 -8.35 56.39
C THR I 122 27.20 -9.71 56.93
N HIS I 123 27.97 -10.27 57.86
CA HIS I 123 27.70 -11.60 58.40
C HIS I 123 28.43 -11.76 59.72
N SER I 124 28.01 -12.76 60.49
CA SER I 124 28.72 -13.18 61.69
C SER I 124 28.87 -12.02 62.67
N ILE I 125 27.74 -11.44 63.05
CA ILE I 125 27.79 -10.25 63.90
C ILE I 125 28.06 -10.67 65.34
N PRO I 126 28.97 -10.03 66.04
CA PRO I 126 29.31 -10.45 67.39
C PRO I 126 28.21 -10.09 68.38
N CYS I 127 28.51 -10.28 69.66
CA CYS I 127 27.61 -9.86 70.71
C CYS I 127 28.40 -9.73 72.01
N CYS I 128 27.87 -8.88 72.89
CA CYS I 128 28.37 -8.84 74.26
C CYS I 128 27.46 -9.73 75.09
N PRO I 129 27.83 -10.99 75.32
CA PRO I 129 26.90 -11.90 76.00
C PRO I 129 26.42 -11.38 77.33
N LEU I 130 27.32 -10.79 78.12
CA LEU I 130 26.90 -10.16 79.37
C LEU I 130 25.83 -9.13 79.11
N CYS I 131 26.11 -8.16 78.23
CA CYS I 131 25.15 -7.09 77.96
C CYS I 131 23.84 -7.65 77.46
N LEU I 132 23.89 -8.75 76.70
CA LEU I 132 22.67 -9.45 76.32
C LEU I 132 21.91 -9.89 77.55
N ARG I 133 22.60 -10.49 78.52
CA ARG I 133 21.90 -11.05 79.67
C ARG I 133 21.36 -9.95 80.59
N GLU I 134 22.12 -8.86 80.75
CA GLU I 134 21.63 -7.82 81.65
C GLU I 134 20.58 -6.95 80.97
N ASN I 135 20.97 -6.28 79.89
CA ASN I 135 20.05 -5.32 79.28
C ASN I 135 18.90 -6.01 78.59
N GLY I 136 19.15 -7.14 77.93
CA GLY I 136 18.10 -7.83 77.23
C GLY I 136 17.89 -7.39 75.79
N TYR I 137 18.77 -6.55 75.26
CA TYR I 137 18.68 -6.11 73.88
C TYR I 137 20.05 -6.14 73.25
N ALA I 138 20.08 -6.05 71.93
CA ALA I 138 21.33 -6.02 71.18
C ALA I 138 21.60 -4.60 70.71
N SER I 139 22.68 -4.01 71.19
CA SER I 139 23.07 -2.68 70.75
C SER I 139 23.41 -2.70 69.27
N TYR I 140 23.19 -1.57 68.61
CA TYR I 140 23.45 -1.53 67.18
C TYR I 140 24.94 -1.58 66.88
N LEU I 141 25.76 -1.05 67.79
CA LEU I 141 27.17 -0.85 67.47
C LEU I 141 27.86 -2.16 67.15
N TRP I 142 27.31 -3.27 67.61
CA TRP I 142 27.93 -4.57 67.37
C TRP I 142 28.04 -4.85 65.87
N HIS I 143 27.29 -4.11 65.06
CA HIS I 143 27.26 -4.41 63.64
C HIS I 143 28.46 -3.86 62.90
N PHE I 144 29.26 -3.01 63.56
CA PHE I 144 30.31 -2.33 62.81
C PHE I 144 31.70 -2.81 63.22
N GLN I 145 32.60 -2.81 62.24
CA GLN I 145 33.91 -3.40 62.39
C GLN I 145 34.89 -2.53 63.18
N GLY I 146 34.40 -1.53 63.90
CA GLY I 146 35.27 -0.81 64.81
C GLY I 146 35.00 -1.22 66.24
N TYR I 147 33.73 -1.46 66.55
CA TYR I 147 33.30 -1.76 67.91
C TYR I 147 33.72 -3.19 68.23
N GLU I 148 34.93 -3.32 68.77
CA GLU I 148 35.49 -4.62 69.09
C GLU I 148 35.50 -4.93 70.57
N TYR I 149 35.14 -3.97 71.42
CA TYR I 149 34.99 -4.21 72.85
C TYR I 149 33.74 -3.50 73.34
N CYS I 150 33.04 -4.12 74.27
CA CYS I 150 31.85 -3.51 74.83
C CYS I 150 32.23 -2.27 75.63
N HIS I 151 31.80 -1.10 75.15
CA HIS I 151 32.12 0.14 75.84
C HIS I 151 31.61 0.17 77.27
N SER I 152 30.73 -0.75 77.63
CA SER I 152 30.21 -0.80 79.00
C SER I 152 30.89 -1.84 79.86
N HIS I 153 31.43 -2.91 79.27
CA HIS I 153 32.06 -3.97 80.03
C HIS I 153 33.51 -4.19 79.69
N ASN I 154 34.05 -3.51 78.67
CA ASN I 154 35.46 -3.59 78.31
C ASN I 154 35.88 -5.02 78.01
N VAL I 155 34.93 -5.80 77.51
CA VAL I 155 35.15 -7.20 77.17
C VAL I 155 35.14 -7.31 75.66
N PRO I 156 36.01 -8.12 75.06
CA PRO I 156 35.88 -8.37 73.62
C PRO I 156 34.57 -9.06 73.31
N LEU I 157 33.95 -8.66 72.21
CA LEU I 157 32.65 -9.20 71.84
C LEU I 157 32.79 -10.66 71.43
N ILE I 158 31.93 -11.51 71.99
CA ILE I 158 31.93 -12.93 71.67
C ILE I 158 31.27 -13.14 70.32
N THR I 159 32.08 -13.49 69.32
CA THR I 159 31.57 -13.81 68.00
C THR I 159 31.26 -15.28 67.82
N THR I 160 31.96 -16.17 68.52
CA THR I 160 31.77 -17.60 68.45
C THR I 160 31.92 -18.18 69.85
N CYS I 161 30.95 -18.98 70.29
CA CYS I 161 31.08 -19.62 71.58
C CYS I 161 31.76 -20.97 71.45
N SER I 162 31.61 -21.78 72.50
CA SER I 162 32.08 -23.19 72.45
C SER I 162 30.93 -24.08 71.94
N CYS I 163 29.73 -23.92 72.51
CA CYS I 163 28.53 -24.72 72.10
C CYS I 163 28.13 -24.38 70.66
N GLY I 164 28.07 -23.07 70.37
CA GLY I 164 27.78 -22.51 69.07
C GLY I 164 29.05 -22.01 68.41
N LYS I 165 29.51 -22.72 67.39
CA LYS I 165 30.78 -22.38 66.77
C LYS I 165 30.71 -21.08 65.97
N GLU I 166 29.52 -20.50 65.85
CA GLU I 166 29.34 -19.11 65.46
C GLU I 166 27.94 -18.71 65.92
N PHE I 167 27.83 -17.52 66.51
CA PHE I 167 26.64 -17.11 67.24
C PHE I 167 26.18 -15.74 66.76
N ASP I 168 24.88 -15.51 66.79
CA ASP I 168 24.33 -14.18 66.54
C ASP I 168 22.96 -14.10 67.16
N TYR I 169 22.65 -12.95 67.78
CA TYR I 169 21.37 -12.79 68.44
C TYR I 169 20.21 -12.86 67.47
N ARG I 170 20.44 -12.60 66.19
CA ARG I 170 19.37 -12.62 65.21
C ARG I 170 18.76 -14.01 65.04
N VAL I 171 19.43 -15.05 65.51
CA VAL I 171 18.84 -16.38 65.58
C VAL I 171 18.77 -16.89 67.02
N SER I 172 19.58 -16.33 67.93
CA SER I 172 19.61 -16.82 69.31
C SER I 172 18.32 -16.53 70.03
N GLY I 173 17.95 -15.27 70.14
CA GLY I 173 16.78 -14.87 70.87
C GLY I 173 17.04 -13.97 72.06
N LEU I 174 18.12 -13.19 72.04
CA LEU I 174 18.45 -12.25 73.11
C LEU I 174 18.57 -12.97 74.45
N LYS I 175 19.04 -14.21 74.40
CA LYS I 175 19.30 -14.98 75.60
C LYS I 175 20.57 -15.81 75.40
N GLY I 176 21.17 -16.20 76.51
CA GLY I 176 22.43 -16.91 76.45
C GLY I 176 22.28 -18.41 76.29
N ILE I 177 21.87 -18.87 75.12
CA ILE I 177 21.86 -20.29 74.80
C ILE I 177 22.38 -20.47 73.39
N CYS I 178 23.37 -21.34 73.24
CA CYS I 178 24.02 -21.55 71.95
C CYS I 178 23.11 -22.32 71.02
N CYS I 179 23.54 -22.42 69.76
CA CYS I 179 22.71 -23.06 68.74
C CYS I 179 22.59 -24.55 69.00
N LYS I 180 23.69 -25.23 69.31
CA LYS I 180 23.67 -26.68 69.44
C LYS I 180 23.47 -27.15 70.88
N CYS I 181 24.20 -26.55 71.81
CA CYS I 181 24.09 -26.96 73.24
C CYS I 181 23.34 -25.87 73.99
N LYS I 182 22.30 -26.25 74.73
CA LYS I 182 21.55 -25.22 75.49
C LYS I 182 22.30 -24.99 76.81
N GLU I 183 22.99 -23.84 76.90
CA GLU I 183 23.74 -23.48 78.08
C GLU I 183 24.07 -22.00 78.02
N PRO I 184 24.34 -21.35 79.15
CA PRO I 184 24.84 -19.98 79.12
C PRO I 184 26.03 -19.83 78.20
N ILE I 185 25.96 -18.82 77.34
CA ILE I 185 27.02 -18.53 76.38
C ILE I 185 28.16 -17.75 77.03
N THR I 186 27.94 -17.22 78.23
CA THR I 186 28.83 -16.22 78.81
C THR I 186 30.21 -16.80 79.04
N LEU I 187 31.15 -16.44 78.17
CA LEU I 187 32.56 -16.76 78.37
C LEU I 187 33.37 -15.50 78.10
N THR I 188 34.31 -15.20 78.99
CA THR I 188 35.14 -14.01 78.91
C THR I 188 34.30 -12.76 78.83
N GLY I 193 46.51 -5.64 73.92
CA GLY I 193 46.19 -4.23 73.97
C GLY I 193 44.72 -3.98 74.23
N HIS I 194 44.23 -4.51 75.34
CA HIS I 194 42.80 -4.46 75.64
C HIS I 194 42.31 -3.02 75.77
N GLU I 195 42.97 -2.24 76.63
CA GLU I 195 42.54 -0.87 76.85
C GLU I 195 42.82 0.02 75.64
N ALA I 196 43.84 -0.32 74.84
CA ALA I 196 44.12 0.45 73.64
C ALA I 196 42.96 0.41 72.65
N ALA I 197 42.12 -0.61 72.74
CA ALA I 197 40.93 -0.70 71.92
C ALA I 197 39.65 -0.37 72.68
N CYS I 198 39.64 -0.57 73.99
CA CYS I 198 38.45 -0.25 74.76
C CYS I 198 38.12 1.23 74.67
N THR I 199 39.14 2.09 74.74
CA THR I 199 38.89 3.52 74.60
C THR I 199 38.34 3.85 73.22
N VAL I 200 38.87 3.22 72.18
CA VAL I 200 38.36 3.48 70.83
C VAL I 200 36.91 3.06 70.72
N SER I 201 36.57 1.87 71.23
CA SER I 201 35.20 1.39 71.11
C SER I 201 34.25 2.24 71.93
N ASN I 202 34.70 2.70 73.10
CA ASN I 202 33.88 3.57 73.91
C ASN I 202 33.68 4.93 73.23
N TRP I 203 34.71 5.41 72.54
CA TRP I 203 34.59 6.65 71.80
C TRP I 203 33.75 6.49 70.55
N LEU I 204 33.63 5.27 70.03
CA LEU I 204 32.76 5.05 68.89
C LEU I 204 31.30 5.25 69.25
N ALA I 205 30.87 4.73 70.38
CA ALA I 205 29.61 5.20 70.93
C ALA I 205 29.75 6.67 71.26
N GLY I 206 28.62 7.35 71.32
CA GLY I 206 28.70 8.76 71.64
C GLY I 206 29.29 8.94 73.01
N HIS I 207 30.55 9.33 73.07
CA HIS I 207 31.27 9.44 74.33
C HIS I 207 32.53 10.24 74.10
N GLU I 208 33.33 10.37 75.15
CA GLU I 208 34.61 11.06 75.08
C GLU I 208 35.71 10.10 75.45
N SER I 209 36.87 10.28 74.82
CA SER I 209 38.08 9.59 75.20
C SER I 209 39.23 10.56 75.13
N LYS I 210 40.16 10.42 76.07
CA LYS I 210 41.18 11.45 76.25
C LYS I 210 41.94 11.77 74.96
N PRO I 211 42.49 10.80 74.23
CA PRO I 211 43.23 11.17 73.01
C PRO I 211 42.35 11.46 71.81
N LEU I 212 41.13 10.94 71.77
CA LEU I 212 40.37 11.09 70.54
C LEU I 212 39.44 12.30 70.60
N PRO I 213 39.20 12.95 69.47
CA PRO I 213 38.46 14.21 69.50
C PRO I 213 36.97 14.00 69.75
N ASN I 214 36.30 15.10 70.06
CA ASN I 214 34.88 15.08 70.38
C ASN I 214 34.04 15.39 69.14
N LEU I 215 34.27 14.62 68.09
CA LEU I 215 33.54 14.80 66.86
C LEU I 215 32.13 14.23 66.99
N PRO I 216 31.23 14.58 66.08
CA PRO I 216 29.92 13.93 66.08
C PRO I 216 30.06 12.45 65.75
N LYS I 217 29.19 11.64 66.35
CA LYS I 217 29.36 10.20 66.19
C LYS I 217 29.15 9.74 64.75
N SER I 218 28.93 10.68 63.83
CA SER I 218 29.01 10.36 62.41
C SER I 218 30.40 10.56 61.86
N TYR I 219 31.19 11.45 62.45
CA TYR I 219 32.53 11.74 61.97
C TYR I 219 33.59 10.88 62.64
N ARG I 220 33.24 10.23 63.75
CA ARG I 220 34.16 9.28 64.35
C ARG I 220 34.42 8.11 63.42
N TRP I 221 33.36 7.55 62.84
CA TRP I 221 33.55 6.50 61.87
C TRP I 221 34.27 7.03 60.64
N GLY I 222 34.11 8.31 60.33
CA GLY I 222 34.90 8.89 59.27
C GLY I 222 36.39 8.84 59.58
N LEU I 223 36.75 9.22 60.80
CA LEU I 223 38.13 9.09 61.23
C LEU I 223 38.61 7.66 61.08
N VAL I 224 37.80 6.70 61.52
CA VAL I 224 38.22 5.30 61.48
C VAL I 224 38.45 4.85 60.05
N HIS I 225 37.52 5.15 59.16
CA HIS I 225 37.68 4.77 57.76
C HIS I 225 38.87 5.46 57.13
N TRP I 226 39.14 6.71 57.51
CA TRP I 226 40.32 7.38 56.99
C TRP I 226 41.59 6.70 57.48
N TRP I 227 41.62 6.32 58.75
CA TRP I 227 42.78 5.61 59.27
C TRP I 227 43.02 4.33 58.51
N MET I 228 41.97 3.53 58.30
CA MET I 228 42.12 2.38 57.43
C MET I 228 42.50 2.79 56.02
N GLY I 229 42.25 4.03 55.64
CA GLY I 229 42.71 4.51 54.35
C GLY I 229 44.22 4.69 54.32
N ILE I 230 44.79 5.16 55.43
CA ILE I 230 46.25 5.28 55.51
C ILE I 230 46.84 3.90 55.72
N LYS I 231 46.52 3.29 56.85
CA LYS I 231 46.93 1.91 57.12
C LYS I 231 46.16 1.00 56.17
N ASP I 232 46.81 0.57 55.09
CA ASP I 232 46.12 0.07 53.90
C ASP I 232 45.01 -0.93 54.21
N SER I 233 45.07 -1.58 55.37
CA SER I 233 43.99 -2.40 55.90
C SER I 233 44.21 -2.49 57.39
N GLU I 234 43.56 -3.46 58.04
CA GLU I 234 43.92 -3.80 59.41
C GLU I 234 43.79 -2.59 60.33
N PHE I 235 42.55 -2.18 60.61
CA PHE I 235 42.36 -1.15 61.61
C PHE I 235 42.79 -1.65 62.98
N ASP I 236 43.90 -1.13 63.49
CA ASP I 236 44.31 -1.43 64.85
C ASP I 236 44.10 -0.18 65.69
N HIS I 237 43.62 -0.40 66.91
CA HIS I 237 43.22 0.73 67.74
C HIS I 237 44.41 1.43 68.35
N PHE I 238 45.50 0.69 68.58
CA PHE I 238 46.64 1.30 69.25
C PHE I 238 47.27 2.41 68.43
N SER I 239 47.56 2.13 67.15
CA SER I 239 48.16 3.18 66.33
C SER I 239 47.23 4.37 66.20
N PHE I 240 45.92 4.11 66.17
CA PHE I 240 44.94 5.18 66.15
C PHE I 240 45.04 6.06 67.39
N VAL I 241 45.01 5.46 68.58
CA VAL I 241 44.98 6.26 69.80
C VAL I 241 46.30 6.98 69.99
N GLN I 242 47.42 6.37 69.59
CA GLN I 242 48.68 7.09 69.73
C GLN I 242 48.81 8.17 68.67
N PHE I 243 48.16 7.98 67.52
CA PHE I 243 48.19 9.02 66.49
C PHE I 243 47.39 10.23 66.92
N PHE I 244 46.30 10.01 67.66
CA PHE I 244 45.56 11.12 68.25
C PHE I 244 46.10 11.51 69.62
N SER I 245 47.14 10.85 70.10
CA SER I 245 47.79 11.28 71.33
C SER I 245 48.58 12.55 71.12
N ASN I 246 49.29 12.65 70.01
CA ASN I 246 49.94 13.89 69.57
C ASN I 246 49.23 14.31 68.29
N TRP I 247 48.13 15.01 68.45
CA TRP I 247 47.23 15.17 67.30
C TRP I 247 47.77 16.19 66.31
N PRO I 248 47.89 17.48 66.66
CA PRO I 248 48.37 18.44 65.65
C PRO I 248 49.79 18.16 65.20
N ARG I 249 50.55 17.36 65.96
CA ARG I 249 51.93 17.04 65.63
C ARG I 249 52.03 15.85 64.68
N SER I 250 51.34 14.75 65.01
CA SER I 250 51.46 13.54 64.21
C SER I 250 50.97 13.75 62.79
N PHE I 251 49.79 14.35 62.62
CA PHE I 251 49.25 14.49 61.28
C PHE I 251 50.08 15.46 60.45
N HIS I 252 50.60 16.50 61.09
CA HIS I 252 51.49 17.43 60.39
C HIS I 252 52.77 16.71 59.95
N SER I 253 53.31 15.86 60.82
CA SER I 253 54.45 15.05 60.43
C SER I 253 54.09 14.15 59.26
N ILE I 254 52.89 13.59 59.28
CA ILE I 254 52.48 12.64 58.24
C ILE I 254 52.43 13.35 56.90
N ILE I 255 51.74 14.48 56.84
CA ILE I 255 51.62 15.20 55.59
C ILE I 255 52.96 15.74 55.15
N GLU I 256 53.83 16.11 56.09
CA GLU I 256 55.19 16.52 55.72
C GLU I 256 55.94 15.38 55.07
N ASP I 257 55.93 14.22 55.76
CA ASP I 257 56.67 13.00 55.33
C ASP I 257 56.13 12.52 53.99
N GLU I 258 54.80 12.51 53.82
CA GLU I 258 54.22 12.09 52.52
C GLU I 258 54.58 13.12 51.45
N VAL I 259 54.41 14.41 51.78
CA VAL I 259 54.68 15.54 50.83
C VAL I 259 56.16 15.60 50.44
N GLU I 260 57.09 15.46 51.39
CA GLU I 260 58.55 15.55 51.07
C GLU I 260 58.97 14.36 50.20
N PHE I 261 58.49 13.16 50.52
CA PHE I 261 58.86 11.94 49.76
C PHE I 261 58.38 12.08 48.31
N ASN I 262 57.17 12.61 48.14
CA ASN I 262 56.58 12.78 46.79
C ASN I 262 57.44 13.77 45.99
N LEU I 263 57.92 14.83 46.63
CA LEU I 263 58.65 15.86 45.88
C LEU I 263 60.01 15.35 45.43
N GLU I 264 60.70 14.55 46.24
CA GLU I 264 61.94 13.96 45.74
C GLU I 264 61.64 12.90 44.69
N HIS I 265 60.77 11.96 45.01
CA HIS I 265 60.52 10.79 44.16
C HIS I 265 59.65 11.11 42.96
N ALA I 266 59.38 12.38 42.69
CA ALA I 266 58.59 12.74 41.53
C ALA I 266 59.41 12.55 40.27
N VAL I 267 58.77 12.00 39.24
CA VAL I 267 59.46 11.70 37.99
C VAL I 267 59.42 12.86 37.01
N VAL I 268 58.50 13.79 37.18
CA VAL I 268 58.43 14.94 36.28
C VAL I 268 58.65 16.20 37.11
N SER I 269 59.19 17.23 36.46
CA SER I 269 59.74 18.38 37.18
C SER I 269 58.63 19.20 37.85
N THR I 270 59.05 20.30 38.47
CA THR I 270 58.24 21.02 39.43
C THR I 270 57.02 21.70 38.83
N SER I 271 57.18 22.44 37.73
CA SER I 271 56.10 23.32 37.29
C SER I 271 54.89 22.53 36.81
N GLU I 272 55.12 21.39 36.15
CA GLU I 272 54.07 20.53 35.67
C GLU I 272 53.66 19.47 36.69
N LEU I 273 54.23 19.53 37.89
CA LEU I 273 53.84 18.62 38.96
C LEU I 273 52.38 18.88 39.34
N ARG I 274 51.62 17.81 39.54
CA ARG I 274 50.21 17.91 39.85
C ARG I 274 49.93 17.50 41.28
N LEU I 275 48.75 17.88 41.77
CA LEU I 275 48.44 17.69 43.18
C LEU I 275 47.86 16.33 43.48
N LYS I 276 47.44 15.57 42.48
CA LYS I 276 47.15 14.16 42.73
C LYS I 276 48.45 13.38 42.82
N ASP I 277 49.53 13.96 42.29
CA ASP I 277 50.85 13.41 42.52
C ASP I 277 51.35 13.81 43.90
N LEU I 278 51.47 15.11 44.14
CA LEU I 278 51.94 15.62 45.43
C LEU I 278 50.72 15.93 46.30
N LEU I 279 50.68 15.35 47.49
CA LEU I 279 49.48 15.39 48.35
C LEU I 279 48.32 14.67 47.68
N GLY I 280 48.64 13.63 46.93
CA GLY I 280 47.61 12.92 46.18
C GLY I 280 46.62 12.15 47.04
N ARG I 281 47.13 11.31 47.94
CA ARG I 281 46.22 10.42 48.63
C ARG I 281 45.57 11.09 49.84
N LEU I 282 46.31 11.94 50.55
CA LEU I 282 45.74 12.56 51.74
C LEU I 282 44.61 13.52 51.38
N PHE I 283 44.87 14.40 50.43
CA PHE I 283 43.94 15.48 50.12
C PHE I 283 42.59 14.92 49.67
N PHE I 284 42.60 14.00 48.73
CA PHE I 284 41.35 13.45 48.22
C PHE I 284 40.84 12.29 49.05
N GLY I 285 41.66 11.74 49.93
CA GLY I 285 41.21 10.73 50.86
C GLY I 285 40.67 11.31 52.14
N SER I 286 40.64 12.63 52.26
CA SER I 286 40.01 13.25 53.42
C SER I 286 38.91 14.24 53.05
N ILE I 287 38.68 14.49 51.76
CA ILE I 287 37.92 15.66 51.37
C ILE I 287 36.43 15.50 51.68
N ARG I 288 35.97 14.27 51.54
CA ARG I 288 34.56 13.93 51.90
C ARG I 288 34.60 12.72 52.84
N LEU I 289 34.28 12.95 54.10
CA LEU I 289 34.20 11.86 55.10
C LEU I 289 32.70 11.72 55.31
N PRO I 290 32.13 12.17 56.45
CA PRO I 290 30.67 12.21 56.55
C PRO I 290 30.33 13.30 55.52
N GLU I 291 31.01 14.45 55.60
CA GLU I 291 30.94 15.59 54.66
C GLU I 291 32.11 16.54 54.97
N ARG I 292 32.43 17.46 54.05
CA ARG I 292 33.51 18.40 54.32
C ARG I 292 33.14 19.46 55.35
N ASN I 293 32.34 19.15 56.35
CA ASN I 293 32.10 20.12 57.40
C ASN I 293 33.40 20.32 58.16
N LEU I 294 34.11 21.42 57.88
CA LEU I 294 35.44 21.62 58.41
C LEU I 294 35.48 21.68 59.92
N GLN I 295 34.36 21.96 60.57
CA GLN I 295 34.35 21.95 62.04
C GLN I 295 34.42 20.53 62.55
N HIS I 296 33.78 19.60 61.86
CA HIS I 296 33.77 18.21 62.29
C HIS I 296 34.82 17.38 61.55
N ASN I 297 34.95 17.56 60.24
CA ASN I 297 35.95 16.84 59.48
C ASN I 297 37.29 17.43 59.85
N ILE I 298 37.79 17.00 61.01
CA ILE I 298 39.00 17.56 61.57
C ILE I 298 40.19 17.31 60.66
N ILE I 299 40.16 16.22 59.89
CA ILE I 299 41.29 15.87 59.04
C ILE I 299 41.44 16.88 57.91
N LEU I 300 40.39 17.07 57.12
CA LEU I 300 40.46 18.07 56.07
C LEU I 300 40.72 19.45 56.65
N GLY I 301 40.17 19.74 57.83
CA GLY I 301 40.47 21.00 58.47
C GLY I 301 41.95 21.20 58.67
N GLU I 302 42.60 20.26 59.34
CA GLU I 302 44.02 20.40 59.58
C GLU I 302 44.81 20.43 58.29
N LEU I 303 44.44 19.62 57.31
CA LEU I 303 45.18 19.61 56.06
C LEU I 303 45.07 20.94 55.35
N LEU I 304 43.87 21.52 55.30
CA LEU I 304 43.71 22.82 54.68
C LEU I 304 44.43 23.90 55.46
N CYS I 305 44.45 23.82 56.79
CA CYS I 305 45.17 24.81 57.57
C CYS I 305 46.65 24.77 57.26
N TYR I 306 47.21 23.56 57.24
CA TYR I 306 48.66 23.39 56.98
C TYR I 306 48.99 23.90 55.57
N LEU I 307 48.14 23.57 54.59
CA LEU I 307 48.36 24.01 53.19
C LEU I 307 48.26 25.54 53.06
N GLU I 308 47.29 26.14 53.74
CA GLU I 308 47.07 27.61 53.65
C GLU I 308 48.29 28.37 54.20
N ASN I 309 48.82 27.93 55.33
CA ASN I 309 50.00 28.60 55.97
C ASN I 309 51.24 28.50 55.08
N ARG I 310 51.41 27.38 54.39
CA ARG I 310 52.60 27.14 53.54
C ARG I 310 52.23 27.31 52.07
N LEU I 311 51.19 28.09 51.78
CA LEU I 311 50.74 28.20 50.40
C LEU I 311 51.85 28.78 49.53
N TRP I 312 52.60 29.74 50.06
CA TRP I 312 53.76 30.33 49.38
C TRP I 312 54.97 30.20 50.30
N GLN I 313 55.68 29.07 50.17
CA GLN I 313 56.92 28.85 50.91
C GLN I 313 58.11 28.68 49.98
N ASP I 314 57.96 27.90 48.91
CA ASP I 314 59.05 27.56 48.00
C ASP I 314 58.53 27.84 46.59
N LYS I 315 58.77 29.05 46.09
CA LYS I 315 58.33 29.45 44.76
C LYS I 315 56.82 29.25 44.61
N GLY I 316 56.12 29.20 45.74
CA GLY I 316 54.73 28.77 45.74
C GLY I 316 54.59 27.41 45.12
N LEU I 317 55.51 26.49 45.46
CA LEU I 317 55.48 25.14 44.91
C LEU I 317 54.15 24.48 45.16
N ILE I 318 53.58 24.70 46.35
CA ILE I 318 52.25 24.21 46.63
C ILE I 318 51.22 24.95 45.79
N ALA I 319 51.25 26.28 45.82
CA ALA I 319 50.24 27.07 45.14
C ALA I 319 50.19 26.78 43.66
N ASN I 320 51.33 26.58 43.01
CA ASN I 320 51.32 26.29 41.57
C ASN I 320 51.35 24.80 41.28
N LEU I 321 50.45 24.05 41.92
CA LEU I 321 50.28 22.64 41.60
C LEU I 321 49.10 22.49 40.65
N LYS I 322 49.37 21.92 39.48
CA LYS I 322 48.31 21.75 38.49
C LYS I 322 47.30 20.74 38.99
N MET I 323 46.04 21.14 39.06
CA MET I 323 44.95 20.22 39.29
C MET I 323 43.96 20.33 38.15
N ASN I 324 43.52 19.19 37.65
CA ASN I 324 42.57 19.17 36.56
C ASN I 324 41.23 19.74 37.03
N ALA I 325 40.47 20.26 36.06
CA ALA I 325 39.17 20.86 36.35
C ALA I 325 38.31 19.93 37.19
N LEU I 326 38.26 18.65 36.84
CA LEU I 326 37.45 17.72 37.60
C LEU I 326 37.89 17.60 39.04
N GLU I 327 39.15 17.87 39.34
CA GLU I 327 39.61 17.93 40.71
C GLU I 327 39.27 19.25 41.39
N ALA I 328 39.07 20.32 40.62
CA ALA I 328 38.50 21.53 41.19
C ALA I 328 37.05 21.32 41.57
N THR I 329 36.31 20.55 40.78
CA THR I 329 34.93 20.24 41.13
C THR I 329 34.84 19.41 42.40
N VAL I 330 35.94 18.83 42.86
CA VAL I 330 35.93 18.07 44.10
C VAL I 330 36.44 18.97 45.21
N MET I 331 37.50 19.72 44.93
CA MET I 331 38.07 20.65 45.91
C MET I 331 37.01 21.59 46.44
N LEU I 332 36.16 22.09 45.56
CA LEU I 332 35.01 22.89 45.93
C LEU I 332 33.80 22.29 45.26
N ASN I 333 32.75 22.02 46.04
CA ASN I 333 31.58 21.32 45.51
C ASN I 333 30.96 22.13 44.40
N CYS I 334 30.95 21.56 43.21
CA CYS I 334 30.62 22.31 42.01
C CYS I 334 30.41 21.31 40.88
N SER I 335 29.95 21.81 39.74
CA SER I 335 29.82 21.01 38.55
C SER I 335 30.83 21.45 37.51
N LEU I 336 31.29 20.48 36.72
CA LEU I 336 32.11 20.82 35.56
C LEU I 336 31.43 21.89 34.72
N ASP I 337 30.10 21.80 34.62
CA ASP I 337 29.30 22.87 34.05
C ASP I 337 29.60 24.21 34.72
N GLN I 338 29.58 24.26 36.04
CA GLN I 338 29.68 25.55 36.71
C GLN I 338 31.10 26.09 36.68
N ILE I 339 32.10 25.22 36.79
CA ILE I 339 33.47 25.72 36.65
C ILE I 339 33.73 26.16 35.21
N ALA I 340 33.10 25.50 34.24
CA ALA I 340 33.20 25.99 32.88
C ALA I 340 32.61 27.38 32.78
N SER I 341 31.41 27.58 33.31
CA SER I 341 30.81 28.91 33.35
C SER I 341 31.68 29.91 34.08
N MET I 342 32.44 29.47 35.09
CA MET I 342 33.31 30.37 35.83
C MET I 342 34.53 30.77 35.01
N VAL I 343 35.13 29.83 34.29
CA VAL I 343 36.34 30.15 33.56
C VAL I 343 36.05 30.95 32.29
N GLU I 344 34.91 30.71 31.65
CA GLU I 344 34.53 31.54 30.51
C GLU I 344 34.07 32.91 30.95
N GLN I 345 33.58 33.04 32.19
CA GLN I 345 33.33 34.33 32.79
C GLN I 345 34.62 34.97 33.28
N ARG I 346 35.74 34.24 33.18
CA ARG I 346 37.08 34.72 33.55
C ARG I 346 37.27 34.79 35.06
N ILE I 347 36.57 33.92 35.79
CA ILE I 347 36.82 33.79 37.22
C ILE I 347 38.13 33.05 37.48
N LEU I 348 38.36 31.95 36.79
CA LEU I 348 39.58 31.17 36.98
C LEU I 348 40.55 31.44 35.84
N LYS I 349 41.77 30.96 36.00
CA LYS I 349 42.88 31.26 35.09
C LYS I 349 43.32 29.98 34.40
N PRO I 350 42.71 29.62 33.30
CA PRO I 350 43.18 28.46 32.54
C PRO I 350 44.48 28.78 31.82
N ASN I 351 45.61 28.58 32.52
CA ASN I 351 46.91 29.11 32.14
C ASN I 351 47.18 29.08 30.64
N ARG I 352 46.71 28.06 29.94
CA ARG I 352 46.80 28.01 28.48
C ARG I 352 45.40 28.18 27.90
N LYS I 353 45.31 29.00 26.85
CA LYS I 353 44.03 29.36 26.28
C LYS I 353 43.48 28.23 25.42
N SER I 354 42.44 28.53 24.66
CA SER I 354 41.85 27.57 23.73
C SER I 354 41.05 28.27 22.66
N VAL I 362 38.48 19.41 28.44
CA VAL I 362 38.09 20.13 29.65
C VAL I 362 38.60 19.38 30.87
N THR I 363 38.91 18.10 30.70
CA THR I 363 39.51 17.29 31.75
C THR I 363 41.03 17.32 31.73
N ASP I 364 41.62 18.30 31.05
CA ASP I 364 43.06 18.53 31.06
C ASP I 364 43.44 19.43 32.22
N TYR I 365 44.64 19.20 32.75
CA TYR I 365 45.13 19.96 33.91
C TYR I 365 45.51 21.36 33.48
N LEU I 366 44.66 22.34 33.79
CA LEU I 366 44.86 23.71 33.33
C LEU I 366 44.80 24.75 34.45
N PHE I 367 44.64 24.33 35.70
CA PHE I 367 44.49 25.24 36.82
C PHE I 367 45.44 24.86 37.94
N HIS I 368 45.87 25.86 38.69
CA HIS I 368 46.76 25.64 39.82
C HIS I 368 45.96 25.36 41.08
N PHE I 369 46.68 25.11 42.17
CA PHE I 369 46.00 24.94 43.44
C PHE I 369 45.71 26.28 44.10
N GLY I 370 46.66 27.20 44.06
CA GLY I 370 46.51 28.47 44.74
C GLY I 370 45.36 29.29 44.21
N ASP I 371 45.28 29.41 42.90
CA ASP I 371 44.17 30.16 42.31
C ASP I 371 42.85 29.53 42.56
N ILE I 372 42.84 28.23 42.77
CA ILE I 372 41.62 27.51 43.13
C ILE I 372 41.35 27.57 44.61
N PHE I 373 42.39 27.55 45.44
CA PHE I 373 42.17 27.69 46.87
C PHE I 373 41.59 29.06 47.20
N CYS I 374 42.20 30.12 46.68
CA CYS I 374 41.64 31.44 46.87
C CYS I 374 40.26 31.56 46.23
N LEU I 375 40.02 30.82 45.15
CA LEU I 375 38.68 30.81 44.56
C LEU I 375 37.67 30.24 45.54
N TRP I 376 38.01 29.12 46.18
CA TRP I 376 37.12 28.55 47.17
C TRP I 376 36.94 29.50 48.34
N LEU I 377 37.98 30.25 48.68
CA LEU I 377 37.85 31.25 49.72
C LEU I 377 36.87 32.35 49.31
N ALA I 378 36.85 32.69 48.03
CA ALA I 378 36.07 33.84 47.59
C ALA I 378 34.62 33.49 47.32
N GLU I 379 34.39 32.47 46.50
CA GLU I 379 33.09 32.25 45.89
C GLU I 379 32.44 30.93 46.25
N PHE I 380 33.04 30.10 47.09
CA PHE I 380 32.46 28.80 47.38
C PHE I 380 32.54 28.41 48.84
N GLN I 381 32.95 29.32 49.71
CA GLN I 381 33.05 29.03 51.13
C GLN I 381 31.64 28.89 51.70
N SER I 382 31.27 27.67 52.07
CA SER I 382 29.91 27.39 52.49
C SER I 382 29.70 27.71 53.97
N ASP I 383 28.55 27.29 54.49
CA ASP I 383 28.26 27.50 55.91
C ASP I 383 29.24 26.76 56.80
N GLU I 384 29.37 25.45 56.57
CA GLU I 384 30.27 24.61 57.36
C GLU I 384 31.57 24.30 56.62
N PHE I 385 31.53 24.16 55.30
CA PHE I 385 32.75 24.08 54.52
C PHE I 385 33.32 25.49 54.47
N ASN I 386 33.83 25.92 55.61
CA ASN I 386 34.10 27.32 55.88
C ASN I 386 35.51 27.46 56.43
N ARG I 387 36.17 28.55 56.06
CA ARG I 387 37.55 28.73 56.47
C ARG I 387 37.66 29.00 57.97
N SER I 388 36.74 29.77 58.53
CA SER I 388 36.89 30.21 59.91
C SER I 388 36.86 29.07 60.91
N PHE I 389 36.53 27.85 60.49
CA PHE I 389 36.45 26.75 61.44
C PHE I 389 37.83 26.23 61.81
N TYR I 390 38.78 26.26 60.88
CA TYR I 390 40.09 25.70 61.16
C TYR I 390 41.14 26.74 61.52
N VAL I 391 40.97 27.99 61.10
CA VAL I 391 42.00 28.99 61.38
C VAL I 391 42.08 29.26 62.87
N SER I 392 40.96 29.19 63.58
CA SER I 392 40.96 29.40 65.02
C SER I 392 41.00 28.03 65.71
N ARG I 393 42.02 27.25 65.34
CA ARG I 393 42.30 25.97 65.96
C ARG I 393 43.69 26.05 66.55
N TRP I 394 44.13 24.92 67.12
CA TRP I 394 45.50 24.75 67.60
C TRP I 394 46.53 25.14 66.54
N MET J 1 55.39 47.70 52.94
CA MET J 1 55.63 48.32 54.23
C MET J 1 55.02 47.50 55.36
N PHE J 2 55.27 47.93 56.60
CA PHE J 2 54.96 47.14 57.78
C PHE J 2 53.90 47.86 58.59
N LEU J 3 52.85 47.13 58.97
CA LEU J 3 51.69 47.69 59.63
C LEU J 3 51.42 46.92 60.91
N GLN J 4 50.63 47.52 61.80
CA GLN J 4 50.17 46.87 63.02
C GLN J 4 48.72 47.21 63.27
N ARG J 5 47.98 46.26 63.85
CA ARG J 5 46.54 46.37 64.01
C ARG J 5 46.16 46.58 65.48
N PRO J 6 45.15 47.41 65.75
CA PRO J 6 44.68 47.59 67.13
C PRO J 6 43.53 46.68 67.50
N LYS J 7 43.62 46.00 68.65
CA LYS J 7 42.50 45.31 69.29
C LYS J 7 41.60 44.60 68.28
N PRO J 8 42.05 43.53 67.66
CA PRO J 8 41.27 42.93 66.57
C PRO J 8 39.91 42.44 67.02
N TYR J 9 38.85 43.10 66.57
CA TYR J 9 37.50 42.67 66.93
C TYR J 9 36.95 41.70 65.90
N SER J 10 36.34 40.62 66.39
CA SER J 10 35.81 39.60 65.50
C SER J 10 34.51 40.05 64.85
N ASP J 11 33.67 40.75 65.59
CA ASP J 11 32.40 41.28 65.10
C ASP J 11 32.65 42.71 64.63
N GLU J 12 33.22 42.83 63.43
CA GLU J 12 33.53 44.12 62.86
C GLU J 12 33.50 44.05 61.34
N SER J 13 33.04 45.13 60.73
CA SER J 13 33.09 45.24 59.28
C SER J 13 34.54 45.28 58.79
N LEU J 14 34.75 44.73 57.58
CA LEU J 14 36.06 44.84 56.98
C LEU J 14 36.49 46.29 56.82
N GLU J 15 35.58 47.12 56.32
CA GLU J 15 35.88 48.54 56.15
C GLU J 15 36.30 49.17 57.47
N SER J 16 35.60 48.84 58.55
CA SER J 16 35.94 49.39 59.85
C SER J 16 37.33 48.97 60.29
N PHE J 17 37.70 47.71 60.06
CA PHE J 17 39.05 47.27 60.36
C PHE J 17 40.06 48.09 59.58
N PHE J 18 39.83 48.26 58.28
CA PHE J 18 40.75 49.04 57.49
C PHE J 18 40.82 50.48 57.96
N ILE J 19 39.70 51.03 58.43
CA ILE J 19 39.72 52.41 58.93
C ILE J 19 40.61 52.49 60.16
N ARG J 20 40.39 51.60 61.13
CA ARG J 20 41.13 51.74 62.37
C ARG J 20 42.54 51.19 62.29
N VAL J 21 42.93 50.58 61.17
CA VAL J 21 44.34 50.32 60.94
C VAL J 21 44.98 51.39 60.07
N ALA J 22 44.19 52.10 59.26
CA ALA J 22 44.73 53.24 58.54
C ALA J 22 45.05 54.38 59.50
N ASN J 23 44.11 54.71 60.38
CA ASN J 23 44.34 55.82 61.29
C ASN J 23 45.39 55.50 62.35
N LYS J 24 45.68 54.22 62.57
CA LYS J 24 46.57 53.85 63.66
C LYS J 24 48.03 54.05 63.30
N ASN J 25 48.45 53.57 62.13
CA ASN J 25 49.87 53.53 61.83
C ASN J 25 50.40 54.86 61.32
N GLY J 26 49.98 55.27 60.12
CA GLY J 26 50.53 56.47 59.54
C GLY J 26 49.63 57.31 58.67
N TYR J 27 48.38 56.89 58.50
CA TYR J 27 47.51 57.47 57.49
C TYR J 27 46.39 58.26 58.16
N GLY J 28 46.29 59.54 57.78
CA GLY J 28 45.19 60.35 58.27
C GLY J 28 43.88 60.03 57.56
N ASP J 29 43.96 59.65 56.30
CA ASP J 29 42.79 59.24 55.52
C ASP J 29 42.97 57.82 55.01
N VAL J 30 41.86 57.07 54.98
CA VAL J 30 41.93 55.67 54.57
C VAL J 30 42.21 55.54 53.08
N HIS J 31 41.75 56.50 52.28
CA HIS J 31 41.99 56.43 50.84
C HIS J 31 43.47 56.31 50.54
N ARG J 32 44.29 57.17 51.15
CA ARG J 32 45.73 57.04 51.01
C ARG J 32 46.22 55.69 51.50
N PHE J 33 45.60 55.16 52.54
CA PHE J 33 46.04 53.89 53.10
C PHE J 33 45.88 52.75 52.09
N LEU J 34 44.67 52.65 51.52
CA LEU J 34 44.35 51.62 50.50
C LEU J 34 45.25 51.84 49.29
N GLU J 35 45.41 53.10 48.87
CA GLU J 35 46.29 53.42 47.75
C GLU J 35 47.70 52.92 48.04
N ALA J 36 48.17 53.11 49.26
CA ALA J 36 49.50 52.67 49.63
C ALA J 36 49.62 51.15 49.58
N THR J 37 48.60 50.44 50.05
CA THR J 37 48.66 48.99 49.96
C THR J 37 48.52 48.52 48.51
N LYS J 38 47.79 49.27 47.68
CA LYS J 38 47.74 48.92 46.28
C LYS J 38 49.12 49.04 45.64
N ARG J 39 49.85 50.11 45.96
CA ARG J 39 51.23 50.21 45.48
C ARG J 39 52.13 49.13 46.07
N PHE J 40 51.91 48.79 47.34
CA PHE J 40 52.69 47.74 47.99
C PHE J 40 52.49 46.40 47.31
N LEU J 41 51.30 46.16 46.77
CA LEU J 41 51.08 44.98 45.96
C LEU J 41 51.44 45.22 44.51
N GLN J 42 51.66 46.48 44.13
CA GLN J 42 52.17 46.78 42.79
C GLN J 42 53.61 46.31 42.65
N ASP J 43 54.50 46.76 43.53
CA ASP J 43 55.89 46.34 43.41
C ASP J 43 56.04 44.84 43.63
N ILE J 44 55.11 44.24 44.33
CA ILE J 44 55.05 42.80 44.47
C ILE J 44 54.39 42.22 43.22
N ASP J 45 54.77 41.00 42.86
CA ASP J 45 54.06 40.29 41.81
C ASP J 45 52.73 39.79 42.32
N HIS J 46 51.67 40.12 41.60
CA HIS J 46 50.33 39.68 41.98
C HIS J 46 49.36 40.01 40.84
N ASN J 47 48.17 39.44 40.95
CA ASN J 47 47.10 39.69 39.99
C ASN J 47 46.13 40.77 40.46
N GLY J 48 46.08 41.06 41.75
CA GLY J 48 45.40 42.25 42.23
C GLY J 48 46.07 43.53 41.81
N TYR J 49 47.23 43.41 41.18
CA TYR J 49 47.93 44.54 40.57
C TYR J 49 47.00 45.39 39.72
N GLN J 50 45.95 44.77 39.18
CA GLN J 50 45.08 45.47 38.24
C GLN J 50 43.77 45.91 38.90
N THR J 51 43.03 44.95 39.45
CA THR J 51 41.63 45.16 39.82
C THR J 51 41.45 45.53 41.28
N PHE J 52 42.53 45.82 41.99
CA PHE J 52 42.39 46.19 43.39
C PHE J 52 41.57 47.46 43.51
N PRO J 53 40.54 47.50 44.35
CA PRO J 53 39.74 48.71 44.48
C PRO J 53 40.35 49.71 45.44
N THR J 54 40.28 50.98 45.05
CA THR J 54 40.65 52.06 45.95
C THR J 54 39.47 52.66 46.68
N ASP J 55 38.25 52.32 46.30
CA ASP J 55 37.07 52.82 47.01
C ASP J 55 36.76 51.89 48.17
N ILE J 56 36.60 52.48 49.35
CA ILE J 56 36.44 51.71 50.58
C ILE J 56 35.15 50.90 50.54
N THR J 57 34.10 51.47 49.97
CA THR J 57 32.79 50.83 49.98
C THR J 57 32.75 49.53 49.20
N ARG J 58 33.64 49.35 48.23
CA ARG J 58 33.59 48.20 47.33
C ARG J 58 34.74 47.24 47.54
N ILE J 59 35.19 47.04 48.78
CA ILE J 59 36.28 46.12 49.02
C ILE J 59 35.81 44.71 49.33
N ASN J 60 34.64 44.54 49.95
CA ASN J 60 34.15 43.22 50.28
C ASN J 60 33.93 42.41 49.01
N PRO J 61 34.60 41.27 48.88
CA PRO J 61 34.68 40.58 47.58
C PRO J 61 33.35 40.15 47.00
N TYR J 62 32.23 40.39 47.69
CA TYR J 62 30.95 40.25 47.02
C TYR J 62 30.71 41.41 46.07
N SER J 63 31.26 42.57 46.39
CA SER J 63 31.26 43.67 45.43
C SER J 63 32.18 43.39 44.25
N ALA J 64 33.27 42.67 44.49
CA ALA J 64 34.16 42.26 43.42
C ALA J 64 33.46 41.22 42.56
N LYS J 65 33.12 41.59 41.34
CA LYS J 65 32.58 40.65 40.37
C LYS J 65 33.70 40.24 39.43
N ASN J 66 33.76 38.95 39.12
CA ASN J 66 34.76 38.41 38.21
C ASN J 66 36.18 38.53 38.76
N SER J 67 36.33 39.09 39.96
CA SER J 67 37.67 39.29 40.49
C SER J 67 37.78 39.04 41.99
N SER J 68 36.84 38.32 42.60
CA SER J 68 36.92 38.07 44.04
C SER J 68 38.09 37.16 44.38
N SER J 69 38.47 36.26 43.47
CA SER J 69 39.59 35.38 43.73
C SER J 69 40.87 36.16 43.95
N ALA J 70 41.17 37.08 43.03
CA ALA J 70 42.38 37.88 43.17
C ALA J 70 42.37 38.70 44.44
N ARG J 71 41.21 39.25 44.81
CA ARG J 71 41.17 40.07 46.01
C ARG J 71 41.33 39.25 47.27
N THR J 72 40.77 38.04 47.31
CA THR J 72 41.05 37.18 48.45
C THR J 72 42.52 36.80 48.53
N ALA J 73 43.14 36.54 47.37
CA ALA J 73 44.58 36.30 47.35
C ALA J 73 45.32 37.48 47.97
N SER J 74 44.95 38.69 47.57
CA SER J 74 45.59 39.88 48.13
C SER J 74 45.38 39.96 49.63
N PHE J 75 44.18 39.62 50.10
CA PHE J 75 43.89 39.67 51.52
C PHE J 75 44.80 38.73 52.29
N LEU J 76 44.97 37.51 51.80
CA LEU J 76 45.90 36.59 52.46
C LEU J 76 47.33 37.14 52.41
N LYS J 77 47.77 37.60 51.24
CA LYS J 77 49.13 38.12 51.11
C LYS J 77 49.39 39.20 52.15
N LEU J 78 48.43 40.09 52.37
CA LEU J 78 48.60 41.08 53.43
C LEU J 78 48.56 40.43 54.80
N ALA J 79 47.71 39.43 55.00
CA ALA J 79 47.56 38.85 56.33
C ALA J 79 48.81 38.12 56.79
N GLN J 80 49.77 37.89 55.90
CA GLN J 80 51.01 37.23 56.27
C GLN J 80 52.25 37.95 55.77
N LEU J 81 52.10 39.15 55.19
CA LEU J 81 53.24 39.89 54.69
C LEU J 81 53.24 41.35 55.13
N THR J 82 52.32 41.77 56.00
CA THR J 82 52.19 43.20 56.27
C THR J 82 51.99 43.53 57.75
N PHE J 83 51.89 42.54 58.62
CA PHE J 83 51.58 42.80 60.02
C PHE J 83 52.58 42.10 60.93
N ASN J 84 52.73 42.69 62.12
CA ASN J 84 53.53 42.07 63.17
C ASN J 84 52.93 40.72 63.58
N GLU J 85 51.65 40.71 63.91
CA GLU J 85 50.94 39.47 64.13
C GLU J 85 49.86 39.31 63.08
N PRO J 86 49.67 38.10 62.56
CA PRO J 86 48.79 37.92 61.40
C PRO J 86 47.38 38.35 61.72
N PRO J 87 46.83 39.28 60.96
CA PRO J 87 45.48 39.80 61.24
C PRO J 87 44.40 38.88 60.70
N GLU J 88 43.26 38.92 61.37
CA GLU J 88 42.10 38.11 60.99
C GLU J 88 41.38 38.84 59.88
N LEU J 89 42.07 39.00 58.75
CA LEU J 89 41.58 39.85 57.68
C LEU J 89 40.56 39.19 56.78
N LEU J 90 40.88 38.02 56.23
CA LEU J 90 39.92 37.36 55.35
C LEU J 90 38.70 36.89 56.12
N GLY J 91 38.78 36.85 57.45
CA GLY J 91 37.67 36.37 58.25
C GLY J 91 36.49 37.32 58.28
N LEU J 92 36.70 38.60 58.04
CA LEU J 92 35.62 39.57 58.11
C LEU J 92 35.08 39.95 56.74
N ALA J 93 35.60 39.38 55.67
CA ALA J 93 35.22 39.79 54.33
C ALA J 93 33.94 39.09 53.90
N ILE J 94 32.84 39.84 53.84
CA ILE J 94 31.59 39.32 53.31
C ILE J 94 31.78 39.05 51.83
N ASN J 95 31.58 37.82 51.40
CA ASN J 95 31.77 37.51 49.99
C ASN J 95 30.72 36.53 49.49
N ARG J 96 30.82 36.24 48.20
CA ARG J 96 29.83 35.42 47.51
C ARG J 96 29.82 34.00 48.05
N THR J 97 28.69 33.32 47.89
CA THR J 97 28.63 31.91 48.20
C THR J 97 27.86 31.17 47.13
N ASN J 98 28.34 29.98 46.80
CA ASN J 98 27.62 29.16 45.83
C ASN J 98 26.27 28.70 46.37
N MET J 99 26.15 28.54 47.68
CA MET J 99 24.90 28.06 48.24
C MET J 99 23.84 29.14 48.10
N LYS J 100 22.59 28.72 48.13
CA LYS J 100 21.46 29.60 47.91
C LYS J 100 20.43 29.43 49.01
N TYR J 101 19.50 30.37 49.07
CA TYR J 101 18.37 30.28 49.98
C TYR J 101 17.16 29.77 49.22
N SER J 102 16.01 29.80 49.89
CA SER J 102 14.93 28.92 49.47
C SER J 102 14.41 29.20 48.06
N PRO J 103 13.72 30.32 47.77
CA PRO J 103 13.48 30.61 46.36
C PRO J 103 14.62 31.40 45.74
N SER J 104 15.46 30.72 44.98
CA SER J 104 16.39 31.31 44.01
C SER J 104 16.94 32.67 44.47
N THR J 105 17.60 32.66 45.63
CA THR J 105 18.27 33.86 46.11
C THR J 105 19.65 33.52 46.65
N SER J 106 20.68 34.17 46.12
CA SER J 106 22.06 33.87 46.45
C SER J 106 22.35 34.28 47.89
N ALA J 107 23.58 34.04 48.32
CA ALA J 107 23.93 34.22 49.72
C ALA J 107 25.37 34.71 49.85
N VAL J 108 25.64 35.33 50.99
CA VAL J 108 26.93 35.93 51.29
C VAL J 108 27.44 35.38 52.61
N VAL J 109 28.69 34.95 52.62
CA VAL J 109 29.31 34.36 53.79
C VAL J 109 30.25 35.39 54.40
N ARG J 110 30.23 35.46 55.73
CA ARG J 110 31.18 36.24 56.51
C ARG J 110 31.64 35.37 57.66
N GLY J 111 32.94 35.15 57.77
CA GLY J 111 33.43 34.28 58.81
C GLY J 111 32.83 32.91 58.65
N ALA J 112 31.99 32.51 59.61
CA ALA J 112 31.33 31.22 59.55
C ALA J 112 29.87 31.32 59.16
N GLU J 113 29.31 32.52 59.14
CA GLU J 113 27.88 32.72 59.07
C GLU J 113 27.49 33.22 57.69
N VAL J 114 26.50 32.59 57.07
CA VAL J 114 26.06 32.95 55.74
C VAL J 114 24.66 33.53 55.83
N PHE J 115 24.41 34.62 55.11
CA PHE J 115 23.26 35.49 55.05
C PHE J 115 22.64 35.46 53.66
N PRO J 116 21.34 35.74 53.55
CA PRO J 116 20.76 35.89 52.22
C PRO J 116 21.12 37.24 51.64
N ARG J 117 21.48 37.24 50.36
CA ARG J 117 21.79 38.51 49.71
C ARG J 117 20.62 39.47 49.74
N SER J 118 19.39 38.95 49.74
CA SER J 118 18.20 39.78 49.67
C SER J 118 18.16 40.83 50.79
N LEU J 119 18.77 40.56 51.94
CA LEU J 119 18.83 41.54 53.01
C LEU J 119 20.30 41.86 53.26
N LEU J 120 20.79 42.84 52.51
CA LEU J 120 22.20 43.22 52.57
C LEU J 120 22.44 44.72 52.64
N ARG J 121 21.41 45.55 52.47
CA ARG J 121 21.57 46.99 52.43
C ARG J 121 22.64 47.39 51.41
N THR J 122 22.28 47.20 50.14
CA THR J 122 23.15 47.55 49.03
C THR J 122 23.69 48.97 49.17
N HIS J 123 22.97 49.84 49.90
CA HIS J 123 23.36 51.23 50.06
C HIS J 123 22.86 51.73 51.41
N SER J 124 23.37 52.90 51.79
CA SER J 124 22.87 53.65 52.94
C SER J 124 22.86 52.80 54.20
N ILE J 125 24.03 52.23 54.50
CA ILE J 125 24.16 51.41 55.72
C ILE J 125 24.00 52.30 56.94
N PRO J 126 23.17 51.93 57.91
CA PRO J 126 23.02 52.75 59.11
C PRO J 126 24.22 52.63 60.03
N CYS J 127 24.08 53.22 61.21
CA CYS J 127 25.10 53.16 62.24
C CYS J 127 24.43 53.31 63.60
N CYS J 128 25.10 52.79 64.62
CA CYS J 128 24.69 53.05 65.99
C CYS J 128 25.66 54.07 66.57
N PRO J 129 25.38 55.37 66.45
CA PRO J 129 26.38 56.37 66.86
C PRO J 129 26.85 56.21 68.28
N LEU J 130 25.96 55.77 69.18
CA LEU J 130 26.42 55.43 70.53
C LEU J 130 27.42 54.29 70.48
N CYS J 131 27.10 53.23 69.76
CA CYS J 131 28.02 52.11 69.63
C CYS J 131 29.29 52.52 68.90
N LEU J 132 29.16 53.34 67.86
CA LEU J 132 30.34 53.78 67.13
C LEU J 132 31.28 54.56 68.06
N ARG J 133 30.77 55.58 68.74
CA ARG J 133 31.61 56.40 69.60
C ARG J 133 32.18 55.60 70.75
N GLU J 134 31.39 54.69 71.33
CA GLU J 134 31.86 53.93 72.48
C GLU J 134 32.89 52.89 72.09
N ASN J 135 32.71 52.26 70.94
CA ASN J 135 33.60 51.17 70.54
C ASN J 135 34.70 51.65 69.61
N GLY J 136 34.33 52.43 68.59
CA GLY J 136 35.27 52.82 67.56
C GLY J 136 35.33 51.89 66.38
N TYR J 137 34.39 50.95 66.26
CA TYR J 137 34.33 50.07 65.11
C TYR J 137 32.87 49.82 64.75
N ALA J 138 32.64 49.54 63.47
CA ALA J 138 31.31 49.27 62.95
C ALA J 138 31.15 47.78 62.77
N SER J 139 30.21 47.19 63.51
CA SER J 139 29.94 45.77 63.36
C SER J 139 29.34 45.49 62.00
N TYR J 140 29.46 44.24 61.57
CA TYR J 140 28.92 43.84 60.28
C TYR J 140 27.40 43.85 60.28
N LEU J 141 26.77 43.56 61.41
CA LEU J 141 25.32 43.46 61.47
C LEU J 141 24.65 44.71 60.92
N TRP J 142 25.30 45.87 61.05
CA TRP J 142 24.73 47.10 60.54
C TRP J 142 24.51 47.02 59.04
N HIS J 143 25.11 46.04 58.38
CA HIS J 143 24.94 45.92 56.93
C HIS J 143 23.62 45.23 56.59
N PHE J 144 23.06 44.45 57.51
CA PHE J 144 21.96 43.58 57.13
C PHE J 144 20.61 44.19 57.54
N GLN J 145 19.59 43.90 56.73
CA GLN J 145 18.30 44.56 56.90
C GLN J 145 17.60 44.10 58.17
N GLY J 146 18.06 43.00 58.76
CA GLY J 146 17.46 42.56 60.02
C GLY J 146 17.92 43.40 61.19
N TYR J 147 19.23 43.66 61.28
CA TYR J 147 19.78 44.43 62.39
C TYR J 147 19.44 45.89 62.17
N GLU J 148 18.29 46.28 62.70
CA GLU J 148 17.86 47.67 62.72
C GLU J 148 17.79 48.25 64.12
N TYR J 149 17.90 47.41 65.15
CA TYR J 149 18.16 47.87 66.51
C TYR J 149 19.50 47.32 66.98
N CYS J 150 20.19 48.10 67.80
CA CYS J 150 21.44 47.67 68.39
C CYS J 150 21.18 46.77 69.57
N HIS J 151 21.66 45.53 69.51
CA HIS J 151 21.48 44.62 70.62
C HIS J 151 22.24 45.06 71.86
N SER J 152 23.20 45.97 71.70
CA SER J 152 24.01 46.41 72.82
C SER J 152 23.45 47.61 73.56
N HIS J 153 22.53 48.35 72.94
CA HIS J 153 22.09 49.62 73.48
C HIS J 153 20.59 49.85 73.45
N ASN J 154 19.82 48.98 72.78
CA ASN J 154 18.37 49.11 72.73
C ASN J 154 17.94 50.38 72.00
N VAL J 155 18.84 50.89 71.15
CA VAL J 155 18.58 52.12 70.42
C VAL J 155 18.45 51.77 68.94
N PRO J 156 17.46 52.33 68.24
CA PRO J 156 17.34 52.05 66.81
C PRO J 156 18.52 52.62 66.03
N LEU J 157 19.00 51.85 65.06
CA LEU J 157 20.10 52.30 64.21
C LEU J 157 19.69 53.51 63.39
N ILE J 158 20.54 54.51 63.36
CA ILE J 158 20.27 55.74 62.64
C ILE J 158 20.98 55.68 61.29
N THR J 159 20.31 56.17 60.25
CA THR J 159 20.92 56.28 58.93
C THR J 159 21.37 57.71 58.62
N THR J 160 20.57 58.71 58.97
CA THR J 160 20.84 60.09 58.60
C THR J 160 20.70 61.00 59.82
N CYS J 161 21.55 62.01 59.90
CA CYS J 161 21.44 63.01 60.95
C CYS J 161 20.79 64.28 60.43
N SER J 162 20.43 65.16 61.36
CA SER J 162 19.86 66.46 60.98
C SER J 162 20.89 67.30 60.23
N GLY J 164 24.09 65.70 58.94
CA GLY J 164 24.47 64.81 57.88
C GLY J 164 23.26 64.06 57.37
N LYS J 165 22.73 64.52 56.25
CA LYS J 165 21.48 63.99 55.72
C LYS J 165 21.63 62.59 55.15
N GLU J 166 22.86 62.06 55.13
CA GLU J 166 23.10 60.65 54.90
C GLU J 166 24.42 60.30 55.57
N PHE J 167 24.35 59.67 56.74
CA PHE J 167 25.53 59.34 57.51
C PHE J 167 25.97 57.92 57.19
N ASP J 168 27.26 57.75 56.95
CA ASP J 168 27.83 56.45 56.60
C ASP J 168 29.22 56.35 57.19
N TYR J 169 29.52 55.21 57.81
CA TYR J 169 30.80 55.06 58.47
C TYR J 169 31.96 54.98 57.49
N ARG J 170 31.75 54.35 56.33
CA ARG J 170 32.82 54.27 55.34
C ARG J 170 33.21 55.64 54.80
N VAL J 171 32.35 56.64 54.94
CA VAL J 171 32.68 57.99 54.50
C VAL J 171 32.84 58.97 55.65
N SER J 172 32.38 58.63 56.84
CA SER J 172 32.59 59.52 57.98
C SER J 172 33.99 59.37 58.55
N GLY J 173 34.36 58.16 58.93
CA GLY J 173 35.61 57.91 59.60
C GLY J 173 35.49 57.38 61.00
N LEU J 174 34.37 56.74 61.35
CA LEU J 174 34.16 56.16 62.67
C LEU J 174 34.27 57.21 63.78
N LYS J 175 33.67 58.37 63.54
CA LYS J 175 33.62 59.42 64.54
C LYS J 175 32.23 60.05 64.52
N GLY J 176 31.91 60.75 65.62
CA GLY J 176 30.68 61.50 65.69
C GLY J 176 30.82 62.85 65.03
N ILE J 177 30.78 62.87 63.70
CA ILE J 177 30.92 64.11 62.94
C ILE J 177 29.99 64.05 61.74
N CYS J 178 29.50 65.20 61.32
CA CYS J 178 28.44 65.25 60.33
C CYS J 178 29.00 65.50 58.93
N CYS J 179 28.11 65.34 57.94
CA CYS J 179 28.53 65.40 56.55
C CYS J 179 28.72 66.84 56.09
N LYS J 180 27.68 67.66 56.27
CA LYS J 180 27.72 69.08 55.83
C LYS J 180 27.91 70.02 57.03
N CYS J 181 27.96 69.47 58.25
CA CYS J 181 28.15 70.31 59.47
C CYS J 181 29.19 69.63 60.37
N LYS J 182 29.84 70.40 61.24
CA LYS J 182 30.83 69.77 62.11
C LYS J 182 30.28 69.78 63.54
N GLU J 183 29.64 68.68 63.92
CA GLU J 183 29.17 68.48 65.28
C GLU J 183 29.03 66.98 65.49
N PRO J 184 28.81 66.53 66.72
CA PRO J 184 28.52 65.11 66.94
C PRO J 184 27.25 64.67 66.26
N ILE J 185 26.99 63.36 66.30
CA ILE J 185 25.74 62.79 65.80
C ILE J 185 24.74 62.63 66.94
N THR J 186 24.88 63.42 68.00
CA THR J 186 24.15 63.18 69.24
C THR J 186 22.66 63.30 68.99
N LEU J 187 21.99 62.15 68.90
CA LEU J 187 20.55 62.06 68.74
C LEU J 187 20.15 60.61 68.92
N THR J 188 19.03 60.40 69.61
CA THR J 188 18.51 59.05 69.89
C THR J 188 19.57 58.11 70.43
N GLY J 193 6.59 49.67 67.83
CA GLY J 193 6.89 48.38 68.43
C GLY J 193 8.37 48.19 68.70
N HIS J 194 8.93 49.02 69.57
CA HIS J 194 10.35 48.94 69.86
C HIS J 194 10.72 47.60 70.46
N GLU J 195 10.03 47.21 71.55
CA GLU J 195 10.41 46.01 72.29
C GLU J 195 10.30 44.75 71.44
N ALA J 196 9.34 44.70 70.52
CA ALA J 196 9.24 43.53 69.65
C ALA J 196 10.40 43.47 68.65
N ALA J 197 10.97 44.63 68.32
CA ALA J 197 12.10 44.67 67.42
C ALA J 197 13.43 44.45 68.13
N CYS J 198 13.52 44.84 69.40
CA CYS J 198 14.77 44.68 70.12
C CYS J 198 15.12 43.22 70.27
N THR J 199 14.13 42.39 70.61
CA THR J 199 14.38 40.97 70.76
C THR J 199 14.86 40.36 69.46
N VAL J 200 14.22 40.71 68.34
CA VAL J 200 14.63 40.17 67.05
C VAL J 200 16.04 40.62 66.71
N SER J 201 16.32 41.90 66.86
CA SER J 201 17.64 42.39 66.45
C SER J 201 18.74 41.86 67.36
N ASN J 202 18.40 41.58 68.62
CA ASN J 202 19.37 40.94 69.50
C ASN J 202 19.58 39.49 69.10
N TRP J 203 18.50 38.72 68.97
CA TRP J 203 18.58 37.33 68.54
C TRP J 203 19.26 37.18 67.20
N LEU J 204 19.26 38.22 66.37
CA LEU J 204 19.90 38.11 65.07
C LEU J 204 21.40 37.99 65.20
N ALA J 205 22.01 38.63 66.18
CA ALA J 205 23.32 38.21 66.60
C ALA J 205 23.18 37.00 67.50
N GLY J 206 24.20 36.15 67.50
CA GLY J 206 24.08 34.92 68.25
C GLY J 206 23.85 35.17 69.72
N HIS J 207 22.61 34.98 70.15
CA HIS J 207 22.20 35.30 71.51
C HIS J 207 20.98 34.46 71.82
N GLU J 208 20.30 34.79 72.92
CA GLU J 208 19.08 34.09 73.26
C GLU J 208 17.97 35.09 73.48
N SER J 209 16.93 34.99 72.66
CA SER J 209 15.65 35.62 72.93
C SER J 209 14.60 34.53 72.96
N LYS J 210 14.18 34.18 74.18
CA LYS J 210 13.53 32.89 74.39
C LYS J 210 12.31 32.66 73.48
N PRO J 211 11.53 33.67 73.07
CA PRO J 211 10.52 33.40 72.06
C PRO J 211 11.10 33.04 70.71
N LEU J 212 12.41 33.17 70.54
CA LEU J 212 12.96 32.73 69.27
C LEU J 212 13.83 31.51 69.47
N PRO J 213 13.94 30.64 68.47
CA PRO J 213 14.72 29.42 68.64
C PRO J 213 16.21 29.70 68.71
N ASN J 214 16.93 28.76 69.32
CA ASN J 214 18.37 28.89 69.52
C ASN J 214 19.13 28.19 68.39
N LEU J 215 18.74 28.52 67.17
CA LEU J 215 19.38 27.92 66.01
C LEU J 215 20.76 28.54 65.78
N PRO J 216 21.60 27.89 64.98
CA PRO J 216 22.84 28.54 64.55
C PRO J 216 22.52 29.89 63.93
N LYS J 217 23.41 30.84 64.17
CA LYS J 217 23.14 32.20 63.72
C LYS J 217 23.03 32.31 62.22
N SER J 218 23.44 31.28 61.48
CA SER J 218 23.27 31.33 60.03
C SER J 218 21.84 31.02 59.62
N TYR J 219 21.21 30.07 60.29
CA TYR J 219 19.83 29.73 59.97
C TYR J 219 18.84 30.77 60.47
N ARG J 220 19.26 31.66 61.35
CA ARG J 220 18.36 32.72 61.78
C ARG J 220 18.02 33.67 60.64
N TRP J 221 19.01 34.06 59.85
CA TRP J 221 18.72 34.88 58.68
C TRP J 221 17.90 34.10 57.67
N GLY J 222 18.07 32.78 57.61
CA GLY J 222 17.15 31.98 56.82
C GLY J 222 15.72 32.11 57.31
N LEU J 223 15.52 32.07 58.62
CA LEU J 223 14.18 32.27 59.16
C LEU J 223 13.64 33.63 58.76
N VAL J 224 14.47 34.66 58.82
CA VAL J 224 13.95 36.00 58.52
C VAL J 224 13.61 36.12 57.05
N HIS J 225 14.46 35.58 56.18
CA HIS J 225 14.14 35.59 54.77
C HIS J 225 12.90 34.79 54.47
N TRP J 226 12.69 33.69 55.20
CA TRP J 226 11.49 32.90 54.99
C TRP J 226 10.24 33.65 55.42
N TRP J 227 10.30 34.32 56.57
CA TRP J 227 9.18 35.14 57.00
C TRP J 227 8.87 36.25 56.02
N MET J 228 9.91 36.88 55.46
CA MET J 228 9.70 37.76 54.32
C MET J 228 9.04 37.02 53.18
N GLY J 229 9.28 35.72 53.05
CA GLY J 229 8.62 34.96 52.01
C GLY J 229 7.13 34.80 52.25
N ILE J 230 6.74 34.59 53.50
CA ILE J 230 5.33 34.36 53.80
C ILE J 230 4.54 35.63 53.59
N LYS J 231 4.84 36.68 54.36
CA LYS J 231 4.28 37.99 54.11
C LYS J 231 5.12 38.64 53.04
N ASP J 232 4.55 38.80 51.84
CA ASP J 232 5.34 38.94 50.61
C ASP J 232 6.58 39.82 50.77
N SER J 233 6.55 40.79 51.67
CA SER J 233 7.67 41.68 51.93
C SER J 233 7.56 42.13 53.38
N GLU J 234 8.14 43.29 53.69
CA GLU J 234 7.84 44.05 54.90
C GLU J 234 8.05 43.22 56.16
N PHE J 235 9.27 42.76 56.37
CA PHE J 235 9.57 42.04 57.59
C PHE J 235 9.44 42.95 58.79
N ASP J 236 8.40 42.75 59.58
CA ASP J 236 8.27 43.50 60.83
C ASP J 236 8.26 42.53 62.01
N HIS J 237 8.87 42.98 63.10
CA HIS J 237 9.32 42.06 64.14
C HIS J 237 8.19 41.52 64.97
N PHE J 238 7.10 42.28 65.14
CA PHE J 238 6.05 41.77 66.00
C PHE J 238 5.41 40.53 65.42
N SER J 239 5.18 40.51 64.11
CA SER J 239 4.68 39.30 63.48
C SER J 239 5.63 38.13 63.71
N PHE J 240 6.94 38.37 63.59
CA PHE J 240 7.91 37.30 63.82
C PHE J 240 7.82 36.76 65.24
N VAL J 241 7.89 37.65 66.22
CA VAL J 241 7.94 37.20 67.61
C VAL J 241 6.63 36.57 68.03
N GLN J 242 5.52 37.00 67.44
CA GLN J 242 4.26 36.34 67.77
C GLN J 242 4.16 34.98 67.11
N PHE J 243 4.59 34.88 65.85
CA PHE J 243 4.58 33.59 65.17
C PHE J 243 5.49 32.60 65.87
N PHE J 244 6.51 33.08 66.56
CA PHE J 244 7.37 32.18 67.32
C PHE J 244 7.04 32.17 68.81
N SER J 245 6.02 32.90 69.24
CA SER J 245 5.64 32.83 70.65
C SER J 245 5.08 31.47 70.99
N ASN J 246 4.06 31.02 70.27
CA ASN J 246 3.54 29.66 70.35
C ASN J 246 4.00 28.93 69.10
N TRP J 247 5.22 28.41 69.14
CA TRP J 247 5.88 27.91 67.95
C TRP J 247 5.35 26.55 67.49
N PRO J 248 5.22 25.54 68.35
CA PRO J 248 4.63 24.28 67.89
C PRO J 248 3.15 24.39 67.57
N ARG J 249 2.56 25.58 67.68
CA ARG J 249 1.15 25.76 67.41
C ARG J 249 0.89 26.72 66.26
N SER J 250 1.67 27.78 66.16
CA SER J 250 1.43 28.80 65.14
C SER J 250 1.69 28.25 63.74
N PHE J 251 2.86 27.67 63.52
CA PHE J 251 3.16 27.13 62.20
C PHE J 251 2.23 25.98 61.87
N HIS J 252 1.83 25.22 62.89
CA HIS J 252 0.83 24.17 62.65
C HIS J 252 -0.46 24.77 62.11
N SER J 253 -0.94 25.83 62.76
CA SER J 253 -2.15 26.48 62.26
C SER J 253 -1.96 27.00 60.85
N ILE J 254 -0.79 27.59 60.57
CA ILE J 254 -0.54 28.16 59.25
C ILE J 254 -0.59 27.07 58.19
N ILE J 255 0.10 25.96 58.43
CA ILE J 255 0.16 24.92 57.42
C ILE J 255 -1.18 24.23 57.28
N GLU J 256 -1.90 24.05 58.39
CA GLU J 256 -3.24 23.48 58.32
C GLU J 256 -4.15 24.34 57.47
N ASP J 257 -4.15 25.64 57.73
CA ASP J 257 -5.02 26.53 56.99
C ASP J 257 -4.64 26.58 55.52
N GLU J 258 -3.34 26.54 55.22
CA GLU J 258 -2.94 26.58 53.82
C GLU J 258 -3.36 25.32 53.09
N VAL J 259 -3.16 24.15 53.71
CA VAL J 259 -3.52 22.91 53.03
C VAL J 259 -5.03 22.82 52.87
N GLU J 260 -5.79 23.22 53.89
CA GLU J 260 -7.24 23.24 53.76
C GLU J 260 -7.71 24.21 52.69
N PHE J 261 -7.11 25.40 52.61
CA PHE J 261 -7.51 26.35 51.60
C PHE J 261 -7.23 25.83 50.19
N ASN J 262 -6.01 25.37 49.94
CA ASN J 262 -5.71 24.89 48.60
C ASN J 262 -6.41 23.59 48.27
N LEU J 263 -6.88 22.86 49.27
CA LEU J 263 -7.70 21.70 48.98
C LEU J 263 -9.11 22.12 48.59
N GLU J 264 -9.74 22.95 49.41
CA GLU J 264 -11.10 23.41 49.15
C GLU J 264 -11.21 24.04 47.76
N HIS J 265 -10.25 24.88 47.39
CA HIS J 265 -10.32 25.60 46.13
C HIS J 265 -9.47 24.97 45.05
N ALA J 266 -9.24 23.67 45.12
CA ALA J 266 -8.42 23.00 44.13
C ALA J 266 -9.20 22.84 42.83
N VAL J 267 -8.66 23.40 41.75
CA VAL J 267 -9.34 23.30 40.47
C VAL J 267 -9.21 21.92 39.85
N VAL J 268 -8.62 20.97 40.55
CA VAL J 268 -8.41 19.63 40.03
C VAL J 268 -9.03 18.65 41.02
N SER J 269 -9.31 17.44 40.55
CA SER J 269 -9.75 16.39 41.44
C SER J 269 -8.65 16.05 42.43
N THR J 270 -8.93 15.09 43.31
CA THR J 270 -7.90 14.69 44.27
C THR J 270 -6.92 13.69 43.67
N SER J 271 -7.37 12.81 42.79
CA SER J 271 -6.47 11.80 42.27
C SER J 271 -5.38 12.41 41.41
N GLU J 272 -5.57 13.66 40.98
CA GLU J 272 -4.56 14.34 40.18
C GLU J 272 -4.01 15.55 40.90
N LEU J 273 -4.48 15.80 42.12
CA LEU J 273 -3.98 16.90 42.92
C LEU J 273 -2.49 16.76 43.13
N ARG J 274 -1.73 17.79 42.79
CA ARG J 274 -0.28 17.79 42.86
C ARG J 274 0.18 18.36 44.18
N LEU J 275 1.48 18.24 44.42
CA LEU J 275 2.11 18.91 45.55
C LEU J 275 2.50 20.34 45.22
N LYS J 276 2.69 20.67 43.94
CA LYS J 276 3.07 22.03 43.58
C LYS J 276 2.00 23.03 43.98
N ASP J 277 0.74 22.70 43.75
CA ASP J 277 -0.34 23.60 44.13
C ASP J 277 -0.72 23.42 45.59
N LEU J 278 -1.17 22.23 45.98
CA LEU J 278 -1.46 21.96 47.37
C LEU J 278 -0.15 21.93 48.13
N LEU J 279 0.03 22.86 49.07
CA LEU J 279 1.21 22.89 49.92
C LEU J 279 2.46 23.19 49.11
N GLY J 280 2.32 24.07 48.12
CA GLY J 280 3.43 24.34 47.24
C GLY J 280 4.38 25.38 47.75
N ARG J 281 3.87 26.56 48.08
CA ARG J 281 4.75 27.65 48.49
C ARG J 281 5.46 27.31 49.79
N LEU J 282 4.78 26.64 50.72
CA LEU J 282 5.39 26.35 52.00
C LEU J 282 6.54 25.36 51.86
N PHE J 283 6.27 24.19 51.29
CA PHE J 283 7.31 23.18 51.16
C PHE J 283 8.48 23.69 50.35
N PHE J 284 8.26 23.95 49.07
CA PHE J 284 9.35 24.40 48.21
C PHE J 284 9.85 25.79 48.58
N GLY J 285 9.22 26.44 49.55
CA GLY J 285 9.72 27.67 50.09
C GLY J 285 10.46 27.51 51.39
N SER J 286 10.50 26.32 51.95
CA SER J 286 11.29 26.08 53.14
C SER J 286 12.33 24.99 52.97
N ILE J 287 12.57 24.50 51.75
CA ILE J 287 13.34 23.29 51.60
C ILE J 287 14.83 23.56 51.79
N ARG J 288 15.26 24.76 51.48
CA ARG J 288 16.69 25.14 51.66
C ARG J 288 16.76 26.55 52.22
N LEU J 289 16.41 26.77 53.48
CA LEU J 289 16.45 28.17 53.98
C LEU J 289 17.90 28.67 53.89
N PRO J 290 18.88 27.93 54.43
CA PRO J 290 20.29 28.20 54.27
C PRO J 290 20.91 26.89 53.78
N GLU J 291 20.22 25.80 54.07
CA GLU J 291 20.60 24.42 53.80
C GLU J 291 19.72 23.57 54.69
N ARG J 292 19.49 22.32 54.28
CA ARG J 292 18.37 21.55 54.78
C ARG J 292 18.70 20.76 56.02
N ASN J 293 19.60 21.24 56.87
CA ASN J 293 19.86 20.59 58.14
C ASN J 293 18.60 20.60 58.98
N LEU J 294 17.99 19.44 59.19
CA LEU J 294 16.71 19.41 59.89
C LEU J 294 16.84 19.68 61.39
N GLN J 295 18.05 19.76 61.92
CA GLN J 295 18.19 20.17 63.31
C GLN J 295 18.07 21.69 63.42
N HIS J 296 18.58 22.41 62.42
CA HIS J 296 18.52 23.87 62.41
C HIS J 296 17.37 24.38 61.58
N ASN J 297 17.18 23.86 60.37
CA ASN J 297 16.15 24.35 59.46
C ASN J 297 14.81 23.97 60.06
N ILE J 298 14.46 24.69 61.13
CA ILE J 298 13.37 24.30 62.00
C ILE J 298 12.04 24.24 61.27
N ILE J 299 11.85 25.07 60.25
CA ILE J 299 10.56 25.11 59.59
C ILE J 299 10.40 23.96 58.62
N LEU J 300 11.45 23.62 57.88
CA LEU J 300 11.37 22.39 57.11
C LEU J 300 11.19 21.20 58.03
N GLY J 301 11.85 21.23 59.19
CA GLY J 301 11.67 20.15 60.15
C GLY J 301 10.23 19.98 60.56
N GLU J 302 9.58 21.08 60.97
CA GLU J 302 8.20 20.95 61.40
C GLU J 302 7.26 20.64 60.25
N LEU J 303 7.51 21.19 59.07
CA LEU J 303 6.66 20.85 57.94
C LEU J 303 6.76 19.38 57.62
N LEU J 304 7.97 18.82 57.67
CA LEU J 304 8.12 17.40 57.39
C LEU J 304 7.52 16.56 58.51
N CYS J 305 7.62 17.01 59.75
CA CYS J 305 6.96 16.28 60.83
C CYS J 305 5.46 16.28 60.64
N TYR J 306 4.90 17.43 60.29
CA TYR J 306 3.46 17.52 60.07
C TYR J 306 3.04 16.61 58.94
N LEU J 307 3.77 16.62 57.83
CA LEU J 307 3.38 15.79 56.71
C LEU J 307 3.53 14.31 57.01
N GLU J 308 4.60 13.93 57.70
CA GLU J 308 4.77 12.52 58.06
C GLU J 308 3.67 12.06 58.99
N ASN J 309 3.30 12.89 59.96
CA ASN J 309 2.24 12.50 60.89
C ASN J 309 0.88 12.45 60.24
N ARG J 310 0.77 12.87 58.98
CA ARG J 310 -0.50 12.85 58.28
C ARG J 310 -0.31 12.34 56.86
N LEU J 311 0.63 11.41 56.69
CA LEU J 311 0.87 10.85 55.37
C LEU J 311 -0.36 10.12 54.87
N TRP J 312 -0.88 9.20 55.68
CA TRP J 312 -2.08 8.44 55.34
C TRP J 312 -3.15 8.83 56.34
N GLN J 313 -3.89 9.89 56.04
CA GLN J 313 -5.00 10.29 56.89
C GLN J 313 -6.34 10.02 56.24
N ASP J 314 -6.54 10.50 55.01
CA ASP J 314 -7.82 10.36 54.33
C ASP J 314 -7.55 9.62 53.03
N LYS J 315 -7.56 8.29 53.10
CA LYS J 315 -7.28 7.43 51.96
C LYS J 315 -6.02 7.89 51.22
N GLY J 316 -5.04 8.37 51.99
CA GLY J 316 -3.80 8.83 51.41
C GLY J 316 -3.98 10.14 50.66
N LEU J 317 -4.48 11.17 51.35
CA LEU J 317 -4.57 12.46 50.70
C LEU J 317 -3.20 13.05 50.47
N ILE J 318 -2.43 13.26 51.54
CA ILE J 318 -1.08 13.75 51.40
C ILE J 318 -0.22 12.74 50.65
N ALA J 319 -0.39 11.46 50.96
CA ALA J 319 0.50 10.44 50.41
C ALA J 319 0.43 10.40 48.89
N ASN J 320 -0.76 10.49 48.31
CA ASN J 320 -0.91 10.34 46.87
C ASN J 320 -0.85 11.69 46.15
N LEU J 321 0.11 12.53 46.50
CA LEU J 321 0.22 13.85 45.90
C LEU J 321 1.22 13.79 44.76
N LYS J 322 0.80 14.21 43.58
CA LYS J 322 1.64 14.08 42.40
C LYS J 322 2.89 14.94 42.52
N MET J 323 4.02 14.38 42.17
CA MET J 323 5.30 15.06 42.25
C MET J 323 6.06 14.83 40.95
N ASN J 324 6.73 15.86 40.49
CA ASN J 324 7.50 15.82 39.26
C ASN J 324 8.95 15.54 39.59
N ALA J 325 9.68 15.03 38.59
CA ALA J 325 11.09 14.72 38.79
C ALA J 325 11.86 15.93 39.29
N LEU J 326 11.60 17.11 38.71
CA LEU J 326 12.27 18.33 39.15
C LEU J 326 11.81 18.79 40.51
N GLU J 327 10.85 18.11 41.13
CA GLU J 327 10.53 18.32 42.53
C GLU J 327 11.13 17.24 43.42
N ALA J 328 11.27 16.02 42.91
CA ALA J 328 12.02 15.01 43.64
C ALA J 328 13.47 15.42 43.79
N THR J 329 14.03 16.07 42.78
CA THR J 329 15.44 16.47 42.84
C THR J 329 15.69 17.54 43.89
N VAL J 330 14.65 18.17 44.42
CA VAL J 330 14.86 19.24 45.38
C VAL J 330 14.36 18.79 46.75
N MET J 331 13.40 17.87 46.77
CA MET J 331 12.97 17.33 48.07
C MET J 331 14.06 16.48 48.67
N LEU J 332 14.89 15.88 47.84
CA LEU J 332 15.98 15.02 48.28
C LEU J 332 17.12 15.18 47.28
N ASN J 333 18.24 15.71 47.76
CA ASN J 333 19.31 16.16 46.89
C ASN J 333 19.75 15.07 45.95
N CYS J 334 19.55 15.28 44.65
CA CYS J 334 20.11 14.44 43.61
C CYS J 334 19.78 15.09 42.27
N SER J 335 20.55 14.73 41.26
CA SER J 335 20.32 15.24 39.92
C SER J 335 19.35 14.34 39.17
N LEU J 336 18.58 14.96 38.27
CA LEU J 336 17.58 14.22 37.51
C LEU J 336 18.21 13.05 36.75
N ASP J 337 19.52 13.10 36.52
CA ASP J 337 20.18 11.93 35.97
C ASP J 337 20.32 10.84 37.03
N GLN J 338 20.60 11.21 38.27
CA GLN J 338 20.57 10.22 39.33
C GLN J 338 19.17 9.69 39.55
N ILE J 339 18.16 10.55 39.41
CA ILE J 339 16.78 10.06 39.48
C ILE J 339 16.51 9.09 38.35
N ALA J 340 17.00 9.38 37.14
CA ALA J 340 16.90 8.41 36.05
C ALA J 340 17.53 7.08 36.45
N SER J 341 18.68 7.13 37.10
CA SER J 341 19.30 5.90 37.55
C SER J 341 18.51 5.24 38.67
N MET J 342 17.73 5.99 39.42
CA MET J 342 16.90 5.41 40.47
C MET J 342 15.64 4.79 39.90
N VAL J 343 15.21 5.26 38.74
CA VAL J 343 13.93 4.82 38.21
C VAL J 343 14.12 3.71 37.17
N GLU J 344 15.30 3.59 36.61
CA GLU J 344 15.63 2.41 35.82
C GLU J 344 15.97 1.23 36.69
N GLN J 345 16.50 1.48 37.88
CA GLN J 345 16.69 0.47 38.90
C GLN J 345 15.39 0.16 39.63
N ARG J 346 14.30 0.83 39.27
CA ARG J 346 12.98 0.62 39.85
C ARG J 346 12.97 0.84 41.35
N ILE J 347 13.90 1.65 41.84
CA ILE J 347 13.75 2.09 43.22
C ILE J 347 12.59 3.06 43.31
N LEU J 348 12.25 3.73 42.22
CA LEU J 348 11.09 4.60 42.15
C LEU J 348 9.91 3.89 41.50
N LYS J 349 8.74 4.51 41.60
CA LYS J 349 7.48 3.91 41.13
C LYS J 349 6.84 4.86 40.14
N PRO J 350 7.24 4.82 38.88
CA PRO J 350 6.66 5.71 37.88
C PRO J 350 5.25 5.27 37.50
N ASN J 351 4.26 5.76 38.24
CA ASN J 351 2.90 5.24 38.16
C ASN J 351 2.35 5.11 36.74
N ARG J 352 3.01 5.71 35.75
CA ARG J 352 2.60 5.57 34.36
C ARG J 352 3.71 4.90 33.57
N LYS J 353 3.34 4.08 32.60
CA LYS J 353 4.32 3.29 31.86
C LYS J 353 4.82 4.04 30.63
N SER J 354 6.12 4.26 30.58
CA SER J 354 6.80 4.69 29.37
C SER J 354 7.45 3.52 28.64
N LYS J 355 6.67 2.70 27.94
CA LYS J 355 7.07 1.41 27.39
C LYS J 355 8.42 1.41 26.68
N PRO J 356 8.61 2.19 25.61
CA PRO J 356 9.81 1.98 24.78
C PRO J 356 11.02 2.73 25.29
N ASN J 357 12.02 1.95 25.71
CA ASN J 357 13.41 2.34 25.91
C ASN J 357 13.60 3.45 26.94
N SER J 358 12.60 3.76 27.74
CA SER J 358 12.71 4.70 28.86
C SER J 358 13.09 6.12 28.43
N PRO J 359 12.20 6.82 27.74
CA PRO J 359 12.44 8.25 27.49
C PRO J 359 12.07 9.07 28.72
N LEU J 360 13.10 9.53 29.44
CA LEU J 360 12.92 10.14 30.75
C LEU J 360 12.34 11.53 30.58
N ASP J 361 11.08 11.71 30.97
CA ASP J 361 10.41 13.00 30.94
C ASP J 361 10.48 13.60 32.34
N VAL J 362 11.24 14.69 32.47
CA VAL J 362 11.57 15.18 33.81
C VAL J 362 10.57 16.24 34.25
N THR J 363 9.45 16.37 33.55
CA THR J 363 8.55 17.48 33.85
C THR J 363 7.14 16.99 34.16
N ASP J 364 6.79 15.78 33.73
CA ASP J 364 5.43 15.30 33.89
C ASP J 364 5.23 14.70 35.27
N TYR J 365 4.13 15.08 35.93
CA TYR J 365 3.90 14.65 37.30
C TYR J 365 3.73 13.15 37.35
N LEU J 366 4.71 12.46 37.90
CA LEU J 366 4.82 11.04 37.70
C LEU J 366 4.96 10.23 38.98
N PHE J 367 5.40 10.81 40.09
CA PHE J 367 5.60 10.04 41.30
C PHE J 367 4.63 10.50 42.37
N HIS J 368 4.48 9.70 43.41
CA HIS J 368 3.65 10.13 44.52
C HIS J 368 4.55 10.66 45.62
N PHE J 369 4.05 11.69 46.30
CA PHE J 369 4.87 12.31 47.34
C PHE J 369 5.19 11.33 48.45
N GLY J 370 4.22 10.56 48.90
CA GLY J 370 4.45 9.58 49.93
C GLY J 370 5.55 8.62 49.54
N ASP J 371 5.57 8.22 48.28
CA ASP J 371 6.58 7.29 47.83
C ASP J 371 7.86 7.95 47.54
N ILE J 372 7.91 9.27 47.64
CA ILE J 372 9.17 10.00 47.57
C ILE J 372 9.62 10.40 48.97
N PHE J 373 8.68 10.68 49.85
CA PHE J 373 9.03 10.83 51.25
C PHE J 373 9.67 9.56 51.78
N CYS J 374 9.08 8.41 51.48
CA CYS J 374 9.68 7.15 51.90
C CYS J 374 11.01 6.91 51.21
N LEU J 375 11.18 7.36 49.96
CA LEU J 375 12.46 7.17 49.30
C LEU J 375 13.51 8.11 49.88
N TRP J 376 13.06 9.19 50.51
CA TRP J 376 14.01 10.01 51.25
C TRP J 376 14.37 9.34 52.56
N LEU J 377 13.44 8.60 53.14
CA LEU J 377 13.68 8.00 54.44
C LEU J 377 14.71 6.88 54.35
N ALA J 378 14.81 6.22 53.20
CA ALA J 378 15.91 5.32 52.93
C ALA J 378 16.40 5.56 51.52
N GLU J 379 17.71 5.56 51.34
CA GLU J 379 18.49 5.95 50.16
C GLU J 379 18.90 7.41 50.17
N PHE J 380 18.35 8.27 51.02
CA PHE J 380 18.73 9.68 50.94
C PHE J 380 18.78 10.41 52.27
N GLN J 381 18.61 9.75 53.39
CA GLN J 381 18.70 10.42 54.67
C GLN J 381 20.15 10.72 54.96
N SER J 382 20.59 11.94 54.64
CA SER J 382 22.01 12.26 54.71
C SER J 382 22.40 12.54 56.16
N ASP J 383 23.57 13.17 56.32
CA ASP J 383 24.14 13.37 57.64
C ASP J 383 23.18 14.13 58.55
N GLU J 384 22.82 15.35 58.18
CA GLU J 384 21.93 16.17 58.98
C GLU J 384 20.53 16.29 58.40
N PHE J 385 20.36 16.08 57.11
CA PHE J 385 19.03 16.05 56.51
C PHE J 385 18.38 14.74 56.95
N ASN J 386 18.15 14.63 58.25
CA ASN J 386 17.83 13.36 58.85
C ASN J 386 16.50 13.44 59.57
N ARG J 387 15.73 12.36 59.49
CA ARG J 387 14.42 12.33 60.10
C ARG J 387 14.51 12.40 61.61
N SER J 388 15.51 11.74 62.20
CA SER J 388 15.58 11.66 63.66
C SER J 388 15.81 13.01 64.30
N PHE J 389 15.99 14.06 63.51
CA PHE J 389 16.16 15.38 64.11
C PHE J 389 14.84 16.00 64.51
N TYR J 390 13.79 15.77 63.74
CA TYR J 390 12.52 16.43 64.01
C TYR J 390 11.56 15.59 64.83
N VAL J 391 11.61 14.26 64.68
CA VAL J 391 10.62 13.42 65.35
C VAL J 391 10.75 13.53 66.86
N SER J 392 11.98 13.63 67.37
CA SER J 392 12.22 13.74 68.81
C SER J 392 12.22 15.20 69.21
N ARG J 393 11.09 15.86 68.96
CA ARG J 393 10.92 17.26 69.29
C ARG J 393 9.59 17.43 70.00
N TRP J 394 9.16 18.69 70.10
CA TRP J 394 7.86 19.02 70.66
C TRP J 394 6.74 18.31 69.91
N UNK L 1 17.54 12.55 -9.53
CA UNK L 1 18.18 13.46 -8.59
C UNK L 1 17.15 14.09 -7.68
N UNK L 2 16.52 15.14 -8.20
CA UNK L 2 15.49 15.86 -7.46
C UNK L 2 14.41 14.93 -6.93
N UNK L 3 14.28 13.73 -7.48
CA UNK L 3 13.38 12.74 -6.88
C UNK L 3 13.78 12.47 -5.44
N UNK L 4 15.03 12.04 -5.22
CA UNK L 4 15.49 11.80 -3.86
C UNK L 4 15.58 13.10 -3.07
N UNK L 5 15.84 14.23 -3.74
CA UNK L 5 15.96 15.49 -3.03
C UNK L 5 14.64 15.90 -2.40
N UNK L 6 13.56 15.88 -3.19
CA UNK L 6 12.23 16.09 -2.63
C UNK L 6 11.87 14.99 -1.64
N UNK L 7 12.36 13.77 -1.89
CA UNK L 7 12.18 12.69 -0.94
C UNK L 7 13.03 12.85 0.31
N UNK L 8 14.06 13.69 0.25
CA UNK L 8 14.93 13.88 1.40
C UNK L 8 14.22 14.71 2.48
N UNK L 9 14.85 14.76 3.66
CA UNK L 9 14.34 15.50 4.81
C UNK L 9 12.97 14.98 5.26
N UNK L 10 12.74 13.69 5.07
CA UNK L 10 11.50 13.06 5.53
C UNK L 10 11.67 12.29 6.83
N UNK L 11 12.54 11.27 6.84
CA UNK L 11 12.85 10.59 8.10
C UNK L 11 13.72 11.45 9.00
N UNK L 12 14.48 12.38 8.43
CA UNK L 12 15.19 13.36 9.24
C UNK L 12 14.23 14.20 10.07
N UNK L 13 13.03 14.47 9.53
CA UNK L 13 12.02 15.16 10.33
C UNK L 13 11.60 14.33 11.54
N UNK L 14 11.44 13.03 11.36
CA UNK L 14 11.10 12.16 12.48
C UNK L 14 12.22 12.10 13.50
N UNK L 15 13.47 12.01 13.03
CA UNK L 15 14.60 12.02 13.95
C UNK L 15 14.68 13.33 14.71
N UNK L 16 14.39 14.45 14.04
CA UNK L 16 14.41 15.74 14.71
C UNK L 16 13.27 15.86 15.72
N UNK L 17 12.11 15.28 15.40
CA UNK L 17 11.02 15.26 16.37
C UNK L 17 11.39 14.44 17.59
N UNK L 18 12.03 13.30 17.39
CA UNK L 18 12.48 12.49 18.51
C UNK L 18 13.53 13.23 19.35
N UNK L 19 14.44 13.94 18.69
CA UNK L 19 15.45 14.70 19.41
C UNK L 19 14.82 15.86 20.17
N UNK L 20 13.80 16.50 19.60
CA UNK L 20 13.10 17.57 20.30
C UNK L 20 12.35 17.03 21.50
N UNK L 21 11.75 15.85 21.37
CA UNK L 21 11.09 15.21 22.51
C UNK L 21 12.09 14.90 23.61
N UNK L 22 13.26 14.37 23.23
CA UNK L 22 14.29 14.08 24.23
C UNK L 22 14.86 15.34 24.85
N UNK L 23 14.88 16.45 24.11
CA UNK L 23 15.40 17.70 24.63
C UNK L 23 14.42 18.35 25.60
N UNK L 24 13.15 18.46 25.21
CA UNK L 24 12.13 18.90 26.15
C UNK L 24 12.05 17.95 27.34
N UNK L 25 12.40 16.68 27.14
CA UNK L 25 12.52 15.74 28.24
C UNK L 25 13.81 15.98 29.02
N UNK L 26 14.82 16.52 28.36
CA UNK L 26 16.08 16.83 29.01
C UNK L 26 15.94 18.08 29.87
N UNK L 27 23.54 7.75 26.33
CA UNK L 27 22.45 7.65 25.35
C UNK L 27 22.04 9.02 24.86
N UNK L 28 22.05 10.03 25.73
CA UNK L 28 21.72 11.39 25.32
C UNK L 28 22.73 11.90 24.30
N UNK L 29 24.02 11.66 24.54
CA UNK L 29 25.04 12.10 23.59
C UNK L 29 24.92 11.34 22.27
N UNK L 30 24.59 10.05 22.33
CA UNK L 30 24.43 9.27 21.10
C UNK L 30 23.25 9.80 20.28
N UNK L 31 22.12 10.07 20.94
CA UNK L 31 20.99 10.64 20.23
C UNK L 31 21.30 12.03 19.69
N UNK L 32 22.08 12.83 20.44
CA UNK L 32 22.46 14.14 19.94
C UNK L 32 23.35 14.04 18.71
N UNK L 33 24.26 13.07 18.70
CA UNK L 33 25.11 12.87 17.52
C UNK L 33 24.29 12.40 16.33
N UNK L 34 23.33 11.50 16.56
CA UNK L 34 22.45 11.07 15.49
C UNK L 34 21.63 12.23 14.95
N UNK L 35 21.15 13.10 15.84
CA UNK L 35 20.38 14.27 15.40
C UNK L 35 21.25 15.24 14.62
N UNK L 36 22.49 15.43 15.04
CA UNK L 36 23.41 16.29 14.28
C UNK L 36 23.67 15.72 12.90
N UNK L 37 23.85 14.39 12.81
CA UNK L 37 24.04 13.78 11.51
C UNK L 37 22.80 13.93 10.63
N UNK L 38 21.61 13.78 11.23
CA UNK L 38 20.38 13.95 10.46
C UNK L 38 20.23 15.38 9.95
N UNK L 39 20.53 16.37 10.80
CA UNK L 39 20.45 17.76 10.37
C UNK L 39 21.49 18.07 9.30
N UNK L 40 22.68 17.49 9.41
CA UNK L 40 23.69 17.67 8.38
C UNK L 40 23.22 17.08 7.05
N UNK L 41 22.63 15.88 7.09
CA UNK L 41 22.12 15.27 5.87
C UNK L 41 20.97 16.09 5.28
N UNK L 42 20.13 16.68 6.14
CA UNK L 42 19.02 17.50 5.64
C UNK L 42 19.53 18.78 4.99
N UNK L 43 20.53 19.42 5.60
CA UNK L 43 21.10 20.62 5.00
C UNK L 43 21.90 20.30 3.75
N UNK L 44 22.46 19.10 3.64
CA UNK L 44 23.21 18.69 2.48
C UNK L 44 22.33 18.28 1.31
N UNK L 45 21.02 18.47 1.42
CA UNK L 45 20.13 18.19 0.30
C UNK L 45 20.38 19.15 -0.84
N UNK L 46 20.94 20.32 -0.55
CA UNK L 46 21.28 21.30 -1.57
C UNK L 46 22.66 21.86 -1.28
N UNK L 47 23.51 21.91 -2.30
CA UNK L 47 24.87 22.42 -2.18
C UNK L 47 24.93 23.90 -2.59
N UNK L 48 24.36 24.75 -1.74
CA UNK L 48 24.25 26.16 -2.05
C UNK L 48 25.62 26.83 -2.09
N UNK L 49 26.31 26.81 -0.93
CA UNK L 49 27.65 27.42 -0.82
C UNK L 49 28.34 26.93 0.46
N UNK L 50 26.69 30.08 6.58
CA UNK L 50 26.10 31.13 5.72
C UNK L 50 24.83 30.59 5.05
N UNK L 51 24.99 29.59 4.17
CA UNK L 51 23.87 28.98 3.46
C UNK L 51 23.15 27.96 4.32
N UNK L 52 23.88 27.18 5.13
CA UNK L 52 23.23 26.20 5.99
C UNK L 52 22.43 26.86 7.09
N UNK L 53 22.92 28.00 7.62
CA UNK L 53 22.14 28.75 8.60
C UNK L 53 20.84 29.26 7.98
N UNK L 54 20.90 29.72 6.73
CA UNK L 54 19.69 30.16 6.05
C UNK L 54 18.73 29.02 5.80
N UNK L 55 19.25 27.84 5.42
CA UNK L 55 18.38 26.68 5.23
C UNK L 55 17.74 26.26 6.54
N UNK L 56 18.48 26.33 7.64
CA UNK L 56 17.90 26.00 8.95
C UNK L 56 16.84 27.03 9.35
N UNK L 57 17.08 28.31 9.06
CA UNK L 57 16.07 29.32 9.35
C UNK L 57 14.81 29.11 8.51
N UNK L 58 14.99 28.73 7.25
CA UNK L 58 13.84 28.44 6.40
C UNK L 58 13.08 27.22 6.88
N UNK L 59 13.78 26.20 7.36
CA UNK L 59 13.12 25.03 7.92
C UNK L 59 12.37 25.37 9.20
N UNK L 60 12.94 26.23 10.04
CA UNK L 60 12.24 26.68 11.23
C UNK L 60 11.02 27.52 10.88
N UNK L 61 11.10 28.32 9.82
CA UNK L 61 9.93 29.03 9.33
C UNK L 61 8.87 28.06 8.83
N UNK L 62 9.29 26.98 8.18
CA UNK L 62 8.35 25.94 7.79
C UNK L 62 7.86 25.13 8.99
N UNK L 63 8.60 25.26 10.10
CA UNK L 63 8.25 24.55 11.35
C UNK L 63 7.78 25.54 12.42
N UNK L 64 15.05 24.99 21.78
CA UNK L 64 16.33 24.25 21.81
C UNK L 64 16.52 23.50 20.48
N UNK L 65 15.64 22.53 20.20
CA UNK L 65 15.72 21.76 18.97
C UNK L 65 16.17 22.63 17.80
N UNK L 66 15.63 23.85 17.72
CA UNK L 66 16.07 24.78 16.68
C UNK L 66 17.51 25.19 16.90
N UNK L 67 17.91 25.41 18.16
CA UNK L 67 19.29 25.81 18.44
C UNK L 67 20.26 24.68 18.12
N UNK L 68 19.94 23.45 18.53
CA UNK L 68 20.81 22.32 18.22
C UNK L 68 20.85 22.05 16.73
N UNK L 69 19.72 22.23 16.04
CA UNK L 69 19.70 22.05 14.59
C UNK L 69 20.56 23.11 13.90
N UNK L 70 20.52 24.34 14.38
CA UNK L 70 21.36 25.39 13.82
C UNK L 70 22.83 25.11 14.09
N UNK L 71 23.15 24.59 15.27
CA UNK L 71 24.53 24.22 15.57
C UNK L 71 25.02 23.10 14.66
N UNK L 72 24.19 22.08 14.44
CA UNK L 72 24.56 21.02 13.53
C UNK L 72 24.70 21.52 12.09
N UNK L 73 23.84 22.45 11.68
CA UNK L 73 23.93 23.01 10.33
C UNK L 73 25.21 23.83 10.18
N UNK L 74 25.59 24.59 11.21
CA UNK L 74 26.84 25.33 11.16
C UNK L 74 28.03 24.38 11.12
N UNK L 75 27.96 23.28 11.87
CA UNK L 75 29.02 22.28 11.80
C UNK L 75 29.14 21.67 10.41
N UNK L 76 28.00 21.34 9.80
CA UNK L 76 28.02 20.78 8.46
C UNK L 76 28.53 21.77 7.43
N UNK L 77 28.17 23.05 7.57
CA UNK L 77 28.67 24.07 6.66
C UNK L 77 30.17 24.27 6.81
N UNK L 78 30.68 24.23 8.05
CA UNK L 78 32.12 24.32 8.26
C UNK L 78 32.83 23.09 7.70
N UNK L 79 32.21 21.93 7.80
CA UNK L 79 32.80 20.72 7.23
C UNK L 79 32.77 20.74 5.71
N UNK L 80 31.79 21.42 5.12
CA UNK L 80 31.73 21.56 3.68
C UNK L 80 32.67 22.66 3.18
N UNK L 81 33.04 23.59 4.05
CA UNK L 81 33.94 24.68 3.69
C UNK L 81 35.39 24.29 3.95
ZN ZN M . 27.98 -5.27 76.87
ZN ZN N . 25.21 50.50 69.77
#